data_5M0R
#
_entry.id   5M0R
#
loop_
_entity.id
_entity.type
_entity.pdbx_description
1 polymer integrase
2 polymer 'vDNA, non-transfered strand'
3 polymer 'vDNA-tDNA, transferred strand, joined to a model tDNA'
4 polymer tDNA
#
loop_
_entity_poly.entity_id
_entity_poly.type
_entity_poly.pdbx_seq_one_letter_code
_entity_poly.pdbx_strand_id
1 'polypeptide(L)'
;WIENIPLAEEEHNKWHQDAVSLHLEFGIPRTAAEDIVQQCDVCQENKMPSTLRGSNKRGIDHWQVDYTHYEDKIILVWVE
TNSGLIYAERVKGETGQEFRVQTMKWYAMFAPKSLQSDNGPAFVAESTQLLMKYLGIEHTTGIPWNPQSQALVERTHQTL
KNTLEKLIPMFNAFESALAGTLITLNIKRKGGLGTSPMDIFIFNKEQQRIQQQSKSKQEKIRFCYYRTRKRGHPGEWQGP
TQVLWGGDGAIVVKDRGTDRYLVIANKDVKFIPPPKEIQKE
;
A,B,C,D,E,F,G,H,I,J,K,L,M,N,O,P
2 'polydeoxyribonucleotide'
;(DG)(DC)(DT)(DG)(DC)(DG)(DA)(DG)(DA)(DT)(DC)(DC)(DG)(DC)(DT)(DC)(DC)(DG)(DG)(DT)
(DG)
;
Q,S
3 'polydeoxyribonucleotide'
;(DA)(DA)(DC)(DA)(DC)(DC)(DG)(DG)(DA)(DG)(DC)(DG)(DG)(DA)(DT)(DC)(DT)(DC)(DG)(DC)
(DA)(DG)(DT)(DC)(DG)(DA)(DC)(DC)(DA)(DC)(DC)(DC)(DT)(DA)(DA)(DT)(DC)(DA)(DA)(DG)
(DT)(DT)(DT)(DT)(DT)(DT)(DG)(DG)(DG)(DG)
;
R,T
4 'polydeoxyribonucleotide'
;(DC)(DC)(DC)(DC)(DA)(DA)(DA)(DA)(DA)(DA)(DC)(DT)(DT)(DG)(DA)(DT)(DT)(DA)(DG)(DG)
(DG)(DT)(DG)
;
U,V
#
loop_
_chem_comp.id
_chem_comp.type
_chem_comp.name
_chem_comp.formula
DA DNA linking 2'-DEOXYADENOSINE-5'-MONOPHOSPHATE 'C10 H14 N5 O6 P'
DC DNA linking 2'-DEOXYCYTIDINE-5'-MONOPHOSPHATE 'C9 H14 N3 O7 P'
DG DNA linking 2'-DEOXYGUANOSINE-5'-MONOPHOSPHATE 'C10 H14 N5 O7 P'
DT DNA linking THYMIDINE-5'-MONOPHOSPHATE 'C10 H15 N2 O8 P'
#
# COMPACT_ATOMS: atom_id res chain seq x y z
N TRP A 1 42.34 6.01 4.69
CA TRP A 1 41.67 7.15 4.08
C TRP A 1 40.41 7.52 4.85
N ILE A 2 40.37 7.15 6.13
CA ILE A 2 39.21 7.44 6.97
C ILE A 2 39.53 8.57 7.96
N GLU A 3 40.54 9.37 7.64
CA GLU A 3 40.94 10.47 8.48
C GLU A 3 40.53 11.80 7.88
N ASN A 4 39.96 11.78 6.68
CA ASN A 4 39.09 12.84 6.23
C ASN A 4 37.87 12.98 7.10
N ILE A 5 37.52 11.89 7.76
CA ILE A 5 36.22 11.79 8.40
C ILE A 5 35.98 12.85 9.45
N PRO A 6 36.92 13.19 10.32
CA PRO A 6 36.59 14.18 11.35
C PRO A 6 36.34 15.55 10.76
N LEU A 7 36.93 15.81 9.61
CA LEU A 7 36.66 17.06 8.93
C LEU A 7 35.31 17.01 8.26
N ALA A 8 35.01 15.87 7.64
CA ALA A 8 33.70 15.70 7.05
C ALA A 8 32.65 15.79 8.11
N GLU A 9 32.96 15.22 9.26
CA GLU A 9 32.14 15.31 10.44
C GLU A 9 31.90 16.74 10.79
N GLU A 10 32.96 17.53 10.78
CA GLU A 10 32.82 18.95 11.02
C GLU A 10 31.89 19.56 9.99
N GLU A 11 32.05 19.16 8.75
CA GLU A 11 31.23 19.72 7.69
C GLU A 11 29.79 19.31 7.82
N HIS A 12 29.49 18.26 8.56
CA HIS A 12 28.12 18.03 8.95
C HIS A 12 27.77 18.92 10.10
N ASN A 13 28.69 19.05 11.04
CA ASN A 13 28.47 19.89 12.20
C ASN A 13 28.31 21.32 11.80
N LYS A 14 28.95 21.68 10.70
CA LYS A 14 28.73 22.97 10.09
C LYS A 14 27.47 22.92 9.25
N TRP A 15 27.57 22.21 8.16
CA TRP A 15 26.68 22.32 7.05
C TRP A 15 25.65 21.21 6.92
N HIS A 16 25.67 20.20 7.79
CA HIS A 16 24.51 19.37 8.08
C HIS A 16 23.84 18.71 6.88
N GLN A 17 24.48 17.72 6.30
CA GLN A 17 24.03 17.14 5.05
C GLN A 17 23.75 15.66 5.16
N ASP A 18 23.34 15.09 4.03
CA ASP A 18 23.06 13.68 3.91
C ASP A 18 24.30 12.85 4.05
N ALA A 19 24.12 11.61 4.47
CA ALA A 19 25.23 10.68 4.53
C ALA A 19 25.85 10.45 3.16
N VAL A 20 25.09 10.69 2.10
CA VAL A 20 25.52 10.33 0.77
C VAL A 20 26.47 11.35 0.22
N SER A 21 26.02 12.59 0.12
CA SER A 21 26.84 13.63 -0.46
C SER A 21 28.12 13.76 0.33
N LEU A 22 27.98 13.64 1.64
CA LEU A 22 29.13 13.62 2.50
C LEU A 22 29.98 12.40 2.20
N HIS A 23 29.35 11.24 2.05
CA HIS A 23 30.04 9.99 1.74
C HIS A 23 30.89 10.10 0.50
N LEU A 24 30.33 10.72 -0.51
CA LEU A 24 30.92 10.72 -1.84
C LEU A 24 31.97 11.79 -1.98
N GLU A 25 31.66 12.98 -1.52
CA GLU A 25 32.55 14.12 -1.65
C GLU A 25 33.77 13.96 -0.77
N PHE A 26 33.57 13.40 0.40
CA PHE A 26 34.66 12.97 1.24
C PHE A 26 35.07 11.55 0.92
N GLY A 27 34.27 10.85 0.11
CA GLY A 27 34.77 9.69 -0.60
C GLY A 27 35.03 8.50 0.30
N ILE A 28 34.23 8.35 1.35
CA ILE A 28 34.50 7.42 2.43
C ILE A 28 33.69 6.16 2.22
N PRO A 29 33.62 5.26 3.18
CA PRO A 29 32.48 4.35 3.25
C PRO A 29 31.27 5.09 3.80
N ARG A 30 30.08 4.75 3.29
CA ARG A 30 28.92 5.58 3.61
C ARG A 30 28.28 5.24 4.91
N THR A 31 28.54 4.07 5.45
CA THR A 31 27.61 3.54 6.44
C THR A 31 27.79 4.23 7.76
N ALA A 32 29.03 4.41 8.18
CA ALA A 32 29.29 5.29 9.29
C ALA A 32 28.96 6.72 8.91
N ALA A 33 28.94 7.04 7.62
CA ALA A 33 28.48 8.34 7.21
C ALA A 33 27.01 8.50 7.55
N GLU A 34 26.29 7.40 7.65
CA GLU A 34 24.95 7.47 8.20
C GLU A 34 25.01 7.56 9.71
N ASP A 35 25.98 6.87 10.30
CA ASP A 35 26.14 6.93 11.75
C ASP A 35 26.46 8.34 12.23
N ILE A 36 26.87 9.20 11.31
CA ILE A 36 26.92 10.62 11.58
C ILE A 36 25.61 11.08 12.14
N VAL A 37 24.59 11.08 11.30
CA VAL A 37 23.36 11.74 11.69
C VAL A 37 22.64 10.91 12.70
N GLN A 38 22.95 9.63 12.75
CA GLN A 38 22.64 8.90 13.95
C GLN A 38 23.22 9.62 15.16
N GLN A 39 24.47 10.04 15.04
CA GLN A 39 25.16 10.67 16.15
C GLN A 39 25.03 12.19 16.10
N CYS A 40 24.50 12.74 15.02
CA CYS A 40 24.21 14.17 15.04
C CYS A 40 23.13 14.42 16.07
N ASP A 41 23.13 15.62 16.63
CA ASP A 41 21.96 16.11 17.33
C ASP A 41 21.02 16.76 16.36
N VAL A 42 21.59 17.58 15.49
CA VAL A 42 20.82 18.54 14.74
C VAL A 42 19.99 17.84 13.71
N CYS A 43 20.65 17.03 12.94
CA CYS A 43 20.01 16.38 11.83
C CYS A 43 19.25 15.18 12.33
N GLN A 44 19.69 14.64 13.46
CA GLN A 44 18.89 13.68 14.19
C GLN A 44 17.54 14.26 14.61
N GLU A 45 17.43 14.67 16.75
CA GLU A 45 16.33 15.35 17.40
C GLU A 45 15.07 15.30 16.58
N ASN A 46 15.14 15.85 15.38
CA ASN A 46 13.93 16.37 14.78
C ASN A 46 13.25 15.37 13.84
N LYS A 47 13.77 14.14 13.78
CA LYS A 47 13.13 13.14 12.96
C LYS A 47 11.83 12.65 13.55
N MET A 48 10.98 12.11 12.71
CA MET A 48 9.66 11.67 13.10
C MET A 48 9.64 10.19 13.45
N PRO A 49 8.69 9.74 14.27
CA PRO A 49 8.59 8.32 14.60
C PRO A 49 7.78 7.49 13.65
N SER A 50 8.46 6.92 12.69
CA SER A 50 7.81 5.97 11.81
C SER A 50 7.38 4.79 12.62
N THR A 51 6.08 4.62 12.75
CA THR A 51 5.53 3.56 13.59
C THR A 51 4.17 3.13 13.11
N LEU A 52 4.10 1.87 12.71
CA LEU A 52 2.87 1.32 12.14
C LEU A 52 1.68 1.16 13.05
N ARG A 53 1.95 0.62 14.24
CA ARG A 53 1.00 0.30 15.33
C ARG A 53 0.10 -0.91 15.00
N GLY A 54 -0.85 -1.22 15.87
CA GLY A 54 -1.76 -2.33 15.62
C GLY A 54 -3.05 -2.21 16.40
N SER A 55 -4.11 -2.85 15.91
CA SER A 55 -5.34 -2.90 16.66
C SER A 55 -5.62 -4.31 17.09
N ASN A 56 -6.40 -4.46 18.15
CA ASN A 56 -6.67 -5.81 18.60
C ASN A 56 -8.10 -6.23 18.37
N LYS A 57 -8.28 -7.19 17.47
CA LYS A 57 -9.58 -7.78 17.24
C LYS A 57 -9.75 -8.40 18.59
N ARG A 58 -8.68 -9.00 19.09
CA ARG A 58 -8.71 -9.63 20.40
C ARG A 58 -9.57 -10.90 20.43
N GLY A 59 -9.92 -11.33 21.63
CA GLY A 59 -10.75 -12.51 21.86
C GLY A 59 -12.24 -12.28 21.67
N ILE A 60 -13.00 -13.36 21.55
CA ILE A 60 -14.46 -13.27 21.38
C ILE A 60 -15.05 -12.64 22.65
N ASP A 61 -16.08 -11.81 22.47
CA ASP A 61 -16.66 -11.11 23.60
C ASP A 61 -15.70 -10.05 24.14
N HIS A 62 -14.82 -9.52 23.30
CA HIS A 62 -14.04 -8.34 23.64
C HIS A 62 -14.50 -7.18 22.79
N TRP A 63 -14.59 -6.01 23.42
CA TRP A 63 -15.43 -4.95 22.94
C TRP A 63 -14.74 -3.60 22.93
N GLN A 64 -15.39 -2.66 22.24
CA GLN A 64 -14.89 -1.32 22.08
C GLN A 64 -16.02 -0.35 21.84
N VAL A 65 -15.88 0.87 22.33
CA VAL A 65 -17.00 1.82 22.41
C VAL A 65 -16.50 3.26 22.30
N ASP A 66 -17.36 4.11 21.73
CA ASP A 66 -17.34 5.53 21.97
C ASP A 66 -18.72 6.10 21.72
N TYR A 67 -19.00 7.19 22.40
CA TYR A 67 -20.08 8.11 22.08
C TYR A 67 -19.83 8.77 20.73
N THR A 68 -20.89 9.27 20.13
CA THR A 68 -20.78 9.96 18.86
C THR A 68 -21.80 11.06 18.90
N HIS A 69 -21.45 12.24 18.39
CA HIS A 69 -22.40 13.31 18.37
C HIS A 69 -22.90 13.31 16.94
N TYR A 70 -24.15 12.88 16.74
CA TYR A 70 -24.68 12.86 15.39
C TYR A 70 -25.77 13.89 15.38
N GLU A 71 -25.55 15.00 14.70
CA GLU A 71 -26.61 15.97 14.50
C GLU A 71 -27.06 16.47 15.86
N ASP A 72 -26.09 16.66 16.74
CA ASP A 72 -26.32 16.96 18.15
C ASP A 72 -27.16 15.88 18.82
N LYS A 73 -26.74 14.64 18.66
CA LYS A 73 -27.40 13.53 19.33
C LYS A 73 -26.33 12.60 19.88
N ILE A 74 -26.28 12.48 21.20
CA ILE A 74 -25.33 11.59 21.85
C ILE A 74 -25.80 10.19 21.54
N ILE A 75 -24.92 9.39 20.95
CA ILE A 75 -25.23 8.01 20.60
C ILE A 75 -24.05 7.17 21.01
N LEU A 76 -24.27 6.28 21.95
CA LEU A 76 -23.22 5.50 22.54
C LEU A 76 -23.24 4.13 21.92
N VAL A 77 -22.06 3.65 21.54
CA VAL A 77 -21.94 2.71 20.46
C VAL A 77 -21.14 1.51 20.91
N TRP A 78 -21.69 0.35 20.66
CA TRP A 78 -21.29 -0.87 21.31
C TRP A 78 -20.76 -1.84 20.30
N VAL A 79 -19.44 -1.98 20.26
CA VAL A 79 -18.76 -2.38 19.05
C VAL A 79 -17.68 -3.38 19.38
N GLU A 80 -17.77 -4.54 18.75
CA GLU A 80 -16.93 -5.66 19.14
C GLU A 80 -15.59 -5.49 18.51
N THR A 81 -14.60 -6.08 19.14
CA THR A 81 -13.26 -6.06 18.62
C THR A 81 -13.00 -7.17 17.61
N ASN A 82 -13.03 -8.43 18.05
CA ASN A 82 -12.71 -9.59 17.21
C ASN A 82 -13.53 -9.67 15.94
N SER A 83 -14.80 -10.04 16.00
CA SER A 83 -15.62 -10.12 14.81
C SER A 83 -16.45 -8.89 14.57
N GLY A 84 -16.39 -7.91 15.47
CA GLY A 84 -16.88 -6.60 15.15
C GLY A 84 -18.34 -6.49 14.82
N LEU A 85 -19.16 -7.44 15.25
CA LEU A 85 -20.57 -7.15 15.41
C LEU A 85 -20.72 -6.03 16.40
N ILE A 86 -21.80 -5.26 16.29
CA ILE A 86 -21.93 -4.05 17.09
C ILE A 86 -23.33 -3.90 17.67
N TYR A 87 -23.52 -2.78 18.36
CA TYR A 87 -24.79 -2.28 18.84
C TYR A 87 -24.55 -0.80 19.06
N ALA A 88 -25.59 -0.01 19.19
CA ALA A 88 -25.49 1.34 19.70
C ALA A 88 -26.85 1.80 20.18
N GLU A 89 -26.87 2.90 20.91
CA GLU A 89 -28.12 3.48 21.32
C GLU A 89 -27.96 4.98 21.49
N ARG A 90 -29.02 5.70 21.16
CA ARG A 90 -29.02 7.14 21.36
C ARG A 90 -29.18 7.41 22.83
N VAL A 91 -28.49 8.43 23.31
CA VAL A 91 -28.45 8.75 24.70
C VAL A 91 -28.66 10.25 24.83
N LYS A 92 -29.18 10.65 25.99
CA LYS A 92 -29.42 12.05 26.30
C LYS A 92 -28.20 12.73 26.91
N GLY A 93 -27.40 11.98 27.67
CA GLY A 93 -26.18 12.51 28.25
C GLY A 93 -25.14 11.43 28.38
N GLU A 94 -23.88 11.85 28.42
CA GLU A 94 -22.83 10.87 28.33
C GLU A 94 -22.51 10.25 29.68
N THR A 95 -23.28 10.61 30.70
CA THR A 95 -22.79 10.54 32.07
C THR A 95 -22.56 9.12 32.50
N GLY A 96 -21.63 8.97 33.44
CA GLY A 96 -21.28 7.69 34.00
C GLY A 96 -22.45 6.90 34.52
N GLN A 97 -23.39 7.54 35.22
CA GLN A 97 -24.57 6.79 35.66
C GLN A 97 -25.37 6.32 34.49
N GLU A 98 -25.66 7.25 33.58
CA GLU A 98 -26.43 6.94 32.40
C GLU A 98 -25.76 5.83 31.65
N PHE A 99 -24.49 6.05 31.33
CA PHE A 99 -23.59 5.08 30.75
C PHE A 99 -23.66 3.73 31.42
N ARG A 100 -23.57 3.73 32.75
CA ARG A 100 -23.62 2.49 33.52
C ARG A 100 -24.91 1.75 33.25
N VAL A 101 -26.01 2.48 33.12
CA VAL A 101 -27.26 1.83 32.82
C VAL A 101 -27.24 1.27 31.42
N GLN A 102 -26.69 2.04 30.49
CA GLN A 102 -26.66 1.62 29.10
C GLN A 102 -25.90 0.32 28.96
N THR A 103 -24.80 0.24 29.64
CA THR A 103 -23.98 -0.96 29.54
C THR A 103 -24.61 -2.10 30.28
N MET A 104 -25.37 -1.82 31.33
CA MET A 104 -26.15 -2.88 31.94
C MET A 104 -27.05 -3.51 30.90
N LYS A 105 -27.66 -2.68 30.07
CA LYS A 105 -28.59 -3.17 29.08
C LYS A 105 -27.86 -4.04 28.10
N TRP A 106 -26.80 -3.50 27.56
CA TRP A 106 -26.16 -4.15 26.46
C TRP A 106 -25.41 -5.38 26.94
N TYR A 107 -24.78 -5.26 28.08
CA TYR A 107 -24.13 -6.39 28.71
C TYR A 107 -25.11 -7.50 28.89
N ALA A 108 -26.32 -7.14 29.28
CA ALA A 108 -27.34 -8.15 29.45
C ALA A 108 -27.72 -8.77 28.13
N MET A 109 -27.52 -8.04 27.05
CA MET A 109 -27.82 -8.68 25.78
C MET A 109 -26.86 -9.81 25.46
N PHE A 110 -25.68 -9.84 26.07
CA PHE A 110 -24.63 -10.78 25.68
C PHE A 110 -23.89 -11.29 26.89
N ALA A 111 -22.73 -11.90 26.63
CA ALA A 111 -21.71 -12.19 27.64
C ALA A 111 -20.44 -11.50 27.18
N PRO A 112 -20.47 -10.19 27.05
CA PRO A 112 -19.27 -9.48 26.66
C PRO A 112 -18.25 -9.51 27.77
N LYS A 113 -17.05 -9.94 27.41
CA LYS A 113 -16.04 -10.39 28.33
C LYS A 113 -15.02 -9.33 28.70
N SER A 114 -14.93 -8.24 27.94
CA SER A 114 -13.87 -7.28 28.14
C SER A 114 -14.13 -6.04 27.31
N LEU A 115 -13.28 -5.02 27.46
CA LEU A 115 -13.47 -3.76 26.76
C LEU A 115 -12.20 -2.95 26.58
N GLN A 116 -12.18 -2.22 25.47
CA GLN A 116 -11.33 -1.07 25.24
C GLN A 116 -12.20 0.17 25.20
N SER A 117 -11.86 1.19 25.99
CA SER A 117 -12.64 2.41 25.83
C SER A 117 -11.83 3.57 26.35
N ASP A 118 -12.16 4.76 25.88
CA ASP A 118 -11.25 5.86 26.04
C ASP A 118 -11.39 6.45 27.44
N ASN A 119 -10.79 7.63 27.52
CA ASN A 119 -10.60 8.44 28.72
C ASN A 119 -11.83 9.26 29.07
N GLY A 120 -12.92 9.05 28.34
CA GLY A 120 -14.15 9.74 28.63
C GLY A 120 -14.51 9.38 30.06
N PRO A 121 -14.94 10.40 30.80
CA PRO A 121 -15.19 10.24 32.23
C PRO A 121 -16.20 9.15 32.55
N ALA A 122 -17.20 8.94 31.71
CA ALA A 122 -18.19 7.94 32.08
C ALA A 122 -17.63 6.55 31.99
N PHE A 123 -16.79 6.32 30.99
CA PHE A 123 -16.03 5.08 30.88
C PHE A 123 -15.14 4.91 32.07
N VAL A 124 -14.62 6.02 32.54
CA VAL A 124 -13.54 6.05 33.48
C VAL A 124 -14.05 6.00 34.92
N ALA A 125 -15.35 6.19 35.12
CA ALA A 125 -15.90 6.58 36.41
C ALA A 125 -15.63 5.50 37.41
N GLU A 126 -15.64 5.88 38.67
CA GLU A 126 -15.25 4.94 39.70
C GLU A 126 -16.17 3.74 39.70
N SER A 127 -17.46 3.97 39.94
CA SER A 127 -18.38 2.85 40.04
C SER A 127 -18.57 2.15 38.71
N THR A 128 -18.27 2.84 37.61
CA THR A 128 -18.20 2.19 36.31
C THR A 128 -17.12 1.12 36.32
N GLN A 129 -15.94 1.53 36.75
CA GLN A 129 -14.85 0.59 36.87
C GLN A 129 -15.18 -0.51 37.84
N LEU A 130 -15.80 -0.13 38.96
CA LEU A 130 -16.22 -1.11 39.94
C LEU A 130 -17.32 -1.99 39.41
N LEU A 131 -17.98 -1.56 38.36
CA LEU A 131 -19.07 -2.33 37.80
C LEU A 131 -18.54 -3.39 36.88
N MET A 132 -17.56 -3.01 36.06
CA MET A 132 -16.80 -4.00 35.32
C MET A 132 -16.22 -5.03 36.26
N LYS A 133 -15.64 -4.55 37.35
CA LYS A 133 -15.08 -5.43 38.35
C LYS A 133 -16.15 -6.25 39.02
N TYR A 134 -17.29 -5.61 39.30
CA TYR A 134 -18.41 -6.24 39.97
C TYR A 134 -18.88 -7.44 39.18
N LEU A 135 -18.76 -7.35 37.89
CA LEU A 135 -19.18 -8.35 36.95
C LEU A 135 -18.03 -9.21 36.43
N GLY A 136 -16.81 -8.92 36.85
CA GLY A 136 -15.70 -9.72 36.39
C GLY A 136 -15.43 -9.51 34.92
N ILE A 137 -15.15 -8.27 34.55
CA ILE A 137 -14.99 -7.89 33.15
C ILE A 137 -13.75 -7.01 33.05
N GLU A 138 -13.09 -7.07 31.91
CA GLU A 138 -11.87 -6.32 31.67
C GLU A 138 -12.17 -5.09 30.85
N HIS A 139 -12.14 -3.94 31.50
CA HIS A 139 -12.06 -2.68 30.81
C HIS A 139 -10.61 -2.56 30.41
N THR A 140 -10.38 -1.96 29.27
CA THR A 140 -9.06 -1.45 28.97
C THR A 140 -9.19 -0.05 28.41
N THR A 141 -8.12 0.70 28.58
CA THR A 141 -8.18 2.13 28.39
C THR A 141 -7.67 2.48 27.03
N GLY A 142 -8.58 2.97 26.19
CA GLY A 142 -8.22 3.86 25.12
C GLY A 142 -7.46 5.00 25.71
N ILE A 143 -6.24 5.23 25.22
CA ILE A 143 -5.33 6.15 25.84
C ILE A 143 -5.84 7.53 25.48
N PRO A 144 -5.37 8.60 26.11
CA PRO A 144 -5.95 9.90 25.82
C PRO A 144 -5.52 10.37 24.46
N TRP A 145 -6.50 10.87 23.73
CA TRP A 145 -6.25 11.54 22.48
C TRP A 145 -5.58 10.61 21.47
N ASN A 146 -5.85 9.32 21.61
CA ASN A 146 -5.65 8.36 20.52
C ASN A 146 -6.97 7.68 20.21
N PRO A 147 -7.70 8.17 19.21
CA PRO A 147 -8.87 7.41 18.76
C PRO A 147 -8.52 6.09 18.14
N GLN A 148 -7.25 5.86 17.83
CA GLN A 148 -6.92 4.77 16.94
C GLN A 148 -6.99 3.45 17.66
N SER A 149 -6.79 3.48 18.96
CA SER A 149 -7.13 2.32 19.76
C SER A 149 -8.62 2.12 19.79
N GLN A 150 -9.35 3.21 19.66
CA GLN A 150 -10.78 3.27 19.56
C GLN A 150 -11.25 3.17 18.09
N ALA A 151 -10.38 2.59 17.27
CA ALA A 151 -10.49 2.56 15.82
C ALA A 151 -11.87 2.28 15.32
N LEU A 152 -12.33 1.08 15.61
CA LEU A 152 -13.49 0.54 14.98
C LEU A 152 -14.71 1.34 15.31
N VAL A 153 -14.78 1.85 16.52
CA VAL A 153 -16.00 2.58 16.85
C VAL A 153 -16.02 3.87 16.05
N GLU A 154 -14.84 4.46 15.82
CA GLU A 154 -14.87 5.68 15.00
C GLU A 154 -15.14 5.35 13.54
N ARG A 155 -14.59 4.21 13.10
CA ARG A 155 -14.85 3.72 11.75
C ARG A 155 -16.31 3.58 11.49
N THR A 156 -16.95 3.01 12.46
CA THR A 156 -18.31 2.65 12.32
C THR A 156 -19.17 3.86 12.49
N HIS A 157 -18.71 4.83 13.27
CA HIS A 157 -19.36 6.13 13.28
C HIS A 157 -19.44 6.69 11.87
N GLN A 158 -18.37 6.47 11.10
CA GLN A 158 -18.47 6.80 9.67
C GLN A 158 -19.59 6.03 9.02
N THR A 159 -19.52 4.70 9.09
CA THR A 159 -20.39 3.84 8.29
C THR A 159 -21.82 4.14 8.59
N LEU A 160 -22.06 4.25 9.88
CA LEU A 160 -23.36 4.44 10.42
C LEU A 160 -23.95 5.73 9.94
N LYS A 161 -23.19 6.81 10.09
CA LYS A 161 -23.74 8.11 9.73
C LYS A 161 -24.08 8.16 8.25
N ASN A 162 -23.37 7.39 7.43
CA ASN A 162 -23.78 7.29 6.04
C ASN A 162 -25.13 6.64 5.95
N THR A 163 -25.31 5.59 6.73
CA THR A 163 -26.57 4.87 6.65
C THR A 163 -27.71 5.66 7.25
N LEU A 164 -27.42 6.43 8.29
CA LEU A 164 -28.40 7.34 8.86
C LEU A 164 -28.94 8.23 7.79
N GLU A 165 -28.03 8.84 7.06
CA GLU A 165 -28.39 9.82 6.05
C GLU A 165 -29.30 9.22 4.99
N LYS A 166 -29.20 7.92 4.77
CA LYS A 166 -30.19 7.24 3.97
C LYS A 166 -31.52 7.17 4.66
N LEU A 167 -31.54 6.55 5.83
CA LEU A 167 -32.71 5.88 6.33
C LEU A 167 -33.66 6.77 7.08
N ILE A 168 -33.11 7.72 7.82
CA ILE A 168 -33.87 8.54 8.75
C ILE A 168 -35.12 9.18 8.14
N PRO A 169 -35.18 9.58 6.86
CA PRO A 169 -36.46 10.07 6.35
C PRO A 169 -37.49 8.99 6.24
N MET A 170 -37.07 7.72 6.19
CA MET A 170 -38.01 6.63 6.03
C MET A 170 -38.82 6.35 7.28
N PHE A 171 -38.53 7.04 8.38
CA PHE A 171 -39.05 6.68 9.68
C PHE A 171 -39.66 7.86 10.38
N ASN A 172 -40.63 7.57 11.22
CA ASN A 172 -40.97 8.50 12.29
C ASN A 172 -39.73 8.82 13.10
N ALA A 173 -39.06 7.78 13.57
CA ALA A 173 -38.05 7.93 14.61
C ALA A 173 -36.65 7.86 14.04
N PHE A 174 -35.86 8.83 14.46
CA PHE A 174 -34.41 8.75 14.33
C PHE A 174 -33.87 7.47 14.92
N GLU A 175 -34.47 7.00 16.00
CA GLU A 175 -33.93 5.88 16.75
C GLU A 175 -34.49 4.56 16.23
N SER A 176 -35.55 4.62 15.45
CA SER A 176 -35.95 3.49 14.66
C SER A 176 -35.09 3.40 13.42
N ALA A 177 -34.66 4.54 12.93
CA ALA A 177 -33.67 4.54 11.88
C ALA A 177 -32.34 4.06 12.43
N LEU A 178 -32.04 4.41 13.67
CA LEU A 178 -30.91 3.86 14.38
C LEU A 178 -31.03 2.36 14.46
N ALA A 179 -32.24 1.90 14.73
CA ALA A 179 -32.47 0.48 14.69
C ALA A 179 -32.22 -0.06 13.29
N GLY A 180 -32.56 0.72 12.28
CA GLY A 180 -32.41 0.24 10.94
C GLY A 180 -30.96 0.08 10.53
N THR A 181 -30.14 1.08 10.83
CA THR A 181 -28.73 0.95 10.59
C THR A 181 -28.17 -0.20 11.39
N LEU A 182 -28.59 -0.30 12.65
CA LEU A 182 -28.10 -1.33 13.56
C LEU A 182 -28.35 -2.69 12.97
N ILE A 183 -29.59 -2.90 12.57
CA ILE A 183 -30.05 -4.08 11.88
C ILE A 183 -29.12 -4.39 10.76
N THR A 184 -28.90 -3.40 9.93
CA THR A 184 -28.33 -3.70 8.65
C THR A 184 -26.91 -4.12 8.75
N LEU A 185 -26.12 -3.37 9.47
CA LEU A 185 -24.71 -3.66 9.46
C LEU A 185 -24.38 -4.80 10.39
N ASN A 186 -25.14 -4.99 11.46
CA ASN A 186 -25.01 -6.19 12.27
C ASN A 186 -25.56 -7.42 11.57
N ILE A 187 -26.38 -7.23 10.56
CA ILE A 187 -26.95 -8.30 9.77
C ILE A 187 -26.63 -8.09 8.32
N LYS A 188 -27.32 -7.14 7.74
CA LYS A 188 -27.58 -7.09 6.32
C LYS A 188 -26.31 -6.85 5.58
N ARG A 189 -25.34 -6.22 6.23
CA ARG A 189 -23.98 -6.22 5.70
C ARG A 189 -23.43 -7.61 5.86
N LYS A 190 -23.11 -8.23 4.74
CA LYS A 190 -22.69 -9.61 4.68
C LYS A 190 -21.72 -9.73 3.52
N GLY A 191 -20.64 -10.46 3.72
CA GLY A 191 -19.52 -10.32 2.84
C GLY A 191 -18.52 -11.43 2.98
N GLY A 192 -17.54 -11.48 2.10
CA GLY A 192 -16.75 -12.68 2.05
C GLY A 192 -17.65 -13.79 1.59
N LEU A 193 -17.90 -14.70 2.51
CA LEU A 193 -18.82 -15.79 2.32
C LEU A 193 -20.27 -15.38 2.49
N GLY A 194 -20.54 -14.09 2.64
CA GLY A 194 -21.88 -13.58 2.65
C GLY A 194 -22.49 -13.78 3.98
N THR A 195 -21.76 -13.35 4.99
CA THR A 195 -22.14 -13.53 6.37
C THR A 195 -22.02 -12.22 7.13
N SER A 196 -22.97 -11.99 8.01
CA SER A 196 -22.97 -10.84 8.87
C SER A 196 -21.88 -10.98 9.90
N PRO A 197 -21.70 -9.97 10.74
CA PRO A 197 -20.99 -10.21 11.99
C PRO A 197 -21.79 -11.10 12.90
N MET A 198 -23.12 -10.91 12.91
CA MET A 198 -24.02 -11.60 13.81
C MET A 198 -23.82 -13.11 13.72
N ASP A 199 -23.65 -13.55 12.48
CA ASP A 199 -23.26 -14.90 12.15
C ASP A 199 -22.09 -15.34 13.00
N ILE A 200 -21.10 -14.47 13.06
CA ILE A 200 -19.78 -14.86 13.51
C ILE A 200 -19.73 -14.83 15.02
N PHE A 201 -20.32 -13.79 15.60
CA PHE A 201 -20.45 -13.71 17.04
C PHE A 201 -21.11 -14.96 17.52
N ILE A 202 -22.25 -15.24 16.94
CA ILE A 202 -23.18 -16.18 17.52
C ILE A 202 -22.64 -17.58 17.32
N PHE A 203 -22.17 -17.80 16.12
CA PHE A 203 -21.39 -18.96 15.80
C PHE A 203 -20.30 -19.19 16.82
N ASN A 204 -19.56 -18.16 17.12
CA ASN A 204 -18.42 -18.34 17.99
C ASN A 204 -18.87 -18.59 19.42
N LYS A 205 -20.02 -18.03 19.81
CA LYS A 205 -20.61 -18.39 21.08
C LYS A 205 -20.86 -19.88 21.12
N GLU A 206 -21.25 -20.44 19.98
CA GLU A 206 -21.41 -21.88 19.94
C GLU A 206 -20.05 -22.56 20.02
N GLN A 207 -19.03 -21.88 19.52
CA GLN A 207 -17.69 -22.43 19.54
C GLN A 207 -16.92 -22.01 20.77
N GLN A 208 -17.49 -21.05 21.49
CA GLN A 208 -16.94 -20.58 22.75
C GLN A 208 -17.43 -21.47 23.91
N ARG A 209 -18.24 -22.49 23.60
CA ARG A 209 -18.81 -23.38 24.57
C ARG A 209 -17.73 -24.11 25.34
N ILE A 210 -17.88 -24.11 26.66
CA ILE A 210 -16.97 -24.81 27.57
C ILE A 210 -16.96 -26.35 27.57
N GLN A 211 -18.14 -26.98 27.50
CA GLN A 211 -18.24 -28.45 27.60
C GLN A 211 -17.59 -29.31 26.51
N GLN A 212 -17.80 -28.99 25.24
CA GLN A 212 -17.17 -29.75 24.17
C GLN A 212 -15.70 -29.44 24.34
N GLN A 213 -15.50 -28.18 24.66
CA GLN A 213 -14.23 -27.53 24.90
C GLN A 213 -13.52 -28.16 26.09
N SER A 214 -14.27 -28.44 27.16
CA SER A 214 -13.73 -29.13 28.32
C SER A 214 -13.70 -30.65 28.11
N LYS A 215 -14.60 -31.17 27.28
CA LYS A 215 -14.67 -32.61 27.05
C LYS A 215 -13.38 -33.14 26.46
N SER A 216 -12.70 -32.32 25.66
CA SER A 216 -11.53 -32.80 24.92
C SER A 216 -10.36 -33.23 25.80
N LYS A 217 -10.43 -33.00 27.13
CA LYS A 217 -9.37 -33.40 28.04
C LYS A 217 -9.03 -34.88 27.93
N GLN A 218 -10.03 -35.71 27.63
CA GLN A 218 -9.83 -37.16 27.59
C GLN A 218 -8.80 -37.56 26.54
N GLU A 219 -8.64 -36.74 25.52
CA GLU A 219 -7.71 -37.05 24.45
C GLU A 219 -6.28 -37.07 24.98
N LYS A 220 -5.46 -37.92 24.37
CA LYS A 220 -4.13 -38.19 24.89
C LYS A 220 -3.24 -36.96 24.84
N ILE A 221 -2.36 -36.90 25.83
CA ILE A 221 -1.18 -36.06 25.81
C ILE A 221 0.04 -36.94 25.61
N ARG A 222 0.97 -36.47 24.81
CA ARG A 222 2.37 -36.85 24.93
C ARG A 222 3.16 -35.60 25.25
N PHE A 223 4.34 -35.79 25.80
CA PHE A 223 5.28 -34.70 25.90
C PHE A 223 6.27 -34.84 24.76
N CYS A 224 7.16 -33.86 24.67
CA CYS A 224 8.19 -33.90 23.66
C CYS A 224 9.32 -32.99 24.06
N TYR A 225 10.97 -32.41 23.06
CA TYR A 225 12.28 -31.93 23.44
C TYR A 225 12.90 -31.14 22.30
N TYR A 226 13.85 -30.28 22.64
CA TYR A 226 14.37 -29.33 21.68
C TYR A 226 15.75 -28.83 22.03
N ARG A 227 16.42 -28.28 21.03
CA ARG A 227 17.81 -27.92 21.13
C ARG A 227 18.15 -26.90 20.06
N THR A 228 19.28 -26.23 20.27
CA THR A 228 19.61 -25.00 19.56
C THR A 228 21.04 -25.02 19.05
N ARG A 229 21.20 -24.47 17.87
CA ARG A 229 22.41 -24.59 17.08
C ARG A 229 23.19 -23.29 17.09
N LYS A 230 24.41 -23.38 17.61
CA LYS A 230 25.31 -22.24 17.71
C LYS A 230 26.51 -22.52 16.82
N ARG A 231 26.64 -21.74 15.75
CA ARG A 231 27.59 -21.99 14.67
C ARG A 231 27.32 -23.34 13.99
N GLY A 232 26.06 -23.79 14.02
CA GLY A 232 25.61 -25.00 13.34
C GLY A 232 25.40 -26.21 14.21
N HIS A 233 25.65 -26.09 15.49
CA HIS A 233 25.90 -27.25 16.32
C HIS A 233 24.84 -27.35 17.41
N PRO A 234 23.89 -28.29 17.34
CA PRO A 234 22.69 -28.17 18.17
C PRO A 234 23.03 -28.45 19.62
N GLY A 235 22.34 -27.75 20.52
CA GLY A 235 22.57 -27.89 21.93
C GLY A 235 22.12 -29.24 22.43
N GLU A 236 22.20 -29.39 23.74
CA GLU A 236 21.54 -30.52 24.37
C GLU A 236 20.05 -30.38 24.18
N TRP A 237 19.35 -31.48 24.33
CA TRP A 237 17.90 -31.41 24.34
C TRP A 237 17.45 -30.64 25.57
N GLN A 238 16.75 -29.53 25.36
CA GLN A 238 16.30 -28.70 26.46
C GLN A 238 14.95 -29.12 27.05
N GLY A 239 14.88 -30.34 27.60
CA GLY A 239 13.67 -30.82 28.22
C GLY A 239 12.55 -31.11 27.24
N PRO A 240 11.47 -31.81 28.29
CA PRO A 240 10.26 -32.42 27.74
C PRO A 240 9.01 -31.62 28.10
N THR A 241 8.19 -31.33 27.11
CA THR A 241 6.95 -30.57 27.33
C THR A 241 5.83 -31.21 26.53
N GLN A 242 4.59 -31.07 27.00
CA GLN A 242 3.47 -31.66 26.27
C GLN A 242 3.35 -31.20 24.83
N VAL A 243 3.00 -32.15 23.96
CA VAL A 243 2.80 -31.83 22.56
C VAL A 243 1.39 -31.30 22.69
N LEU A 244 1.33 -29.99 22.75
CA LEU A 244 0.09 -29.27 23.00
C LEU A 244 -0.91 -29.66 21.94
N TRP A 245 -0.44 -29.72 20.71
CA TRP A 245 -1.15 -30.32 19.60
C TRP A 245 -0.11 -30.57 18.54
N GLY A 246 -0.27 -31.67 17.82
CA GLY A 246 0.60 -31.93 16.70
C GLY A 246 0.00 -31.50 15.39
N GLY A 247 0.85 -30.96 14.52
CA GLY A 247 0.53 -30.78 13.15
C GLY A 247 1.26 -31.79 12.29
N ASP A 248 1.25 -31.54 10.99
CA ASP A 248 2.00 -32.36 10.06
C ASP A 248 3.34 -31.70 9.85
N GLY A 249 4.40 -32.40 10.23
CA GLY A 249 5.74 -31.86 10.15
C GLY A 249 6.11 -30.92 11.28
N ALA A 250 5.17 -30.56 12.15
CA ALA A 250 5.48 -29.74 13.31
C ALA A 250 4.29 -29.79 14.25
N ILE A 251 4.37 -29.02 15.34
CA ILE A 251 3.47 -29.18 16.48
C ILE A 251 3.16 -27.84 17.13
N VAL A 252 2.44 -27.92 18.24
CA VAL A 252 2.17 -26.83 19.15
C VAL A 252 2.91 -27.13 20.44
N VAL A 253 3.69 -26.18 20.92
CA VAL A 253 4.41 -26.32 22.17
C VAL A 253 4.59 -24.95 22.79
N LYS A 254 4.94 -24.98 24.06
CA LYS A 254 5.25 -23.79 24.82
C LYS A 254 6.70 -23.84 25.25
N ASP A 255 7.38 -22.69 25.17
CA ASP A 255 8.58 -22.50 25.97
C ASP A 255 8.16 -21.86 27.27
N ARG A 256 8.35 -22.62 28.33
CA ARG A 256 8.28 -22.07 29.68
C ARG A 256 9.23 -20.91 29.86
N GLY A 257 10.37 -20.95 29.18
CA GLY A 257 11.28 -19.84 29.10
C GLY A 257 10.62 -18.55 28.69
N THR A 258 9.83 -18.55 27.62
CA THR A 258 8.97 -17.44 27.29
C THR A 258 7.59 -17.56 27.91
N ASP A 259 7.18 -18.73 28.35
CA ASP A 259 5.80 -19.00 28.74
C ASP A 259 4.88 -18.65 27.59
N ARG A 260 5.23 -19.10 26.40
CA ARG A 260 4.56 -18.70 25.19
C ARG A 260 4.54 -19.85 24.20
N TYR A 261 3.43 -19.95 23.48
CA TYR A 261 3.21 -21.07 22.58
C TYR A 261 4.17 -20.98 21.40
N LEU A 262 4.47 -22.13 20.82
CA LEU A 262 5.60 -22.28 19.92
C LEU A 262 5.46 -23.50 19.03
N VAL A 263 6.31 -23.53 18.01
CA VAL A 263 6.36 -24.59 17.03
C VAL A 263 7.68 -25.33 17.20
N ILE A 264 7.68 -26.62 16.91
CA ILE A 264 8.90 -27.35 16.59
C ILE A 264 8.60 -28.24 15.40
N ALA A 265 9.44 -28.12 14.37
CA ALA A 265 9.39 -29.09 13.28
C ALA A 265 9.64 -30.49 13.82
N ASN A 266 8.91 -31.46 13.27
CA ASN A 266 8.87 -32.79 13.88
C ASN A 266 10.22 -33.50 13.88
N LYS A 267 11.21 -33.00 13.15
CA LYS A 267 12.55 -33.56 13.24
C LYS A 267 13.25 -33.18 14.52
N ASP A 268 13.08 -31.94 14.98
CA ASP A 268 13.64 -31.46 16.22
C ASP A 268 12.76 -31.81 17.40
N VAL A 269 11.76 -32.68 17.19
CA VAL A 269 10.94 -33.24 18.24
C VAL A 269 11.51 -34.57 18.66
N LYS A 270 11.43 -34.84 19.95
CA LYS A 270 11.44 -36.18 20.51
C LYS A 270 10.00 -36.53 20.83
N PHE A 271 9.50 -37.61 20.26
CA PHE A 271 8.25 -38.20 20.72
C PHE A 271 8.55 -39.06 21.92
N ILE A 272 7.72 -38.92 22.94
CA ILE A 272 7.99 -39.46 24.27
C ILE A 272 7.00 -40.60 24.53
N PRO A 273 7.45 -41.83 24.71
CA PRO A 273 6.53 -42.98 24.64
C PRO A 273 5.53 -42.99 25.78
N PRO A 274 4.48 -43.80 25.68
CA PRO A 274 3.39 -43.72 26.62
C PRO A 274 3.75 -44.35 27.95
N PRO A 275 2.99 -44.08 29.01
CA PRO A 275 2.98 -45.02 30.13
C PRO A 275 2.31 -46.30 29.68
N LYS A 276 2.52 -47.36 30.43
CA LYS A 276 2.18 -48.66 29.89
C LYS A 276 2.32 -49.75 30.96
N GLU B 3 -28.34 -36.32 4.01
CA GLU B 3 -29.49 -35.73 4.68
C GLU B 3 -30.06 -36.64 5.77
N ASN B 4 -30.14 -36.10 6.98
CA ASN B 4 -30.83 -36.80 8.06
C ASN B 4 -32.34 -36.59 8.03
N ILE B 5 -32.83 -35.70 7.17
CA ILE B 5 -34.17 -35.13 7.33
C ILE B 5 -35.23 -36.19 7.00
N PRO B 6 -35.13 -36.93 5.89
CA PRO B 6 -36.13 -37.98 5.64
C PRO B 6 -36.03 -39.17 6.57
N LEU B 7 -34.85 -39.49 7.10
CA LEU B 7 -34.74 -40.57 8.06
C LEU B 7 -35.42 -40.18 9.37
N ALA B 8 -35.20 -38.95 9.80
CA ALA B 8 -35.94 -38.40 10.94
C ALA B 8 -37.43 -38.48 10.70
N GLU B 9 -37.84 -38.22 9.45
CA GLU B 9 -39.26 -38.30 9.12
C GLU B 9 -39.78 -39.72 9.21
N GLU B 10 -38.99 -40.68 8.73
CA GLU B 10 -39.30 -42.10 8.91
C GLU B 10 -39.51 -42.43 10.38
N GLU B 11 -38.72 -41.82 11.26
CA GLU B 11 -38.89 -42.11 12.68
C GLU B 11 -40.14 -41.46 13.25
N HIS B 12 -40.38 -40.18 12.92
CA HIS B 12 -41.52 -39.49 13.51
C HIS B 12 -42.83 -40.13 13.09
N ASN B 13 -42.87 -40.63 11.85
CA ASN B 13 -44.02 -41.37 11.39
C ASN B 13 -44.26 -42.61 12.23
N LYS B 14 -43.21 -43.14 12.85
CA LYS B 14 -43.35 -44.28 13.74
C LYS B 14 -43.72 -43.82 15.14
N TRP B 15 -42.76 -43.23 15.83
CA TRP B 15 -42.86 -42.91 17.24
C TRP B 15 -43.59 -41.62 17.55
N HIS B 16 -43.53 -40.62 16.66
CA HIS B 16 -44.20 -39.35 16.84
C HIS B 16 -43.68 -38.58 18.06
N GLN B 17 -42.45 -38.07 17.97
CA GLN B 17 -41.82 -37.24 18.99
C GLN B 17 -42.15 -35.76 18.78
N ASP B 18 -41.45 -34.89 19.53
CA ASP B 18 -41.47 -33.45 19.34
C ASP B 18 -40.45 -33.00 18.32
N ALA B 19 -40.82 -32.00 17.50
CA ALA B 19 -39.90 -31.38 16.54
C ALA B 19 -38.65 -30.89 17.23
N VAL B 20 -38.81 -30.43 18.47
CA VAL B 20 -37.70 -30.36 19.41
C VAL B 20 -36.87 -31.62 19.30
N SER B 21 -37.43 -32.73 19.74
CA SER B 21 -36.64 -33.93 19.91
C SER B 21 -36.27 -34.55 18.58
N LEU B 22 -36.93 -34.14 17.49
CA LEU B 22 -36.54 -34.60 16.17
C LEU B 22 -35.28 -33.89 15.70
N HIS B 23 -35.28 -32.57 15.81
CA HIS B 23 -34.05 -31.80 15.63
C HIS B 23 -32.92 -32.36 16.49
N LEU B 24 -33.19 -32.50 17.78
CA LEU B 24 -32.17 -32.88 18.73
C LEU B 24 -31.63 -34.26 18.47
N GLU B 25 -32.51 -35.24 18.33
CA GLU B 25 -32.15 -36.59 17.96
C GLU B 25 -31.39 -36.67 16.66
N PHE B 26 -31.95 -36.14 15.59
CA PHE B 26 -31.43 -36.36 14.25
C PHE B 26 -30.50 -35.26 13.77
N GLY B 27 -30.41 -34.14 14.48
CA GLY B 27 -29.63 -33.04 13.96
C GLY B 27 -30.24 -32.43 12.71
N ILE B 28 -31.53 -32.63 12.50
CA ILE B 28 -32.26 -32.05 11.37
C ILE B 28 -32.53 -30.59 11.70
N PRO B 29 -32.98 -29.78 10.75
CA PRO B 29 -33.44 -28.44 11.12
C PRO B 29 -34.70 -28.51 11.98
N ARG B 30 -34.90 -27.48 12.80
CA ARG B 30 -36.13 -27.37 13.57
C ARG B 30 -37.28 -26.81 12.77
N THR B 31 -36.99 -26.14 11.66
CA THR B 31 -38.02 -25.72 10.75
C THR B 31 -38.42 -26.87 9.85
N ALA B 32 -37.44 -27.69 9.48
CA ALA B 32 -37.74 -29.03 9.00
C ALA B 32 -38.54 -29.78 10.03
N ALA B 33 -38.02 -29.92 11.26
CA ALA B 33 -38.67 -30.71 12.30
C ALA B 33 -40.09 -30.21 12.57
N GLU B 34 -40.25 -28.90 12.64
CA GLU B 34 -41.58 -28.31 12.73
C GLU B 34 -42.42 -28.64 11.51
N ASP B 35 -41.87 -28.59 10.30
CA ASP B 35 -42.63 -28.99 9.12
C ASP B 35 -43.06 -30.45 9.21
N ILE B 36 -42.29 -31.29 9.91
CA ILE B 36 -42.69 -32.68 10.09
C ILE B 36 -43.90 -32.75 10.99
N VAL B 37 -43.82 -32.12 12.17
CA VAL B 37 -44.89 -32.25 13.14
C VAL B 37 -46.16 -31.60 12.61
N GLN B 38 -46.01 -30.52 11.84
CA GLN B 38 -47.17 -29.92 11.18
C GLN B 38 -47.77 -30.88 10.17
N GLN B 39 -46.93 -31.67 9.49
CA GLN B 39 -47.36 -32.56 8.42
C GLN B 39 -47.67 -33.97 8.88
N CYS B 40 -47.43 -34.29 10.16
CA CYS B 40 -47.73 -35.60 10.69
C CYS B 40 -49.12 -35.57 11.32
N ASP B 41 -50.06 -36.28 10.70
CA ASP B 41 -51.47 -36.21 11.09
C ASP B 41 -51.69 -36.75 12.51
N VAL B 42 -50.78 -37.61 12.98
CA VAL B 42 -50.87 -38.12 14.34
C VAL B 42 -50.74 -36.98 15.33
N CYS B 43 -49.68 -36.19 15.24
CA CYS B 43 -49.49 -35.10 16.17
C CYS B 43 -50.42 -33.94 15.86
N GLN B 44 -50.89 -33.83 14.63
CA GLN B 44 -51.91 -32.85 14.31
C GLN B 44 -53.24 -33.28 14.91
N ILE B 60 -40.42 -21.38 15.27
CA ILE B 60 -39.33 -20.91 16.10
C ILE B 60 -39.23 -19.44 15.78
N ASP B 61 -38.42 -18.73 16.55
CA ASP B 61 -38.19 -17.30 16.41
C ASP B 61 -39.55 -16.70 16.68
N HIS B 62 -40.17 -17.24 17.71
CA HIS B 62 -41.60 -17.22 17.89
C HIS B 62 -41.81 -16.91 19.36
N TRP B 63 -42.61 -15.89 19.61
CA TRP B 63 -42.48 -15.08 20.80
C TRP B 63 -43.85 -14.77 21.38
N GLN B 64 -43.84 -14.00 22.46
CA GLN B 64 -45.04 -13.32 22.89
C GLN B 64 -44.70 -12.09 23.70
N VAL B 65 -45.62 -11.13 23.67
CA VAL B 65 -45.53 -9.88 24.39
C VAL B 65 -46.69 -9.76 25.36
N ASP B 66 -46.43 -9.05 26.44
CA ASP B 66 -47.45 -8.45 27.28
C ASP B 66 -46.88 -7.14 27.75
N TYR B 67 -47.73 -6.18 28.01
CA TYR B 67 -47.40 -5.10 28.92
C TYR B 67 -47.71 -5.51 30.34
N THR B 68 -47.04 -4.88 31.29
CA THR B 68 -47.42 -5.04 32.67
C THR B 68 -46.85 -3.91 33.50
N HIS B 69 -47.45 -3.74 34.67
CA HIS B 69 -47.06 -2.72 35.61
C HIS B 69 -46.36 -3.35 36.79
N TYR B 70 -45.26 -2.74 37.17
CA TYR B 70 -44.57 -3.10 38.38
C TYR B 70 -44.19 -1.76 38.99
N GLU B 71 -44.78 -1.45 40.13
CA GLU B 71 -44.48 -0.22 40.84
C GLU B 71 -44.84 0.96 39.94
N ASP B 72 -45.94 0.82 39.20
CA ASP B 72 -46.40 1.82 38.25
C ASP B 72 -45.33 2.05 37.21
N LYS B 73 -44.80 0.96 36.68
CA LYS B 73 -43.85 1.05 35.58
C LYS B 73 -44.37 0.15 34.49
N ILE B 74 -44.84 0.75 33.43
CA ILE B 74 -45.29 0.04 32.25
C ILE B 74 -44.05 -0.53 31.63
N ILE B 75 -44.05 -1.84 31.46
CA ILE B 75 -42.86 -2.54 31.02
C ILE B 75 -43.28 -3.47 29.92
N LEU B 76 -42.67 -3.29 28.77
CA LEU B 76 -42.86 -4.17 27.66
C LEU B 76 -42.20 -5.48 28.02
N VAL B 77 -42.67 -6.55 27.41
CA VAL B 77 -42.21 -7.87 27.69
C VAL B 77 -42.02 -8.54 26.36
N TRP B 78 -41.05 -9.42 26.29
CA TRP B 78 -40.94 -10.37 25.21
C TRP B 78 -40.53 -11.69 25.78
N VAL B 79 -41.15 -12.75 25.30
CA VAL B 79 -40.87 -14.10 25.78
C VAL B 79 -40.86 -15.04 24.60
N GLU B 80 -39.72 -15.68 24.37
CA GLU B 80 -39.66 -16.58 23.24
C GLU B 80 -40.43 -17.80 23.59
N THR B 81 -41.10 -18.34 22.61
CA THR B 81 -42.08 -19.37 22.87
C THR B 81 -41.46 -20.70 23.18
N ASN B 82 -40.17 -20.85 22.96
CA ASN B 82 -39.62 -22.16 22.62
C ASN B 82 -38.34 -22.43 23.38
N SER B 83 -37.29 -21.64 23.13
CA SER B 83 -36.21 -21.52 24.09
C SER B 83 -36.67 -20.95 25.42
N GLY B 84 -37.79 -20.22 25.42
CA GLY B 84 -38.25 -19.56 26.61
C GLY B 84 -37.56 -18.25 26.88
N LEU B 85 -36.53 -17.91 26.10
CA LEU B 85 -35.71 -16.76 26.42
C LEU B 85 -36.49 -15.51 26.13
N ILE B 86 -36.08 -14.40 26.74
CA ILE B 86 -36.97 -13.27 26.94
C ILE B 86 -36.28 -11.97 26.56
N TYR B 87 -37.09 -10.93 26.36
CA TYR B 87 -36.61 -9.56 26.29
C TYR B 87 -37.71 -8.73 26.92
N ALA B 88 -37.36 -7.56 27.41
CA ALA B 88 -38.37 -6.64 27.90
C ALA B 88 -37.81 -5.24 27.81
N GLU B 89 -38.67 -4.25 27.98
CA GLU B 89 -38.19 -2.91 28.21
C GLU B 89 -39.20 -2.13 29.01
N ARG B 90 -38.69 -1.23 29.86
CA ARG B 90 -39.55 -0.32 30.58
C ARG B 90 -40.09 0.70 29.60
N VAL B 91 -41.35 1.05 29.80
CA VAL B 91 -42.14 1.74 28.84
C VAL B 91 -42.86 2.89 29.53
N LYS B 92 -43.01 3.98 28.78
CA LYS B 92 -43.73 5.14 29.28
C LYS B 92 -45.23 4.92 29.19
N GLY B 93 -45.68 4.36 28.08
CA GLY B 93 -47.08 4.05 27.87
C GLY B 93 -47.21 2.94 26.86
N GLU B 94 -48.38 2.32 26.89
CA GLU B 94 -48.62 1.10 26.13
C GLU B 94 -49.07 1.40 24.70
N THR B 95 -48.93 2.66 24.29
CA THR B 95 -49.43 3.16 23.03
C THR B 95 -48.73 2.52 21.85
N GLY B 96 -49.33 2.67 20.67
CA GLY B 96 -48.74 2.16 19.45
C GLY B 96 -47.34 2.61 19.17
N GLN B 97 -47.08 3.91 19.05
CA GLN B 97 -45.85 4.37 18.43
C GLN B 97 -44.64 4.05 19.27
N GLU B 98 -44.76 4.25 20.58
CA GLU B 98 -43.73 3.80 21.51
C GLU B 98 -43.41 2.34 21.23
N PHE B 99 -44.45 1.51 21.15
CA PHE B 99 -44.25 0.10 20.86
C PHE B 99 -43.62 -0.11 19.52
N ARG B 100 -43.98 0.73 18.55
CA ARG B 100 -43.48 0.54 17.21
C ARG B 100 -41.98 0.67 17.19
N VAL B 101 -41.46 1.71 17.83
CA VAL B 101 -40.02 1.84 17.98
C VAL B 101 -39.46 0.68 18.80
N GLN B 102 -40.23 0.24 19.80
CA GLN B 102 -39.74 -0.85 20.63
C GLN B 102 -39.55 -2.10 19.82
N THR B 103 -40.45 -2.36 18.89
CA THR B 103 -40.36 -3.57 18.11
C THR B 103 -39.40 -3.40 16.95
N MET B 104 -39.15 -2.17 16.53
CA MET B 104 -38.03 -1.93 15.67
C MET B 104 -36.78 -2.45 16.31
N LYS B 105 -36.49 -1.94 17.49
CA LYS B 105 -35.30 -2.39 18.19
C LYS B 105 -35.42 -3.85 18.55
N TRP B 106 -36.62 -4.32 18.80
CA TRP B 106 -36.75 -5.68 19.28
C TRP B 106 -36.40 -6.63 18.16
N TYR B 107 -37.04 -6.42 17.03
CA TYR B 107 -36.62 -7.04 15.79
C TYR B 107 -35.13 -6.91 15.61
N ALA B 108 -34.61 -5.74 15.89
CA ALA B 108 -33.24 -5.43 15.58
C ALA B 108 -32.29 -6.30 16.38
N MET B 109 -32.66 -6.66 17.59
CA MET B 109 -31.77 -7.50 18.39
C MET B 109 -31.85 -8.95 17.97
N PHE B 110 -32.77 -9.28 17.06
CA PHE B 110 -33.05 -10.65 16.71
C PHE B 110 -33.30 -10.78 15.22
N ALA B 111 -33.75 -11.95 14.81
CA ALA B 111 -34.23 -12.17 13.45
C ALA B 111 -35.57 -12.87 13.55
N PRO B 112 -36.55 -12.22 14.16
CA PRO B 112 -37.82 -12.88 14.46
C PRO B 112 -38.61 -13.22 13.20
N LYS B 113 -39.09 -14.46 13.17
CA LYS B 113 -39.96 -15.05 12.17
C LYS B 113 -41.44 -14.84 12.44
N SER B 114 -41.86 -14.93 13.69
CA SER B 114 -43.26 -15.14 14.05
C SER B 114 -43.51 -14.67 15.47
N LEU B 115 -44.79 -14.54 15.80
CA LEU B 115 -45.21 -14.04 17.10
C LEU B 115 -46.60 -14.51 17.45
N GLN B 116 -46.88 -14.53 18.75
CA GLN B 116 -48.24 -14.45 19.26
C GLN B 116 -48.41 -13.23 20.15
N SER B 117 -49.61 -12.70 20.17
CA SER B 117 -49.98 -11.73 21.19
C SER B 117 -51.49 -11.74 21.26
N ASP B 118 -52.05 -10.79 22.02
CA ASP B 118 -53.48 -10.64 22.12
C ASP B 118 -53.92 -9.42 21.33
N ASN B 119 -55.20 -9.11 21.46
CA ASN B 119 -55.90 -8.20 20.58
C ASN B 119 -55.78 -6.75 20.98
N GLY B 120 -54.90 -6.41 21.92
CA GLY B 120 -54.81 -5.07 22.42
C GLY B 120 -54.53 -4.05 21.35
N PRO B 121 -54.85 -2.76 21.62
CA PRO B 121 -54.83 -1.77 20.54
C PRO B 121 -53.48 -1.55 19.90
N ALA B 122 -52.45 -1.32 20.70
CA ALA B 122 -51.12 -1.06 20.16
C ALA B 122 -50.60 -2.29 19.43
N PHE B 123 -51.02 -3.48 19.86
CA PHE B 123 -50.62 -4.69 19.17
C PHE B 123 -51.34 -4.79 17.85
N VAL B 124 -52.68 -4.75 17.89
CA VAL B 124 -53.48 -4.89 16.69
C VAL B 124 -53.37 -3.67 15.77
N ALA B 125 -52.78 -2.58 16.26
CA ALA B 125 -52.67 -1.31 15.55
C ALA B 125 -52.16 -1.46 14.13
N GLU B 126 -52.87 -0.82 13.20
CA GLU B 126 -52.70 -1.09 11.78
C GLU B 126 -51.31 -0.71 11.30
N SER B 127 -50.81 0.44 11.71
CA SER B 127 -49.47 0.81 11.31
C SER B 127 -48.46 -0.14 11.93
N THR B 128 -48.78 -0.67 13.11
CA THR B 128 -47.88 -1.62 13.77
C THR B 128 -47.96 -2.96 13.06
N GLN B 129 -49.16 -3.35 12.62
CA GLN B 129 -49.32 -4.60 11.89
C GLN B 129 -48.67 -4.52 10.52
N LEU B 130 -49.00 -3.46 9.80
CA LEU B 130 -48.32 -3.05 8.59
C LEU B 130 -46.82 -3.12 8.78
N LEU B 131 -46.37 -2.61 9.90
CA LEU B 131 -44.96 -2.55 10.18
C LEU B 131 -44.38 -3.95 10.33
N MET B 132 -45.19 -4.90 10.79
CA MET B 132 -44.76 -6.29 10.71
C MET B 132 -44.57 -6.69 9.27
N LYS B 133 -45.47 -6.22 8.41
CA LYS B 133 -45.43 -6.63 7.02
C LYS B 133 -44.27 -5.99 6.30
N TYR B 134 -43.92 -4.79 6.73
CA TYR B 134 -42.69 -4.17 6.31
C TYR B 134 -41.53 -5.03 6.72
N LEU B 135 -41.62 -5.60 7.90
CA LEU B 135 -40.66 -6.60 8.31
C LEU B 135 -40.97 -7.96 7.71
N GLY B 136 -42.20 -8.16 7.28
CA GLY B 136 -42.56 -9.35 6.56
C GLY B 136 -42.71 -10.52 7.49
N ILE B 137 -43.39 -10.31 8.61
CA ILE B 137 -43.35 -11.23 9.74
C ILE B 137 -44.78 -11.60 10.13
N GLU B 138 -44.92 -12.80 10.68
CA GLU B 138 -46.21 -13.32 11.09
C GLU B 138 -46.57 -12.69 12.41
N HIS B 139 -47.69 -12.00 12.42
CA HIS B 139 -48.31 -11.48 13.62
C HIS B 139 -49.60 -12.22 13.82
N THR B 140 -49.81 -12.69 15.03
CA THR B 140 -51.07 -13.29 15.40
C THR B 140 -51.57 -12.69 16.70
N THR B 141 -52.66 -11.94 16.60
CA THR B 141 -53.44 -11.54 17.75
C THR B 141 -54.69 -12.39 17.82
N GLY B 142 -55.04 -12.69 19.05
CA GLY B 142 -56.14 -13.53 19.41
C GLY B 142 -56.01 -13.77 20.88
N ILE B 143 -57.11 -14.21 21.51
CA ILE B 143 -57.03 -14.45 22.94
C ILE B 143 -56.08 -15.63 23.06
N PRO B 144 -54.87 -15.46 23.60
CA PRO B 144 -53.90 -16.56 23.51
C PRO B 144 -54.38 -17.75 24.32
N TRP B 145 -54.53 -18.87 23.62
CA TRP B 145 -55.27 -20.02 24.11
C TRP B 145 -54.40 -21.16 24.60
N ASN B 146 -53.08 -21.08 24.46
CA ASN B 146 -52.26 -22.28 24.47
C ASN B 146 -51.57 -22.42 25.82
N PRO B 147 -51.95 -23.40 26.67
CA PRO B 147 -51.33 -23.48 28.01
C PRO B 147 -49.83 -23.74 27.99
N GLN B 148 -49.32 -24.26 26.87
CA GLN B 148 -47.89 -24.33 26.62
C GLN B 148 -47.23 -22.98 26.81
N SER B 149 -47.74 -21.99 26.09
CA SER B 149 -47.23 -20.63 26.19
C SER B 149 -47.62 -19.99 27.49
N GLN B 150 -48.90 -20.07 27.84
CA GLN B 150 -49.48 -19.14 28.80
C GLN B 150 -48.92 -19.35 30.19
N ALA B 151 -48.66 -20.61 30.56
CA ALA B 151 -47.99 -20.87 31.82
C ALA B 151 -46.62 -20.23 31.82
N LEU B 152 -45.86 -20.43 30.75
CA LEU B 152 -44.52 -19.91 30.66
C LEU B 152 -44.50 -18.40 30.75
N VAL B 153 -45.47 -17.76 30.12
CA VAL B 153 -45.66 -16.32 30.21
C VAL B 153 -45.88 -15.94 31.67
N GLU B 154 -46.73 -16.68 32.33
CA GLU B 154 -47.09 -16.33 33.70
C GLU B 154 -45.90 -16.53 34.62
N ARG B 155 -45.21 -17.65 34.46
CA ARG B 155 -43.97 -17.92 35.19
C ARG B 155 -42.99 -16.81 34.97
N THR B 156 -42.98 -16.26 33.77
CA THR B 156 -42.06 -15.20 33.48
C THR B 156 -42.38 -13.99 34.32
N HIS B 157 -43.64 -13.54 34.27
CA HIS B 157 -44.01 -12.34 35.01
C HIS B 157 -43.79 -12.53 36.50
N GLN B 158 -44.26 -13.66 37.04
CA GLN B 158 -44.24 -13.87 38.48
C GLN B 158 -42.81 -14.00 38.98
N THR B 159 -42.06 -14.92 38.36
CA THR B 159 -40.64 -15.08 38.61
C THR B 159 -39.93 -13.76 38.52
N LEU B 160 -40.30 -12.98 37.53
CA LEU B 160 -39.54 -11.81 37.19
C LEU B 160 -39.71 -10.74 38.23
N LYS B 161 -40.95 -10.38 38.51
CA LYS B 161 -41.19 -9.33 39.47
C LYS B 161 -40.78 -9.77 40.86
N ASN B 162 -40.79 -11.09 41.09
CA ASN B 162 -40.17 -11.62 42.29
C ASN B 162 -38.68 -11.33 42.30
N THR B 163 -38.05 -11.40 41.13
CA THR B 163 -36.62 -11.17 41.06
C THR B 163 -36.28 -9.70 41.10
N LEU B 164 -37.15 -8.86 40.57
CA LEU B 164 -37.07 -7.45 40.87
C LEU B 164 -37.08 -7.24 42.36
N GLU B 165 -38.06 -7.87 43.01
CA GLU B 165 -38.25 -7.71 44.45
C GLU B 165 -37.01 -8.15 45.22
N LYS B 166 -36.25 -9.08 44.65
CA LYS B 166 -34.90 -9.26 45.16
C LYS B 166 -34.01 -8.08 44.84
N LEU B 167 -33.88 -7.74 43.57
CA LEU B 167 -32.71 -7.05 43.03
C LEU B 167 -32.77 -5.55 43.06
N ILE B 168 -33.91 -4.95 42.75
CA ILE B 168 -34.04 -3.51 42.54
C ILE B 168 -33.53 -2.65 43.70
N PRO B 169 -33.58 -3.08 44.98
CA PRO B 169 -32.90 -2.27 45.99
C PRO B 169 -31.40 -2.18 45.78
N MET B 170 -30.82 -3.09 45.01
CA MET B 170 -29.38 -3.12 44.84
C MET B 170 -28.88 -2.10 43.83
N PHE B 171 -29.77 -1.30 43.25
CA PHE B 171 -29.46 -0.54 42.06
C PHE B 171 -29.91 0.90 42.22
N ASN B 172 -29.00 1.82 41.89
CA ASN B 172 -29.38 3.20 41.67
C ASN B 172 -30.51 3.27 40.65
N ALA B 173 -30.32 2.62 39.53
CA ALA B 173 -31.24 2.72 38.42
C ALA B 173 -32.22 1.56 38.45
N PHE B 174 -33.46 1.85 38.10
CA PHE B 174 -34.42 0.77 37.96
C PHE B 174 -34.05 -0.13 36.81
N GLU B 175 -33.74 0.47 35.66
CA GLU B 175 -33.63 -0.30 34.44
C GLU B 175 -32.29 -0.99 34.37
N SER B 176 -31.34 -0.50 35.16
CA SER B 176 -30.21 -1.31 35.53
C SER B 176 -30.65 -2.58 36.21
N ALA B 177 -31.48 -2.47 37.23
CA ALA B 177 -31.96 -3.64 37.95
C ALA B 177 -32.77 -4.53 37.02
N LEU B 178 -33.49 -3.92 36.11
CA LEU B 178 -34.24 -4.63 35.08
C LEU B 178 -33.31 -5.51 34.29
N ALA B 179 -32.23 -4.91 33.80
CA ALA B 179 -31.17 -5.67 33.16
C ALA B 179 -30.69 -6.78 34.07
N GLY B 180 -30.68 -6.54 35.37
CA GLY B 180 -30.28 -7.57 36.30
C GLY B 180 -31.19 -8.77 36.29
N THR B 181 -32.50 -8.55 36.47
CA THR B 181 -33.46 -9.66 36.44
C THR B 181 -33.41 -10.39 35.12
N LEU B 182 -33.28 -9.61 34.06
CA LEU B 182 -33.15 -10.15 32.73
C LEU B 182 -31.97 -11.07 32.64
N ILE B 183 -30.84 -10.64 33.15
CA ILE B 183 -29.64 -11.46 33.16
C ILE B 183 -29.89 -12.74 33.92
N THR B 184 -30.57 -12.64 35.05
CA THR B 184 -30.80 -13.82 35.87
C THR B 184 -31.53 -14.87 35.08
N LEU B 185 -32.57 -14.46 34.40
CA LEU B 185 -33.44 -15.42 33.76
C LEU B 185 -32.88 -15.89 32.45
N ASN B 186 -32.32 -14.97 31.71
CA ASN B 186 -31.72 -15.23 30.42
C ASN B 186 -30.50 -16.11 30.50
N ILE B 187 -29.72 -15.89 31.54
CA ILE B 187 -28.31 -16.23 31.53
C ILE B 187 -27.92 -16.94 32.80
N LYS B 188 -27.92 -16.23 33.92
CA LYS B 188 -27.33 -16.78 35.13
C LYS B 188 -28.09 -17.99 35.59
N ARG B 189 -29.41 -17.95 35.46
CA ARG B 189 -30.24 -19.13 35.65
C ARG B 189 -29.84 -20.10 34.57
N LYS B 190 -29.86 -21.38 34.90
CA LYS B 190 -29.62 -22.42 33.94
C LYS B 190 -30.48 -23.62 34.29
N GLY B 191 -30.68 -24.45 33.29
CA GLY B 191 -31.42 -25.67 33.46
C GLY B 191 -30.86 -26.71 32.54
N GLY B 192 -31.30 -27.94 32.71
CA GLY B 192 -30.75 -29.01 31.93
C GLY B 192 -29.30 -29.23 32.29
N LEU B 193 -28.44 -29.11 31.29
CA LEU B 193 -27.01 -29.39 31.40
C LEU B 193 -26.19 -28.17 31.79
N GLY B 194 -26.80 -27.14 32.38
CA GLY B 194 -26.20 -25.83 32.46
C GLY B 194 -26.56 -25.03 31.24
N THR B 195 -27.85 -25.11 30.93
CA THR B 195 -28.44 -24.36 29.84
C THR B 195 -29.28 -23.24 30.41
N SER B 196 -28.82 -22.01 30.25
CA SER B 196 -29.74 -20.91 30.34
C SER B 196 -30.53 -20.92 29.04
N PRO B 197 -31.64 -20.20 28.97
CA PRO B 197 -32.35 -20.11 27.70
C PRO B 197 -31.55 -19.46 26.61
N MET B 198 -30.54 -18.70 27.00
CA MET B 198 -29.69 -18.08 26.01
C MET B 198 -28.85 -19.10 25.29
N ASP B 199 -28.33 -20.07 26.03
CA ASP B 199 -27.63 -21.18 25.42
C ASP B 199 -28.49 -21.83 24.38
N ILE B 200 -29.74 -22.06 24.78
CA ILE B 200 -30.69 -22.75 23.94
C ILE B 200 -30.89 -21.97 22.68
N PHE B 201 -31.17 -20.69 22.84
CA PHE B 201 -31.50 -19.82 21.74
C PHE B 201 -30.37 -19.77 20.76
N ILE B 202 -29.16 -19.60 21.26
CA ILE B 202 -28.01 -19.49 20.39
C ILE B 202 -27.87 -20.76 19.58
N PHE B 203 -28.12 -21.90 20.22
CA PHE B 203 -28.04 -23.14 19.50
C PHE B 203 -29.14 -23.22 18.46
N ASN B 204 -30.30 -22.67 18.80
CA ASN B 204 -31.44 -22.76 17.92
C ASN B 204 -31.16 -21.98 16.66
N LYS B 205 -30.72 -20.76 16.86
CA LYS B 205 -30.42 -19.87 15.77
C LYS B 205 -29.27 -20.38 14.96
N GLU B 206 -28.40 -21.17 15.58
CA GLU B 206 -27.31 -21.71 14.79
C GLU B 206 -27.84 -22.57 13.67
N GLN B 207 -28.41 -23.71 14.02
CA GLN B 207 -28.83 -24.64 13.01
C GLN B 207 -30.03 -24.11 12.23
N GLN B 208 -30.74 -23.14 12.80
CA GLN B 208 -31.92 -22.62 12.10
C GLN B 208 -31.53 -21.59 11.08
N ARG B 209 -30.59 -20.72 11.44
CA ARG B 209 -30.09 -19.80 10.44
C ARG B 209 -29.32 -20.57 9.39
N ILE B 210 -28.74 -21.71 9.78
CA ILE B 210 -27.98 -22.52 8.85
C ILE B 210 -28.91 -23.24 7.90
N GLN B 211 -29.98 -23.81 8.43
CA GLN B 211 -30.93 -24.41 7.53
C GLN B 211 -31.61 -23.33 6.71
N GLN B 212 -31.84 -22.17 7.32
CA GLN B 212 -32.55 -21.10 6.63
C GLN B 212 -31.74 -20.62 5.45
N GLN B 213 -30.46 -20.38 5.70
CA GLN B 213 -29.56 -19.94 4.64
C GLN B 213 -29.31 -21.06 3.66
N SER B 214 -29.33 -22.30 4.15
CA SER B 214 -28.95 -23.44 3.32
C SER B 214 -30.10 -23.90 2.41
N LYS B 215 -31.32 -23.48 2.72
CA LYS B 215 -32.53 -24.05 2.15
C LYS B 215 -33.50 -23.00 1.63
N SER B 216 -33.95 -22.10 2.49
CA SER B 216 -35.14 -21.28 2.20
C SER B 216 -34.97 -20.38 0.99
N LYS B 217 -33.89 -19.60 0.95
CA LYS B 217 -33.74 -18.61 -0.11
C LYS B 217 -33.47 -19.24 -1.46
N GLN B 218 -33.13 -20.53 -1.48
CA GLN B 218 -32.62 -21.14 -2.70
C GLN B 218 -33.71 -21.27 -3.76
N GLU B 219 -34.65 -22.20 -3.56
CA GLU B 219 -35.68 -22.47 -4.53
C GLU B 219 -36.93 -22.89 -3.79
N LYS B 220 -38.08 -22.58 -4.38
CA LYS B 220 -39.38 -22.87 -3.80
C LYS B 220 -40.27 -23.48 -4.87
N ILE B 221 -41.30 -24.20 -4.40
CA ILE B 221 -42.45 -24.70 -5.15
C ILE B 221 -42.07 -25.28 -6.52
N ARG B 222 -41.46 -26.47 -6.50
CA ARG B 222 -41.01 -27.15 -7.70
C ARG B 222 -41.35 -28.63 -7.59
N PHE B 223 -41.72 -29.24 -8.72
CA PHE B 223 -42.01 -30.67 -8.78
C PHE B 223 -40.89 -31.41 -9.50
N CYS B 224 -41.00 -32.73 -9.53
CA CYS B 224 -40.03 -33.55 -10.23
C CYS B 224 -40.59 -34.94 -10.50
N TYR B 225 -39.93 -35.66 -11.41
CA TYR B 225 -40.04 -37.11 -11.48
C TYR B 225 -38.83 -37.74 -10.81
N TYR B 226 -39.07 -38.89 -10.18
CA TYR B 226 -38.06 -39.53 -9.34
C TYR B 226 -38.08 -41.03 -9.55
N ARG B 227 -36.96 -41.65 -9.18
CA ARG B 227 -36.79 -43.08 -9.21
C ARG B 227 -35.98 -43.51 -8.01
N THR B 228 -36.01 -44.82 -7.76
CA THR B 228 -35.19 -45.45 -6.74
C THR B 228 -34.49 -46.66 -7.37
N ARG B 229 -33.33 -47.00 -6.81
CA ARG B 229 -32.45 -48.01 -7.37
C ARG B 229 -32.53 -49.30 -6.59
N LYS B 230 -32.65 -50.40 -7.33
CA LYS B 230 -32.71 -51.75 -6.77
C LYS B 230 -31.41 -52.46 -7.12
N ARG B 231 -30.56 -52.65 -6.12
CA ARG B 231 -29.18 -53.10 -6.34
C ARG B 231 -28.47 -52.19 -7.35
N GLY B 232 -28.74 -50.90 -7.26
CA GLY B 232 -28.21 -49.94 -8.20
C GLY B 232 -28.93 -49.86 -9.54
N HIS B 233 -29.98 -50.66 -9.75
CA HIS B 233 -30.69 -50.68 -11.02
C HIS B 233 -31.80 -49.65 -10.99
N PRO B 234 -31.81 -48.64 -11.88
CA PRO B 234 -32.75 -47.51 -11.69
C PRO B 234 -34.20 -47.94 -11.84
N GLY B 235 -35.01 -47.51 -10.88
CA GLY B 235 -36.43 -47.73 -10.93
C GLY B 235 -37.07 -46.87 -12.00
N GLU B 236 -38.38 -47.07 -12.16
CA GLU B 236 -39.14 -46.25 -13.09
C GLU B 236 -39.19 -44.82 -12.59
N TRP B 237 -39.51 -43.90 -13.50
CA TRP B 237 -39.69 -42.52 -13.12
C TRP B 237 -41.08 -42.31 -12.57
N GLN B 238 -41.13 -41.76 -11.37
CA GLN B 238 -42.30 -41.79 -10.50
C GLN B 238 -42.65 -40.38 -10.09
N GLY B 239 -43.83 -40.21 -9.51
CA GLY B 239 -44.39 -38.89 -9.27
C GLY B 239 -45.32 -38.56 -10.43
N PRO B 240 -45.50 -37.26 -10.76
CA PRO B 240 -44.84 -36.06 -10.27
C PRO B 240 -45.19 -35.72 -8.83
N THR B 241 -44.17 -35.35 -8.05
CA THR B 241 -44.38 -34.91 -6.68
C THR B 241 -43.47 -33.72 -6.41
N GLN B 242 -43.71 -33.04 -5.30
CA GLN B 242 -42.99 -31.82 -4.98
C GLN B 242 -41.59 -32.14 -4.48
N VAL B 243 -40.68 -31.19 -4.70
CA VAL B 243 -39.36 -31.22 -4.08
C VAL B 243 -39.50 -30.45 -2.78
N LEU B 244 -39.46 -31.18 -1.66
CA LEU B 244 -39.77 -30.59 -0.37
C LEU B 244 -38.58 -29.84 0.21
N TRP B 245 -37.42 -30.49 0.25
CA TRP B 245 -36.18 -29.85 0.64
C TRP B 245 -35.12 -30.32 -0.33
N GLY B 246 -34.68 -29.41 -1.20
CA GLY B 246 -33.54 -29.66 -2.06
C GLY B 246 -32.26 -29.62 -1.25
N GLY B 247 -31.46 -30.67 -1.32
CA GLY B 247 -30.22 -30.75 -0.59
C GLY B 247 -29.04 -30.36 -1.43
N ASP B 248 -27.85 -30.71 -0.93
CA ASP B 248 -26.63 -30.66 -1.73
C ASP B 248 -26.45 -32.04 -2.34
N GLY B 249 -26.66 -32.15 -3.65
CA GLY B 249 -26.61 -33.41 -4.34
C GLY B 249 -27.79 -34.33 -4.11
N ALA B 250 -28.79 -33.92 -3.32
CA ALA B 250 -29.97 -34.72 -3.07
C ALA B 250 -31.14 -33.78 -2.83
N ILE B 251 -32.29 -34.36 -2.54
CA ILE B 251 -33.52 -33.62 -2.25
C ILE B 251 -34.25 -34.34 -1.13
N VAL B 252 -35.49 -33.89 -0.87
CA VAL B 252 -36.43 -34.58 -0.01
C VAL B 252 -37.78 -34.61 -0.69
N VAL B 253 -38.40 -35.80 -0.71
CA VAL B 253 -39.68 -36.02 -1.38
C VAL B 253 -40.48 -37.04 -0.60
N LYS B 254 -41.79 -36.87 -0.63
CA LYS B 254 -42.73 -37.85 -0.10
C LYS B 254 -43.14 -38.78 -1.24
N ASP B 255 -42.87 -40.07 -1.06
CA ASP B 255 -43.52 -41.08 -1.88
C ASP B 255 -44.98 -41.15 -1.47
N ARG B 256 -45.88 -40.96 -2.43
CA ARG B 256 -47.30 -40.80 -2.10
C ARG B 256 -47.87 -42.07 -1.49
N GLY B 257 -47.51 -43.23 -2.03
CA GLY B 257 -48.03 -44.48 -1.53
C GLY B 257 -47.64 -44.81 -0.12
N THR B 258 -46.39 -44.57 0.28
CA THR B 258 -45.92 -44.91 1.61
C THR B 258 -46.31 -43.90 2.67
N ASP B 259 -46.65 -42.67 2.30
CA ASP B 259 -46.78 -41.56 3.24
C ASP B 259 -45.49 -41.41 4.05
N ARG B 260 -44.38 -41.37 3.33
CA ARG B 260 -43.06 -41.28 3.92
C ARG B 260 -42.15 -40.47 3.03
N TYR B 261 -41.32 -39.66 3.68
CA TYR B 261 -40.38 -38.79 2.99
C TYR B 261 -39.13 -39.58 2.60
N LEU B 262 -38.44 -39.12 1.56
CA LEU B 262 -37.32 -39.83 0.97
C LEU B 262 -36.21 -38.88 0.54
N VAL B 263 -34.96 -39.21 0.88
CA VAL B 263 -33.81 -38.60 0.23
C VAL B 263 -33.71 -39.19 -1.16
N ILE B 264 -33.63 -38.33 -2.17
CA ILE B 264 -33.40 -38.73 -3.55
C ILE B 264 -32.18 -37.96 -4.07
N ALA B 265 -31.25 -38.68 -4.70
CA ALA B 265 -30.11 -38.02 -5.31
C ALA B 265 -30.54 -37.31 -6.59
N ASN B 266 -29.94 -36.13 -6.82
CA ASN B 266 -30.35 -35.26 -7.92
C ASN B 266 -30.23 -35.94 -9.27
N LYS B 267 -29.33 -36.92 -9.40
CA LYS B 267 -29.22 -37.68 -10.64
C LYS B 267 -30.45 -38.55 -10.90
N ASP B 268 -31.10 -39.02 -9.83
CA ASP B 268 -32.37 -39.76 -9.93
C ASP B 268 -33.56 -38.81 -9.93
N VAL B 269 -33.32 -37.50 -10.06
CA VAL B 269 -34.37 -36.49 -10.17
C VAL B 269 -34.45 -36.02 -11.60
N LYS B 270 -35.67 -35.84 -12.10
CA LYS B 270 -35.97 -34.96 -13.22
C LYS B 270 -36.71 -33.77 -12.64
N PHE B 271 -36.06 -32.62 -12.57
CA PHE B 271 -36.77 -31.45 -12.10
C PHE B 271 -37.80 -31.02 -13.14
N ILE B 272 -39.05 -30.95 -12.72
CA ILE B 272 -40.15 -30.50 -13.57
C ILE B 272 -40.12 -28.97 -13.58
N PRO B 273 -39.99 -28.31 -14.75
CA PRO B 273 -39.96 -26.84 -14.67
C PRO B 273 -41.31 -26.23 -14.29
N TRP C 1 -13.35 -28.47 44.40
CA TRP C 1 -13.47 -27.15 43.72
C TRP C 1 -13.60 -26.06 44.74
N ILE C 2 -12.55 -25.96 45.53
CA ILE C 2 -12.48 -24.97 46.59
C ILE C 2 -12.75 -23.56 46.06
N GLU C 3 -12.08 -23.18 44.96
CA GLU C 3 -12.05 -21.78 44.55
C GLU C 3 -13.40 -21.34 44.07
N ASN C 4 -14.07 -22.24 43.37
CA ASN C 4 -15.34 -21.95 42.75
C ASN C 4 -16.40 -21.59 43.78
N ILE C 5 -16.30 -22.18 44.97
CA ILE C 5 -17.40 -22.20 45.93
C ILE C 5 -17.65 -20.82 46.58
N PRO C 6 -16.63 -20.17 47.21
CA PRO C 6 -16.82 -18.81 47.73
C PRO C 6 -17.31 -17.86 46.67
N LEU C 7 -16.70 -18.04 45.52
CA LEU C 7 -16.98 -17.23 44.36
C LEU C 7 -18.42 -17.44 43.90
N ALA C 8 -18.94 -18.64 44.14
CA ALA C 8 -20.27 -18.98 43.69
C ALA C 8 -21.32 -18.40 44.62
N GLU C 9 -21.08 -18.48 45.94
CA GLU C 9 -21.98 -17.77 46.84
C GLU C 9 -21.92 -16.28 46.58
N GLU C 10 -20.74 -15.79 46.24
CA GLU C 10 -20.58 -14.39 45.91
C GLU C 10 -21.45 -14.02 44.72
N GLU C 11 -21.48 -14.91 43.73
CA GLU C 11 -22.38 -14.68 42.61
C GLU C 11 -23.83 -14.76 43.04
N HIS C 12 -24.15 -15.62 43.98
CA HIS C 12 -25.53 -15.92 44.26
C HIS C 12 -26.18 -14.83 45.09
N ASN C 13 -25.49 -14.38 46.14
CA ASN C 13 -25.94 -13.28 46.96
C ASN C 13 -26.22 -12.07 46.12
N LYS C 14 -25.41 -11.86 45.11
CA LYS C 14 -25.77 -10.94 44.07
C LYS C 14 -27.05 -11.39 43.36
N TRP C 15 -26.97 -12.49 42.62
CA TRP C 15 -27.89 -12.76 41.52
C TRP C 15 -28.99 -13.76 41.82
N HIS C 16 -28.88 -14.55 42.89
CA HIS C 16 -30.00 -15.31 43.43
C HIS C 16 -30.69 -16.27 42.47
N GLN C 17 -29.98 -17.33 42.11
CA GLN C 17 -30.43 -18.34 41.18
C GLN C 17 -30.94 -19.58 41.90
N ASP C 18 -31.05 -20.67 41.16
CA ASP C 18 -31.04 -22.02 41.72
C ASP C 18 -29.65 -22.40 42.21
N ALA C 19 -29.59 -23.31 43.19
CA ALA C 19 -28.37 -24.05 43.49
C ALA C 19 -27.88 -24.83 42.27
N VAL C 20 -28.82 -25.23 41.42
CA VAL C 20 -28.51 -25.83 40.14
C VAL C 20 -27.51 -24.99 39.39
N SER C 21 -27.93 -23.78 38.98
CA SER C 21 -27.15 -22.95 38.07
C SER C 21 -25.76 -22.68 38.61
N LEU C 22 -25.66 -22.55 39.94
CA LEU C 22 -24.34 -22.38 40.54
C LEU C 22 -23.53 -23.66 40.41
N HIS C 23 -24.14 -24.81 40.67
CA HIS C 23 -23.43 -26.08 40.60
C HIS C 23 -22.90 -26.31 39.20
N LEU C 24 -23.69 -25.95 38.21
CA LEU C 24 -23.38 -26.24 36.84
C LEU C 24 -22.37 -25.26 36.28
N GLU C 25 -22.56 -24.00 36.58
CA GLU C 25 -21.64 -22.96 36.20
C GLU C 25 -20.28 -23.14 36.85
N PHE C 26 -20.26 -23.17 38.16
CA PHE C 26 -19.04 -23.11 38.93
C PHE C 26 -18.40 -24.47 39.12
N GLY C 27 -19.07 -25.55 38.74
CA GLY C 27 -18.44 -26.86 38.78
C GLY C 27 -18.08 -27.33 40.16
N ILE C 28 -18.85 -26.93 41.16
CA ILE C 28 -18.56 -27.28 42.54
C ILE C 28 -19.23 -28.63 42.84
N PRO C 29 -19.17 -29.12 44.08
CA PRO C 29 -20.19 -30.07 44.53
C PRO C 29 -21.51 -29.34 44.77
N ARG C 30 -22.61 -29.95 44.33
CA ARG C 30 -23.89 -29.25 44.33
C ARG C 30 -24.43 -28.98 45.72
N THR C 31 -24.21 -29.87 46.67
CA THR C 31 -24.88 -29.70 47.95
C THR C 31 -24.35 -28.50 48.69
N ALA C 32 -23.13 -28.08 48.36
CA ALA C 32 -22.69 -26.76 48.77
C ALA C 32 -23.56 -25.69 48.14
N ALA C 33 -23.96 -25.90 46.88
CA ALA C 33 -24.80 -24.93 46.20
C ALA C 33 -26.16 -24.85 46.87
N GLU C 34 -26.71 -26.02 47.17
CA GLU C 34 -27.96 -26.13 47.88
C GLU C 34 -27.83 -25.50 49.25
N ASP C 35 -26.66 -25.65 49.88
CA ASP C 35 -26.40 -24.99 51.14
C ASP C 35 -26.40 -23.48 50.97
N ILE C 36 -25.85 -23.00 49.86
CA ILE C 36 -25.83 -21.56 49.62
C ILE C 36 -27.23 -21.05 49.48
N VAL C 37 -28.08 -21.81 48.80
CA VAL C 37 -29.45 -21.37 48.69
C VAL C 37 -30.10 -21.39 50.04
N GLN C 38 -29.86 -22.44 50.81
CA GLN C 38 -30.33 -22.50 52.18
C GLN C 38 -29.64 -21.46 53.05
N GLN C 39 -28.39 -21.13 52.71
CA GLN C 39 -27.66 -20.08 53.41
C GLN C 39 -27.81 -18.74 52.72
N CYS C 40 -28.50 -18.69 51.58
CA CYS C 40 -29.00 -17.44 51.04
C CYS C 40 -30.39 -17.25 51.57
N ASP C 41 -30.54 -16.30 52.48
CA ASP C 41 -31.84 -16.01 53.04
C ASP C 41 -32.79 -15.57 51.95
N VAL C 42 -32.28 -14.83 50.96
CA VAL C 42 -33.10 -14.25 49.91
C VAL C 42 -33.84 -15.33 49.13
N CYS C 43 -33.13 -16.38 48.75
CA CYS C 43 -33.78 -17.48 48.05
C CYS C 43 -34.55 -18.37 49.01
N GLN C 44 -34.28 -18.26 50.32
CA GLN C 44 -35.18 -18.83 51.32
C GLN C 44 -36.28 -17.86 51.71
N GLU C 45 -36.09 -16.57 51.45
CA GLU C 45 -37.14 -15.58 51.59
C GLU C 45 -38.12 -15.65 50.46
N ASN C 46 -37.70 -16.14 49.30
CA ASN C 46 -38.53 -16.27 48.11
C ASN C 46 -38.39 -17.70 47.62
N LYS C 47 -39.47 -18.45 47.74
CA LYS C 47 -39.46 -19.87 47.40
C LYS C 47 -40.88 -20.36 47.20
N ILE C 60 -31.73 -33.18 43.79
CA ILE C 60 -31.40 -34.35 42.98
C ILE C 60 -32.01 -35.58 43.60
N ASP C 61 -32.45 -36.50 42.74
CA ASP C 61 -33.03 -37.76 43.15
C ASP C 61 -34.25 -37.55 44.02
N HIS C 62 -34.94 -36.43 43.80
CA HIS C 62 -36.12 -36.06 44.56
C HIS C 62 -37.32 -36.24 43.66
N TRP C 63 -38.33 -36.92 44.18
CA TRP C 63 -39.35 -37.54 43.37
C TRP C 63 -40.74 -37.19 43.88
N GLN C 64 -41.73 -37.48 43.05
CA GLN C 64 -43.11 -37.50 43.49
C GLN C 64 -43.88 -38.58 42.75
N VAL C 65 -44.63 -39.38 43.49
CA VAL C 65 -45.32 -40.48 42.85
C VAL C 65 -46.81 -40.34 42.95
N ASP C 66 -47.47 -40.33 41.80
CA ASP C 66 -48.90 -40.23 41.80
C ASP C 66 -49.58 -41.30 40.99
N TYR C 67 -50.36 -42.13 41.69
CA TYR C 67 -51.19 -43.12 41.04
C TYR C 67 -52.04 -42.40 40.01
N THR C 68 -52.22 -43.00 38.85
CA THR C 68 -53.08 -42.42 37.84
C THR C 68 -53.82 -43.51 37.09
N HIS C 69 -55.11 -43.28 36.91
CA HIS C 69 -55.99 -44.19 36.20
C HIS C 69 -56.06 -43.77 34.74
N TYR C 70 -55.55 -44.64 33.87
CA TYR C 70 -55.75 -44.52 32.43
C TYR C 70 -56.47 -45.77 32.00
N GLU C 71 -57.71 -45.61 31.58
CA GLU C 71 -58.47 -46.67 30.95
C GLU C 71 -58.66 -47.80 31.95
N ASP C 72 -58.94 -47.44 33.20
CA ASP C 72 -59.17 -48.39 34.29
C ASP C 72 -57.94 -49.26 34.53
N LYS C 73 -56.77 -48.65 34.35
CA LYS C 73 -55.51 -49.31 34.66
C LYS C 73 -54.74 -48.39 35.59
N ILE C 74 -54.57 -48.82 36.82
CA ILE C 74 -53.90 -48.01 37.83
C ILE C 74 -52.43 -47.97 37.46
N ILE C 75 -51.91 -46.76 37.27
CA ILE C 75 -50.55 -46.55 36.81
C ILE C 75 -49.85 -45.73 37.88
N LEU C 76 -48.80 -46.32 38.46
CA LEU C 76 -48.06 -45.70 39.57
C LEU C 76 -46.91 -44.92 38.99
N VAL C 77 -47.02 -43.59 39.01
CA VAL C 77 -46.19 -42.73 38.19
C VAL C 77 -45.23 -42.00 39.10
N TRP C 78 -43.96 -42.39 39.07
CA TRP C 78 -42.92 -41.67 39.77
C TRP C 78 -42.44 -40.52 38.89
N VAL C 79 -42.29 -39.36 39.50
CA VAL C 79 -41.93 -38.14 38.79
C VAL C 79 -40.74 -37.49 39.49
N GLU C 80 -39.57 -37.50 38.85
CA GLU C 80 -38.41 -36.87 39.43
C GLU C 80 -38.58 -35.37 39.31
N THR C 81 -38.31 -34.66 40.39
CA THR C 81 -38.71 -33.27 40.50
C THR C 81 -37.79 -32.31 39.76
N ASN C 82 -36.49 -32.59 39.70
CA ASN C 82 -35.56 -31.73 38.99
C ASN C 82 -35.47 -32.04 37.49
N SER C 83 -34.87 -33.17 37.11
CA SER C 83 -34.67 -33.53 35.72
C SER C 83 -35.94 -33.61 34.90
N GLY C 84 -37.09 -33.79 35.53
CA GLY C 84 -38.28 -34.19 34.80
C GLY C 84 -38.27 -35.63 34.36
N LEU C 85 -37.29 -36.41 34.80
CA LEU C 85 -37.30 -37.83 34.52
C LEU C 85 -38.39 -38.50 35.32
N ILE C 86 -39.00 -39.53 34.73
CA ILE C 86 -40.18 -40.15 35.29
C ILE C 86 -40.05 -41.67 35.17
N TYR C 87 -40.72 -42.39 36.07
CA TYR C 87 -40.91 -43.83 35.97
C TYR C 87 -42.40 -44.07 36.13
N ALA C 88 -42.89 -45.14 35.52
CA ALA C 88 -44.17 -45.68 35.91
C ALA C 88 -44.26 -47.15 35.51
N GLU C 89 -45.12 -47.86 36.23
CA GLU C 89 -45.44 -49.26 35.95
C GLU C 89 -46.90 -49.48 36.28
N ARG C 90 -47.55 -50.35 35.53
CA ARG C 90 -48.93 -50.72 35.82
C ARG C 90 -48.97 -51.41 37.16
N VAL C 91 -49.90 -50.99 38.02
CA VAL C 91 -50.07 -51.53 39.35
C VAL C 91 -51.49 -52.09 39.41
N LYS C 92 -51.63 -53.22 40.10
CA LYS C 92 -52.93 -53.87 40.23
C LYS C 92 -53.89 -53.03 41.05
N GLY C 93 -53.42 -52.51 42.18
CA GLY C 93 -54.27 -51.72 43.06
C GLY C 93 -53.46 -50.67 43.78
N GLU C 94 -54.17 -49.81 44.50
CA GLU C 94 -53.56 -48.74 45.29
C GLU C 94 -53.14 -49.21 46.68
N THR C 95 -53.12 -50.54 46.89
CA THR C 95 -52.70 -51.13 48.14
C THR C 95 -51.34 -50.63 48.58
N GLY C 96 -51.18 -50.51 49.90
CA GLY C 96 -49.88 -50.30 50.48
C GLY C 96 -48.84 -51.32 50.03
N GLN C 97 -49.14 -52.61 50.14
CA GLN C 97 -48.11 -53.62 49.98
C GLN C 97 -47.64 -53.75 48.54
N GLU C 98 -48.56 -53.65 47.58
CA GLU C 98 -48.13 -53.68 46.19
C GLU C 98 -47.21 -52.49 45.91
N PHE C 99 -47.53 -51.33 46.49
CA PHE C 99 -46.65 -50.18 46.36
C PHE C 99 -45.33 -50.40 47.09
N ARG C 100 -45.34 -51.18 48.18
CA ARG C 100 -44.09 -51.52 48.84
C ARG C 100 -43.20 -52.33 47.90
N VAL C 101 -43.80 -53.28 47.17
CA VAL C 101 -43.05 -54.02 46.16
C VAL C 101 -42.53 -53.07 45.09
N GLN C 102 -43.38 -52.16 44.63
CA GLN C 102 -42.99 -51.28 43.54
C GLN C 102 -41.87 -50.34 43.95
N THR C 103 -41.86 -49.87 45.20
CA THR C 103 -40.79 -48.99 45.63
C THR C 103 -39.53 -49.75 45.99
N MET C 104 -39.64 -51.06 46.30
CA MET C 104 -38.43 -51.86 46.46
C MET C 104 -37.73 -52.07 45.12
N LYS C 105 -38.46 -52.57 44.11
CA LYS C 105 -37.91 -52.67 42.77
C LYS C 105 -37.43 -51.33 42.25
N TRP C 106 -38.27 -50.30 42.39
CA TRP C 106 -37.96 -48.99 41.86
C TRP C 106 -36.74 -48.38 42.55
N TYR C 107 -36.62 -48.60 43.85
CA TYR C 107 -35.42 -48.23 44.58
C TYR C 107 -34.23 -49.07 44.13
N ALA C 108 -34.47 -50.26 43.56
CA ALA C 108 -33.39 -51.00 42.92
C ALA C 108 -33.00 -50.41 41.57
N MET C 109 -33.94 -49.75 40.89
CA MET C 109 -33.63 -49.12 39.62
C MET C 109 -32.92 -47.79 39.82
N PHE C 110 -33.45 -46.96 40.70
CA PHE C 110 -32.93 -45.62 40.98
C PHE C 110 -32.16 -45.60 42.30
N ALA C 111 -31.64 -44.42 42.62
CA ALA C 111 -31.06 -44.10 43.92
C ALA C 111 -31.79 -42.89 44.46
N PRO C 112 -33.08 -43.00 44.73
CA PRO C 112 -33.84 -41.85 45.23
C PRO C 112 -33.36 -41.43 46.61
N LYS C 113 -33.13 -40.12 46.77
CA LYS C 113 -32.88 -39.56 48.08
C LYS C 113 -34.17 -39.28 48.82
N SER C 114 -35.17 -38.73 48.13
CA SER C 114 -36.28 -38.06 48.78
C SER C 114 -37.51 -38.14 47.90
N LEU C 115 -38.65 -37.82 48.50
CA LEU C 115 -39.93 -38.05 47.87
C LEU C 115 -40.96 -37.04 48.34
N GLN C 116 -41.89 -36.72 47.44
CA GLN C 116 -43.13 -36.05 47.76
C GLN C 116 -44.27 -37.00 47.42
N SER C 117 -45.43 -36.77 48.03
CA SER C 117 -46.64 -37.48 47.65
C SER C 117 -47.80 -36.90 48.45
N ASP C 118 -48.98 -37.36 48.11
CA ASP C 118 -50.19 -37.02 48.84
C ASP C 118 -50.40 -38.00 50.00
N ASN C 119 -51.51 -37.84 50.69
CA ASN C 119 -51.85 -38.62 51.87
C ASN C 119 -52.60 -39.92 51.56
N GLY C 120 -52.71 -40.30 50.28
CA GLY C 120 -53.41 -41.52 49.91
C GLY C 120 -52.85 -42.74 50.62
N PRO C 121 -53.64 -43.82 50.68
CA PRO C 121 -53.42 -44.85 51.72
C PRO C 121 -52.05 -45.51 51.68
N ALA C 122 -51.61 -45.91 50.49
CA ALA C 122 -50.38 -46.67 50.37
C ALA C 122 -49.17 -45.87 50.83
N PHE C 123 -49.22 -44.54 50.67
CA PHE C 123 -48.10 -43.70 51.06
C PHE C 123 -48.07 -43.50 52.56
N VAL C 124 -49.26 -43.33 53.15
CA VAL C 124 -49.39 -43.15 54.59
C VAL C 124 -49.58 -44.48 55.33
N ALA C 125 -49.75 -45.59 54.60
CA ALA C 125 -49.68 -46.92 55.20
C ALA C 125 -48.39 -47.06 55.99
N GLU C 126 -48.49 -47.51 57.24
CA GLU C 126 -47.41 -47.34 58.20
C GLU C 126 -46.15 -48.09 57.77
N SER C 127 -46.30 -49.33 57.31
CA SER C 127 -45.13 -50.11 56.96
C SER C 127 -44.51 -49.64 55.67
N THR C 128 -45.25 -48.88 54.85
CA THR C 128 -44.62 -48.23 53.71
C THR C 128 -43.65 -47.18 54.20
N GLN C 129 -44.08 -46.33 55.13
CA GLN C 129 -43.18 -45.34 55.71
C GLN C 129 -42.02 -46.01 56.45
N LEU C 130 -42.28 -47.10 57.16
CA LEU C 130 -41.20 -47.89 57.76
C LEU C 130 -40.27 -48.45 56.70
N LEU C 131 -40.79 -48.69 55.49
CA LEU C 131 -39.96 -49.27 54.44
C LEU C 131 -39.12 -48.19 53.76
N MET C 132 -39.71 -47.02 53.52
CA MET C 132 -38.94 -45.86 53.05
C MET C 132 -37.86 -45.50 54.06
N LYS C 133 -38.14 -45.70 55.34
CA LYS C 133 -37.10 -45.61 56.36
C LYS C 133 -36.11 -46.76 56.22
N TYR C 134 -36.61 -47.97 55.95
CA TYR C 134 -35.75 -49.15 55.86
C TYR C 134 -34.71 -48.99 54.76
N LEU C 135 -35.06 -48.26 53.70
CA LEU C 135 -34.16 -47.97 52.60
C LEU C 135 -33.45 -46.64 52.73
N GLY C 136 -33.79 -45.83 53.75
CA GLY C 136 -33.11 -44.57 53.97
C GLY C 136 -33.54 -43.42 53.08
N ILE C 137 -34.84 -43.33 52.78
CA ILE C 137 -35.41 -42.27 51.95
C ILE C 137 -36.15 -41.31 52.86
N GLU C 138 -36.16 -40.04 52.49
CA GLU C 138 -37.02 -39.04 53.13
C GLU C 138 -38.33 -39.04 52.35
N HIS C 139 -39.39 -39.55 52.97
CA HIS C 139 -40.72 -39.57 52.39
C HIS C 139 -41.53 -38.47 53.05
N THR C 140 -42.11 -37.60 52.23
CA THR C 140 -43.01 -36.55 52.68
C THR C 140 -44.37 -36.73 52.03
N THR C 141 -45.35 -37.14 52.84
CA THR C 141 -46.75 -37.11 52.44
C THR C 141 -47.33 -35.79 52.88
N GLY C 142 -48.15 -35.23 52.01
CA GLY C 142 -48.84 -33.99 52.27
C GLY C 142 -49.52 -33.54 51.00
N ILE C 143 -50.48 -32.64 51.17
CA ILE C 143 -51.16 -32.13 49.99
C ILE C 143 -50.08 -31.32 49.28
N PRO C 144 -49.56 -31.75 48.12
CA PRO C 144 -48.38 -31.06 47.57
C PRO C 144 -48.74 -29.65 47.16
N TRP C 145 -48.02 -28.71 47.74
CA TRP C 145 -48.36 -27.30 47.66
C TRP C 145 -47.52 -26.52 46.65
N ASN C 146 -46.61 -27.17 45.93
CA ASN C 146 -45.57 -26.48 45.22
C ASN C 146 -45.88 -26.45 43.73
N PRO C 147 -46.13 -25.27 43.12
CA PRO C 147 -46.34 -25.26 41.66
C PRO C 147 -45.10 -25.62 40.87
N GLN C 148 -43.92 -25.53 41.50
CA GLN C 148 -42.68 -26.02 40.90
C GLN C 148 -42.81 -27.50 40.52
N SER C 149 -43.14 -28.34 41.50
CA SER C 149 -43.29 -29.77 41.25
C SER C 149 -44.66 -30.09 40.68
N GLN C 150 -45.70 -29.36 41.10
CA GLN C 150 -47.06 -29.75 40.73
C GLN C 150 -47.35 -29.41 39.28
N ALA C 151 -46.73 -28.35 38.76
CA ALA C 151 -46.85 -28.09 37.32
C ALA C 151 -46.19 -29.20 36.53
N LEU C 152 -45.00 -29.61 36.98
CA LEU C 152 -44.26 -30.69 36.35
C LEU C 152 -45.05 -32.00 36.37
N VAL C 153 -45.73 -32.26 37.47
CA VAL C 153 -46.36 -33.57 37.68
C VAL C 153 -47.72 -33.61 36.99
N GLU C 154 -48.46 -32.51 37.08
CA GLU C 154 -49.71 -32.38 36.33
C GLU C 154 -49.44 -32.52 34.84
N ARG C 155 -48.52 -31.68 34.34
CA ARG C 155 -48.08 -31.76 32.96
C ARG C 155 -47.58 -33.15 32.62
N THR C 156 -46.87 -33.78 33.55
CA THR C 156 -46.34 -35.12 33.37
C THR C 156 -47.46 -36.09 33.07
N HIS C 157 -48.57 -36.00 33.82
CA HIS C 157 -49.63 -36.97 33.63
C HIS C 157 -50.48 -36.66 32.41
N GLN C 158 -50.62 -35.38 32.07
CA GLN C 158 -51.31 -35.04 30.83
C GLN C 158 -50.57 -35.61 29.63
N THR C 159 -49.29 -35.30 29.51
CA THR C 159 -48.45 -35.86 28.47
C THR C 159 -48.45 -37.39 28.52
N LEU C 160 -48.51 -37.94 29.72
CA LEU C 160 -48.50 -39.38 29.90
C LEU C 160 -49.72 -40.00 29.22
N LYS C 161 -50.90 -39.54 29.60
CA LYS C 161 -52.11 -40.16 29.07
C LYS C 161 -52.26 -39.88 27.58
N ASN C 162 -51.84 -38.69 27.16
CA ASN C 162 -51.95 -38.34 25.75
C ASN C 162 -51.05 -39.22 24.89
N THR C 163 -49.82 -39.46 25.36
CA THR C 163 -48.88 -40.27 24.60
C THR C 163 -49.16 -41.76 24.71
N LEU C 164 -49.66 -42.22 25.86
CA LEU C 164 -50.24 -43.55 25.91
C LEU C 164 -51.31 -43.70 24.84
N GLU C 165 -52.18 -42.70 24.72
CA GLU C 165 -53.25 -42.75 23.74
C GLU C 165 -52.70 -42.80 22.33
N LYS C 166 -51.54 -42.19 22.10
CA LYS C 166 -50.89 -42.39 20.82
C LYS C 166 -50.37 -43.80 20.63
N LEU C 167 -49.64 -44.34 21.63
CA LEU C 167 -48.83 -45.54 21.45
C LEU C 167 -49.56 -46.86 21.63
N ILE C 168 -50.51 -46.96 22.55
CA ILE C 168 -51.17 -48.24 22.87
C ILE C 168 -51.79 -48.95 21.66
N PRO C 169 -52.32 -48.27 20.63
CA PRO C 169 -52.80 -49.05 19.48
C PRO C 169 -51.69 -49.77 18.74
N MET C 170 -50.45 -49.29 18.81
CA MET C 170 -49.33 -49.87 18.07
C MET C 170 -48.80 -51.14 18.70
N PHE C 171 -49.13 -51.43 19.96
CA PHE C 171 -48.62 -52.59 20.68
C PHE C 171 -49.76 -53.44 21.19
N ASN C 172 -49.58 -54.76 21.12
CA ASN C 172 -50.47 -55.70 21.77
C ASN C 172 -50.54 -55.41 23.26
N ALA C 173 -49.40 -55.43 23.93
CA ALA C 173 -49.35 -55.34 25.38
C ALA C 173 -49.41 -53.89 25.83
N PHE C 174 -50.37 -53.59 26.70
CA PHE C 174 -50.46 -52.26 27.30
C PHE C 174 -49.22 -51.97 28.15
N GLU C 175 -48.59 -53.01 28.67
CA GLU C 175 -47.36 -52.82 29.44
C GLU C 175 -46.21 -52.44 28.50
N SER C 176 -46.14 -53.12 27.36
CA SER C 176 -45.21 -52.74 26.30
C SER C 176 -45.39 -51.29 25.87
N ALA C 177 -46.62 -50.80 25.79
CA ALA C 177 -46.85 -49.43 25.34
C ALA C 177 -46.62 -48.43 26.48
N LEU C 178 -46.88 -48.85 27.72
CA LEU C 178 -46.47 -48.05 28.88
C LEU C 178 -44.97 -47.82 28.84
N ALA C 179 -44.22 -48.89 28.61
CA ALA C 179 -42.80 -48.77 28.31
C ALA C 179 -42.56 -47.88 27.10
N GLY C 180 -43.47 -47.93 26.12
CA GLY C 180 -43.41 -47.01 25.00
C GLY C 180 -43.37 -45.55 25.40
N THR C 181 -44.32 -45.10 26.22
CA THR C 181 -44.29 -43.71 26.67
C THR C 181 -43.06 -43.42 27.49
N LEU C 182 -42.62 -44.37 28.33
CA LEU C 182 -41.37 -44.18 29.05
C LEU C 182 -40.21 -43.95 28.09
N ILE C 183 -40.17 -44.73 27.01
CA ILE C 183 -39.12 -44.58 26.00
C ILE C 183 -39.19 -43.20 25.37
N THR C 184 -40.35 -42.86 24.79
CA THR C 184 -40.48 -41.64 24.02
C THR C 184 -40.17 -40.42 24.86
N LEU C 185 -40.62 -40.40 26.09
CA LEU C 185 -40.50 -39.22 26.93
C LEU C 185 -39.18 -39.12 27.66
N ASN C 186 -38.65 -40.22 28.20
CA ASN C 186 -37.42 -40.15 28.98
C ASN C 186 -36.18 -40.32 28.13
N ILE C 187 -36.32 -40.80 26.90
CA ILE C 187 -35.20 -41.07 26.01
C ILE C 187 -35.32 -40.27 24.73
N LYS C 188 -36.30 -40.62 23.89
CA LYS C 188 -36.45 -39.97 22.60
C LYS C 188 -36.70 -38.49 22.75
N ARG C 189 -37.64 -38.13 23.62
CA ARG C 189 -37.95 -36.73 23.87
C ARG C 189 -36.73 -36.09 24.48
N LYS C 190 -36.39 -34.91 23.99
CA LYS C 190 -35.24 -34.15 24.43
C LYS C 190 -35.63 -32.69 24.53
N GLY C 191 -34.64 -31.85 24.85
CA GLY C 191 -34.84 -30.42 24.85
C GLY C 191 -33.57 -29.64 24.61
N GLY C 192 -33.68 -28.39 24.18
CA GLY C 192 -32.52 -27.52 24.19
C GLY C 192 -31.47 -27.92 23.19
N LEU C 193 -30.36 -28.40 23.73
CA LEU C 193 -29.25 -28.96 22.98
C LEU C 193 -29.31 -30.50 22.88
N GLY C 194 -30.45 -31.12 23.22
CA GLY C 194 -30.56 -32.57 23.22
C GLY C 194 -30.69 -33.25 24.57
N THR C 195 -31.26 -32.56 25.54
CA THR C 195 -31.39 -33.09 26.88
C THR C 195 -32.67 -33.91 26.99
N SER C 196 -32.53 -35.22 27.05
CA SER C 196 -33.58 -36.07 27.57
C SER C 196 -33.49 -36.03 29.09
N PRO C 197 -34.61 -36.13 29.81
CA PRO C 197 -34.51 -36.10 31.28
C PRO C 197 -33.67 -37.22 31.84
N MET C 198 -33.59 -38.33 31.13
CA MET C 198 -32.69 -39.41 31.48
C MET C 198 -31.25 -38.93 31.55
N ASP C 199 -30.77 -38.34 30.48
CA ASP C 199 -29.37 -37.95 30.43
C ASP C 199 -29.08 -36.86 31.44
N ILE C 200 -30.08 -36.02 31.72
CA ILE C 200 -29.98 -35.07 32.81
C ILE C 200 -29.73 -35.83 34.11
N PHE C 201 -30.51 -36.86 34.33
CA PHE C 201 -30.38 -37.62 35.57
C PHE C 201 -29.03 -38.32 35.63
N ILE C 202 -28.61 -38.90 34.52
CA ILE C 202 -27.32 -39.57 34.43
C ILE C 202 -26.21 -38.61 34.81
N PHE C 203 -26.33 -37.38 34.33
CA PHE C 203 -25.37 -36.35 34.71
C PHE C 203 -25.44 -36.08 36.20
N ASN C 204 -26.66 -36.00 36.73
CA ASN C 204 -26.85 -35.68 38.14
C ASN C 204 -26.20 -36.72 39.01
N LYS C 205 -26.29 -37.98 38.61
CA LYS C 205 -25.76 -39.07 39.40
C LYS C 205 -24.26 -39.17 39.24
N GLU C 206 -23.76 -38.95 38.03
CA GLU C 206 -22.33 -39.05 37.85
C GLU C 206 -21.62 -37.93 38.59
N GLN C 207 -22.24 -36.74 38.63
CA GLN C 207 -21.67 -35.66 39.40
C GLN C 207 -21.94 -35.85 40.88
N GLN C 208 -22.94 -36.65 41.23
CA GLN C 208 -23.15 -37.03 42.61
C GLN C 208 -22.10 -38.03 43.07
N ARG C 209 -21.52 -38.77 42.13
CA ARG C 209 -20.53 -39.77 42.48
C ARG C 209 -19.26 -39.11 42.99
N ILE C 210 -18.82 -38.07 42.30
CA ILE C 210 -17.48 -37.55 42.53
C ILE C 210 -17.45 -36.72 43.80
N GLN C 211 -18.55 -35.99 44.06
CA GLN C 211 -18.75 -35.48 45.40
C GLN C 211 -18.87 -36.63 46.38
N GLN C 212 -19.55 -37.70 45.97
CA GLN C 212 -19.87 -38.81 46.86
C GLN C 212 -18.63 -39.48 47.42
N GLN C 213 -17.57 -39.55 46.62
CA GLN C 213 -16.30 -40.06 47.12
C GLN C 213 -15.60 -39.04 47.99
N SER C 214 -15.93 -37.76 47.85
CA SER C 214 -15.58 -36.76 48.85
C SER C 214 -16.52 -36.78 50.04
N LYS C 215 -17.80 -37.15 49.83
CA LYS C 215 -18.80 -37.05 50.89
C LYS C 215 -18.45 -37.91 52.10
N SER C 216 -17.71 -39.00 51.90
CA SER C 216 -17.46 -39.91 53.02
C SER C 216 -16.67 -39.23 54.13
N LYS C 217 -15.78 -38.31 53.77
CA LYS C 217 -15.08 -37.51 54.75
C LYS C 217 -15.92 -36.31 55.21
N GLN C 218 -16.91 -35.92 54.41
CA GLN C 218 -17.73 -34.74 54.75
C GLN C 218 -18.80 -35.08 55.77
N GLU C 219 -19.41 -36.27 55.64
CA GLU C 219 -20.49 -36.68 56.53
C GLU C 219 -20.01 -36.71 57.98
N LYS C 220 -18.84 -37.26 58.21
CA LYS C 220 -18.14 -36.99 59.45
C LYS C 220 -17.76 -35.51 59.46
N ILE C 221 -18.12 -34.82 60.54
CA ILE C 221 -17.83 -33.40 60.68
C ILE C 221 -16.44 -33.26 61.28
N ARG C 222 -15.63 -32.43 60.63
CA ARG C 222 -14.40 -31.90 61.20
C ARG C 222 -14.62 -30.43 61.48
N PHE C 223 -13.87 -29.92 62.45
CA PHE C 223 -13.72 -28.51 62.67
C PHE C 223 -12.26 -28.18 62.41
N CYS C 224 -11.99 -26.90 62.22
CA CYS C 224 -10.62 -26.46 62.03
C CYS C 224 -10.46 -25.06 62.57
N TYR C 225 -9.21 -24.72 62.86
CA TYR C 225 -8.77 -23.35 62.91
C TYR C 225 -8.18 -23.00 61.56
N TYR C 226 -8.37 -21.75 61.17
CA TYR C 226 -8.03 -21.31 59.83
C TYR C 226 -7.56 -19.87 59.88
N ARG C 227 -6.77 -19.49 58.89
CA ARG C 227 -6.25 -18.14 58.80
C ARG C 227 -6.16 -17.76 57.33
N THR C 228 -5.90 -16.47 57.08
CA THR C 228 -5.68 -15.95 55.75
C THR C 228 -4.52 -14.97 55.75
N ARG C 229 -4.07 -14.64 54.55
CA ARG C 229 -2.87 -13.87 54.33
C ARG C 229 -3.20 -12.54 53.70
N LYS C 230 -2.41 -11.54 54.06
CA LYS C 230 -2.46 -10.22 53.46
C LYS C 230 -1.06 -9.90 52.96
N ARG C 231 -0.91 -9.81 51.65
CA ARG C 231 0.40 -9.71 51.01
C ARG C 231 1.28 -10.90 51.43
N GLY C 232 0.64 -12.05 51.65
CA GLY C 232 1.31 -13.20 52.20
C GLY C 232 1.46 -13.19 53.71
N HIS C 233 1.21 -12.07 54.37
CA HIS C 233 1.38 -12.02 55.82
C HIS C 233 0.23 -12.76 56.49
N PRO C 234 0.47 -13.89 57.15
CA PRO C 234 -0.66 -14.65 57.68
C PRO C 234 -1.30 -13.92 58.84
N GLY C 235 -2.62 -13.78 58.76
CA GLY C 235 -3.42 -13.34 59.88
C GLY C 235 -3.47 -14.42 60.95
N GLU C 236 -4.04 -14.03 62.08
CA GLU C 236 -4.16 -14.97 63.18
C GLU C 236 -5.13 -16.08 62.82
N TRP C 237 -5.05 -17.17 63.56
CA TRP C 237 -5.98 -18.26 63.36
C TRP C 237 -7.39 -17.84 63.72
N GLN C 238 -8.32 -18.37 62.98
CA GLN C 238 -9.73 -18.05 63.05
C GLN C 238 -10.45 -19.38 63.19
N GLY C 239 -11.71 -19.31 63.55
CA GLY C 239 -12.45 -20.50 63.90
C GLY C 239 -12.43 -20.60 65.41
N PRO C 240 -12.79 -21.76 65.99
CA PRO C 240 -13.05 -23.07 65.37
C PRO C 240 -14.29 -23.06 64.50
N THR C 241 -14.17 -23.60 63.29
CA THR C 241 -15.33 -23.74 62.43
C THR C 241 -15.21 -25.05 61.69
N GLN C 242 -16.33 -25.46 61.11
CA GLN C 242 -16.39 -26.71 60.37
C GLN C 242 -15.46 -26.67 59.17
N VAL C 243 -14.99 -27.85 58.77
CA VAL C 243 -14.21 -28.00 57.55
C VAL C 243 -15.25 -28.28 56.46
N LEU C 244 -15.55 -27.27 55.63
CA LEU C 244 -16.78 -27.35 54.86
C LEU C 244 -16.64 -28.17 53.59
N TRP C 245 -15.63 -27.90 52.77
CA TRP C 245 -15.38 -28.73 51.60
C TRP C 245 -13.90 -29.01 51.47
N GLY C 246 -13.54 -30.27 51.67
CA GLY C 246 -12.16 -30.68 51.52
C GLY C 246 -11.69 -30.62 50.09
N GLY C 247 -10.63 -29.85 49.86
CA GLY C 247 -9.95 -29.80 48.60
C GLY C 247 -8.62 -30.51 48.65
N ASP C 248 -7.90 -30.43 47.53
CA ASP C 248 -6.54 -30.94 47.44
C ASP C 248 -5.61 -29.78 47.75
N GLY C 249 -4.93 -29.85 48.87
CA GLY C 249 -4.10 -28.76 49.34
C GLY C 249 -4.85 -27.65 50.03
N ALA C 250 -6.16 -27.78 50.21
CA ALA C 250 -6.95 -26.74 50.84
C ALA C 250 -8.27 -27.34 51.28
N ILE C 251 -9.17 -26.45 51.70
CA ILE C 251 -10.53 -26.80 52.07
C ILE C 251 -11.42 -25.64 51.63
N VAL C 252 -12.66 -25.67 52.11
CA VAL C 252 -13.49 -24.47 52.19
C VAL C 252 -13.97 -24.33 53.63
N VAL C 253 -14.13 -23.09 54.07
CA VAL C 253 -14.78 -22.76 55.33
C VAL C 253 -15.59 -21.49 55.09
N LYS C 254 -16.54 -21.23 56.00
CA LYS C 254 -17.35 -20.03 55.93
C LYS C 254 -16.71 -18.97 56.81
N ASP C 255 -16.80 -17.72 56.37
CA ASP C 255 -16.52 -16.60 57.23
C ASP C 255 -17.74 -16.35 58.09
N ARG C 256 -17.57 -16.50 59.40
CA ARG C 256 -18.66 -16.16 60.30
C ARG C 256 -18.98 -14.68 60.23
N GLY C 257 -17.98 -13.85 59.96
CA GLY C 257 -18.17 -12.43 59.81
C GLY C 257 -18.98 -12.02 58.60
N THR C 258 -18.58 -12.42 57.39
CA THR C 258 -19.28 -12.03 56.18
C THR C 258 -20.35 -13.01 55.76
N ASP C 259 -20.48 -14.17 56.42
CA ASP C 259 -21.38 -15.25 55.98
C ASP C 259 -21.05 -15.67 54.55
N ARG C 260 -19.80 -16.05 54.33
CA ARG C 260 -19.30 -16.40 53.02
C ARG C 260 -18.35 -17.57 53.12
N TYR C 261 -18.56 -18.55 52.25
CA TYR C 261 -17.59 -19.62 52.05
C TYR C 261 -16.24 -19.00 51.72
N LEU C 262 -15.18 -19.70 52.10
CA LEU C 262 -13.83 -19.23 51.88
C LEU C 262 -12.90 -20.42 51.74
N VAL C 263 -11.97 -20.31 50.81
CA VAL C 263 -10.91 -21.29 50.64
C VAL C 263 -9.82 -20.99 51.65
N ILE C 264 -9.24 -22.03 52.22
CA ILE C 264 -8.06 -21.92 53.06
C ILE C 264 -7.13 -23.07 52.69
N ALA C 265 -5.94 -22.73 52.19
CA ALA C 265 -4.92 -23.74 51.99
C ALA C 265 -4.59 -24.43 53.30
N ASN C 266 -4.32 -25.73 53.21
CA ASN C 266 -4.08 -26.58 54.38
C ASN C 266 -2.98 -26.01 55.27
N LYS C 267 -2.00 -25.36 54.68
CA LYS C 267 -1.02 -24.61 55.44
C LYS C 267 -1.66 -23.54 56.33
N ASP C 268 -2.69 -22.86 55.83
CA ASP C 268 -3.41 -21.85 56.59
C ASP C 268 -4.59 -22.46 57.35
N VAL C 269 -4.68 -23.79 57.41
CA VAL C 269 -5.65 -24.50 58.23
C VAL C 269 -4.92 -25.23 59.35
N LYS C 270 -5.55 -25.31 60.51
CA LYS C 270 -5.34 -26.39 61.47
C LYS C 270 -6.67 -27.11 61.62
N PHE C 271 -6.74 -28.35 61.11
CA PHE C 271 -7.88 -29.18 61.44
C PHE C 271 -7.95 -29.42 62.94
N ILE C 272 -9.16 -29.37 63.48
CA ILE C 272 -9.43 -29.67 64.87
C ILE C 272 -9.88 -31.13 64.92
N PRO C 273 -9.02 -32.07 65.37
CA PRO C 273 -9.50 -33.45 65.46
C PRO C 273 -10.42 -33.72 66.65
N ILE D 60 -19.71 -50.74 26.09
CA ILE D 60 -20.63 -49.90 26.85
C ILE D 60 -22.04 -50.14 26.34
N ASP D 61 -22.96 -50.36 27.28
CA ASP D 61 -24.37 -50.63 26.98
C ASP D 61 -24.51 -51.87 26.12
N HIS D 62 -23.60 -52.82 26.31
CA HIS D 62 -23.67 -54.14 25.70
C HIS D 62 -24.10 -55.09 26.79
N TRP D 63 -25.20 -55.78 26.55
CA TRP D 63 -25.88 -56.54 27.57
C TRP D 63 -26.00 -57.99 27.14
N GLN D 64 -26.39 -58.83 28.08
CA GLN D 64 -26.74 -60.21 27.79
C GLN D 64 -27.92 -60.66 28.64
N VAL D 65 -28.79 -61.45 28.03
CA VAL D 65 -29.96 -62.01 28.68
C VAL D 65 -29.73 -63.49 28.89
N ASP D 66 -30.24 -64.01 30.00
CA ASP D 66 -30.45 -65.43 30.17
C ASP D 66 -31.64 -65.62 31.10
N TYR D 67 -32.47 -66.62 30.80
CA TYR D 67 -33.52 -67.03 31.71
C TYR D 67 -32.90 -67.85 32.83
N THR D 68 -33.37 -67.63 34.04
CA THR D 68 -32.93 -68.42 35.19
C THR D 68 -34.13 -68.76 36.05
N HIS D 69 -34.07 -69.95 36.66
CA HIS D 69 -35.11 -70.44 37.53
C HIS D 69 -34.61 -70.46 38.97
N TYR D 70 -35.16 -69.57 39.79
CA TYR D 70 -34.89 -69.55 41.23
C TYR D 70 -36.22 -69.94 41.89
N GLU D 71 -36.26 -71.18 42.35
CA GLU D 71 -37.40 -71.77 43.06
C GLU D 71 -38.72 -71.54 42.34
N ASP D 72 -38.86 -72.08 41.12
CA ASP D 72 -40.09 -72.04 40.34
C ASP D 72 -40.57 -70.62 40.09
N LYS D 73 -39.61 -69.69 40.00
CA LYS D 73 -39.91 -68.32 39.62
C LYS D 73 -38.98 -67.97 38.49
N ILE D 74 -39.54 -67.82 37.29
CA ILE D 74 -38.75 -67.52 36.11
C ILE D 74 -38.30 -66.09 36.25
N ILE D 75 -37.02 -65.85 36.01
CA ILE D 75 -36.39 -64.56 36.25
C ILE D 75 -35.55 -64.24 35.02
N LEU D 76 -35.91 -63.17 34.32
CA LEU D 76 -35.21 -62.74 33.11
C LEU D 76 -34.01 -61.91 33.55
N VAL D 77 -32.81 -62.40 33.24
CA VAL D 77 -31.59 -61.88 33.84
C VAL D 77 -30.86 -61.10 32.77
N TRP D 78 -30.92 -59.78 32.83
CA TRP D 78 -30.14 -58.93 31.95
C TRP D 78 -28.80 -58.66 32.61
N VAL D 79 -27.72 -58.79 31.83
CA VAL D 79 -26.36 -58.69 32.34
C VAL D 79 -25.57 -57.79 31.42
N GLU D 80 -25.07 -56.68 31.96
CA GLU D 80 -24.20 -55.79 31.21
C GLU D 80 -22.78 -56.34 31.21
N THR D 81 -22.11 -56.25 30.07
CA THR D 81 -20.83 -56.92 29.89
C THR D 81 -19.65 -56.19 30.50
N ASN D 82 -19.58 -54.86 30.34
CA ASN D 82 -18.45 -54.08 30.82
C ASN D 82 -18.60 -53.66 32.28
N SER D 83 -19.52 -52.75 32.60
CA SER D 83 -19.78 -52.34 33.97
C SER D 83 -20.19 -53.48 34.89
N GLY D 84 -20.86 -54.49 34.36
CA GLY D 84 -21.40 -55.54 35.19
C GLY D 84 -22.66 -55.15 35.94
N LEU D 85 -23.25 -53.99 35.64
CA LEU D 85 -24.52 -53.63 36.24
C LEU D 85 -25.58 -54.59 35.73
N ILE D 86 -26.48 -55.00 36.62
CA ILE D 86 -27.41 -56.09 36.36
C ILE D 86 -28.84 -55.56 36.46
N TYR D 87 -29.76 -56.27 35.83
CA TYR D 87 -31.20 -56.06 35.98
C TYR D 87 -31.85 -57.44 36.06
N ALA D 88 -32.95 -57.51 36.80
CA ALA D 88 -33.76 -58.71 36.87
C ALA D 88 -35.20 -58.32 37.18
N GLU D 89 -36.13 -59.11 36.67
CA GLU D 89 -37.54 -58.98 36.98
C GLU D 89 -38.17 -60.36 36.93
N ARG D 90 -39.15 -60.59 37.80
CA ARG D 90 -39.81 -61.89 37.88
C ARG D 90 -40.66 -62.09 36.63
N VAL D 91 -40.78 -63.34 36.19
CA VAL D 91 -41.36 -63.67 34.91
C VAL D 91 -42.37 -64.79 35.12
N LYS D 92 -43.51 -64.66 34.44
CA LYS D 92 -44.53 -65.70 34.49
C LYS D 92 -44.19 -66.85 33.56
N GLY D 93 -43.66 -66.54 32.38
CA GLY D 93 -43.27 -67.55 31.42
C GLY D 93 -42.23 -67.03 30.46
N GLU D 94 -41.53 -67.97 29.82
CA GLU D 94 -40.41 -67.63 28.95
C GLU D 94 -40.86 -67.29 27.53
N THR D 95 -42.17 -67.15 27.31
CA THR D 95 -42.72 -66.89 25.99
C THR D 95 -42.19 -65.59 25.41
N GLY D 96 -42.22 -65.52 24.08
CA GLY D 96 -41.82 -64.32 23.36
C GLY D 96 -42.51 -63.04 23.82
N GLN D 97 -43.84 -63.05 23.88
CA GLN D 97 -44.62 -61.84 24.17
C GLN D 97 -44.24 -61.23 25.52
N GLU D 98 -44.08 -62.08 26.53
CA GLU D 98 -43.69 -61.58 27.84
C GLU D 98 -42.30 -60.95 27.76
N PHE D 99 -41.39 -61.54 26.99
CA PHE D 99 -40.07 -60.94 26.82
C PHE D 99 -40.16 -59.63 26.03
N ARG D 100 -41.14 -59.52 25.13
CA ARG D 100 -41.32 -58.25 24.43
C ARG D 100 -41.68 -57.15 25.40
N VAL D 101 -42.60 -57.43 26.32
CA VAL D 101 -42.92 -56.45 27.36
C VAL D 101 -41.69 -56.14 28.21
N GLN D 102 -40.94 -57.18 28.60
CA GLN D 102 -39.82 -56.96 29.50
C GLN D 102 -38.71 -56.15 28.85
N THR D 103 -38.42 -56.42 27.57
CA THR D 103 -37.35 -55.67 26.90
C THR D 103 -37.83 -54.30 26.43
N MET D 104 -39.14 -54.09 26.30
CA MET D 104 -39.64 -52.73 26.14
C MET D 104 -39.40 -51.91 27.39
N LYS D 105 -39.92 -52.39 28.53
CA LYS D 105 -39.70 -51.70 29.79
C LYS D 105 -38.22 -51.53 30.07
N TRP D 106 -37.46 -52.59 29.83
CA TRP D 106 -36.04 -52.58 30.08
C TRP D 106 -35.33 -51.56 29.19
N TYR D 107 -35.70 -51.54 27.90
CA TYR D 107 -35.17 -50.53 26.99
C TYR D 107 -35.59 -49.13 27.41
N ALA D 108 -36.69 -49.00 28.14
CA ALA D 108 -37.03 -47.71 28.70
C ALA D 108 -36.15 -47.37 29.90
N MET D 109 -35.80 -48.38 30.70
CA MET D 109 -35.01 -48.15 31.90
C MET D 109 -33.53 -48.07 31.60
N PHE D 110 -33.05 -49.00 30.79
CA PHE D 110 -31.69 -49.00 30.28
C PHE D 110 -31.75 -48.66 28.81
N ALA D 111 -30.67 -48.04 28.32
CA ALA D 111 -30.60 -47.47 26.99
C ALA D 111 -29.57 -48.29 26.23
N PRO D 112 -29.93 -49.53 25.85
CA PRO D 112 -28.95 -50.40 25.21
C PRO D 112 -28.52 -49.93 23.85
N LYS D 113 -27.25 -50.16 23.56
CA LYS D 113 -26.80 -50.30 22.18
C LYS D 113 -27.10 -51.68 21.63
N SER D 114 -26.74 -52.71 22.39
CA SER D 114 -26.42 -54.00 21.81
C SER D 114 -26.66 -55.07 22.86
N LEU D 115 -26.71 -56.31 22.39
CA LEU D 115 -27.16 -57.42 23.21
C LEU D 115 -26.53 -58.73 22.76
N GLN D 116 -26.36 -59.64 23.71
CA GLN D 116 -26.14 -61.06 23.45
C GLN D 116 -27.28 -61.85 24.06
N SER D 117 -27.47 -63.07 23.57
CA SER D 117 -28.33 -64.03 24.25
C SER D 117 -28.11 -65.38 23.58
N ASP D 118 -28.81 -66.38 24.08
CA ASP D 118 -28.86 -67.66 23.41
C ASP D 118 -29.90 -67.60 22.28
N ASN D 119 -30.13 -68.76 21.66
CA ASN D 119 -31.04 -68.89 20.53
C ASN D 119 -32.47 -69.20 20.94
N GLY D 120 -32.79 -69.12 22.24
CA GLY D 120 -34.05 -69.55 22.76
C GLY D 120 -35.24 -68.87 22.10
N PRO D 121 -36.44 -69.45 22.24
CA PRO D 121 -37.57 -69.03 21.37
C PRO D 121 -37.93 -67.56 21.44
N ALA D 122 -37.98 -66.99 22.65
CA ALA D 122 -38.42 -65.61 22.81
C ALA D 122 -37.51 -64.64 22.09
N PHE D 123 -36.21 -64.91 22.11
CA PHE D 123 -35.24 -63.98 21.52
C PHE D 123 -35.24 -64.10 20.01
N VAL D 124 -35.12 -65.33 19.51
CA VAL D 124 -35.15 -65.60 18.08
C VAL D 124 -36.57 -65.50 17.51
N ALA D 125 -37.60 -65.33 18.37
CA ALA D 125 -38.95 -65.09 17.89
C ALA D 125 -38.99 -63.88 16.98
N GLU D 126 -39.89 -63.91 16.00
CA GLU D 126 -39.82 -62.93 14.92
C GLU D 126 -40.10 -61.53 15.41
N SER D 127 -41.26 -61.31 16.04
CA SER D 127 -41.62 -59.95 16.42
C SER D 127 -40.76 -59.46 17.57
N THR D 128 -40.09 -60.38 18.28
CA THR D 128 -39.05 -59.95 19.21
C THR D 128 -37.94 -59.25 18.46
N GLN D 129 -37.33 -59.96 17.51
CA GLN D 129 -36.26 -59.44 16.67
C GLN D 129 -36.66 -58.15 15.96
N LEU D 130 -37.82 -58.16 15.29
CA LEU D 130 -38.39 -56.96 14.69
C LEU D 130 -38.53 -55.84 15.70
N LEU D 131 -38.82 -56.18 16.96
CA LEU D 131 -38.98 -55.16 17.97
C LEU D 131 -37.61 -54.66 18.45
N MET D 132 -36.57 -55.50 18.36
CA MET D 132 -35.23 -55.02 18.68
C MET D 132 -34.76 -54.04 17.60
N LYS D 133 -35.22 -54.23 16.36
CA LYS D 133 -34.92 -53.27 15.31
C LYS D 133 -35.79 -52.03 15.43
N TYR D 134 -37.06 -52.19 15.78
CA TYR D 134 -37.96 -51.06 15.97
C TYR D 134 -37.50 -50.19 17.13
N LEU D 135 -36.93 -50.80 18.16
CA LEU D 135 -36.20 -50.08 19.20
C LEU D 135 -34.76 -49.80 18.80
N GLY D 136 -34.23 -50.54 17.84
CA GLY D 136 -32.95 -50.24 17.25
C GLY D 136 -31.77 -50.70 18.08
N ILE D 137 -31.81 -51.96 18.51
CA ILE D 137 -30.72 -52.60 19.25
C ILE D 137 -30.07 -53.59 18.32
N GLU D 138 -28.77 -53.82 18.50
CA GLU D 138 -28.07 -54.94 17.86
C GLU D 138 -28.26 -56.17 18.74
N HIS D 139 -28.93 -57.18 18.16
CA HIS D 139 -29.32 -58.38 18.86
C HIS D 139 -28.58 -59.56 18.25
N THR D 140 -27.65 -60.14 19.02
CA THR D 140 -26.91 -61.31 18.59
C THR D 140 -27.43 -62.55 19.31
N THR D 141 -28.15 -63.40 18.57
CA THR D 141 -28.55 -64.72 19.03
C THR D 141 -27.57 -65.73 18.46
N GLY D 142 -27.30 -66.75 19.25
CA GLY D 142 -26.29 -67.72 18.94
C GLY D 142 -25.86 -68.43 20.19
N ILE D 143 -25.03 -69.45 20.02
CA ILE D 143 -24.55 -70.20 21.17
C ILE D 143 -23.56 -69.27 21.86
N PRO D 144 -23.82 -68.74 23.06
CA PRO D 144 -22.86 -67.79 23.63
C PRO D 144 -21.55 -68.49 23.95
N TRP D 145 -20.50 -68.03 23.26
CA TRP D 145 -19.21 -68.71 23.23
C TRP D 145 -18.11 -68.04 24.03
N ASN D 146 -18.35 -66.87 24.59
CA ASN D 146 -17.25 -66.01 24.99
C ASN D 146 -16.95 -66.22 26.47
N PRO D 147 -15.74 -66.68 26.87
CA PRO D 147 -15.48 -66.91 28.31
C PRO D 147 -15.58 -65.64 29.13
N GLN D 148 -15.14 -64.53 28.55
CA GLN D 148 -15.19 -63.23 29.22
C GLN D 148 -16.63 -62.87 29.57
N SER D 149 -17.56 -63.10 28.65
CA SER D 149 -18.97 -62.89 28.98
C SER D 149 -19.45 -63.99 29.92
N GLN D 150 -19.30 -65.25 29.52
CA GLN D 150 -20.00 -66.34 30.19
C GLN D 150 -19.47 -66.57 31.60
N ALA D 151 -18.23 -66.17 31.86
CA ALA D 151 -17.74 -66.18 33.23
C ALA D 151 -18.55 -65.23 34.09
N LEU D 152 -18.73 -64.01 33.60
CA LEU D 152 -19.49 -63.00 34.33
C LEU D 152 -20.97 -63.36 34.39
N VAL D 153 -21.50 -63.96 33.32
CA VAL D 153 -22.91 -64.38 33.31
C VAL D 153 -23.12 -65.47 34.35
N GLU D 154 -22.22 -66.45 34.36
CA GLU D 154 -22.35 -67.57 35.27
C GLU D 154 -22.22 -67.13 36.71
N ARG D 155 -21.14 -66.41 37.03
CA ARG D 155 -20.97 -65.91 38.39
C ARG D 155 -22.08 -64.97 38.79
N THR D 156 -22.62 -64.22 37.84
CA THR D 156 -23.70 -63.30 38.15
C THR D 156 -24.96 -64.07 38.51
N HIS D 157 -25.20 -65.19 37.83
CA HIS D 157 -26.29 -66.06 38.26
C HIS D 157 -26.00 -66.72 39.60
N GLN D 158 -24.76 -67.12 39.83
CA GLN D 158 -24.41 -67.78 41.07
C GLN D 158 -24.61 -66.84 42.24
N THR D 159 -24.03 -65.65 42.16
CA THR D 159 -24.22 -64.64 43.18
C THR D 159 -25.67 -64.17 43.22
N LEU D 160 -26.39 -64.27 42.10
CA LEU D 160 -27.80 -63.88 42.09
C LEU D 160 -28.60 -64.76 43.02
N LYS D 161 -28.54 -66.07 42.83
CA LYS D 161 -29.32 -66.96 43.67
C LYS D 161 -28.71 -67.05 45.06
N ASN D 162 -27.40 -66.78 45.16
CA ASN D 162 -26.76 -66.65 46.46
C ASN D 162 -27.44 -65.57 47.30
N THR D 163 -27.49 -64.34 46.77
CA THR D 163 -28.03 -63.22 47.52
C THR D 163 -29.56 -63.23 47.56
N LEU D 164 -30.22 -63.86 46.59
CA LEU D 164 -31.64 -64.12 46.76
C LEU D 164 -31.86 -65.00 47.97
N GLU D 165 -31.08 -66.09 48.06
CA GLU D 165 -31.14 -66.96 49.20
C GLU D 165 -30.74 -66.25 50.49
N LYS D 166 -29.96 -65.16 50.39
CA LYS D 166 -29.75 -64.32 51.56
C LYS D 166 -30.98 -63.52 51.94
N LEU D 167 -31.52 -62.71 51.02
CA LEU D 167 -32.49 -61.68 51.36
C LEU D 167 -33.95 -62.12 51.38
N ILE D 168 -34.33 -63.15 50.62
CA ILE D 168 -35.75 -63.50 50.47
C ILE D 168 -36.46 -63.81 51.79
N PRO D 169 -35.81 -64.37 52.84
CA PRO D 169 -36.54 -64.48 54.11
C PRO D 169 -36.95 -63.14 54.68
N MET D 170 -36.18 -62.10 54.43
CA MET D 170 -36.39 -60.79 55.05
C MET D 170 -37.58 -60.04 54.48
N PHE D 171 -38.20 -60.52 53.40
CA PHE D 171 -39.18 -59.74 52.65
C PHE D 171 -40.42 -60.56 52.39
N ASN D 172 -41.57 -59.92 52.62
CA ASN D 172 -42.86 -60.55 52.37
C ASN D 172 -42.97 -60.93 50.90
N ALA D 173 -42.83 -59.96 50.00
CA ALA D 173 -42.89 -60.20 48.57
C ALA D 173 -41.51 -60.60 48.07
N PHE D 174 -41.48 -61.52 47.10
CA PHE D 174 -40.22 -61.97 46.53
C PHE D 174 -39.64 -60.93 45.59
N GLU D 175 -40.47 -60.12 44.94
CA GLU D 175 -39.96 -59.13 44.01
C GLU D 175 -39.27 -58.01 44.76
N SER D 176 -39.77 -57.70 45.97
CA SER D 176 -39.02 -56.88 46.90
C SER D 176 -37.66 -57.50 47.26
N ALA D 177 -37.59 -58.82 47.37
CA ALA D 177 -36.34 -59.47 47.73
C ALA D 177 -35.33 -59.40 46.60
N LEU D 178 -35.73 -59.87 45.41
CA LEU D 178 -34.89 -59.78 44.22
C LEU D 178 -34.51 -58.33 43.93
N ALA D 179 -35.43 -57.40 44.18
CA ALA D 179 -35.08 -55.99 44.17
C ALA D 179 -33.97 -55.71 45.17
N GLY D 180 -34.05 -56.33 46.34
CA GLY D 180 -32.98 -56.24 47.31
C GLY D 180 -31.64 -56.68 46.75
N THR D 181 -31.63 -57.83 46.09
CA THR D 181 -30.38 -58.35 45.53
C THR D 181 -29.83 -57.44 44.44
N LEU D 182 -30.71 -56.91 43.59
CA LEU D 182 -30.31 -55.90 42.62
C LEU D 182 -29.66 -54.72 43.30
N ILE D 183 -30.19 -54.32 44.46
CA ILE D 183 -29.60 -53.20 45.17
C ILE D 183 -28.21 -53.56 45.67
N THR D 184 -28.07 -54.74 46.28
CA THR D 184 -26.79 -55.16 46.82
C THR D 184 -25.71 -55.19 45.76
N LEU D 185 -26.00 -55.78 44.60
CA LEU D 185 -25.00 -55.91 43.57
C LEU D 185 -24.80 -54.62 42.79
N ASN D 186 -25.87 -54.00 42.29
CA ASN D 186 -25.79 -52.76 41.52
C ASN D 186 -25.13 -51.63 42.28
N ILE D 187 -25.35 -51.57 43.59
CA ILE D 187 -25.19 -50.35 44.37
C ILE D 187 -24.31 -50.59 45.60
N LYS D 188 -24.74 -51.44 46.52
CA LYS D 188 -23.99 -51.59 47.75
C LYS D 188 -22.67 -52.34 47.53
N ARG D 189 -22.62 -53.21 46.51
CA ARG D 189 -21.38 -53.91 46.18
C ARG D 189 -20.38 -52.87 45.70
N LYS D 190 -19.17 -52.91 46.26
CA LYS D 190 -18.11 -51.97 45.93
C LYS D 190 -16.77 -52.68 45.91
N GLY D 191 -15.98 -52.37 44.88
CA GLY D 191 -14.70 -53.00 44.65
C GLY D 191 -13.75 -52.07 43.94
N GLY D 192 -12.53 -52.52 43.67
CA GLY D 192 -11.52 -51.64 43.13
C GLY D 192 -11.17 -50.58 44.14
N LEU D 193 -11.36 -49.32 43.76
CA LEU D 193 -11.21 -48.18 44.67
C LEU D 193 -12.53 -47.83 45.37
N GLY D 194 -13.56 -48.67 45.25
CA GLY D 194 -14.82 -48.48 45.96
C GLY D 194 -16.00 -48.00 45.15
N THR D 195 -15.92 -48.06 43.83
CA THR D 195 -17.04 -47.76 42.96
C THR D 195 -17.92 -49.00 42.81
N SER D 196 -19.24 -48.79 42.81
CA SER D 196 -20.21 -49.85 42.61
C SER D 196 -20.56 -49.96 41.14
N PRO D 197 -21.33 -50.97 40.73
CA PRO D 197 -21.62 -51.12 39.29
C PRO D 197 -22.42 -50.00 38.69
N MET D 198 -23.45 -49.52 39.38
CA MET D 198 -24.28 -48.45 38.85
C MET D 198 -23.48 -47.17 38.64
N ASP D 199 -22.45 -46.99 39.46
CA ASP D 199 -21.54 -45.87 39.24
C ASP D 199 -20.75 -46.07 37.96
N ILE D 200 -20.27 -47.29 37.72
CA ILE D 200 -19.53 -47.58 36.49
C ILE D 200 -20.43 -47.34 35.28
N PHE D 201 -21.66 -47.82 35.37
CA PHE D 201 -22.59 -47.75 34.26
C PHE D 201 -22.97 -46.31 33.94
N ILE D 202 -23.41 -45.58 34.96
CA ILE D 202 -23.73 -44.15 34.82
C ILE D 202 -22.54 -43.39 34.24
N PHE D 203 -21.33 -43.75 34.69
CA PHE D 203 -20.13 -43.14 34.17
C PHE D 203 -19.96 -43.46 32.69
N ASN D 204 -20.38 -44.65 32.27
CA ASN D 204 -20.21 -45.06 30.88
C ASN D 204 -21.21 -44.36 29.98
N LYS D 205 -22.47 -44.31 30.42
CA LYS D 205 -23.49 -43.55 29.72
C LYS D 205 -23.07 -42.12 29.55
N GLU D 206 -22.54 -41.52 30.60
CA GLU D 206 -22.03 -40.17 30.49
C GLU D 206 -20.89 -40.11 29.47
N GLN D 207 -19.99 -41.10 29.50
CA GLN D 207 -18.82 -41.10 28.61
C GLN D 207 -19.23 -41.16 27.16
N GLN D 208 -20.36 -41.82 26.87
CA GLN D 208 -20.89 -41.83 25.52
C GLN D 208 -21.17 -40.42 25.04
N ARG D 209 -21.99 -39.68 25.78
CA ARG D 209 -22.36 -38.34 25.41
C ARG D 209 -21.15 -37.42 25.38
N ILE D 210 -20.17 -37.69 26.24
CA ILE D 210 -18.91 -36.96 26.19
C ILE D 210 -18.27 -37.13 24.82
N GLN D 211 -18.23 -38.37 24.33
CA GLN D 211 -17.74 -38.61 22.98
C GLN D 211 -18.56 -37.84 21.97
N GLN D 212 -19.87 -37.80 22.16
CA GLN D 212 -20.76 -37.19 21.18
C GLN D 212 -20.51 -35.68 21.07
N GLN D 213 -20.52 -34.98 22.19
CA GLN D 213 -20.33 -33.54 22.14
C GLN D 213 -18.94 -33.20 21.67
N SER D 214 -17.94 -33.93 22.17
CA SER D 214 -16.56 -33.69 21.78
C SER D 214 -16.40 -33.80 20.27
N LYS D 215 -17.03 -34.82 19.68
CA LYS D 215 -17.09 -34.90 18.22
C LYS D 215 -17.72 -33.66 17.64
N SER D 216 -18.90 -33.29 18.14
CA SER D 216 -19.69 -32.24 17.51
C SER D 216 -18.94 -30.91 17.45
N LYS D 217 -18.03 -30.68 18.41
CA LYS D 217 -17.14 -29.52 18.27
C LYS D 217 -15.95 -29.82 17.37
N GLN D 218 -15.53 -31.09 17.29
CA GLN D 218 -14.48 -31.41 16.32
C GLN D 218 -14.95 -31.23 14.88
N GLU D 219 -16.26 -31.32 14.66
CA GLU D 219 -16.78 -31.37 13.30
C GLU D 219 -16.58 -30.07 12.54
N LYS D 220 -16.59 -28.94 13.25
CA LYS D 220 -16.55 -27.60 12.63
C LYS D 220 -15.37 -27.08 11.78
N ILE D 221 -14.13 -27.28 12.22
CA ILE D 221 -12.96 -26.81 11.43
C ILE D 221 -13.00 -25.33 10.98
N ARG D 222 -13.26 -24.42 11.92
CA ARG D 222 -13.35 -22.98 11.61
C ARG D 222 -12.07 -22.27 11.13
N PHE D 223 -12.24 -21.25 10.28
CA PHE D 223 -11.15 -20.47 9.71
C PHE D 223 -11.35 -18.99 10.03
N CYS D 224 -10.29 -18.30 10.45
CA CYS D 224 -10.43 -16.90 10.80
C CYS D 224 -9.89 -16.10 9.64
N TYR D 225 -9.82 -14.78 9.83
CA TYR D 225 -8.81 -13.98 9.17
C TYR D 225 -7.85 -13.41 10.18
N TYR D 226 -6.62 -13.23 9.74
CA TYR D 226 -5.51 -12.93 10.60
C TYR D 226 -4.70 -11.86 9.91
N ARG D 227 -3.65 -11.42 10.60
CA ARG D 227 -2.70 -10.43 10.10
C ARG D 227 -1.34 -10.90 10.60
N THR D 228 -0.68 -11.81 9.90
CA THR D 228 0.65 -12.24 10.38
C THR D 228 1.90 -11.86 9.55
N ARG D 229 2.86 -11.19 10.23
CA ARG D 229 4.17 -10.80 9.68
C ARG D 229 4.24 -9.95 8.38
N LYS D 230 5.07 -10.42 7.43
CA LYS D 230 5.32 -9.86 6.08
C LYS D 230 6.17 -8.60 5.75
N ARG D 231 7.10 -8.14 6.60
CA ARG D 231 7.88 -6.99 6.17
C ARG D 231 8.03 -6.39 7.56
N GLY D 232 6.92 -5.90 8.10
CA GLY D 232 6.90 -5.31 9.44
C GLY D 232 5.51 -5.02 10.02
N HIS D 233 5.50 -4.81 11.33
CA HIS D 233 4.34 -4.37 12.12
C HIS D 233 3.10 -5.20 11.81
N PRO D 234 1.98 -4.53 11.53
CA PRO D 234 0.73 -5.22 11.21
C PRO D 234 0.31 -4.96 9.77
N GLY D 235 0.02 -6.04 9.04
CA GLY D 235 -0.40 -5.94 7.68
C GLY D 235 -1.89 -6.00 7.58
N GLU D 236 -2.35 -5.95 6.35
CA GLU D 236 -3.77 -6.07 6.08
C GLU D 236 -4.20 -7.51 6.25
N TRP D 237 -5.50 -7.72 6.32
CA TRP D 237 -6.06 -8.99 6.72
C TRP D 237 -5.75 -10.09 5.75
N GLN D 238 -5.70 -11.29 6.29
CA GLN D 238 -5.14 -12.44 5.62
C GLN D 238 -5.92 -13.66 5.99
N GLY D 239 -5.64 -14.70 5.23
CA GLY D 239 -6.38 -15.92 5.27
C GLY D 239 -7.34 -15.83 4.13
N PRO D 240 -8.36 -16.65 4.17
CA PRO D 240 -8.85 -17.62 5.14
C PRO D 240 -8.07 -18.92 5.33
N THR D 241 -7.70 -19.20 6.57
CA THR D 241 -6.98 -20.40 7.00
C THR D 241 -7.71 -20.94 8.24
N GLN D 242 -7.91 -22.25 8.29
CA GLN D 242 -8.63 -22.88 9.40
C GLN D 242 -7.94 -23.02 10.77
N VAL D 243 -8.76 -22.97 11.82
CA VAL D 243 -8.34 -23.14 13.20
C VAL D 243 -7.90 -24.59 13.28
N LEU D 244 -6.62 -24.76 13.53
CA LEU D 244 -6.07 -26.06 13.83
C LEU D 244 -6.20 -26.35 15.30
N TRP D 245 -5.98 -25.33 16.12
CA TRP D 245 -5.98 -25.51 17.55
C TRP D 245 -6.37 -24.23 18.23
N GLY D 246 -7.19 -24.35 19.27
CA GLY D 246 -7.56 -23.21 20.07
C GLY D 246 -6.62 -22.97 21.22
N GLY D 247 -6.25 -21.71 21.44
CA GLY D 247 -5.55 -21.29 22.61
C GLY D 247 -6.40 -20.40 23.49
N ASP D 248 -5.78 -19.97 24.58
CA ASP D 248 -6.27 -18.84 25.35
C ASP D 248 -5.55 -17.61 24.82
N GLY D 249 -6.29 -16.73 24.15
CA GLY D 249 -5.71 -15.55 23.56
C GLY D 249 -4.92 -15.80 22.31
N ALA D 250 -4.94 -17.03 21.79
CA ALA D 250 -4.23 -17.30 20.55
C ALA D 250 -4.76 -18.60 19.99
N ILE D 251 -4.20 -18.98 18.83
CA ILE D 251 -4.53 -20.23 18.16
C ILE D 251 -3.28 -20.72 17.43
N VAL D 252 -3.53 -21.68 16.54
CA VAL D 252 -2.63 -22.03 15.45
C VAL D 252 -3.34 -21.82 14.12
N VAL D 253 -2.55 -21.52 13.09
CA VAL D 253 -2.98 -21.57 11.71
C VAL D 253 -1.92 -22.30 10.91
N LYS D 254 -2.11 -22.29 9.59
CA LYS D 254 -1.03 -22.45 8.64
C LYS D 254 -0.85 -21.12 7.92
N ASP D 255 0.39 -20.85 7.53
CA ASP D 255 0.68 -19.83 6.55
C ASP D 255 0.68 -20.48 5.18
N ARG D 256 -0.25 -20.06 4.33
CA ARG D 256 -0.40 -20.70 3.03
C ARG D 256 0.84 -20.57 2.20
N GLY D 257 1.31 -19.35 2.00
CA GLY D 257 2.46 -19.07 1.19
C GLY D 257 3.70 -19.83 1.59
N THR D 258 3.99 -19.92 2.89
CA THR D 258 5.12 -20.68 3.38
C THR D 258 4.75 -22.07 3.87
N ASP D 259 3.48 -22.44 3.84
CA ASP D 259 3.02 -23.74 4.33
C ASP D 259 3.28 -23.87 5.83
N ARG D 260 3.38 -22.74 6.50
CA ARG D 260 4.06 -22.68 7.78
C ARG D 260 3.06 -22.40 8.88
N TYR D 261 2.97 -23.32 9.81
CA TYR D 261 2.14 -23.11 10.97
C TYR D 261 2.66 -21.97 11.82
N LEU D 262 1.74 -21.28 12.47
CA LEU D 262 2.07 -20.07 13.19
C LEU D 262 1.29 -19.96 14.49
N VAL D 263 1.93 -19.35 15.47
CA VAL D 263 1.35 -19.11 16.79
C VAL D 263 0.74 -17.73 16.75
N ILE D 264 -0.58 -17.67 16.74
CA ILE D 264 -1.30 -16.48 16.35
C ILE D 264 -2.14 -15.97 17.49
N ALA D 265 -1.75 -14.82 18.02
CA ALA D 265 -2.47 -14.20 19.09
C ALA D 265 -3.81 -13.65 18.63
N ASN D 266 -4.83 -13.88 19.45
CA ASN D 266 -6.19 -13.53 19.09
C ASN D 266 -6.42 -12.03 19.00
N LYS D 267 -5.45 -11.22 19.44
CA LYS D 267 -5.40 -9.82 19.06
C LYS D 267 -5.53 -9.62 17.55
N ASP D 268 -4.93 -10.50 16.77
CA ASP D 268 -4.97 -10.39 15.30
C ASP D 268 -5.88 -11.41 14.62
N VAL D 269 -6.72 -12.10 15.38
CA VAL D 269 -7.57 -13.13 14.80
C VAL D 269 -9.08 -12.86 14.76
N LYS D 270 -9.65 -13.07 13.58
CA LYS D 270 -11.09 -12.93 13.33
C LYS D 270 -11.55 -14.37 13.09
N PHE D 271 -12.62 -14.79 13.75
CA PHE D 271 -13.00 -16.21 13.61
C PHE D 271 -14.16 -16.36 12.65
N ILE D 272 -14.24 -17.48 11.93
CA ILE D 272 -15.16 -17.58 10.78
C ILE D 272 -15.66 -19.02 10.61
N PRO D 273 -16.93 -19.19 10.20
CA PRO D 273 -17.34 -20.41 9.48
C PRO D 273 -16.87 -20.45 8.04
N PRO D 274 -16.13 -21.49 7.68
CA PRO D 274 -15.62 -21.62 6.30
C PRO D 274 -16.73 -21.44 5.28
N PRO D 275 -17.97 -21.72 5.67
CA PRO D 275 -19.11 -21.57 4.76
C PRO D 275 -20.25 -20.78 5.41
N TRP E 1 29.42 4.52 18.50
CA TRP E 1 29.99 3.95 17.27
C TRP E 1 31.20 4.76 16.93
N ILE E 2 30.90 5.96 16.53
CA ILE E 2 31.80 6.68 15.67
C ILE E 2 32.80 7.48 16.50
N GLU E 3 32.61 7.48 17.81
CA GLU E 3 33.71 7.83 18.70
C GLU E 3 34.59 6.62 18.94
N ASN E 4 33.98 5.43 18.99
CA ASN E 4 34.79 4.23 19.13
C ASN E 4 35.59 3.97 17.88
N ILE E 5 34.97 4.20 16.74
CA ILE E 5 35.49 3.66 15.49
C ILE E 5 36.87 4.22 15.16
N PRO E 6 37.11 5.53 15.17
CA PRO E 6 38.47 6.03 14.94
C PRO E 6 39.43 5.54 15.98
N LEU E 7 38.95 5.45 17.20
CA LEU E 7 39.78 5.10 18.32
C LEU E 7 40.29 3.68 18.19
N ALA E 8 39.43 2.80 17.71
CA ALA E 8 39.82 1.41 17.53
C ALA E 8 40.73 1.29 16.33
N GLU E 9 40.55 2.15 15.35
CA GLU E 9 41.51 2.18 14.26
C GLU E 9 42.88 2.57 14.78
N GLU E 10 42.92 3.55 15.67
CA GLU E 10 44.17 3.95 16.30
C GLU E 10 44.78 2.80 17.07
N GLU E 11 43.94 2.05 17.76
CA GLU E 11 44.43 1.05 18.69
C GLU E 11 44.89 -0.20 17.95
N HIS E 12 44.29 -0.46 16.81
CA HIS E 12 44.71 -1.61 16.02
C HIS E 12 46.05 -1.35 15.39
N ASN E 13 46.30 -0.09 15.04
CA ASN E 13 47.60 0.29 14.50
C ASN E 13 48.69 0.04 15.53
N LYS E 14 48.32 0.13 16.81
CA LYS E 14 49.20 -0.35 17.86
C LYS E 14 49.14 -1.87 17.95
N TRP E 15 47.97 -2.39 18.28
CA TRP E 15 47.85 -3.71 18.85
C TRP E 15 47.37 -4.78 17.89
N HIS E 16 46.94 -4.42 16.69
CA HIS E 16 46.80 -5.34 15.56
C HIS E 16 46.10 -6.67 15.78
N GLN E 17 44.91 -6.63 16.35
CA GLN E 17 44.16 -7.85 16.64
C GLN E 17 43.35 -8.26 15.41
N ASP E 18 42.46 -9.23 15.62
CA ASP E 18 41.39 -9.51 14.69
C ASP E 18 40.45 -8.31 14.60
N ALA E 19 39.88 -8.09 13.41
CA ALA E 19 38.80 -7.13 13.27
C ALA E 19 37.66 -7.43 14.21
N VAL E 20 37.36 -8.71 14.35
CA VAL E 20 36.28 -9.15 15.21
C VAL E 20 36.56 -8.77 16.64
N SER E 21 37.82 -8.85 17.05
CA SER E 21 38.17 -8.51 18.42
C SER E 21 37.86 -7.05 18.71
N LEU E 22 37.93 -6.21 17.68
CA LEU E 22 37.61 -4.80 17.84
C LEU E 22 36.13 -4.57 17.78
N HIS E 23 35.44 -5.32 16.92
CA HIS E 23 34.00 -5.28 16.91
C HIS E 23 33.46 -5.58 18.28
N LEU E 24 34.00 -6.60 18.89
CA LEU E 24 33.50 -7.12 20.13
C LEU E 24 34.00 -6.31 21.30
N GLU E 25 35.19 -5.75 21.17
CA GLU E 25 35.72 -4.82 22.15
C GLU E 25 34.94 -3.53 22.19
N PHE E 26 34.86 -2.89 21.04
CA PHE E 26 34.32 -1.55 20.94
C PHE E 26 32.85 -1.50 20.57
N GLY E 27 32.27 -2.62 20.16
CA GLY E 27 30.89 -2.58 19.70
C GLY E 27 30.74 -1.75 18.45
N ILE E 28 31.75 -1.77 17.59
CA ILE E 28 31.75 -1.05 16.33
C ILE E 28 31.16 -1.96 15.27
N PRO E 29 30.76 -1.44 14.12
CA PRO E 29 30.34 -2.35 13.06
C PRO E 29 31.51 -3.18 12.58
N ARG E 30 31.30 -4.49 12.48
CA ARG E 30 32.43 -5.37 12.23
C ARG E 30 33.04 -5.19 10.86
N THR E 31 32.23 -5.00 9.83
CA THR E 31 32.77 -4.91 8.49
C THR E 31 33.67 -3.71 8.32
N ALA E 32 33.41 -2.67 9.09
CA ALA E 32 34.35 -1.57 9.17
C ALA E 32 35.67 -2.04 9.76
N ALA E 33 35.59 -2.86 10.79
CA ALA E 33 36.80 -3.37 11.43
C ALA E 33 37.59 -4.22 10.46
N GLU E 34 36.88 -5.02 9.67
CA GLU E 34 37.46 -5.75 8.58
C GLU E 34 38.17 -4.81 7.63
N ASP E 35 37.55 -3.68 7.33
CA ASP E 35 38.17 -2.73 6.42
C ASP E 35 39.44 -2.16 7.03
N ILE E 36 39.51 -2.09 8.35
CA ILE E 36 40.75 -1.63 8.97
C ILE E 36 41.83 -2.68 8.81
N VAL E 37 41.51 -3.94 9.12
CA VAL E 37 42.53 -4.97 9.06
C VAL E 37 43.03 -5.13 7.63
N GLN E 38 42.13 -4.98 6.66
CA GLN E 38 42.56 -5.00 5.28
C GLN E 38 43.38 -3.77 4.94
N GLN E 39 42.93 -2.60 5.35
CA GLN E 39 43.77 -1.43 5.24
C GLN E 39 44.95 -1.49 6.18
N CYS E 40 44.91 -2.35 7.20
CA CYS E 40 46.05 -2.47 8.07
C CYS E 40 47.08 -3.24 7.26
N ASP E 41 48.15 -2.56 6.89
CA ASP E 41 49.23 -3.21 6.17
C ASP E 41 50.00 -4.14 7.10
N VAL E 42 49.83 -3.94 8.39
CA VAL E 42 50.60 -4.68 9.38
C VAL E 42 50.03 -6.07 9.51
N CYS E 43 48.71 -6.17 9.67
CA CYS E 43 48.04 -7.46 9.61
C CYS E 43 47.96 -8.00 8.19
N GLN E 44 48.29 -7.18 7.21
CA GLN E 44 48.41 -7.60 5.82
C GLN E 44 49.86 -7.59 5.39
N ILE E 60 42.56 -29.25 31.33
CA ILE E 60 42.63 -27.85 31.74
C ILE E 60 43.92 -27.67 32.51
N ASP E 61 44.48 -26.46 32.36
CA ASP E 61 45.84 -26.17 32.80
C ASP E 61 46.81 -27.14 32.14
N HIS E 62 46.50 -27.49 30.91
CA HIS E 62 47.25 -28.44 30.12
C HIS E 62 47.87 -27.65 28.99
N TRP E 63 49.17 -27.77 28.86
CA TRP E 63 49.99 -26.82 28.15
C TRP E 63 50.87 -27.55 27.17
N GLN E 64 51.53 -26.79 26.31
CA GLN E 64 52.66 -27.27 25.54
C GLN E 64 53.68 -26.16 25.40
N VAL E 65 54.95 -26.56 25.29
CA VAL E 65 56.07 -25.64 25.16
C VAL E 65 56.86 -25.96 23.91
N ASP E 66 57.42 -24.92 23.29
CA ASP E 66 58.47 -25.04 22.30
C ASP E 66 59.38 -23.84 22.44
N TYR E 67 60.69 -24.07 22.35
CA TYR E 67 61.62 -22.97 22.12
C TYR E 67 61.48 -22.54 20.67
N THR E 68 61.79 -21.29 20.41
CA THR E 68 61.78 -20.81 19.05
C THR E 68 62.69 -19.60 18.97
N HIS E 69 63.25 -19.39 17.78
CA HIS E 69 64.17 -18.31 17.53
C HIS E 69 63.49 -17.23 16.72
N TYR E 70 63.55 -16.01 17.23
CA TYR E 70 63.10 -14.84 16.49
C TYR E 70 64.27 -13.87 16.53
N GLU E 71 64.92 -13.70 15.38
CA GLU E 71 65.99 -12.74 15.19
C GLU E 71 67.07 -12.90 16.25
N ASP E 72 67.68 -14.09 16.31
CA ASP E 72 68.78 -14.38 17.23
C ASP E 72 68.37 -14.16 18.68
N LYS E 73 67.10 -14.47 18.98
CA LYS E 73 66.62 -14.42 20.35
C LYS E 73 65.86 -15.70 20.61
N ILE E 74 66.39 -16.53 21.50
CA ILE E 74 65.71 -17.74 21.92
C ILE E 74 64.56 -17.30 22.79
N ILE E 75 63.38 -17.80 22.48
CA ILE E 75 62.17 -17.41 23.18
C ILE E 75 61.48 -18.69 23.62
N LEU E 76 61.48 -18.92 24.94
CA LEU E 76 60.65 -19.96 25.53
C LEU E 76 59.22 -19.53 25.34
N VAL E 77 58.36 -20.49 25.07
CA VAL E 77 56.97 -20.25 24.77
C VAL E 77 56.20 -21.31 25.51
N TRP E 78 55.29 -20.91 26.37
CA TRP E 78 54.29 -21.80 26.92
C TRP E 78 52.98 -21.59 26.19
N VAL E 79 52.28 -22.68 25.92
CA VAL E 79 51.07 -22.66 25.12
C VAL E 79 50.02 -23.50 25.81
N GLU E 80 48.94 -22.86 26.25
CA GLU E 80 47.85 -23.55 26.89
C GLU E 80 47.04 -24.29 25.83
N THR E 81 46.78 -25.57 26.08
CA THR E 81 46.18 -26.43 25.06
C THR E 81 44.70 -26.16 24.82
N ASN E 82 43.93 -25.90 25.86
CA ASN E 82 42.50 -25.72 25.72
C ASN E 82 42.12 -24.32 25.28
N SER E 83 42.32 -23.31 26.12
CA SER E 83 42.11 -21.92 25.77
C SER E 83 42.91 -21.47 24.55
N GLY E 84 44.04 -22.12 24.27
CA GLY E 84 44.99 -21.56 23.36
C GLY E 84 45.81 -20.43 23.94
N LEU E 85 45.65 -20.15 25.23
CA LEU E 85 46.36 -19.02 25.83
C LEU E 85 47.84 -19.35 25.85
N ILE E 86 48.66 -18.30 25.85
CA ILE E 86 50.09 -18.45 25.67
C ILE E 86 50.82 -17.63 26.72
N TYR E 87 51.99 -18.10 27.11
CA TYR E 87 53.00 -17.30 27.77
C TYR E 87 54.29 -17.55 27.02
N ALA E 88 55.17 -16.57 27.01
CA ALA E 88 56.48 -16.70 26.42
C ALA E 88 57.39 -15.62 26.99
N GLU E 89 58.69 -15.81 26.85
CA GLU E 89 59.65 -14.83 27.32
C GLU E 89 60.93 -14.99 26.53
N ARG E 90 61.67 -13.89 26.39
CA ARG E 90 62.99 -13.97 25.78
C ARG E 90 63.87 -14.82 26.67
N VAL E 91 64.77 -15.56 26.05
CA VAL E 91 65.60 -16.53 26.74
C VAL E 91 67.02 -16.43 26.20
N LYS E 92 67.98 -16.56 27.13
CA LYS E 92 69.39 -16.49 26.76
C LYS E 92 69.84 -17.80 26.11
N GLY E 93 69.34 -18.92 26.61
CA GLY E 93 69.72 -20.20 26.04
C GLY E 93 68.72 -21.28 26.38
N GLU E 94 68.86 -22.39 25.67
CA GLU E 94 67.97 -23.54 25.80
C GLU E 94 68.40 -24.46 26.93
N THR E 95 69.30 -24.00 27.80
CA THR E 95 69.83 -24.77 28.91
C THR E 95 68.71 -25.28 29.79
N GLY E 96 68.99 -26.41 30.45
CA GLY E 96 68.14 -26.82 31.54
C GLY E 96 67.92 -25.75 32.58
N GLN E 97 68.99 -25.21 33.16
CA GLN E 97 68.89 -24.37 34.36
C GLN E 97 68.12 -23.08 34.12
N GLU E 98 68.44 -22.38 33.04
CA GLU E 98 67.72 -21.15 32.71
C GLU E 98 66.23 -21.44 32.64
N PHE E 99 65.85 -22.46 31.87
CA PHE E 99 64.45 -22.86 31.79
C PHE E 99 63.89 -23.29 33.13
N ARG E 100 64.73 -23.88 34.00
CA ARG E 100 64.23 -24.29 35.30
C ARG E 100 63.77 -23.09 36.08
N VAL E 101 64.53 -21.99 36.01
CA VAL E 101 64.08 -20.77 36.65
C VAL E 101 62.92 -20.16 35.89
N GLN E 102 62.90 -20.36 34.56
CA GLN E 102 61.77 -19.86 33.76
C GLN E 102 60.47 -20.49 34.20
N THR E 103 60.50 -21.81 34.44
CA THR E 103 59.30 -22.53 34.77
C THR E 103 58.99 -22.47 36.26
N MET E 104 59.96 -22.08 37.08
CA MET E 104 59.65 -21.69 38.45
C MET E 104 58.88 -20.39 38.47
N LYS E 105 59.35 -19.40 37.69
CA LYS E 105 58.57 -18.19 37.50
C LYS E 105 57.23 -18.48 36.88
N TRP E 106 57.20 -19.42 35.94
CA TRP E 106 55.98 -19.70 35.20
C TRP E 106 54.96 -20.35 36.10
N TYR E 107 55.37 -21.38 36.83
CA TYR E 107 54.54 -21.98 37.86
C TYR E 107 54.18 -20.98 38.95
N ALA E 108 54.97 -19.92 39.11
CA ALA E 108 54.57 -18.87 40.03
C ALA E 108 53.41 -18.06 39.45
N MET E 109 53.48 -17.74 38.17
CA MET E 109 52.42 -16.94 37.56
C MET E 109 51.22 -17.78 37.18
N PHE E 110 51.46 -19.01 36.75
CA PHE E 110 50.43 -19.92 36.30
C PHE E 110 50.32 -21.06 37.27
N ALA E 111 49.16 -21.71 37.26
CA ALA E 111 48.81 -22.76 38.20
C ALA E 111 48.65 -24.04 37.40
N PRO E 112 49.74 -24.62 36.90
CA PRO E 112 49.62 -25.80 36.04
C PRO E 112 49.21 -27.06 36.76
N LYS E 113 48.36 -27.81 36.09
CA LYS E 113 48.25 -29.25 36.23
C LYS E 113 49.31 -29.98 35.43
N SER E 114 49.44 -29.62 34.15
CA SER E 114 49.91 -30.56 33.15
C SER E 114 50.48 -29.79 31.97
N LEU E 115 51.20 -30.52 31.12
CA LEU E 115 52.01 -29.92 30.06
C LEU E 115 52.26 -30.96 28.98
N GLN E 116 52.59 -30.48 27.79
CA GLN E 116 53.17 -31.28 26.72
C GLN E 116 54.54 -30.71 26.38
N SER E 117 55.39 -31.55 25.80
CA SER E 117 56.70 -31.04 25.42
C SER E 117 57.34 -32.02 24.44
N ASP E 118 58.51 -31.60 23.95
CA ASP E 118 59.33 -32.43 23.10
C ASP E 118 60.39 -33.10 23.96
N ASN E 119 61.27 -33.85 23.29
CA ASN E 119 62.30 -34.61 23.95
C ASN E 119 63.59 -33.81 24.16
N GLY E 120 63.53 -32.49 23.92
CA GLY E 120 64.71 -31.67 23.97
C GLY E 120 65.44 -31.73 25.30
N PRO E 121 66.72 -31.30 25.33
CA PRO E 121 67.55 -31.61 26.50
C PRO E 121 67.06 -30.99 27.81
N ALA E 122 66.72 -29.71 27.80
CA ALA E 122 66.35 -29.00 29.02
C ALA E 122 65.14 -29.65 29.69
N PHE E 123 64.18 -30.10 28.89
CA PHE E 123 63.00 -30.72 29.45
C PHE E 123 63.29 -32.14 29.89
N VAL E 124 63.82 -32.97 29.00
CA VAL E 124 64.17 -34.35 29.33
C VAL E 124 65.32 -34.41 30.35
N ALA E 125 66.01 -33.30 30.59
CA ALA E 125 66.99 -33.22 31.67
C ALA E 125 66.34 -33.62 32.99
N GLU E 126 67.13 -34.24 33.85
CA GLU E 126 66.54 -34.90 35.02
C GLU E 126 66.04 -33.88 36.02
N SER E 127 66.88 -32.92 36.42
CA SER E 127 66.49 -31.99 37.48
C SER E 127 65.31 -31.12 37.06
N THR E 128 65.14 -30.94 35.74
CA THR E 128 63.90 -30.38 35.24
C THR E 128 62.73 -31.23 35.69
N GLN E 129 62.69 -32.48 35.24
CA GLN E 129 61.57 -33.38 35.51
C GLN E 129 61.41 -33.66 37.01
N LEU E 130 62.50 -33.79 37.74
CA LEU E 130 62.46 -33.86 39.19
C LEU E 130 61.81 -32.63 39.77
N LEU E 131 62.11 -31.47 39.20
CA LEU E 131 61.49 -30.26 39.67
C LEU E 131 60.03 -30.20 39.25
N MET E 132 59.68 -30.86 38.15
CA MET E 132 58.28 -31.00 37.79
C MET E 132 57.54 -31.82 38.83
N LYS E 133 58.25 -32.76 39.45
CA LYS E 133 57.66 -33.56 40.52
C LYS E 133 57.66 -32.81 41.84
N TYR E 134 58.71 -32.03 42.09
CA TYR E 134 58.76 -31.18 43.27
C TYR E 134 57.65 -30.13 43.24
N LEU E 135 57.22 -29.75 42.04
CA LEU E 135 56.10 -28.85 41.84
C LEU E 135 54.78 -29.59 41.59
N GLY E 136 54.81 -30.92 41.48
CA GLY E 136 53.60 -31.70 41.41
C GLY E 136 52.96 -31.73 40.03
N ILE E 137 53.74 -31.44 39.00
CA ILE E 137 53.25 -31.37 37.62
C ILE E 137 53.62 -32.67 36.95
N GLU E 138 52.74 -33.14 36.07
CA GLU E 138 53.04 -34.31 35.26
C GLU E 138 53.72 -33.80 34.01
N HIS E 139 55.00 -34.15 33.88
CA HIS E 139 55.81 -33.74 32.76
C HIS E 139 55.69 -34.81 31.68
N THR E 140 55.51 -34.36 30.44
CA THR E 140 55.46 -35.25 29.30
C THR E 140 56.34 -34.71 28.18
N THR E 141 57.38 -35.46 27.88
CA THR E 141 58.23 -35.26 26.72
C THR E 141 57.94 -36.37 25.74
N GLY E 142 58.05 -36.05 24.47
CA GLY E 142 57.80 -37.00 23.41
C GLY E 142 57.64 -36.26 22.11
N ILE E 143 57.71 -37.01 21.01
CA ILE E 143 57.55 -36.39 19.70
C ILE E 143 56.10 -35.87 19.68
N PRO E 144 55.86 -34.56 19.68
CA PRO E 144 54.46 -34.11 19.76
C PRO E 144 53.75 -34.49 18.47
N TRP E 145 52.72 -35.31 18.63
CA TRP E 145 52.10 -36.02 17.52
C TRP E 145 50.75 -35.48 17.08
N ASN E 146 50.18 -34.52 17.78
CA ASN E 146 48.74 -34.34 17.74
C ASN E 146 48.36 -33.18 16.81
N PRO E 147 47.55 -33.39 15.74
CA PRO E 147 47.19 -32.27 14.87
C PRO E 147 46.46 -31.14 15.58
N GLN E 148 45.58 -31.51 16.50
CA GLN E 148 44.90 -30.56 17.36
C GLN E 148 45.90 -29.68 18.08
N SER E 149 46.91 -30.30 18.70
CA SER E 149 47.97 -29.51 19.34
C SER E 149 48.80 -28.79 18.29
N GLN E 150 49.35 -29.55 17.35
CA GLN E 150 50.44 -29.04 16.55
C GLN E 150 49.98 -27.96 15.57
N ALA E 151 48.70 -27.92 15.24
CA ALA E 151 48.20 -26.84 14.42
C ALA E 151 48.15 -25.54 15.20
N LEU E 152 47.56 -25.59 16.40
CA LEU E 152 47.57 -24.46 17.33
C LEU E 152 48.99 -23.98 17.59
N VAL E 153 49.90 -24.94 17.86
CA VAL E 153 51.31 -24.64 18.09
C VAL E 153 51.89 -23.93 16.88
N GLU E 154 51.56 -24.43 15.70
CA GLU E 154 52.19 -23.95 14.48
C GLU E 154 51.77 -22.53 14.17
N ARG E 155 50.47 -22.31 14.13
CA ARG E 155 49.94 -20.98 13.91
C ARG E 155 50.39 -20.02 14.98
N THR E 156 50.56 -20.54 16.20
CA THR E 156 51.10 -19.71 17.26
C THR E 156 52.49 -19.24 16.88
N HIS E 157 53.31 -20.14 16.33
CA HIS E 157 54.66 -19.72 15.96
C HIS E 157 54.65 -18.72 14.82
N GLN E 158 53.99 -19.08 13.71
CA GLN E 158 54.06 -18.24 12.51
C GLN E 158 53.39 -16.90 12.76
N THR E 159 52.21 -16.93 13.36
CA THR E 159 51.49 -15.70 13.63
C THR E 159 52.19 -14.90 14.71
N LEU E 160 52.92 -15.56 15.60
CA LEU E 160 53.66 -14.83 16.61
C LEU E 160 54.76 -14.03 15.97
N LYS E 161 55.61 -14.69 15.19
CA LYS E 161 56.76 -14.01 14.61
C LYS E 161 56.29 -12.94 13.64
N ASN E 162 55.14 -13.19 13.01
CA ASN E 162 54.42 -12.09 12.37
C ASN E 162 54.18 -10.96 13.35
N THR E 163 53.66 -11.26 14.54
CA THR E 163 53.31 -10.20 15.49
C THR E 163 54.48 -9.42 16.02
N LEU E 164 55.61 -10.07 16.31
CA LEU E 164 56.78 -9.27 16.65
C LEU E 164 57.16 -8.41 15.47
N GLU E 165 57.14 -8.99 14.27
CA GLU E 165 57.50 -8.22 13.10
C GLU E 165 56.57 -7.03 12.90
N LYS E 166 55.33 -7.14 13.35
CA LYS E 166 54.48 -5.97 13.48
C LYS E 166 55.03 -4.99 14.49
N LEU E 167 55.21 -5.46 15.72
CA LEU E 167 55.28 -4.59 16.89
C LEU E 167 56.63 -3.96 17.14
N ILE E 168 57.68 -4.78 17.13
CA ILE E 168 58.97 -4.42 17.71
C ILE E 168 59.56 -3.12 17.18
N PRO E 169 59.33 -2.69 15.93
CA PRO E 169 59.81 -1.36 15.55
C PRO E 169 59.17 -0.25 16.34
N MET E 170 57.98 -0.47 16.89
CA MET E 170 57.37 0.50 17.79
C MET E 170 58.07 0.58 19.14
N PHE E 171 58.98 -0.35 19.43
CA PHE E 171 59.41 -0.58 20.80
C PHE E 171 60.92 -0.48 20.93
N ASN E 172 61.34 0.39 21.85
CA ASN E 172 62.71 0.41 22.33
C ASN E 172 63.12 -0.99 22.79
N ALA E 173 62.54 -1.47 23.89
CA ALA E 173 62.89 -2.76 24.45
C ALA E 173 62.10 -3.86 23.77
N PHE E 174 62.79 -4.98 23.50
CA PHE E 174 62.15 -6.11 22.84
C PHE E 174 61.32 -6.92 23.83
N GLU E 175 61.60 -6.82 25.13
CA GLU E 175 60.81 -7.52 26.11
C GLU E 175 59.50 -6.78 26.35
N SER E 176 59.57 -5.45 26.35
CA SER E 176 58.38 -4.63 26.27
C SER E 176 57.53 -4.99 25.06
N ALA E 177 58.16 -5.08 23.88
CA ALA E 177 57.43 -5.40 22.65
C ALA E 177 56.83 -6.79 22.73
N LEU E 178 57.62 -7.74 23.19
CA LEU E 178 57.22 -9.12 23.33
C LEU E 178 56.03 -9.26 24.27
N ALA E 179 56.11 -8.57 25.40
CA ALA E 179 54.95 -8.40 26.26
C ALA E 179 53.78 -7.85 25.45
N GLY E 180 54.07 -6.92 24.54
CA GLY E 180 53.05 -6.43 23.64
C GLY E 180 52.36 -7.53 22.86
N THR E 181 53.14 -8.41 22.22
CA THR E 181 52.58 -9.57 21.53
C THR E 181 51.65 -10.36 22.42
N LEU E 182 52.15 -10.73 23.60
CA LEU E 182 51.38 -11.52 24.53
C LEU E 182 50.07 -10.82 24.87
N ILE E 183 50.13 -9.51 25.00
CA ILE E 183 48.94 -8.74 25.32
C ILE E 183 47.95 -8.81 24.19
N THR E 184 48.41 -8.60 22.96
CA THR E 184 47.55 -8.66 21.79
C THR E 184 46.78 -9.96 21.74
N LEU E 185 47.45 -11.06 21.95
CA LEU E 185 46.84 -12.35 21.73
C LEU E 185 46.02 -12.82 22.92
N ASN E 186 46.58 -12.66 24.10
CA ASN E 186 46.03 -13.14 25.36
C ASN E 186 44.89 -12.28 25.85
N ILE E 187 45.14 -10.99 25.79
CA ILE E 187 44.30 -10.00 26.42
C ILE E 187 43.38 -9.35 25.40
N LYS E 188 43.97 -8.72 24.39
CA LYS E 188 43.18 -7.94 23.45
C LYS E 188 42.42 -8.79 22.46
N ARG E 189 43.10 -9.73 21.80
CA ARG E 189 42.47 -10.48 20.71
C ARG E 189 41.51 -11.47 21.32
N LYS E 190 40.38 -11.67 20.64
CA LYS E 190 39.27 -12.46 21.14
C LYS E 190 38.74 -13.35 20.04
N GLY E 191 37.92 -14.31 20.45
CA GLY E 191 37.32 -15.26 19.54
C GLY E 191 35.97 -15.67 20.06
N GLY E 192 35.11 -16.18 19.20
CA GLY E 192 33.79 -16.53 19.63
C GLY E 192 33.00 -15.31 20.03
N LEU E 193 32.62 -15.26 21.30
CA LEU E 193 31.73 -14.27 21.85
C LEU E 193 32.46 -13.01 22.30
N GLY E 194 33.72 -12.85 21.92
CA GLY E 194 34.57 -11.85 22.53
C GLY E 194 35.33 -12.47 23.67
N THR E 195 35.71 -13.73 23.47
CA THR E 195 36.53 -14.46 24.41
C THR E 195 37.95 -14.51 23.91
N SER E 196 38.83 -13.87 24.63
CA SER E 196 40.24 -14.11 24.47
C SER E 196 40.57 -15.44 25.09
N PRO E 197 41.77 -15.96 24.83
CA PRO E 197 42.18 -17.16 25.56
C PRO E 197 42.26 -16.92 27.05
N MET E 198 42.58 -15.70 27.47
CA MET E 198 42.61 -15.38 28.88
C MET E 198 41.22 -15.48 29.49
N ASP E 199 40.19 -15.24 28.69
CA ASP E 199 38.83 -15.32 29.19
C ASP E 199 38.47 -16.77 29.46
N ILE E 200 38.81 -17.62 28.49
CA ILE E 200 38.60 -19.05 28.62
C ILE E 200 39.34 -19.56 29.83
N PHE E 201 40.56 -19.07 29.96
CA PHE E 201 41.46 -19.42 31.02
C PHE E 201 40.84 -19.15 32.38
N ILE E 202 40.46 -17.89 32.64
CA ILE E 202 39.88 -17.53 33.93
C ILE E 202 38.60 -18.30 34.17
N PHE E 203 37.87 -18.59 33.09
CA PHE E 203 36.63 -19.34 33.25
C PHE E 203 36.91 -20.72 33.81
N ASN E 204 37.78 -21.47 33.14
CA ASN E 204 38.03 -22.83 33.53
C ASN E 204 38.67 -22.88 34.91
N LYS E 205 39.59 -21.95 35.17
CA LYS E 205 40.21 -21.85 36.48
C LYS E 205 39.16 -21.72 37.56
N GLU E 206 38.25 -20.77 37.40
CA GLU E 206 37.26 -20.56 38.45
C GLU E 206 36.29 -21.74 38.50
N GLN E 207 36.15 -22.48 37.40
CA GLN E 207 35.23 -23.61 37.38
C GLN E 207 35.78 -24.79 38.16
N GLN E 208 37.09 -25.01 38.09
CA GLN E 208 37.73 -26.11 38.81
C GLN E 208 37.44 -26.04 40.28
N ARG E 209 37.75 -24.89 40.88
CA ARG E 209 37.60 -24.70 42.31
C ARG E 209 36.17 -24.91 42.73
N ILE E 210 35.23 -24.54 41.87
CA ILE E 210 33.83 -24.72 42.19
C ILE E 210 33.48 -26.19 42.13
N GLN E 211 34.08 -26.93 41.20
CA GLN E 211 33.93 -28.37 41.19
C GLN E 211 34.39 -28.95 42.51
N GLN E 212 35.54 -28.47 43.00
CA GLN E 212 36.11 -29.03 44.21
C GLN E 212 35.26 -28.70 45.42
N GLN E 213 34.91 -27.42 45.59
CA GLN E 213 34.05 -26.99 46.69
C GLN E 213 32.74 -27.76 46.69
N SER E 214 32.15 -27.88 45.51
CA SER E 214 30.91 -28.61 45.33
C SER E 214 31.02 -30.03 45.86
N LYS E 215 32.08 -30.72 45.45
CA LYS E 215 32.35 -32.06 45.98
C LYS E 215 32.48 -32.04 47.49
N SER E 216 33.11 -30.99 48.02
CA SER E 216 33.27 -30.89 49.46
C SER E 216 31.91 -30.82 50.15
N LYS E 217 30.93 -30.19 49.51
CA LYS E 217 29.59 -30.19 50.07
C LYS E 217 28.85 -31.48 49.77
N GLN E 218 29.36 -32.28 48.81
CA GLN E 218 28.80 -33.61 48.59
C GLN E 218 29.28 -34.62 49.63
N GLU E 219 30.49 -34.44 50.16
CA GLU E 219 31.11 -35.54 50.91
C GLU E 219 30.45 -35.80 52.26
N LYS E 220 29.64 -34.86 52.76
CA LYS E 220 29.23 -34.95 54.16
C LYS E 220 28.14 -36.01 54.34
N ILE E 221 26.92 -35.74 53.89
CA ILE E 221 25.85 -36.73 53.86
C ILE E 221 25.53 -37.20 55.27
N ARG E 222 24.79 -36.38 55.99
CA ARG E 222 24.70 -36.41 57.44
C ARG E 222 23.58 -37.32 57.89
N PHE E 223 23.20 -37.21 59.16
CA PHE E 223 22.11 -37.97 59.73
C PHE E 223 21.37 -37.12 60.74
N CYS E 224 20.09 -37.44 60.92
CA CYS E 224 19.18 -36.57 61.63
C CYS E 224 18.07 -37.38 62.27
N TYR E 225 17.62 -36.90 63.43
CA TYR E 225 16.40 -37.40 64.03
C TYR E 225 15.18 -36.81 63.36
N TYR E 226 14.04 -37.44 63.61
CA TYR E 226 12.79 -37.01 63.05
C TYR E 226 11.65 -37.56 63.91
N ARG E 227 10.45 -37.13 63.58
CA ARG E 227 9.26 -37.68 64.20
C ARG E 227 8.04 -37.36 63.35
N THR E 228 6.96 -38.06 63.67
CA THR E 228 5.74 -38.08 62.88
C THR E 228 4.56 -37.68 63.75
N ARG E 229 3.45 -37.38 63.08
CA ARG E 229 2.22 -36.93 63.71
C ARG E 229 1.13 -37.95 63.49
N LYS E 230 0.19 -37.98 64.44
CA LYS E 230 -1.05 -38.71 64.30
C LYS E 230 -2.17 -37.82 64.79
N ARG E 231 -3.05 -37.41 63.87
CA ARG E 231 -4.05 -36.37 64.13
C ARG E 231 -3.39 -35.12 64.72
N GLY E 232 -2.19 -34.81 64.24
CA GLY E 232 -1.43 -33.71 64.77
C GLY E 232 -0.62 -34.03 66.01
N HIS E 233 -0.92 -35.13 66.69
CA HIS E 233 -0.30 -35.40 67.97
C HIS E 233 1.07 -36.02 67.75
N PRO E 234 2.10 -35.62 68.49
CA PRO E 234 3.47 -35.99 68.13
C PRO E 234 3.74 -37.46 68.41
N GLY E 235 4.42 -38.10 67.49
CA GLY E 235 5.21 -39.26 67.81
C GLY E 235 6.51 -38.84 68.47
N GLU E 236 7.19 -39.82 69.04
CA GLU E 236 8.49 -39.54 69.64
C GLU E 236 9.54 -39.33 68.56
N TRP E 237 10.66 -38.74 68.97
CA TRP E 237 11.80 -38.61 68.08
C TRP E 237 12.30 -39.98 67.67
N GLN E 238 12.70 -40.07 66.40
CA GLN E 238 13.09 -41.30 65.74
C GLN E 238 14.42 -41.05 65.05
N GLY E 239 15.04 -42.13 64.59
CA GLY E 239 16.39 -42.05 64.06
C GLY E 239 17.40 -42.33 65.16
N PRO E 240 18.69 -41.99 64.95
CA PRO E 240 19.25 -41.20 63.86
C PRO E 240 19.25 -41.95 62.55
N THR E 241 18.97 -41.20 61.49
CA THR E 241 18.95 -41.74 60.15
C THR E 241 19.52 -40.68 59.24
N GLN E 242 19.95 -41.13 58.06
CA GLN E 242 20.72 -40.27 57.17
C GLN E 242 19.94 -39.04 56.74
N VAL E 243 20.68 -37.99 56.43
CA VAL E 243 20.15 -36.77 55.83
C VAL E 243 20.33 -36.98 54.33
N LEU E 244 19.21 -37.20 53.64
CA LEU E 244 19.27 -37.75 52.29
C LEU E 244 18.93 -36.71 51.24
N TRP E 245 17.71 -36.22 51.25
CA TRP E 245 17.34 -35.10 50.39
C TRP E 245 16.55 -34.10 51.20
N GLY E 246 17.14 -32.93 51.38
CA GLY E 246 16.42 -31.81 51.90
C GLY E 246 15.53 -31.21 50.84
N GLY E 247 14.29 -30.92 51.21
CA GLY E 247 13.43 -30.08 50.45
C GLY E 247 13.18 -28.75 51.11
N ASP E 248 12.19 -28.04 50.60
CA ASP E 248 11.73 -26.79 51.17
C ASP E 248 10.69 -27.12 52.23
N GLY E 249 11.01 -26.80 53.48
CA GLY E 249 10.13 -27.02 54.60
C GLY E 249 10.18 -28.42 55.17
N ALA E 250 10.66 -29.40 54.40
CA ALA E 250 10.75 -30.76 54.87
C ALA E 250 11.79 -31.48 54.02
N ILE E 251 12.19 -32.65 54.49
CA ILE E 251 13.38 -33.34 54.02
C ILE E 251 12.99 -34.74 53.56
N VAL E 252 13.99 -35.57 53.30
CA VAL E 252 13.81 -37.00 53.06
C VAL E 252 14.71 -37.77 54.00
N VAL E 253 14.13 -38.75 54.68
CA VAL E 253 14.86 -39.79 55.38
C VAL E 253 14.29 -41.12 54.90
N LYS E 254 15.02 -42.19 55.19
CA LYS E 254 14.45 -43.53 55.12
C LYS E 254 13.76 -43.81 56.45
N ASP E 255 12.59 -44.42 56.39
CA ASP E 255 12.07 -45.10 57.57
C ASP E 255 12.76 -46.45 57.65
N ARG E 256 13.56 -46.63 58.68
CA ARG E 256 14.25 -47.89 58.86
C ARG E 256 13.29 -48.98 59.26
N GLY E 257 12.21 -48.61 59.95
CA GLY E 257 11.13 -49.51 60.28
C GLY E 257 10.48 -50.14 59.07
N THR E 258 10.03 -49.35 58.10
CA THR E 258 9.33 -49.85 56.94
C THR E 258 10.19 -50.03 55.70
N ASP E 259 11.46 -49.65 55.74
CA ASP E 259 12.32 -49.66 54.56
C ASP E 259 11.71 -48.82 53.44
N ARG E 260 11.24 -47.63 53.81
CA ARG E 260 10.55 -46.73 52.91
C ARG E 260 10.83 -45.30 53.37
N TYR E 261 11.00 -44.40 52.42
CA TYR E 261 11.35 -43.03 52.76
C TYR E 261 10.13 -42.21 53.13
N LEU E 262 10.36 -41.18 53.95
CA LEU E 262 9.33 -40.29 54.45
C LEU E 262 9.72 -38.85 54.18
N VAL E 263 8.87 -37.93 54.62
CA VAL E 263 9.17 -36.51 54.58
C VAL E 263 8.68 -35.87 55.87
N ILE E 264 9.50 -35.00 56.43
CA ILE E 264 9.38 -34.52 57.80
C ILE E 264 9.58 -33.03 57.81
N ALA E 265 8.62 -32.30 58.38
CA ALA E 265 8.71 -30.85 58.50
C ALA E 265 10.00 -30.45 59.22
N ASN E 266 10.59 -29.33 58.78
CA ASN E 266 11.86 -28.88 59.33
C ASN E 266 11.81 -28.72 60.84
N LYS E 267 10.69 -28.20 61.34
CA LYS E 267 10.47 -28.13 62.77
C LYS E 267 10.40 -29.50 63.42
N ASP E 268 10.07 -30.55 62.66
CA ASP E 268 9.94 -31.92 63.14
C ASP E 268 11.25 -32.72 63.05
N VAL E 269 12.37 -32.06 62.75
CA VAL E 269 13.67 -32.69 62.56
C VAL E 269 14.65 -32.21 63.62
N LYS E 270 15.61 -33.06 63.97
CA LYS E 270 16.86 -32.64 64.60
C LYS E 270 18.02 -33.24 63.81
N PHE E 271 18.79 -32.37 63.16
CA PHE E 271 20.03 -32.78 62.52
C PHE E 271 21.14 -32.90 63.55
N ILE E 272 22.18 -33.66 63.19
CA ILE E 272 23.22 -34.06 64.14
C ILE E 272 24.59 -33.76 63.55
N ASN F 4 16.25 -6.81 40.46
CA ASN F 4 16.96 -6.76 41.74
C ASN F 4 17.67 -5.47 41.99
N ILE F 5 18.12 -4.84 40.90
CA ILE F 5 18.86 -3.58 41.04
C ILE F 5 18.03 -2.54 41.76
N PRO F 6 16.72 -2.36 41.48
CA PRO F 6 15.91 -1.53 42.37
C PRO F 6 15.84 -2.07 43.78
N LEU F 7 15.64 -3.37 43.94
CA LEU F 7 15.56 -3.94 45.29
C LEU F 7 16.91 -3.91 45.97
N ALA F 8 17.98 -3.95 45.18
CA ALA F 8 19.31 -3.90 45.77
C ALA F 8 19.61 -2.51 46.26
N GLU F 9 19.16 -1.51 45.53
CA GLU F 9 19.28 -0.14 46.02
C GLU F 9 18.32 0.09 47.19
N GLU F 10 17.23 -0.68 47.25
CA GLU F 10 16.36 -0.62 48.41
C GLU F 10 17.10 -1.16 49.62
N GLU F 11 17.78 -2.29 49.44
CA GLU F 11 18.58 -2.87 50.50
C GLU F 11 19.69 -1.94 50.91
N HIS F 12 20.27 -1.21 49.96
CA HIS F 12 21.36 -0.32 50.29
C HIS F 12 20.88 0.89 51.06
N ASN F 13 19.90 1.59 50.49
CA ASN F 13 19.40 2.81 51.11
C ASN F 13 18.86 2.54 52.49
N LYS F 14 18.25 1.36 52.69
CA LYS F 14 18.04 0.86 54.04
C LYS F 14 19.36 0.69 54.79
N TRP F 15 20.10 -0.35 54.44
CA TRP F 15 21.22 -0.87 55.23
C TRP F 15 22.55 -0.22 54.96
N HIS F 16 22.84 0.16 53.72
CA HIS F 16 24.12 0.76 53.33
C HIS F 16 25.30 -0.19 53.49
N GLN F 17 25.37 -1.19 52.62
CA GLN F 17 26.51 -2.10 52.56
C GLN F 17 27.48 -1.68 51.45
N ASP F 18 28.50 -2.52 51.23
CA ASP F 18 29.46 -2.36 50.15
C ASP F 18 28.80 -2.54 48.78
N ALA F 19 29.43 -1.97 47.74
CA ALA F 19 29.08 -2.31 46.38
C ALA F 19 29.22 -3.81 46.14
N VAL F 20 30.30 -4.38 46.68
CA VAL F 20 30.54 -5.80 46.53
C VAL F 20 29.44 -6.60 47.22
N SER F 21 28.98 -6.11 48.35
CA SER F 21 28.03 -6.90 49.13
C SER F 21 26.66 -6.92 48.46
N LEU F 22 26.19 -5.77 47.98
CA LEU F 22 24.95 -5.74 47.20
C LEU F 22 25.12 -6.57 45.93
N HIS F 23 26.29 -6.50 45.32
CA HIS F 23 26.55 -7.23 44.10
C HIS F 23 26.43 -8.73 44.29
N LEU F 24 27.24 -9.27 45.20
CA LEU F 24 27.23 -10.69 45.49
C LEU F 24 25.88 -11.15 46.02
N GLU F 25 25.34 -10.42 46.98
CA GLU F 25 24.04 -10.68 47.57
C GLU F 25 22.93 -10.79 46.53
N PHE F 26 22.80 -9.78 45.67
CA PHE F 26 21.74 -9.73 44.67
C PHE F 26 22.19 -10.21 43.30
N GLY F 27 23.47 -10.50 43.10
CA GLY F 27 23.94 -11.00 41.82
C GLY F 27 23.77 -10.07 40.65
N ILE F 28 23.50 -8.79 40.91
CA ILE F 28 23.38 -7.79 39.86
C ILE F 28 24.79 -7.47 39.39
N PRO F 29 24.98 -6.78 38.28
CA PRO F 29 26.33 -6.33 37.93
C PRO F 29 26.85 -5.37 38.99
N ARG F 30 28.15 -5.47 39.27
CA ARG F 30 28.71 -4.74 40.38
C ARG F 30 28.89 -3.26 40.07
N THR F 31 29.01 -2.87 38.81
CA THR F 31 29.06 -1.44 38.52
C THR F 31 27.75 -0.77 38.89
N ALA F 32 26.65 -1.52 38.85
CA ALA F 32 25.37 -0.97 39.30
C ALA F 32 25.35 -0.82 40.82
N ALA F 33 25.97 -1.76 41.52
CA ALA F 33 26.02 -1.67 42.98
C ALA F 33 26.96 -0.55 43.42
N GLU F 34 28.12 -0.47 42.78
CA GLU F 34 29.00 0.69 42.88
C GLU F 34 28.26 1.98 42.61
N ASP F 35 27.49 2.05 41.52
CA ASP F 35 26.67 3.23 41.25
C ASP F 35 25.71 3.52 42.39
N ILE F 36 25.09 2.48 42.96
CA ILE F 36 24.17 2.69 44.08
C ILE F 36 24.89 3.34 45.26
N VAL F 37 26.05 2.80 45.62
CA VAL F 37 26.80 3.37 46.73
C VAL F 37 27.21 4.80 46.41
N GLN F 38 27.68 5.01 45.18
CA GLN F 38 28.08 6.33 44.74
C GLN F 38 26.89 7.26 44.64
N GLN F 39 25.78 6.79 44.07
CA GLN F 39 24.55 7.56 43.98
C GLN F 39 23.87 7.71 45.33
N CYS F 40 24.07 6.77 46.25
CA CYS F 40 23.54 6.91 47.59
C CYS F 40 24.39 7.94 48.31
N ASP F 41 23.73 9.00 48.78
CA ASP F 41 24.45 10.08 49.45
C ASP F 41 25.04 9.60 50.78
N VAL F 42 24.45 8.56 51.35
CA VAL F 42 24.79 8.15 52.71
C VAL F 42 26.24 7.66 52.79
N CYS F 43 26.64 6.82 51.84
CA CYS F 43 27.98 6.25 51.89
C CYS F 43 29.03 7.19 51.30
N GLN F 44 28.61 8.16 50.48
CA GLN F 44 29.55 9.12 49.91
C GLN F 44 29.69 10.36 50.77
N GLU F 45 28.80 10.52 51.76
CA GLU F 45 29.03 11.50 52.81
C GLU F 45 30.07 11.05 53.81
N ASN F 46 30.26 9.74 53.99
CA ASN F 46 31.16 9.19 55.01
C ASN F 46 31.93 8.02 54.41
N LYS F 47 33.25 8.12 54.43
CA LYS F 47 34.14 7.10 53.88
C LYS F 47 35.19 6.69 54.91
N LYS F 57 38.68 5.94 46.53
CA LYS F 57 37.81 5.09 45.72
C LYS F 57 38.65 4.13 44.89
N ARG F 58 38.32 2.84 44.95
CA ARG F 58 39.07 1.79 44.28
C ARG F 58 38.10 0.76 43.73
N GLY F 59 38.27 0.42 42.46
CA GLY F 59 37.58 -0.71 41.90
C GLY F 59 38.23 -2.01 42.31
N ILE F 60 37.84 -3.08 41.62
CA ILE F 60 38.56 -4.34 41.76
C ILE F 60 40.01 -4.16 41.40
N ASP F 61 40.29 -3.98 40.11
CA ASP F 61 41.67 -3.93 39.68
C ASP F 61 42.17 -2.58 40.15
N HIS F 62 43.07 -2.64 41.11
CA HIS F 62 43.87 -1.49 41.41
C HIS F 62 45.13 -2.02 42.04
N TRP F 63 46.25 -1.48 41.61
CA TRP F 63 47.54 -1.99 42.02
C TRP F 63 48.28 -0.89 42.73
N GLN F 64 49.28 -1.30 43.48
CA GLN F 64 50.20 -0.35 44.06
C GLN F 64 51.59 -0.94 44.02
N VAL F 65 52.54 -0.09 43.69
CA VAL F 65 53.92 -0.48 43.51
C VAL F 65 54.72 0.00 44.71
N ASP F 66 55.74 -0.77 45.07
CA ASP F 66 56.91 -0.21 45.70
C ASP F 66 58.11 -1.03 45.24
N TYR F 67 59.21 -0.35 44.94
CA TYR F 67 60.48 -1.03 44.86
C TYR F 67 60.84 -1.48 46.26
N THR F 68 61.59 -2.56 46.36
CA THR F 68 62.19 -2.93 47.64
C THR F 68 63.57 -3.51 47.42
N HIS F 69 64.51 -3.04 48.23
CA HIS F 69 65.85 -3.58 48.28
C HIS F 69 65.86 -4.73 49.26
N TYR F 70 66.30 -5.89 48.78
CA TYR F 70 66.51 -7.04 49.64
C TYR F 70 67.90 -7.57 49.35
N GLU F 71 68.80 -7.39 50.32
CA GLU F 71 70.18 -7.86 50.23
C GLU F 71 70.84 -7.29 48.99
N ASP F 72 70.70 -5.98 48.79
CA ASP F 72 71.19 -5.30 47.60
C ASP F 72 70.61 -5.93 46.33
N LYS F 73 69.32 -6.29 46.40
CA LYS F 73 68.60 -6.73 45.21
C LYS F 73 67.35 -5.87 45.12
N ILE F 74 67.32 -5.00 44.13
CA ILE F 74 66.16 -4.16 43.88
C ILE F 74 65.07 -5.08 43.40
N ILE F 75 63.92 -5.02 44.06
CA ILE F 75 62.76 -5.80 43.68
C ILE F 75 61.60 -4.85 43.55
N LEU F 76 61.14 -4.68 42.32
CA LEU F 76 59.86 -4.06 42.02
C LEU F 76 58.79 -4.96 42.62
N VAL F 77 57.89 -4.39 43.41
CA VAL F 77 56.86 -5.15 44.12
C VAL F 77 55.51 -4.58 43.74
N TRP F 78 54.71 -5.37 43.05
CA TRP F 78 53.34 -5.02 42.74
C TRP F 78 52.39 -5.60 43.74
N VAL F 79 51.38 -4.80 44.10
CA VAL F 79 50.39 -5.22 45.09
C VAL F 79 49.02 -4.74 44.64
N GLU F 80 48.08 -5.68 44.49
CA GLU F 80 46.69 -5.35 44.22
C GLU F 80 45.98 -5.01 45.52
N THR F 81 45.08 -4.04 45.47
CA THR F 81 44.50 -3.53 46.69
C THR F 81 43.40 -4.40 47.27
N ASN F 82 42.45 -4.83 46.44
CA ASN F 82 41.28 -5.56 46.90
C ASN F 82 41.57 -7.02 47.21
N SER F 83 41.89 -7.84 46.20
CA SER F 83 42.30 -9.22 46.40
C SER F 83 43.51 -9.36 47.29
N GLY F 84 44.38 -8.36 47.33
CA GLY F 84 45.65 -8.49 47.99
C GLY F 84 46.66 -9.31 47.23
N LEU F 85 46.31 -9.77 46.03
CA LEU F 85 47.28 -10.49 45.22
C LEU F 85 48.37 -9.52 44.78
N ILE F 86 49.53 -10.07 44.52
CA ILE F 86 50.77 -9.31 44.35
C ILE F 86 51.52 -9.86 43.16
N TYR F 87 52.45 -9.07 42.66
CA TYR F 87 53.54 -9.56 41.83
C TYR F 87 54.78 -8.83 42.29
N ALA F 88 55.94 -9.43 42.06
CA ALA F 88 57.19 -8.74 42.25
C ALA F 88 58.23 -9.41 41.38
N GLU F 89 59.28 -8.67 41.07
CA GLU F 89 60.39 -9.19 40.29
C GLU F 89 61.63 -8.44 40.71
N ARG F 90 62.75 -9.14 40.75
CA ARG F 90 64.03 -8.49 41.01
C ARG F 90 64.37 -7.67 39.78
N VAL F 91 64.89 -6.49 40.00
CA VAL F 91 65.10 -5.53 38.95
C VAL F 91 66.54 -5.05 39.05
N LYS F 92 67.10 -4.71 37.89
CA LYS F 92 68.48 -4.26 37.84
C LYS F 92 68.63 -2.88 38.44
N GLY F 93 67.68 -1.99 38.15
CA GLY F 93 67.68 -0.66 38.74
C GLY F 93 66.27 -0.12 38.82
N GLU F 94 66.14 0.96 39.58
CA GLU F 94 64.85 1.60 39.79
C GLU F 94 64.46 2.53 38.63
N THR F 95 65.23 2.48 37.54
CA THR F 95 65.11 3.41 36.42
C THR F 95 63.72 3.37 35.80
N GLY F 96 63.36 4.49 35.18
CA GLY F 96 62.18 4.54 34.36
C GLY F 96 62.13 3.48 33.29
N GLN F 97 63.15 3.38 32.45
CA GLN F 97 63.08 2.53 31.25
C GLN F 97 62.91 1.07 31.62
N GLU F 98 63.80 0.55 32.46
CA GLU F 98 63.66 -0.81 32.92
C GLU F 98 62.28 -1.04 33.52
N PHE F 99 61.82 -0.10 34.33
CA PHE F 99 60.49 -0.21 34.94
C PHE F 99 59.39 -0.26 33.90
N ARG F 100 59.54 0.52 32.82
CA ARG F 100 58.59 0.46 31.72
C ARG F 100 58.54 -0.94 31.15
N VAL F 101 59.71 -1.56 30.94
CA VAL F 101 59.73 -2.90 30.38
C VAL F 101 59.08 -3.90 31.34
N GLN F 102 59.36 -3.73 32.63
CA GLN F 102 58.77 -4.58 33.67
C GLN F 102 57.27 -4.52 33.62
N THR F 103 56.72 -3.31 33.61
CA THR F 103 55.27 -3.18 33.67
C THR F 103 54.61 -3.57 32.35
N MET F 104 55.35 -3.53 31.25
CA MET F 104 54.80 -4.07 30.01
C MET F 104 54.61 -5.56 30.12
N LYS F 105 55.66 -6.26 30.57
CA LYS F 105 55.56 -7.68 30.87
C LYS F 105 54.41 -7.95 31.84
N TRP F 106 54.33 -7.13 32.87
CA TRP F 106 53.32 -7.24 33.90
C TRP F 106 51.92 -7.16 33.31
N TYR F 107 51.67 -6.08 32.57
CA TYR F 107 50.38 -5.92 31.91
C TYR F 107 50.15 -6.99 30.84
N ALA F 108 51.21 -7.68 30.41
CA ALA F 108 50.99 -8.95 29.72
C ALA F 108 50.46 -10.00 30.68
N MET F 109 50.94 -10.00 31.91
CA MET F 109 50.45 -10.94 32.91
C MET F 109 49.17 -10.45 33.55
N PHE F 110 48.89 -9.16 33.46
CA PHE F 110 47.83 -8.55 34.25
C PHE F 110 46.86 -7.78 33.38
N ALA F 111 45.63 -7.69 33.87
CA ALA F 111 44.56 -6.95 33.23
C ALA F 111 44.11 -5.86 34.19
N PRO F 112 44.94 -4.87 34.48
CA PRO F 112 44.58 -3.81 35.42
C PRO F 112 43.62 -2.79 34.87
N LYS F 113 42.93 -2.16 35.81
CA LYS F 113 42.28 -0.88 35.63
C LYS F 113 43.19 0.29 35.95
N SER F 114 43.95 0.18 37.03
CA SER F 114 44.35 1.33 37.81
C SER F 114 45.58 1.02 38.66
N LEU F 115 46.18 2.08 39.20
CA LEU F 115 47.44 1.97 39.95
C LEU F 115 47.55 3.06 41.01
N GLN F 116 48.28 2.74 42.08
CA GLN F 116 48.88 3.73 42.97
C GLN F 116 50.38 3.55 42.98
N SER F 117 51.09 4.62 43.33
CA SER F 117 52.46 4.46 43.79
C SER F 117 52.81 5.74 44.53
N ASP F 118 54.06 5.81 44.96
CA ASP F 118 54.60 7.08 45.41
C ASP F 118 55.08 7.87 44.19
N ASN F 119 55.84 8.92 44.47
CA ASN F 119 56.36 9.83 43.46
C ASN F 119 57.69 9.39 42.89
N GLY F 120 58.11 8.15 43.14
CA GLY F 120 59.41 7.67 42.75
C GLY F 120 59.73 7.85 41.28
N PRO F 121 61.02 7.86 40.93
CA PRO F 121 61.43 8.43 39.63
C PRO F 121 60.86 7.72 38.42
N ALA F 122 60.91 6.39 38.42
CA ALA F 122 60.39 5.64 37.30
C ALA F 122 58.91 5.90 37.09
N PHE F 123 58.17 6.02 38.17
CA PHE F 123 56.73 6.18 38.10
C PHE F 123 56.40 7.52 37.48
N VAL F 124 56.91 8.57 38.11
CA VAL F 124 56.66 9.94 37.69
C VAL F 124 57.37 10.28 36.39
N ALA F 125 58.26 9.42 35.90
CA ALA F 125 58.93 9.63 34.62
C ALA F 125 57.92 9.79 33.50
N GLU F 126 58.25 10.64 32.52
CA GLU F 126 57.28 11.07 31.52
C GLU F 126 56.76 9.91 30.72
N SER F 127 57.66 9.21 30.04
CA SER F 127 57.20 8.18 29.11
C SER F 127 56.63 6.98 29.85
N THR F 128 56.96 6.84 31.12
CA THR F 128 56.28 5.83 31.92
C THR F 128 54.81 6.19 32.06
N GLN F 129 54.54 7.46 32.32
CA GLN F 129 53.17 7.93 32.40
C GLN F 129 52.49 7.91 31.04
N LEU F 130 53.21 8.31 29.99
CA LEU F 130 52.69 8.18 28.63
C LEU F 130 52.41 6.75 28.29
N LEU F 131 53.14 5.83 28.91
CA LEU F 131 52.92 4.42 28.66
C LEU F 131 51.71 3.93 29.44
N MET F 132 51.48 4.49 30.63
CA MET F 132 50.20 4.27 31.30
C MET F 132 49.05 4.76 30.44
N LYS F 133 49.27 5.85 29.70
CA LYS F 133 48.25 6.41 28.84
C LYS F 133 48.11 5.60 27.56
N TYR F 134 49.25 5.14 27.05
CA TYR F 134 49.28 4.22 25.94
C TYR F 134 48.44 3.00 26.26
N LEU F 135 48.52 2.57 27.50
CA LEU F 135 47.77 1.44 28.01
C LEU F 135 46.48 1.85 28.68
N GLY F 136 46.27 3.14 28.89
CA GLY F 136 44.97 3.62 29.30
C GLY F 136 44.60 3.18 30.69
N ILE F 137 45.50 3.39 31.64
CA ILE F 137 45.37 2.90 32.99
C ILE F 137 45.52 4.09 33.91
N GLU F 138 44.93 4.01 35.09
CA GLU F 138 44.98 5.12 36.02
C GLU F 138 46.26 4.95 36.82
N HIS F 139 47.18 5.88 36.59
CA HIS F 139 48.38 6.00 37.39
C HIS F 139 48.12 7.09 38.41
N THR F 140 48.39 6.78 39.67
CA THR F 140 48.33 7.77 40.72
C THR F 140 49.60 7.70 41.55
N THR F 141 50.40 8.75 41.45
CA THR F 141 51.55 8.97 42.31
C THR F 141 51.20 10.02 43.33
N GLY F 142 51.80 9.90 44.49
CA GLY F 142 51.61 10.84 45.56
C GLY F 142 52.03 10.20 46.85
N ILE F 143 52.10 11.02 47.90
CA ILE F 143 52.49 10.51 49.20
C ILE F 143 51.38 9.55 49.60
N PRO F 144 51.58 8.23 49.64
CA PRO F 144 50.44 7.35 49.84
C PRO F 144 49.88 7.51 51.25
N TRP F 145 48.60 7.87 51.29
CA TRP F 145 47.90 8.27 52.50
C TRP F 145 46.97 7.21 53.07
N ASN F 146 46.76 6.10 52.39
CA ASN F 146 45.58 5.28 52.65
C ASN F 146 45.90 4.16 53.63
N PRO F 147 45.32 4.13 54.86
CA PRO F 147 45.71 3.09 55.83
C PRO F 147 45.30 1.69 55.40
N GLN F 148 44.17 1.60 54.70
CA GLN F 148 43.78 0.39 54.01
C GLN F 148 44.93 -0.12 53.16
N SER F 149 45.53 0.79 52.40
CA SER F 149 46.61 0.43 51.50
C SER F 149 47.88 0.15 52.28
N GLN F 150 48.33 1.13 53.06
CA GLN F 150 49.69 1.11 53.57
C GLN F 150 49.87 -0.01 54.58
N ALA F 151 48.81 -0.37 55.30
CA ALA F 151 48.86 -1.55 56.13
C ALA F 151 49.14 -2.78 55.27
N LEU F 152 48.38 -2.96 54.20
CA LEU F 152 48.53 -4.15 53.39
C LEU F 152 49.87 -4.18 52.67
N VAL F 153 50.25 -3.07 52.05
CA VAL F 153 51.49 -3.03 51.29
C VAL F 153 52.69 -3.22 52.21
N GLU F 154 52.60 -2.67 53.41
CA GLU F 154 53.70 -2.80 54.36
C GLU F 154 53.78 -4.22 54.89
N ARG F 155 52.64 -4.78 55.32
CA ARG F 155 52.55 -6.19 55.64
C ARG F 155 53.09 -7.06 54.51
N THR F 156 52.79 -6.67 53.28
CA THR F 156 53.22 -7.42 52.12
C THR F 156 54.73 -7.46 52.01
N HIS F 157 55.37 -6.31 52.21
CA HIS F 157 56.83 -6.26 52.05
C HIS F 157 57.54 -6.90 53.23
N GLN F 158 57.00 -6.73 54.44
CA GLN F 158 57.56 -7.43 55.59
C GLN F 158 57.49 -8.92 55.38
N THR F 159 56.30 -9.42 55.05
CA THR F 159 56.11 -10.82 54.73
C THR F 159 56.98 -11.24 53.56
N LEU F 160 57.21 -10.33 52.63
CA LEU F 160 58.01 -10.64 51.46
C LEU F 160 59.44 -10.96 51.85
N LYS F 161 60.09 -10.03 52.56
CA LYS F 161 61.47 -10.29 52.99
C LYS F 161 61.52 -11.45 53.98
N ASN F 162 60.45 -11.64 54.74
CA ASN F 162 60.32 -12.78 55.62
C ASN F 162 60.48 -14.08 54.85
N THR F 163 59.65 -14.27 53.84
CA THR F 163 59.62 -15.51 53.08
C THR F 163 60.79 -15.64 52.14
N LEU F 164 61.30 -14.52 51.64
CA LEU F 164 62.57 -14.56 50.93
C LEU F 164 63.64 -15.16 51.83
N GLU F 165 63.72 -14.66 53.07
CA GLU F 165 64.70 -15.17 54.01
C GLU F 165 64.47 -16.64 54.30
N LYS F 166 63.22 -17.09 54.23
CA LYS F 166 62.98 -18.53 54.34
C LYS F 166 63.54 -19.29 53.14
N LEU F 167 63.15 -18.90 51.93
CA LEU F 167 63.31 -19.73 50.75
C LEU F 167 64.64 -19.58 50.01
N ILE F 168 65.25 -18.40 49.95
CA ILE F 168 66.46 -18.20 49.15
C ILE F 168 67.59 -19.18 49.47
N PRO F 169 67.77 -19.68 50.70
CA PRO F 169 68.71 -20.81 50.85
C PRO F 169 68.27 -22.04 50.10
N MET F 170 66.95 -22.26 49.96
CA MET F 170 66.44 -23.48 49.37
C MET F 170 66.61 -23.55 47.87
N PHE F 171 67.02 -22.46 47.22
CA PHE F 171 66.97 -22.36 45.77
C PHE F 171 68.26 -21.80 45.24
N ASN F 172 68.72 -22.34 44.12
CA ASN F 172 69.92 -21.84 43.47
C ASN F 172 69.73 -20.40 43.03
N ALA F 173 68.75 -20.17 42.16
CA ALA F 173 68.52 -18.83 41.64
C ALA F 173 67.69 -18.03 42.64
N PHE F 174 68.09 -16.79 42.85
CA PHE F 174 67.26 -15.87 43.61
C PHE F 174 65.97 -15.56 42.85
N GLU F 175 65.95 -15.78 41.53
CA GLU F 175 64.75 -15.50 40.74
C GLU F 175 63.73 -16.63 40.90
N SER F 176 64.19 -17.87 41.00
CA SER F 176 63.30 -18.98 41.29
C SER F 176 62.95 -19.07 42.76
N ALA F 177 63.81 -18.55 43.64
CA ALA F 177 63.43 -18.41 45.05
C ALA F 177 62.39 -17.33 45.20
N LEU F 178 62.59 -16.21 44.50
CA LEU F 178 61.61 -15.14 44.44
C LEU F 178 60.30 -15.64 43.84
N ALA F 179 60.40 -16.45 42.78
CA ALA F 179 59.24 -17.18 42.29
C ALA F 179 58.64 -18.03 43.39
N GLY F 180 59.50 -18.59 44.23
CA GLY F 180 59.04 -19.33 45.38
C GLY F 180 58.16 -18.52 46.30
N THR F 181 58.64 -17.36 46.74
CA THR F 181 57.82 -16.51 47.60
C THR F 181 56.54 -16.07 46.91
N LEU F 182 56.62 -15.82 45.60
CA LEU F 182 55.41 -15.52 44.84
C LEU F 182 54.43 -16.67 44.90
N ILE F 183 54.93 -17.89 44.93
CA ILE F 183 54.06 -19.05 44.99
C ILE F 183 53.45 -19.17 46.38
N THR F 184 54.28 -18.98 47.40
CA THR F 184 53.76 -19.06 48.76
C THR F 184 52.65 -18.05 48.98
N LEU F 185 52.87 -16.81 48.59
CA LEU F 185 51.95 -15.74 48.89
C LEU F 185 50.75 -15.70 47.95
N ASN F 186 50.95 -15.94 46.64
CA ASN F 186 49.87 -15.89 45.66
C ASN F 186 49.08 -17.19 45.59
N ILE F 187 49.77 -18.33 45.62
CA ILE F 187 49.15 -19.63 45.46
C ILE F 187 48.89 -20.27 46.80
N LYS F 188 49.94 -20.68 47.48
CA LYS F 188 49.81 -21.61 48.58
C LYS F 188 49.16 -20.98 49.79
N ARG F 189 49.48 -19.72 50.07
CA ARG F 189 48.89 -18.99 51.17
C ARG F 189 47.40 -18.89 50.89
N LYS F 190 46.59 -19.21 51.90
CA LYS F 190 45.15 -19.17 51.78
C LYS F 190 44.54 -18.68 53.08
N GLY F 191 43.31 -18.22 52.97
CA GLY F 191 42.60 -17.66 54.10
C GLY F 191 41.10 -17.77 53.87
N GLY F 192 40.32 -17.52 54.90
CA GLY F 192 38.90 -17.74 54.77
C GLY F 192 38.61 -19.21 54.56
N LEU F 193 37.97 -19.51 53.44
CA LEU F 193 37.48 -20.83 53.12
C LEU F 193 38.46 -21.67 52.30
N GLY F 194 39.73 -21.27 52.21
CA GLY F 194 40.68 -21.86 51.28
C GLY F 194 40.99 -20.96 50.11
N THR F 195 40.83 -19.66 50.31
CA THR F 195 40.96 -18.65 49.26
C THR F 195 42.37 -18.10 49.24
N SER F 196 43.06 -18.24 48.11
CA SER F 196 44.29 -17.52 47.88
C SER F 196 43.96 -16.21 47.17
N PRO F 197 44.85 -15.20 47.25
CA PRO F 197 44.60 -13.99 46.46
C PRO F 197 44.58 -14.26 44.97
N MET F 198 45.30 -15.29 44.54
CA MET F 198 45.17 -15.74 43.17
C MET F 198 43.75 -16.14 42.88
N ASP F 199 43.17 -16.93 43.77
CA ASP F 199 41.84 -17.45 43.55
C ASP F 199 40.82 -16.34 43.60
N ILE F 200 40.94 -15.48 44.62
CA ILE F 200 40.06 -14.32 44.75
C ILE F 200 40.16 -13.45 43.52
N PHE F 201 41.38 -13.28 43.02
CA PHE F 201 41.64 -12.39 41.91
C PHE F 201 40.99 -12.93 40.65
N ILE F 202 41.22 -14.22 40.37
CA ILE F 202 40.63 -14.92 39.24
C ILE F 202 39.11 -14.80 39.32
N PHE F 203 38.58 -14.95 40.51
CA PHE F 203 37.15 -14.85 40.73
C PHE F 203 36.65 -13.47 40.40
N ASN F 204 37.41 -12.47 40.80
CA ASN F 204 36.97 -11.10 40.60
C ASN F 204 36.93 -10.77 39.13
N LYS F 205 37.98 -11.16 38.42
CA LYS F 205 38.04 -10.91 36.99
C LYS F 205 36.97 -11.70 36.26
N GLU F 206 36.71 -12.90 36.76
CA GLU F 206 35.66 -13.74 36.21
C GLU F 206 34.33 -13.03 36.28
N GLN F 207 33.93 -12.64 37.49
CA GLN F 207 32.63 -12.02 37.67
C GLN F 207 32.56 -10.66 37.01
N GLN F 208 33.71 -10.00 36.82
CA GLN F 208 33.73 -8.70 36.18
C GLN F 208 33.48 -8.85 34.69
N ARG F 209 34.23 -9.75 34.07
CA ARG F 209 34.00 -10.15 32.70
C ARG F 209 32.55 -10.48 32.49
N ILE F 210 32.01 -11.25 33.40
CA ILE F 210 30.67 -11.77 33.24
C ILE F 210 29.67 -10.66 33.50
N GLN F 211 30.07 -9.65 34.24
CA GLN F 211 29.32 -8.41 34.25
C GLN F 211 29.28 -7.83 32.86
N GLN F 212 30.42 -7.88 32.16
CA GLN F 212 30.45 -7.40 30.79
C GLN F 212 29.49 -8.21 29.93
N GLN F 213 29.56 -9.54 30.01
CA GLN F 213 28.75 -10.39 29.15
C GLN F 213 27.27 -10.18 29.43
N SER F 214 26.93 -10.14 30.71
CA SER F 214 25.58 -9.80 31.15
C SER F 214 25.10 -8.53 30.47
N LYS F 215 25.69 -7.40 30.86
CA LYS F 215 25.14 -6.09 30.52
C LYS F 215 25.19 -5.85 29.02
N SER F 216 26.21 -6.39 28.37
CA SER F 216 26.44 -6.11 26.96
C SER F 216 25.56 -6.99 26.11
N LYS F 217 25.47 -8.25 26.48
CA LYS F 217 24.75 -9.20 25.64
C LYS F 217 23.26 -8.95 25.71
N GLN F 218 22.74 -8.71 26.91
CA GLN F 218 21.32 -8.98 27.12
C GLN F 218 20.46 -7.96 26.41
N GLU F 219 20.35 -6.81 27.06
CA GLU F 219 19.46 -5.71 26.70
C GLU F 219 19.62 -4.97 25.39
N LYS F 220 18.47 -4.58 24.85
CA LYS F 220 18.38 -3.79 23.64
C LYS F 220 17.43 -2.64 23.96
N ILE F 221 17.83 -1.84 24.95
CA ILE F 221 17.08 -0.68 25.37
C ILE F 221 16.87 0.19 24.16
N ARG F 222 15.86 1.02 24.22
CA ARG F 222 15.85 2.25 23.47
C ARG F 222 15.49 3.37 24.43
N PHE F 223 15.74 4.59 23.99
CA PHE F 223 15.25 5.78 24.64
C PHE F 223 14.41 6.52 23.64
N CYS F 224 13.68 7.51 24.12
CA CYS F 224 12.93 8.32 23.19
C CYS F 224 12.52 9.63 23.83
N TYR F 225 12.25 10.60 22.97
CA TYR F 225 11.52 11.77 23.38
C TYR F 225 10.08 11.36 23.50
N TYR F 226 9.32 12.22 24.14
CA TYR F 226 7.92 11.97 24.28
C TYR F 226 7.23 13.30 24.40
N ARG F 227 5.94 13.24 24.21
CA ARG F 227 5.14 14.40 24.44
C ARG F 227 3.74 13.93 24.76
N THR F 228 2.88 14.87 25.07
CA THR F 228 1.56 14.58 25.58
C THR F 228 0.59 15.64 25.08
N ARG F 229 -0.69 15.33 25.26
CA ARG F 229 -1.75 16.11 24.67
C ARG F 229 -2.62 16.80 25.69
N LYS F 230 -2.85 18.07 25.40
CA LYS F 230 -3.76 18.90 26.15
C LYS F 230 -4.85 19.28 25.18
N ARG F 231 -6.03 18.74 25.41
CA ARG F 231 -7.14 18.91 24.49
C ARG F 231 -6.76 18.36 23.12
N GLY F 232 -5.96 17.29 23.14
CA GLY F 232 -5.40 16.73 21.93
C GLY F 232 -4.20 17.49 21.40
N HIS F 233 -3.86 18.62 21.97
CA HIS F 233 -2.81 19.42 21.40
C HIS F 233 -1.47 18.91 21.91
N PRO F 234 -0.55 18.48 21.04
CA PRO F 234 0.61 17.72 21.50
C PRO F 234 1.52 18.56 22.36
N GLY F 235 2.27 17.87 23.22
CA GLY F 235 3.29 18.50 24.01
C GLY F 235 4.45 18.91 23.14
N GLU F 236 5.36 19.64 23.74
CA GLU F 236 6.70 19.69 23.22
C GLU F 236 7.36 18.35 23.47
N TRP F 237 8.44 18.10 22.76
CA TRP F 237 9.17 16.87 22.99
C TRP F 237 9.92 16.94 24.29
N GLN F 238 9.94 15.82 24.99
CA GLN F 238 10.31 15.80 26.38
C GLN F 238 11.34 14.73 26.66
N GLY F 239 12.10 14.99 27.70
CA GLY F 239 13.18 14.13 28.08
C GLY F 239 14.31 14.25 27.06
N PRO F 240 14.75 13.15 26.45
CA PRO F 240 14.17 11.84 26.38
C PRO F 240 14.35 11.06 27.63
N THR F 241 13.49 10.10 27.81
CA THR F 241 13.63 9.09 28.84
C THR F 241 13.81 7.77 28.14
N GLN F 242 13.87 6.71 28.93
CA GLN F 242 14.08 5.39 28.40
C GLN F 242 12.78 4.74 28.00
N VAL F 243 12.87 3.88 26.99
CA VAL F 243 11.81 2.95 26.74
C VAL F 243 11.79 2.00 27.92
N LEU F 244 10.75 2.08 28.73
CA LEU F 244 10.67 1.16 29.84
C LEU F 244 10.13 -0.18 29.38
N TRP F 245 9.03 -0.16 28.66
CA TRP F 245 8.44 -1.40 28.17
C TRP F 245 7.92 -1.18 26.77
N GLY F 246 8.44 -1.97 25.85
CA GLY F 246 7.98 -1.96 24.48
C GLY F 246 6.63 -2.67 24.33
N GLY F 247 5.70 -1.94 23.73
CA GLY F 247 4.59 -2.53 23.05
C GLY F 247 4.33 -1.73 21.79
N ASP F 248 3.56 -2.33 20.88
CA ASP F 248 3.59 -1.86 19.51
C ASP F 248 2.59 -0.72 19.38
N GLY F 249 3.10 0.44 19.00
CA GLY F 249 2.35 1.66 18.93
C GLY F 249 2.35 2.45 20.20
N ALA F 250 2.53 1.79 21.34
CA ALA F 250 2.68 2.51 22.59
C ALA F 250 3.27 1.57 23.61
N ILE F 251 3.78 2.17 24.67
CA ILE F 251 4.86 1.60 25.46
C ILE F 251 4.60 1.92 26.91
N VAL F 252 5.62 1.72 27.72
CA VAL F 252 5.70 2.34 29.02
C VAL F 252 6.94 3.20 29.07
N VAL F 253 6.82 4.34 29.76
CA VAL F 253 7.93 5.18 30.14
C VAL F 253 7.58 5.90 31.42
N LYS F 254 8.62 6.25 32.17
CA LYS F 254 8.47 7.07 33.36
C LYS F 254 8.56 8.53 32.96
N ASP F 255 7.72 9.34 33.59
CA ASP F 255 7.93 10.78 33.59
C ASP F 255 8.95 11.10 34.65
N ARG F 256 10.08 11.68 34.26
CA ARG F 256 11.00 12.14 35.27
C ARG F 256 10.39 13.26 36.09
N GLY F 257 9.53 14.08 35.46
CA GLY F 257 8.82 15.12 36.15
C GLY F 257 7.97 14.65 37.31
N THR F 258 7.08 13.70 37.09
CA THR F 258 6.24 13.12 38.13
C THR F 258 6.76 11.82 38.69
N ASP F 259 7.89 11.31 38.19
CA ASP F 259 8.42 10.01 38.59
C ASP F 259 7.42 8.91 38.26
N ARG F 260 6.61 9.11 37.22
CA ARG F 260 5.43 8.30 37.00
C ARG F 260 5.52 7.57 35.68
N TYR F 261 5.18 6.29 35.74
CA TYR F 261 5.04 5.48 34.55
C TYR F 261 3.90 5.95 33.68
N LEU F 262 4.15 6.01 32.39
CA LEU F 262 3.24 6.58 31.42
C LEU F 262 3.30 5.83 30.12
N VAL F 263 2.22 5.91 29.38
CA VAL F 263 1.96 5.03 28.26
C VAL F 263 1.46 5.84 27.10
N ILE F 264 2.25 5.91 26.04
CA ILE F 264 2.18 7.00 25.10
C ILE F 264 2.22 6.45 23.70
N ALA F 265 1.40 7.03 22.84
CA ALA F 265 1.36 6.64 21.45
C ALA F 265 2.66 6.94 20.77
N ASN F 266 3.02 6.03 19.88
CA ASN F 266 4.21 6.10 19.06
C ASN F 266 4.38 7.45 18.39
N LYS F 267 3.29 8.00 17.90
CA LYS F 267 3.25 9.29 17.24
C LYS F 267 3.83 10.41 18.10
N ASP F 268 3.54 10.39 19.38
CA ASP F 268 4.02 11.37 20.32
C ASP F 268 5.30 10.90 20.99
N VAL F 269 5.96 9.93 20.39
CA VAL F 269 7.23 9.43 20.84
C VAL F 269 8.22 9.38 19.69
N LYS F 270 9.28 10.16 19.80
CA LYS F 270 10.36 10.15 18.83
C LYS F 270 11.47 9.22 19.32
N PHE F 271 11.80 8.24 18.49
CA PHE F 271 12.60 7.11 18.91
C PHE F 271 14.07 7.39 18.86
N ILE F 272 14.77 6.97 19.91
CA ILE F 272 16.16 7.37 20.11
C ILE F 272 16.94 6.10 20.42
N PRO F 273 18.15 5.92 19.92
CA PRO F 273 18.94 4.82 20.37
C PRO F 273 19.47 5.11 21.76
N PRO F 274 19.85 4.08 22.51
CA PRO F 274 20.12 4.27 23.94
C PRO F 274 21.25 5.24 24.24
N PRO F 275 22.43 4.95 23.71
CA PRO F 275 23.64 5.65 24.14
C PRO F 275 23.70 7.15 23.97
N LYS F 276 23.32 7.72 22.82
CA LYS F 276 23.38 9.17 22.63
C LYS F 276 24.80 9.58 22.97
N GLU F 277 24.91 10.42 23.98
CA GLU F 277 26.20 10.87 24.49
C GLU F 277 27.08 9.75 25.10
N ILE F 278 26.49 8.79 25.83
CA ILE F 278 27.34 7.79 26.45
C ILE F 278 27.48 6.62 25.49
N ASN G 4 47.45 -37.13 55.94
CA ASN G 4 47.58 -35.91 55.14
C ASN G 4 48.44 -34.86 55.83
N ILE G 5 48.39 -34.86 57.17
CA ILE G 5 49.35 -34.07 57.95
C ILE G 5 50.79 -34.34 57.51
N PRO G 6 51.21 -35.59 57.22
CA PRO G 6 52.59 -35.80 56.74
C PRO G 6 52.92 -35.07 55.47
N LEU G 7 52.03 -35.17 54.49
CA LEU G 7 52.20 -34.49 53.23
C LEU G 7 52.12 -32.98 53.43
N ALA G 8 51.47 -32.56 54.51
CA ALA G 8 51.36 -31.14 54.82
C ALA G 8 52.63 -30.58 55.43
N GLU G 9 53.36 -31.38 56.22
CA GLU G 9 54.65 -30.88 56.71
C GLU G 9 55.72 -31.04 55.64
N GLU G 10 55.57 -32.01 54.73
CA GLU G 10 56.42 -32.01 53.55
C GLU G 10 56.23 -30.74 52.77
N GLU G 11 54.97 -30.41 52.48
CA GLU G 11 54.68 -29.22 51.70
C GLU G 11 54.95 -27.95 52.49
N HIS G 12 55.00 -28.03 53.83
CA HIS G 12 55.34 -26.87 54.64
C HIS G 12 56.84 -26.66 54.68
N ASN G 13 57.60 -27.71 54.96
CA ASN G 13 59.05 -27.61 54.93
C ASN G 13 59.51 -27.18 53.55
N LYS G 14 58.83 -27.64 52.51
CA LYS G 14 59.01 -27.06 51.20
C LYS G 14 58.66 -25.57 51.18
N TRP G 15 57.35 -25.28 51.26
CA TRP G 15 56.83 -23.96 50.93
C TRP G 15 56.49 -23.07 52.12
N HIS G 16 56.51 -23.59 53.34
CA HIS G 16 56.34 -22.80 54.55
C HIS G 16 55.05 -22.01 54.56
N GLN G 17 53.94 -22.72 54.42
CA GLN G 17 52.62 -22.10 54.44
C GLN G 17 52.27 -21.63 55.86
N ASP G 18 51.11 -20.97 55.97
CA ASP G 18 50.50 -20.73 57.26
C ASP G 18 49.78 -21.98 57.72
N ALA G 19 49.60 -22.11 59.04
CA ALA G 19 48.84 -23.23 59.58
C ALA G 19 47.41 -23.17 59.11
N VAL G 20 46.86 -21.97 58.96
CA VAL G 20 45.56 -21.81 58.33
C VAL G 20 45.62 -22.34 56.90
N SER G 21 46.73 -22.07 56.21
CA SER G 21 46.83 -22.47 54.81
C SER G 21 47.00 -23.97 54.67
N LEU G 22 47.77 -24.59 55.56
CA LEU G 22 47.90 -26.04 55.52
C LEU G 22 46.59 -26.70 55.95
N HIS G 23 45.89 -26.08 56.88
CA HIS G 23 44.57 -26.56 57.31
C HIS G 23 43.60 -26.59 56.15
N LEU G 24 43.40 -25.44 55.54
CA LEU G 24 42.45 -25.31 54.45
C LEU G 24 42.87 -26.14 53.25
N GLU G 25 44.16 -26.14 52.95
CA GLU G 25 44.72 -26.90 51.85
C GLU G 25 44.52 -28.40 52.01
N PHE G 26 44.94 -28.96 53.14
CA PHE G 26 44.92 -30.39 53.36
C PHE G 26 43.73 -30.87 54.18
N GLY G 27 42.91 -29.96 54.70
CA GLY G 27 41.76 -30.36 55.49
C GLY G 27 42.11 -31.05 56.80
N ILE G 28 43.37 -30.97 57.23
CA ILE G 28 43.79 -31.51 58.52
C ILE G 28 43.21 -30.56 59.56
N PRO G 29 43.06 -30.94 60.83
CA PRO G 29 42.62 -29.95 61.81
C PRO G 29 43.65 -28.84 61.97
N ARG G 30 43.15 -27.61 62.14
CA ARG G 30 44.01 -26.43 62.20
C ARG G 30 45.02 -26.50 63.33
N THR G 31 44.69 -27.19 64.42
CA THR G 31 45.65 -27.38 65.49
C THR G 31 46.86 -28.16 65.00
N ALA G 32 46.64 -29.21 64.21
CA ALA G 32 47.74 -29.99 63.68
C ALA G 32 48.62 -29.17 62.75
N ALA G 33 48.01 -28.19 62.07
CA ALA G 33 48.78 -27.34 61.16
C ALA G 33 49.58 -26.30 61.94
N GLU G 34 49.00 -25.78 63.03
CA GLU G 34 49.76 -24.98 63.97
C GLU G 34 50.94 -25.78 64.52
N ASP G 35 50.76 -27.09 64.68
CA ASP G 35 51.86 -27.92 65.11
C ASP G 35 52.88 -28.12 63.99
N ILE G 36 52.43 -28.10 62.73
CA ILE G 36 53.39 -28.14 61.62
C ILE G 36 54.24 -26.89 61.63
N VAL G 37 53.60 -25.72 61.70
CA VAL G 37 54.33 -24.47 61.56
C VAL G 37 55.23 -24.27 62.76
N GLN G 38 54.65 -24.39 63.96
CA GLN G 38 55.37 -24.03 65.18
C GLN G 38 56.49 -25.01 65.47
N GLN G 39 56.48 -26.18 64.85
CA GLN G 39 57.60 -27.11 64.90
C GLN G 39 58.51 -27.02 63.67
N CYS G 40 58.14 -26.22 62.67
CA CYS G 40 59.06 -25.89 61.58
C CYS G 40 59.82 -24.65 61.97
N ASP G 41 61.14 -24.78 62.11
CA ASP G 41 61.96 -23.69 62.62
C ASP G 41 62.11 -22.57 61.61
N VAL G 42 61.85 -22.86 60.33
CA VAL G 42 61.88 -21.83 59.30
C VAL G 42 60.86 -20.74 59.63
N CYS G 43 59.67 -21.14 60.10
CA CYS G 43 58.66 -20.16 60.48
C CYS G 43 58.84 -19.67 61.91
N GLN G 44 59.58 -20.41 62.74
CA GLN G 44 59.82 -19.98 64.12
C GLN G 44 61.13 -19.21 64.25
N GLU G 45 61.95 -19.20 63.21
CA GLU G 45 62.98 -18.19 63.04
C GLU G 45 62.46 -16.93 62.37
N ASN G 46 61.34 -17.01 61.63
CA ASN G 46 60.84 -15.92 60.79
C ASN G 46 59.35 -15.68 61.10
N LYS G 47 59.06 -14.55 61.72
CA LYS G 47 57.69 -14.13 62.04
C LYS G 47 57.53 -12.65 61.77
N MET G 48 56.44 -12.30 61.09
CA MET G 48 56.14 -10.91 60.78
C MET G 48 55.89 -10.11 62.06
N ILE G 60 42.57 -18.08 67.33
CA ILE G 60 41.21 -18.49 67.05
C ILE G 60 40.30 -18.12 68.19
N ASP G 61 39.11 -17.64 67.86
CA ASP G 61 38.10 -17.22 68.83
C ASP G 61 38.69 -16.14 69.72
N HIS G 62 39.53 -15.30 69.12
CA HIS G 62 40.35 -14.34 69.83
C HIS G 62 39.90 -12.95 69.43
N TRP G 63 39.81 -12.08 70.42
CA TRP G 63 39.03 -10.85 70.32
C TRP G 63 39.77 -9.70 70.96
N GLN G 64 39.23 -8.51 70.77
CA GLN G 64 39.68 -7.33 71.49
C GLN G 64 38.50 -6.41 71.79
N VAL G 65 38.46 -5.85 72.99
CA VAL G 65 37.33 -5.02 73.33
C VAL G 65 37.70 -3.61 73.72
N ASP G 66 37.15 -2.65 72.99
CA ASP G 66 37.40 -1.26 73.28
C ASP G 66 36.09 -0.50 73.34
N TYR G 67 35.83 0.13 74.47
CA TYR G 67 34.66 0.97 74.61
C TYR G 67 34.79 2.10 73.61
N THR G 68 33.65 2.61 73.16
CA THR G 68 33.69 3.78 72.32
C THR G 68 32.40 4.56 72.48
N HIS G 69 32.55 5.87 72.46
CA HIS G 69 31.43 6.80 72.56
C HIS G 69 31.01 7.18 71.16
N TYR G 70 29.78 6.84 70.80
CA TYR G 70 29.12 7.43 69.63
C TYR G 70 28.02 8.33 70.16
N GLU G 71 28.22 9.64 70.01
CA GLU G 71 27.19 10.64 70.26
C GLU G 71 26.66 10.50 71.69
N ASP G 72 27.55 10.64 72.66
CA ASP G 72 27.21 10.59 74.08
C ASP G 72 26.56 9.26 74.44
N LYS G 73 26.96 8.20 73.74
CA LYS G 73 26.50 6.85 74.06
C LYS G 73 27.70 5.93 74.03
N ILE G 74 28.05 5.39 75.17
CA ILE G 74 29.19 4.48 75.29
C ILE G 74 28.78 3.20 74.59
N ILE G 75 29.70 2.65 73.81
CA ILE G 75 29.44 1.45 73.04
C ILE G 75 30.60 0.52 73.29
N LEU G 76 30.31 -0.61 73.91
CA LEU G 76 31.26 -1.70 74.08
C LEU G 76 31.41 -2.35 72.71
N VAL G 77 32.64 -2.49 72.23
CA VAL G 77 32.90 -2.97 70.87
C VAL G 77 33.87 -4.13 70.98
N TRP G 78 33.38 -5.33 70.67
CA TRP G 78 34.22 -6.50 70.55
C TRP G 78 34.63 -6.65 69.09
N VAL G 79 35.90 -7.03 68.87
CA VAL G 79 36.46 -7.19 67.53
C VAL G 79 37.27 -8.48 67.50
N GLU G 80 36.83 -9.43 66.66
CA GLU G 80 37.51 -10.72 66.55
C GLU G 80 38.70 -10.56 65.61
N THR G 81 39.89 -10.89 66.11
CA THR G 81 41.12 -10.54 65.42
C THR G 81 41.32 -11.30 64.11
N ASN G 82 40.74 -12.49 63.97
CA ASN G 82 40.90 -13.29 62.77
C ASN G 82 39.80 -13.03 61.74
N SER G 83 38.58 -13.50 61.97
CA SER G 83 37.47 -13.30 61.04
C SER G 83 37.05 -11.86 60.87
N GLY G 84 37.44 -10.96 61.77
CA GLY G 84 36.97 -9.59 61.74
C GLY G 84 35.53 -9.41 62.16
N LEU G 85 34.94 -10.41 62.82
CA LEU G 85 33.56 -10.33 63.25
C LEU G 85 33.47 -9.59 64.58
N ILE G 86 32.34 -8.90 64.78
CA ILE G 86 32.22 -7.92 65.86
C ILE G 86 30.91 -8.13 66.62
N TYR G 87 30.85 -7.53 67.80
CA TYR G 87 29.65 -7.44 68.63
C TYR G 87 29.62 -6.03 69.19
N ALA G 88 28.42 -5.53 69.52
CA ALA G 88 28.33 -4.34 70.35
C ALA G 88 26.99 -4.27 71.05
N GLU G 89 26.93 -3.43 72.08
CA GLU G 89 25.69 -3.04 72.73
C GLU G 89 25.93 -1.68 73.38
N ARG G 90 24.86 -0.91 73.52
CA ARG G 90 24.97 0.39 74.16
C ARG G 90 25.29 0.16 75.63
N VAL G 91 25.97 1.12 76.24
CA VAL G 91 26.58 0.95 77.53
C VAL G 91 26.18 2.13 78.40
N LYS G 92 25.71 1.84 79.61
CA LYS G 92 25.40 2.89 80.56
C LYS G 92 26.67 3.57 81.04
N GLY G 93 27.66 2.77 81.42
CA GLY G 93 28.94 3.29 81.85
C GLY G 93 30.03 2.27 81.61
N GLU G 94 31.26 2.75 81.59
CA GLU G 94 32.42 1.90 81.34
C GLU G 94 32.88 1.17 82.60
N THR G 95 32.09 1.24 83.68
CA THR G 95 32.39 0.57 84.93
C THR G 95 32.58 -0.93 84.75
N GLY G 96 33.36 -1.52 85.67
CA GLY G 96 33.61 -2.94 85.68
C GLY G 96 32.39 -3.82 85.63
N GLN G 97 31.43 -3.63 86.55
CA GLN G 97 30.34 -4.60 86.70
C GLN G 97 29.49 -4.70 85.45
N GLU G 98 29.21 -3.56 84.80
CA GLU G 98 28.46 -3.62 83.55
C GLU G 98 29.19 -4.47 82.54
N PHE G 99 30.51 -4.33 82.45
CA PHE G 99 31.28 -5.15 81.52
C PHE G 99 31.35 -6.61 81.96
N ARG G 100 31.23 -6.88 83.25
CA ARG G 100 31.12 -8.26 83.70
C ARG G 100 29.82 -8.88 83.18
N VAL G 101 28.74 -8.12 83.25
CA VAL G 101 27.48 -8.58 82.67
C VAL G 101 27.62 -8.75 81.17
N GLN G 102 28.24 -7.77 80.51
CA GLN G 102 28.33 -7.80 79.05
C GLN G 102 29.21 -8.93 78.58
N THR G 103 30.25 -9.29 79.33
CA THR G 103 31.10 -10.40 78.93
C THR G 103 30.48 -11.74 79.30
N MET G 104 29.58 -11.77 80.29
CA MET G 104 28.75 -12.96 80.48
C MET G 104 27.83 -13.19 79.29
N LYS G 105 27.02 -12.18 78.95
CA LYS G 105 26.17 -12.26 77.77
C LYS G 105 27.00 -12.54 76.53
N TRP G 106 28.16 -11.93 76.41
CA TRP G 106 28.93 -12.00 75.19
C TRP G 106 29.60 -13.35 75.05
N TYR G 107 30.16 -13.86 76.15
CA TYR G 107 30.61 -15.24 76.19
C TYR G 107 29.46 -16.22 75.99
N ALA G 108 28.22 -15.79 76.25
CA ALA G 108 27.07 -16.58 75.86
C ALA G 108 26.84 -16.56 74.36
N MET G 109 27.05 -15.42 73.71
CA MET G 109 26.78 -15.33 72.27
C MET G 109 27.95 -15.86 71.45
N PHE G 110 29.03 -16.29 72.09
CA PHE G 110 30.24 -16.71 71.41
C PHE G 110 30.89 -17.86 72.19
N ALA G 111 31.99 -18.36 71.64
CA ALA G 111 32.86 -19.31 72.33
C ALA G 111 34.26 -18.74 72.28
N PRO G 112 34.47 -17.56 72.87
CA PRO G 112 35.77 -16.89 72.76
C PRO G 112 36.85 -17.67 73.48
N LYS G 113 38.01 -17.73 72.84
CA LYS G 113 39.19 -18.32 73.45
C LYS G 113 39.92 -17.36 74.37
N SER G 114 40.13 -16.14 73.88
CA SER G 114 41.20 -15.29 74.39
C SER G 114 40.85 -13.84 74.10
N LEU G 115 41.56 -12.92 74.75
CA LEU G 115 41.23 -11.51 74.64
C LEU G 115 42.46 -10.62 74.74
N GLN G 116 42.40 -9.52 74.00
CA GLN G 116 43.26 -8.35 74.17
C GLN G 116 42.40 -7.20 74.64
N SER G 117 43.05 -6.21 75.25
CA SER G 117 42.38 -4.96 75.57
C SER G 117 43.43 -4.00 76.10
N ASP G 118 43.02 -2.75 76.25
CA ASP G 118 43.82 -1.79 76.97
C ASP G 118 43.78 -2.11 78.47
N ASN G 119 44.44 -1.26 79.24
CA ASN G 119 44.54 -1.42 80.68
C ASN G 119 43.39 -0.75 81.43
N GLY G 120 42.33 -0.34 80.73
CA GLY G 120 41.27 0.46 81.30
C GLY G 120 40.59 -0.17 82.50
N PRO G 121 39.76 0.63 83.21
CA PRO G 121 39.31 0.20 84.56
C PRO G 121 38.53 -1.09 84.59
N ALA G 122 37.56 -1.24 83.70
CA ALA G 122 36.67 -2.39 83.76
C ALA G 122 37.42 -3.70 83.51
N PHE G 123 38.36 -3.67 82.58
CA PHE G 123 38.95 -4.91 82.08
C PHE G 123 39.96 -5.43 83.08
N VAL G 124 40.84 -4.55 83.55
CA VAL G 124 41.88 -4.90 84.51
C VAL G 124 41.33 -5.13 85.91
N ALA G 125 40.07 -4.76 86.16
CA ALA G 125 39.46 -4.90 87.47
C ALA G 125 39.53 -6.34 87.97
N GLU G 126 39.64 -6.50 89.30
CA GLU G 126 39.94 -7.81 89.89
C GLU G 126 38.89 -8.83 89.53
N SER G 127 37.62 -8.57 89.87
CA SER G 127 36.59 -9.57 89.61
C SER G 127 36.29 -9.68 88.13
N THR G 128 36.66 -8.68 87.33
CA THR G 128 36.61 -8.86 85.89
C THR G 128 37.63 -9.89 85.44
N GLN G 129 38.89 -9.71 85.85
CA GLN G 129 39.93 -10.68 85.54
C GLN G 129 39.59 -12.07 86.07
N LEU G 130 39.10 -12.15 87.30
CA LEU G 130 38.69 -13.42 87.88
C LEU G 130 37.47 -14.00 87.18
N LEU G 131 36.66 -13.14 86.56
CA LEU G 131 35.58 -13.65 85.72
C LEU G 131 36.13 -14.20 84.42
N MET G 132 37.16 -13.56 83.87
CA MET G 132 37.81 -14.09 82.67
C MET G 132 38.48 -15.43 82.96
N LYS G 133 38.96 -15.62 84.19
CA LYS G 133 39.54 -16.90 84.59
C LYS G 133 38.45 -17.92 84.87
N TYR G 134 37.40 -17.49 85.56
CA TYR G 134 36.21 -18.30 85.79
C TYR G 134 35.69 -18.88 84.48
N LEU G 135 35.31 -18.01 83.57
CA LEU G 135 34.89 -18.37 82.23
C LEU G 135 35.99 -19.07 81.44
N GLY G 136 37.24 -18.90 81.82
CA GLY G 136 38.33 -19.66 81.23
C GLY G 136 38.91 -19.02 79.99
N ILE G 137 38.81 -17.69 79.87
CA ILE G 137 39.30 -16.95 78.73
C ILE G 137 40.69 -16.44 79.09
N GLU G 138 41.58 -16.40 78.10
CA GLU G 138 42.90 -15.81 78.28
C GLU G 138 42.80 -14.33 77.95
N HIS G 139 42.94 -13.49 78.97
CA HIS G 139 42.76 -12.05 78.86
C HIS G 139 44.12 -11.40 78.95
N THR G 140 44.58 -10.81 77.84
CA THR G 140 45.85 -10.11 77.80
C THR G 140 45.60 -8.61 77.92
N THR G 141 45.94 -8.07 79.09
CA THR G 141 45.78 -6.66 79.39
C THR G 141 47.11 -5.95 79.21
N GLY G 142 47.07 -4.85 78.49
CA GLY G 142 48.28 -4.11 78.18
C GLY G 142 48.02 -3.11 77.09
N ILE G 143 49.06 -2.33 76.79
CA ILE G 143 48.99 -1.35 75.71
C ILE G 143 48.82 -2.16 74.43
N PRO G 144 47.69 -2.13 73.72
CA PRO G 144 47.61 -2.93 72.50
C PRO G 144 48.56 -2.42 71.44
N TRP G 145 49.47 -3.29 71.02
CA TRP G 145 50.60 -2.92 70.17
C TRP G 145 50.51 -3.35 68.72
N ASN G 146 49.49 -4.11 68.32
CA ASN G 146 49.63 -4.89 67.11
C ASN G 146 49.07 -4.14 65.91
N PRO G 147 49.81 -3.99 64.79
CA PRO G 147 49.17 -3.44 63.57
C PRO G 147 48.09 -4.35 63.03
N GLN G 148 48.21 -5.65 63.28
CA GLN G 148 47.20 -6.59 62.86
C GLN G 148 45.86 -6.28 63.53
N SER G 149 45.84 -6.24 64.87
CA SER G 149 44.61 -5.90 65.57
C SER G 149 44.26 -4.44 65.35
N GLN G 150 45.17 -3.52 65.69
CA GLN G 150 44.80 -2.11 65.85
C GLN G 150 44.37 -1.47 64.53
N ALA G 151 44.90 -1.94 63.41
CA ALA G 151 44.39 -1.48 62.13
C ALA G 151 42.93 -1.87 61.98
N LEU G 152 42.64 -3.14 62.22
CA LEU G 152 41.28 -3.65 62.11
C LEU G 152 40.34 -3.00 63.12
N VAL G 153 40.82 -2.83 64.35
CA VAL G 153 39.99 -2.27 65.41
C VAL G 153 39.70 -0.81 65.11
N GLU G 154 40.71 -0.09 64.62
CA GLU G 154 40.53 1.31 64.28
C GLU G 154 39.54 1.46 63.14
N ARG G 155 39.81 0.78 62.02
CA ARG G 155 38.92 0.83 60.87
C ARG G 155 37.53 0.32 61.22
N THR G 156 37.46 -0.58 62.20
CA THR G 156 36.20 -1.10 62.67
C THR G 156 35.42 -0.01 63.40
N HIS G 157 36.08 0.77 64.25
CA HIS G 157 35.38 1.86 64.93
C HIS G 157 34.99 2.94 63.94
N GLN G 158 35.84 3.18 62.94
CA GLN G 158 35.54 4.20 61.94
C GLN G 158 34.31 3.81 61.13
N THR G 159 34.35 2.61 60.58
CA THR G 159 33.23 2.10 59.80
C THR G 159 32.01 1.91 60.67
N LEU G 160 32.22 1.64 61.95
CA LEU G 160 31.12 1.46 62.88
C LEU G 160 30.37 2.76 63.09
N LYS G 161 31.08 3.80 63.53
CA LYS G 161 30.44 5.06 63.83
C LYS G 161 29.92 5.70 62.56
N ASN G 162 30.67 5.48 61.47
CA ASN G 162 30.16 5.76 60.13
C ASN G 162 28.77 5.18 59.95
N THR G 163 28.66 3.86 60.00
CA THR G 163 27.39 3.21 59.71
C THR G 163 26.32 3.48 60.76
N LEU G 164 26.71 3.79 61.99
CA LEU G 164 25.74 4.33 62.95
C LEU G 164 25.16 5.61 62.40
N GLU G 165 26.02 6.53 61.98
CA GLU G 165 25.58 7.80 61.43
C GLU G 165 24.77 7.61 60.16
N LYS G 166 24.99 6.51 59.44
CA LYS G 166 24.13 6.17 58.32
C LYS G 166 22.76 5.73 58.79
N LEU G 167 22.71 4.77 59.71
CA LEU G 167 21.52 3.98 60.03
C LEU G 167 20.57 4.65 61.00
N ILE G 168 21.07 5.31 62.03
CA ILE G 168 20.26 5.84 63.13
C ILE G 168 19.08 6.73 62.71
N PRO G 169 19.11 7.51 61.61
CA PRO G 169 17.89 8.27 61.26
C PRO G 169 16.68 7.40 60.99
N MET G 170 16.88 6.18 60.50
CA MET G 170 15.78 5.29 60.17
C MET G 170 15.04 4.76 61.38
N PHE G 171 15.72 4.60 62.50
CA PHE G 171 15.29 3.67 63.53
C PHE G 171 14.74 4.40 64.74
N ASN G 172 13.75 3.78 65.36
CA ASN G 172 13.15 4.34 66.57
C ASN G 172 14.18 4.40 67.69
N ALA G 173 14.75 3.25 68.04
CA ALA G 173 15.73 3.15 69.11
C ALA G 173 17.15 3.17 68.58
N PHE G 174 18.05 3.79 69.35
CA PHE G 174 19.47 3.74 69.02
C PHE G 174 20.00 2.32 69.13
N GLU G 175 19.38 1.48 69.95
CA GLU G 175 19.82 0.09 70.05
C GLU G 175 19.45 -0.68 68.80
N SER G 176 18.28 -0.39 68.24
CA SER G 176 17.88 -0.96 66.96
C SER G 176 18.82 -0.60 65.82
N ALA G 177 19.25 0.66 65.74
CA ALA G 177 20.21 1.05 64.69
C ALA G 177 21.60 0.51 64.98
N LEU G 178 21.96 0.44 66.25
CA LEU G 178 23.23 -0.15 66.67
C LEU G 178 23.31 -1.59 66.23
N ALA G 179 22.28 -2.36 66.55
CA ALA G 179 22.08 -3.68 65.98
C ALA G 179 22.14 -3.62 64.45
N GLY G 180 21.60 -2.54 63.86
CA GLY G 180 21.77 -2.31 62.43
C GLY G 180 23.21 -2.37 61.95
N THR G 181 24.09 -1.60 62.60
CA THR G 181 25.50 -1.65 62.23
C THR G 181 26.07 -3.05 62.42
N LEU G 182 25.68 -3.74 63.49
CA LEU G 182 26.12 -5.11 63.65
C LEU G 182 25.62 -6.00 62.52
N ILE G 183 24.42 -5.71 62.01
CA ILE G 183 23.84 -6.52 60.96
C ILE G 183 24.65 -6.34 59.68
N THR G 184 24.90 -5.09 59.30
CA THR G 184 25.64 -4.90 58.07
C THR G 184 27.05 -5.44 58.16
N LEU G 185 27.76 -5.15 59.25
CA LEU G 185 29.17 -5.53 59.32
C LEU G 185 29.39 -7.01 59.57
N ASN G 186 28.51 -7.66 60.33
CA ASN G 186 28.62 -9.08 60.61
C ASN G 186 28.08 -9.94 59.49
N ILE G 187 26.98 -9.50 58.88
CA ILE G 187 26.14 -10.33 58.04
C ILE G 187 26.14 -9.83 56.61
N LYS G 188 25.49 -8.69 56.37
CA LYS G 188 25.21 -8.25 55.03
C LYS G 188 26.48 -7.90 54.28
N ARG G 189 27.42 -7.24 54.97
CA ARG G 189 28.72 -6.93 54.38
C ARG G 189 29.40 -8.24 54.04
N LYS G 190 30.09 -8.25 52.91
CA LYS G 190 30.77 -9.44 52.42
C LYS G 190 31.94 -9.01 51.56
N GLY G 191 32.81 -9.99 51.31
CA GLY G 191 33.90 -9.78 50.39
C GLY G 191 34.48 -11.13 50.01
N GLY G 192 35.51 -11.13 49.19
CA GLY G 192 36.02 -12.37 48.69
C GLY G 192 34.94 -13.03 47.86
N LEU G 193 34.55 -14.21 48.29
CA LEU G 193 33.56 -15.03 47.61
C LEU G 193 32.15 -14.81 48.12
N GLY G 194 31.90 -13.69 48.81
CA GLY G 194 30.64 -13.48 49.49
C GLY G 194 30.68 -14.07 50.87
N THR G 195 31.73 -13.70 51.59
CA THR G 195 31.97 -14.13 52.94
C THR G 195 31.93 -12.92 53.86
N SER G 196 30.89 -12.85 54.68
CA SER G 196 30.86 -11.92 55.79
C SER G 196 31.78 -12.45 56.87
N PRO G 197 32.09 -11.63 57.90
CA PRO G 197 32.87 -12.17 59.04
C PRO G 197 32.18 -13.34 59.70
N MET G 198 30.85 -13.25 59.77
CA MET G 198 30.05 -14.30 60.37
C MET G 198 30.15 -15.58 59.58
N ASP G 199 30.23 -15.48 58.26
CA ASP G 199 30.38 -16.66 57.42
C ASP G 199 31.64 -17.41 57.77
N ILE G 200 32.75 -16.68 57.84
CA ILE G 200 34.04 -17.22 58.20
C ILE G 200 33.98 -17.86 59.56
N PHE G 201 33.36 -17.19 60.52
CA PHE G 201 33.27 -17.70 61.87
C PHE G 201 32.52 -19.01 61.92
N ILE G 202 31.36 -19.06 61.25
CA ILE G 202 30.53 -20.26 61.24
C ILE G 202 31.32 -21.42 60.66
N PHE G 203 32.07 -21.15 59.59
CA PHE G 203 32.90 -22.19 59.01
C PHE G 203 33.90 -22.70 60.02
N ASN G 204 34.58 -21.78 60.68
CA ASN G 204 35.69 -22.17 61.53
C ASN G 204 35.21 -22.96 62.74
N LYS G 205 34.06 -22.59 63.29
CA LYS G 205 33.52 -23.34 64.41
C LYS G 205 33.02 -24.70 63.96
N GLU G 206 32.35 -24.76 62.79
CA GLU G 206 31.84 -26.05 62.33
C GLU G 206 32.98 -27.01 61.99
N GLN G 207 34.03 -26.50 61.36
CA GLN G 207 35.20 -27.34 61.11
C GLN G 207 35.89 -27.72 62.42
N GLN G 208 35.85 -26.83 63.41
CA GLN G 208 36.44 -27.13 64.70
C GLN G 208 35.71 -28.27 65.39
N ARG G 209 34.38 -28.31 65.23
CA ARG G 209 33.56 -29.34 65.86
C ARG G 209 34.02 -30.73 65.42
N ILE G 210 34.49 -30.85 64.19
CA ILE G 210 34.76 -32.15 63.59
C ILE G 210 35.93 -32.82 64.30
N GLN G 211 37.08 -32.15 64.32
CA GLN G 211 38.18 -32.63 65.14
C GLN G 211 37.76 -32.65 66.60
N GLN G 212 36.87 -31.73 67.00
CA GLN G 212 36.43 -31.63 68.38
C GLN G 212 35.75 -32.90 68.85
N GLN G 213 35.17 -33.67 67.92
CA GLN G 213 34.73 -35.00 68.25
C GLN G 213 35.90 -35.94 68.50
N SER G 214 37.05 -35.68 67.87
CA SER G 214 38.29 -36.38 68.17
C SER G 214 39.11 -35.72 69.27
N LYS G 215 38.84 -34.46 69.63
CA LYS G 215 39.73 -33.77 70.56
C LYS G 215 39.57 -34.28 71.98
N SER G 216 38.46 -34.95 72.29
CA SER G 216 38.33 -35.54 73.62
C SER G 216 39.40 -36.61 73.83
N LYS G 217 39.76 -37.31 72.77
CA LYS G 217 40.85 -38.30 72.84
C LYS G 217 42.22 -37.64 72.72
N GLN G 218 42.31 -36.56 71.94
CA GLN G 218 43.61 -35.92 71.74
C GLN G 218 44.06 -35.18 72.99
N GLU G 219 43.13 -34.56 73.71
CA GLU G 219 43.47 -33.83 74.92
C GLU G 219 44.06 -34.75 75.98
N ILE H 60 15.01 -24.73 59.47
CA ILE H 60 16.14 -24.03 60.06
C ILE H 60 15.89 -22.56 59.91
N ASP H 61 16.38 -21.82 60.90
CA ASP H 61 16.04 -20.42 61.13
C ASP H 61 14.54 -20.25 61.34
N HIS H 62 13.88 -21.32 61.78
CA HIS H 62 12.50 -21.28 62.16
C HIS H 62 12.51 -21.28 63.67
N TRP H 63 12.14 -20.15 64.24
CA TRP H 63 12.33 -19.84 65.62
C TRP H 63 10.97 -19.68 66.27
N GLN H 64 10.94 -19.76 67.59
CA GLN H 64 9.75 -19.45 68.33
C GLN H 64 10.09 -18.60 69.54
N VAL H 65 9.21 -17.66 69.81
CA VAL H 65 9.30 -16.76 70.95
C VAL H 65 8.18 -17.10 71.93
N ASP H 66 8.51 -17.04 73.21
CA ASP H 66 7.51 -16.76 74.22
C ASP H 66 8.15 -15.90 75.29
N TYR H 67 7.49 -14.79 75.62
CA TYR H 67 7.85 -14.05 76.82
C TYR H 67 7.72 -14.96 78.02
N THR H 68 8.52 -14.71 79.03
CA THR H 68 8.30 -15.36 80.31
C THR H 68 8.78 -14.47 81.44
N HIS H 69 8.01 -14.48 82.52
CA HIS H 69 8.33 -13.77 83.74
C HIS H 69 9.03 -14.73 84.68
N TYR H 70 10.23 -14.35 85.12
CA TYR H 70 10.95 -15.11 86.14
C TYR H 70 11.32 -14.11 87.22
N GLU H 71 10.64 -14.25 88.36
CA GLU H 71 10.83 -13.40 89.52
C GLU H 71 10.72 -11.92 89.14
N ASP H 72 9.57 -11.52 88.61
CA ASP H 72 9.31 -10.14 88.22
C ASP H 72 10.31 -9.63 87.19
N LYS H 73 10.79 -10.55 86.33
CA LYS H 73 11.69 -10.17 85.24
C LYS H 73 11.16 -10.82 83.98
N ILE H 74 10.67 -10.01 83.06
CA ILE H 74 10.21 -10.49 81.77
C ILE H 74 11.43 -10.96 81.03
N ILE H 75 11.34 -12.13 80.43
CA ILE H 75 12.43 -12.71 79.65
C ILE H 75 11.84 -13.10 78.31
N LEU H 76 12.38 -12.54 77.24
CA LEU H 76 11.93 -12.80 75.89
C LEU H 76 12.76 -13.96 75.34
N VAL H 77 12.16 -15.13 75.24
CA VAL H 77 12.90 -16.39 75.08
C VAL H 77 12.77 -16.82 73.62
N TRP H 78 13.84 -16.67 72.86
CA TRP H 78 13.88 -17.16 71.50
C TRP H 78 14.22 -18.63 71.51
N VAL H 79 13.55 -19.40 70.65
CA VAL H 79 13.69 -20.85 70.63
C VAL H 79 13.79 -21.30 69.19
N GLU H 80 14.93 -21.90 68.84
CA GLU H 80 15.12 -22.40 67.48
C GLU H 80 14.47 -23.76 67.37
N THR H 81 13.56 -23.90 66.41
CA THR H 81 12.63 -25.02 66.38
C THR H 81 13.26 -26.35 65.99
N ASN H 82 14.54 -26.36 65.66
CA ASN H 82 15.23 -27.54 65.15
C ASN H 82 16.46 -27.88 65.97
N SER H 83 17.48 -27.02 65.96
CA SER H 83 18.64 -27.17 66.81
C SER H 83 18.30 -27.17 68.29
N GLY H 84 17.21 -26.52 68.69
CA GLY H 84 16.95 -26.29 70.09
C GLY H 84 17.77 -25.16 70.67
N LEU H 85 18.58 -24.50 69.86
CA LEU H 85 19.30 -23.34 70.34
C LEU H 85 18.31 -22.24 70.71
N ILE H 86 18.72 -21.39 71.64
CA ILE H 86 17.86 -20.35 72.18
C ILE H 86 18.65 -19.05 72.28
N TYR H 87 17.92 -17.94 72.33
CA TYR H 87 18.43 -16.67 72.84
C TYR H 87 17.40 -16.18 73.84
N ALA H 88 17.87 -15.48 74.86
CA ALA H 88 16.99 -14.87 75.83
C ALA H 88 17.65 -13.63 76.39
N GLU H 89 16.83 -12.71 76.89
CA GLU H 89 17.32 -11.51 77.54
C GLU H 89 16.25 -11.04 78.51
N ARG H 90 16.69 -10.44 79.61
CA ARG H 90 15.76 -9.81 80.52
C ARG H 90 15.18 -8.59 79.83
N VAL H 91 13.88 -8.43 79.94
CA VAL H 91 13.13 -7.45 79.20
C VAL H 91 12.40 -6.56 80.20
N LYS H 92 12.38 -5.27 79.88
CA LYS H 92 11.76 -4.29 80.76
C LYS H 92 10.25 -4.37 80.67
N GLY H 93 9.74 -4.65 79.47
CA GLY H 93 8.31 -4.76 79.26
C GLY H 93 8.03 -5.56 78.02
N GLU H 94 6.83 -6.11 77.96
CA GLU H 94 6.42 -6.93 76.83
C GLU H 94 5.97 -6.07 75.64
N THR H 95 6.20 -4.76 75.71
CA THR H 95 5.79 -3.80 74.70
C THR H 95 6.27 -4.19 73.32
N GLY H 96 5.45 -3.86 72.33
CA GLY H 96 5.89 -3.90 70.95
C GLY H 96 7.18 -3.18 70.68
N GLN H 97 7.33 -1.95 71.18
CA GLN H 97 8.51 -1.15 70.84
C GLN H 97 9.77 -1.78 71.41
N GLU H 98 9.75 -2.15 72.68
CA GLU H 98 10.90 -2.81 73.25
C GLU H 98 11.19 -4.09 72.50
N PHE H 99 10.14 -4.82 72.12
CA PHE H 99 10.33 -6.05 71.38
C PHE H 99 10.93 -5.80 69.99
N ARG H 100 10.53 -4.71 69.34
CA ARG H 100 11.14 -4.32 68.08
C ARG H 100 12.63 -4.11 68.24
N VAL H 101 13.03 -3.46 69.33
CA VAL H 101 14.45 -3.30 69.60
C VAL H 101 15.11 -4.66 69.85
N GLN H 102 14.44 -5.52 70.62
CA GLN H 102 15.01 -6.82 70.97
C GLN H 102 15.23 -7.67 69.74
N THR H 103 14.28 -7.63 68.81
CA THR H 103 14.39 -8.45 67.61
C THR H 103 15.29 -7.81 66.56
N MET H 104 15.57 -6.50 66.68
CA MET H 104 16.64 -5.92 65.88
C MET H 104 18.00 -6.39 66.36
N LYS H 105 18.22 -6.34 67.69
CA LYS H 105 19.42 -6.93 68.27
C LYS H 105 19.55 -8.39 67.90
N TRP H 106 18.44 -9.12 67.95
CA TRP H 106 18.46 -10.55 67.76
C TRP H 106 18.68 -10.90 66.29
N TYR H 107 18.08 -10.11 65.39
CA TYR H 107 18.37 -10.23 63.96
C TYR H 107 19.80 -9.80 63.66
N ALA H 108 20.44 -9.08 64.57
CA ALA H 108 21.88 -8.88 64.47
C ALA H 108 22.63 -10.13 64.91
N MET H 109 22.17 -10.77 65.98
CA MET H 109 22.88 -11.93 66.48
C MET H 109 22.46 -13.20 65.76
N PHE H 110 21.36 -13.16 65.02
CA PHE H 110 20.90 -14.29 64.25
C PHE H 110 20.28 -13.85 62.93
N ALA H 111 20.10 -14.82 62.05
CA ALA H 111 19.68 -14.60 60.68
C ALA H 111 18.38 -15.35 60.45
N PRO H 112 17.27 -14.85 60.99
CA PRO H 112 15.98 -15.52 60.80
C PRO H 112 15.43 -15.42 59.40
N LYS H 113 14.96 -16.56 58.90
CA LYS H 113 14.03 -16.69 57.80
C LYS H 113 12.59 -16.52 58.24
N SER H 114 12.28 -17.05 59.42
CA SER H 114 10.92 -17.39 59.78
C SER H 114 10.78 -17.43 61.29
N LEU H 115 9.54 -17.42 61.75
CA LEU H 115 9.26 -17.30 63.16
C LEU H 115 7.92 -17.94 63.50
N GLN H 116 7.82 -18.43 64.74
CA GLN H 116 6.55 -18.65 65.42
C GLN H 116 6.46 -17.73 66.61
N SER H 117 5.24 -17.42 67.00
CA SER H 117 4.98 -16.86 68.32
C SER H 117 3.50 -16.94 68.55
N ASP H 118 3.09 -16.55 69.74
CA ASP H 118 1.67 -16.40 70.00
C ASP H 118 1.20 -15.07 69.41
N ASN H 119 -0.06 -14.75 69.69
CA ASN H 119 -0.73 -13.60 69.09
C ASN H 119 -0.55 -12.31 69.90
N GLY H 120 0.38 -12.31 70.86
CA GLY H 120 0.49 -11.25 71.83
C GLY H 120 0.67 -9.87 71.24
N PRO H 121 0.43 -8.81 72.04
CA PRO H 121 0.33 -7.45 71.47
C PRO H 121 1.57 -6.98 70.75
N ALA H 122 2.75 -7.25 71.33
CA ALA H 122 4.00 -6.83 70.70
C ALA H 122 4.16 -7.45 69.33
N PHE H 123 3.87 -8.73 69.23
CA PHE H 123 4.16 -9.45 68.00
C PHE H 123 3.21 -9.04 66.90
N VAL H 124 1.91 -9.19 67.15
CA VAL H 124 0.88 -8.91 66.16
C VAL H 124 0.76 -7.41 65.86
N ALA H 125 1.44 -6.55 66.64
CA ALA H 125 1.46 -5.11 66.39
C ALA H 125 1.88 -4.79 64.98
N GLU H 126 1.29 -3.74 64.41
CA GLU H 126 1.50 -3.40 63.01
C GLU H 126 2.97 -3.14 62.73
N SER H 127 3.58 -2.20 63.44
CA SER H 127 4.96 -1.84 63.11
C SER H 127 5.93 -2.94 63.49
N THR H 128 5.52 -3.85 64.39
CA THR H 128 6.31 -5.05 64.62
C THR H 128 6.27 -5.94 63.38
N GLN H 129 5.08 -6.14 62.81
CA GLN H 129 4.95 -6.87 61.56
C GLN H 129 5.73 -6.20 60.44
N LEU H 130 5.56 -4.89 60.29
CA LEU H 130 6.33 -4.11 59.32
C LEU H 130 7.81 -4.21 59.57
N LEU H 131 8.21 -4.44 60.83
CA LEU H 131 9.62 -4.64 61.11
C LEU H 131 10.06 -6.02 60.66
N MET H 132 9.21 -7.03 60.84
CA MET H 132 9.52 -8.37 60.33
C MET H 132 9.69 -8.35 58.83
N LYS H 133 8.87 -7.57 58.14
CA LYS H 133 8.95 -7.49 56.69
C LYS H 133 10.10 -6.60 56.25
N TYR H 134 10.33 -5.52 56.99
CA TYR H 134 11.50 -4.68 56.80
C TYR H 134 12.78 -5.50 56.85
N LEU H 135 12.82 -6.50 57.73
CA LEU H 135 13.91 -7.44 57.79
C LEU H 135 13.69 -8.66 56.90
N GLY H 136 12.47 -8.86 56.40
CA GLY H 136 12.21 -9.89 55.42
C GLY H 136 12.14 -11.25 56.05
N ILE H 137 11.38 -11.33 57.14
CA ILE H 137 11.27 -12.54 57.96
C ILE H 137 9.81 -12.97 57.89
N GLU H 138 9.57 -14.27 58.01
CA GLU H 138 8.23 -14.82 57.92
C GLU H 138 7.68 -14.91 59.35
N HIS H 139 6.71 -14.05 59.64
CA HIS H 139 6.15 -13.91 60.96
C HIS H 139 4.85 -14.66 61.01
N THR H 140 4.81 -15.73 61.80
CA THR H 140 3.63 -16.55 61.96
C THR H 140 3.11 -16.44 63.38
N THR H 141 1.98 -15.74 63.51
CA THR H 141 1.31 -15.51 64.78
C THR H 141 0.12 -16.45 64.87
N GLY H 142 -0.19 -16.90 66.07
CA GLY H 142 -1.26 -17.85 66.18
C GLY H 142 -1.60 -18.22 67.59
N ILE H 143 -2.77 -18.86 67.73
CA ILE H 143 -3.08 -19.66 68.91
C ILE H 143 -1.98 -20.71 68.94
N PRO H 144 -1.15 -20.82 69.99
CA PRO H 144 -0.10 -21.83 69.92
C PRO H 144 -0.68 -23.24 69.89
N TRP H 145 -0.63 -23.87 68.72
CA TRP H 145 -1.26 -25.18 68.56
C TRP H 145 -0.38 -26.40 68.29
N ASN H 146 0.93 -26.29 68.43
CA ASN H 146 1.77 -27.44 68.13
C ASN H 146 2.57 -28.03 69.29
N PRO H 147 2.42 -29.34 69.47
CA PRO H 147 3.18 -30.08 70.48
C PRO H 147 4.57 -30.49 70.00
N GLN H 148 4.80 -30.47 68.69
CA GLN H 148 6.16 -30.64 68.20
C GLN H 148 7.08 -29.54 68.73
N SER H 149 6.75 -28.28 68.43
CA SER H 149 7.58 -27.17 68.89
C SER H 149 7.23 -26.75 70.33
N GLN H 150 5.97 -26.86 70.75
CA GLN H 150 5.60 -26.41 72.09
C GLN H 150 6.10 -27.37 73.15
N ALA H 151 6.44 -28.59 72.78
CA ALA H 151 7.22 -29.44 73.68
C ALA H 151 8.57 -28.79 73.96
N LEU H 152 9.27 -28.38 72.89
CA LEU H 152 10.56 -27.71 73.01
C LEU H 152 10.44 -26.41 73.78
N VAL H 153 9.35 -25.67 73.58
CA VAL H 153 9.22 -24.35 74.22
C VAL H 153 8.80 -24.52 75.67
N GLU H 154 7.98 -25.53 75.94
CA GLU H 154 7.58 -25.81 77.31
C GLU H 154 8.78 -26.22 78.14
N ARG H 155 9.50 -27.25 77.70
CA ARG H 155 10.71 -27.65 78.40
C ARG H 155 11.81 -26.61 78.27
N THR H 156 11.71 -25.72 77.28
CA THR H 156 12.65 -24.61 77.19
C THR H 156 12.47 -23.68 78.38
N HIS H 157 11.23 -23.30 78.68
CA HIS H 157 11.01 -22.36 79.76
C HIS H 157 11.14 -23.02 81.12
N GLN H 158 10.75 -24.30 81.20
CA GLN H 158 10.93 -25.04 82.44
C GLN H 158 12.40 -25.24 82.74
N THR H 159 13.16 -25.76 81.77
CA THR H 159 14.60 -25.89 81.92
C THR H 159 15.27 -24.55 82.14
N LEU H 160 14.77 -23.51 81.48
CA LEU H 160 15.35 -22.19 81.62
C LEU H 160 15.21 -21.70 83.04
N LYS H 161 13.99 -21.73 83.58
CA LYS H 161 13.77 -21.27 84.94
C LYS H 161 14.51 -22.15 85.94
N ASN H 162 14.66 -23.44 85.60
CA ASN H 162 15.48 -24.34 86.41
C ASN H 162 16.91 -23.84 86.49
N THR H 163 17.55 -23.63 85.33
CA THR H 163 18.93 -23.19 85.28
C THR H 163 19.15 -21.78 85.81
N LEU H 164 18.19 -20.88 85.57
CA LEU H 164 18.22 -19.58 86.22
C LEU H 164 18.26 -19.75 87.72
N GLU H 165 17.40 -20.61 88.24
CA GLU H 165 17.34 -20.87 89.67
C GLU H 165 18.63 -21.49 90.17
N LYS H 166 19.38 -22.18 89.29
CA LYS H 166 20.70 -22.65 89.68
C LYS H 166 21.70 -21.50 89.77
N LEU H 167 21.82 -20.71 88.71
CA LEU H 167 22.94 -19.78 88.53
C LEU H 167 22.77 -18.42 89.18
N ILE H 168 21.55 -17.92 89.36
CA ILE H 168 21.38 -16.55 89.84
C ILE H 168 22.02 -16.26 91.20
N PRO H 169 22.13 -17.21 92.15
CA PRO H 169 22.96 -16.90 93.32
C PRO H 169 24.43 -16.77 92.97
N MET H 170 24.91 -17.49 91.96
CA MET H 170 26.32 -17.56 91.64
C MET H 170 26.88 -16.32 90.97
N PHE H 171 26.02 -15.36 90.59
CA PHE H 171 26.47 -14.14 89.93
C PHE H 171 25.74 -12.94 90.53
N ASN H 172 26.39 -11.79 90.46
CA ASN H 172 25.81 -10.56 90.98
C ASN H 172 24.56 -10.19 90.20
N ALA H 173 24.69 -10.05 88.89
CA ALA H 173 23.59 -9.60 88.04
C ALA H 173 22.75 -10.78 87.59
N PHE H 174 21.44 -10.54 87.46
CA PHE H 174 20.56 -11.53 86.85
C PHE H 174 20.80 -11.60 85.35
N GLU H 175 21.32 -10.54 84.74
CA GLU H 175 21.66 -10.59 83.32
C GLU H 175 22.92 -11.42 83.12
N SER H 176 23.88 -11.29 84.04
CA SER H 176 25.04 -12.16 84.08
C SER H 176 24.65 -13.63 84.22
N ALA H 177 23.72 -13.93 85.13
CA ALA H 177 23.36 -15.32 85.39
C ALA H 177 22.45 -15.86 84.29
N LEU H 178 21.56 -15.02 83.78
CA LEU H 178 20.74 -15.35 82.63
C LEU H 178 21.62 -15.70 81.44
N ALA H 179 22.61 -14.87 81.17
CA ALA H 179 23.65 -15.21 80.21
C ALA H 179 24.30 -16.53 80.58
N GLY H 180 24.48 -16.78 81.88
CA GLY H 180 24.94 -18.07 82.34
C GLY H 180 24.07 -19.21 81.85
N THR H 181 22.76 -19.11 82.04
CA THR H 181 21.82 -20.11 81.56
C THR H 181 21.95 -20.33 80.06
N LEU H 182 22.06 -19.23 79.32
CA LEU H 182 22.28 -19.34 77.88
C LEU H 182 23.56 -20.10 77.58
N ILE H 183 24.57 -19.96 78.42
CA ILE H 183 25.83 -20.64 78.19
C ILE H 183 25.67 -22.12 78.46
N THR H 184 25.01 -22.45 79.56
CA THR H 184 24.78 -23.84 79.92
C THR H 184 24.02 -24.57 78.83
N LEU H 185 22.92 -23.98 78.38
CA LEU H 185 21.99 -24.64 77.50
C LEU H 185 22.39 -24.57 76.02
N ASN H 186 23.02 -23.48 75.59
CA ASN H 186 23.51 -23.37 74.22
C ASN H 186 24.85 -24.05 74.02
N ILE H 187 25.79 -23.77 74.90
CA ILE H 187 27.18 -24.14 74.73
C ILE H 187 27.51 -25.42 75.48
N LYS H 188 27.36 -25.39 76.80
CA LYS H 188 27.81 -26.51 77.61
C LYS H 188 26.91 -27.72 77.47
N ARG H 189 25.63 -27.51 77.24
CA ARG H 189 24.72 -28.61 77.00
C ARG H 189 25.14 -29.30 75.72
N LYS H 190 25.36 -30.61 75.81
CA LYS H 190 25.84 -31.43 74.69
C LYS H 190 25.08 -32.73 74.64
N GLY H 191 24.91 -33.26 73.42
CA GLY H 191 24.08 -34.42 73.18
C GLY H 191 24.52 -35.24 71.99
N GLY H 192 23.94 -36.43 71.82
CA GLY H 192 24.33 -37.29 70.71
C GLY H 192 25.75 -37.76 70.87
N LEU H 193 26.59 -37.40 69.91
CA LEU H 193 28.02 -37.67 69.95
C LEU H 193 28.79 -36.59 70.71
N GLY H 194 28.07 -35.69 71.40
CA GLY H 194 28.68 -34.56 72.13
C GLY H 194 28.49 -33.21 71.46
N THR H 195 27.58 -33.12 70.50
CA THR H 195 27.28 -31.86 69.83
C THR H 195 26.40 -31.01 70.73
N SER H 196 26.72 -29.71 70.83
CA SER H 196 25.90 -28.77 71.56
C SER H 196 24.77 -28.28 70.67
N PRO H 197 23.68 -27.75 71.25
CA PRO H 197 22.63 -27.21 70.37
C PRO H 197 23.11 -26.03 69.56
N MET H 198 23.97 -25.21 70.16
CA MET H 198 24.65 -24.17 69.40
C MET H 198 25.49 -24.77 68.29
N ASP H 199 26.11 -25.93 68.56
CA ASP H 199 26.82 -26.60 67.48
C ASP H 199 25.86 -27.06 66.42
N ILE H 200 24.66 -27.54 66.80
CA ILE H 200 23.69 -27.95 65.80
C ILE H 200 23.27 -26.77 64.95
N PHE H 201 23.15 -25.59 65.56
CA PHE H 201 22.75 -24.42 64.80
C PHE H 201 23.83 -24.04 63.80
N ILE H 202 25.07 -23.92 64.27
CA ILE H 202 26.15 -23.54 63.37
C ILE H 202 26.24 -24.56 62.23
N PHE H 203 26.08 -25.83 62.57
CA PHE H 203 26.13 -26.88 61.56
C PHE H 203 25.01 -26.73 60.53
N ASN H 204 23.80 -26.42 61.01
CA ASN H 204 22.65 -26.23 60.13
C ASN H 204 22.85 -25.05 59.20
N LYS H 205 23.40 -23.97 59.75
CA LYS H 205 23.69 -22.76 59.01
C LYS H 205 24.82 -22.98 58.03
N GLU H 206 25.81 -23.78 58.43
CA GLU H 206 26.97 -23.99 57.58
C GLU H 206 26.60 -24.84 56.38
N GLN H 207 25.61 -25.71 56.56
CA GLN H 207 25.16 -26.65 55.52
C GLN H 207 24.07 -26.10 54.60
N GLN H 208 23.63 -24.88 54.85
CA GLN H 208 22.57 -24.25 54.04
C GLN H 208 23.14 -23.44 52.87
N ARG H 209 24.44 -23.54 52.66
CA ARG H 209 25.13 -22.79 51.61
C ARG H 209 24.71 -23.05 50.16
N ILE H 210 24.69 -21.94 49.42
CA ILE H 210 24.37 -21.83 48.01
C ILE H 210 25.48 -22.36 47.13
N GLN H 211 26.67 -22.60 47.69
CA GLN H 211 27.61 -23.46 46.98
C GLN H 211 27.11 -24.89 47.02
N GLN H 212 26.28 -25.22 48.01
CA GLN H 212 25.56 -26.48 47.97
C GLN H 212 24.48 -26.42 46.90
N GLN H 213 23.93 -25.23 46.67
CA GLN H 213 22.98 -25.06 45.56
C GLN H 213 23.68 -25.23 44.21
N SER H 214 24.94 -24.80 44.11
CA SER H 214 25.65 -24.81 42.84
C SER H 214 25.80 -26.23 42.27
N LYS H 215 26.29 -27.16 43.09
CA LYS H 215 26.48 -28.54 42.64
C LYS H 215 25.19 -29.14 42.12
N SER H 216 24.10 -28.94 42.85
CA SER H 216 22.81 -29.44 42.42
C SER H 216 22.40 -28.82 41.10
N LYS H 217 22.71 -27.54 40.90
CA LYS H 217 22.39 -26.90 39.64
C LYS H 217 23.18 -27.52 38.49
N GLN H 218 24.40 -28.00 38.77
CA GLN H 218 25.21 -28.58 37.70
C GLN H 218 24.61 -29.87 37.18
N GLU H 219 23.84 -30.58 38.00
CA GLU H 219 23.47 -31.96 37.69
C GLU H 219 22.37 -32.04 36.65
N LYS H 220 22.31 -33.21 35.99
CA LYS H 220 21.18 -33.58 35.17
C LYS H 220 19.94 -33.79 36.02
N ILE H 221 18.76 -33.68 35.39
CA ILE H 221 17.50 -34.14 35.92
C ILE H 221 16.94 -35.16 34.95
N ARG H 222 16.24 -36.17 35.47
CA ARG H 222 15.48 -37.11 34.67
C ARG H 222 14.05 -37.05 35.16
N PHE H 223 13.13 -37.51 34.32
CA PHE H 223 11.71 -37.41 34.60
C PHE H 223 11.06 -38.77 34.75
N CYS H 224 9.88 -38.76 35.36
CA CYS H 224 9.17 -39.96 35.76
C CYS H 224 7.67 -39.73 35.76
N TYR H 225 6.94 -40.72 35.26
CA TYR H 225 5.53 -40.89 35.60
C TYR H 225 5.42 -41.51 36.97
N TYR H 226 4.25 -41.38 37.56
CA TYR H 226 4.04 -42.04 38.84
C TYR H 226 2.56 -42.30 39.10
N ARG H 227 2.34 -43.26 39.98
CA ARG H 227 1.02 -43.70 40.38
C ARG H 227 1.01 -43.95 41.88
N THR H 228 -0.20 -44.13 42.42
CA THR H 228 -0.41 -44.26 43.85
C THR H 228 -1.33 -45.43 44.14
N ARG H 229 -0.90 -46.25 45.10
CA ARG H 229 -1.63 -47.44 45.48
C ARG H 229 -2.58 -47.14 46.63
N LYS H 230 -3.77 -47.70 46.51
CA LYS H 230 -4.80 -47.59 47.54
C LYS H 230 -5.29 -48.98 47.84
N ARG H 231 -4.99 -49.46 49.05
CA ARG H 231 -5.25 -50.84 49.43
C ARG H 231 -4.54 -51.80 48.48
N GLY H 232 -3.37 -51.38 48.00
CA GLY H 232 -2.67 -52.09 46.97
C GLY H 232 -3.16 -51.84 45.56
N HIS H 233 -4.28 -51.14 45.37
CA HIS H 233 -4.80 -50.92 44.04
C HIS H 233 -4.03 -49.77 43.39
N PRO H 234 -3.20 -50.01 42.38
CA PRO H 234 -2.39 -48.91 41.84
C PRO H 234 -3.25 -47.87 41.14
N GLY H 235 -2.93 -46.62 41.40
CA GLY H 235 -3.50 -45.51 40.66
C GLY H 235 -2.94 -45.50 39.25
N GLU H 236 -3.38 -44.50 38.49
CA GLU H 236 -2.85 -44.32 37.15
C GLU H 236 -1.47 -43.71 37.21
N TRP H 237 -0.70 -43.93 36.16
CA TRP H 237 0.48 -43.13 35.94
C TRP H 237 0.07 -41.68 35.84
N GLN H 238 0.89 -40.81 36.41
CA GLN H 238 0.58 -39.39 36.54
C GLN H 238 1.75 -38.56 36.05
N GLY H 239 1.50 -37.27 35.95
CA GLY H 239 2.51 -36.34 35.48
C GLY H 239 2.78 -36.55 34.01
N PRO H 240 4.03 -36.77 33.60
CA PRO H 240 5.33 -37.05 34.23
C PRO H 240 5.86 -35.89 35.08
N THR H 241 6.88 -36.19 35.89
CA THR H 241 7.44 -35.20 36.80
C THR H 241 8.94 -35.39 36.87
N GLN H 242 9.60 -34.38 37.41
CA GLN H 242 11.00 -34.50 37.79
C GLN H 242 11.20 -35.61 38.79
N VAL H 243 12.35 -36.26 38.67
CA VAL H 243 12.90 -36.97 39.80
C VAL H 243 13.52 -35.88 40.67
N LEU H 244 12.98 -35.65 41.86
CA LEU H 244 13.64 -34.71 42.75
C LEU H 244 14.91 -35.31 43.32
N TRP H 245 14.86 -36.59 43.66
CA TRP H 245 16.05 -37.26 44.15
C TRP H 245 15.93 -38.75 43.87
N GLY H 246 17.03 -39.35 43.44
CA GLY H 246 17.09 -40.79 43.36
C GLY H 246 17.19 -41.40 44.72
N GLY H 247 16.27 -42.33 45.03
CA GLY H 247 16.33 -43.14 46.21
C GLY H 247 16.72 -44.57 45.91
N ASP H 248 16.68 -45.40 46.95
CA ASP H 248 16.95 -46.83 46.84
C ASP H 248 15.63 -47.54 47.06
N GLY H 249 15.14 -48.17 46.00
CA GLY H 249 13.79 -48.68 45.99
C GLY H 249 12.73 -47.60 45.89
N ALA H 250 13.12 -46.35 45.74
CA ALA H 250 12.18 -45.26 45.64
C ALA H 250 12.90 -44.08 45.02
N ILE H 251 12.20 -42.95 44.93
CA ILE H 251 12.77 -41.67 44.56
C ILE H 251 12.02 -40.60 45.34
N VAL H 252 12.23 -39.35 44.94
CA VAL H 252 11.54 -38.21 45.54
C VAL H 252 10.91 -37.43 44.40
N VAL H 253 9.64 -37.09 44.57
CA VAL H 253 8.91 -36.26 43.63
C VAL H 253 8.01 -35.34 44.43
N LYS H 254 7.24 -34.54 43.70
CA LYS H 254 6.20 -33.71 44.29
C LYS H 254 4.88 -34.09 43.64
N ASP H 255 3.80 -33.97 44.40
CA ASP H 255 2.48 -34.06 43.83
C ASP H 255 2.14 -32.75 43.17
N ARG H 256 1.75 -32.78 41.91
CA ARG H 256 1.23 -31.56 41.32
C ARG H 256 -0.05 -31.14 41.99
N GLY H 257 -1.00 -32.07 42.14
CA GLY H 257 -2.30 -31.78 42.69
C GLY H 257 -2.27 -31.22 44.09
N THR H 258 -1.56 -31.87 45.02
CA THR H 258 -1.48 -31.42 46.39
C THR H 258 -0.26 -30.58 46.68
N ASP H 259 0.67 -30.43 45.73
CA ASP H 259 1.85 -29.59 45.91
C ASP H 259 2.68 -30.13 47.07
N ARG H 260 2.83 -31.45 47.12
CA ARG H 260 3.41 -32.13 48.25
C ARG H 260 4.55 -33.01 47.78
N TYR H 261 5.71 -32.84 48.42
CA TYR H 261 6.82 -33.77 48.27
C TYR H 261 6.35 -35.18 48.57
N LEU H 262 6.63 -36.09 47.66
CA LEU H 262 6.27 -37.48 47.82
C LEU H 262 7.38 -38.41 47.41
N VAL H 263 7.43 -39.55 48.10
CA VAL H 263 8.28 -40.67 47.74
C VAL H 263 7.44 -41.60 46.89
N ILE H 264 8.05 -42.18 45.86
CA ILE H 264 7.39 -43.14 44.98
C ILE H 264 8.29 -44.34 44.84
N ALA H 265 7.73 -45.53 45.04
CA ALA H 265 8.48 -46.75 44.86
C ALA H 265 8.84 -46.93 43.39
N ASN H 266 10.05 -47.44 43.15
CA ASN H 266 10.62 -47.45 41.81
C ASN H 266 9.82 -48.27 40.82
N LYS H 267 8.98 -49.19 41.30
CA LYS H 267 8.05 -49.89 40.42
C LYS H 267 6.90 -49.00 39.98
N ASP H 268 6.38 -48.17 40.88
CA ASP H 268 5.39 -47.15 40.56
C ASP H 268 6.06 -45.90 40.02
N VAL H 269 7.38 -45.96 39.81
CA VAL H 269 8.08 -45.06 38.91
C VAL H 269 8.17 -45.73 37.56
N LYS H 270 8.00 -44.94 36.50
CA LYS H 270 8.52 -45.28 35.18
C LYS H 270 9.56 -44.23 34.81
N PHE H 271 10.83 -44.61 34.84
CA PHE H 271 11.88 -43.69 34.49
C PHE H 271 11.84 -43.38 33.00
N ILE H 272 11.77 -42.09 32.70
CA ILE H 272 11.45 -41.65 31.33
C ILE H 272 12.76 -41.54 30.55
N PRO H 273 12.81 -41.98 29.29
CA PRO H 273 14.08 -42.00 28.59
C PRO H 273 14.51 -40.61 28.19
N PRO H 274 15.83 -40.35 28.16
CA PRO H 274 16.29 -39.06 27.70
C PRO H 274 16.22 -38.96 26.18
N PRO H 275 16.41 -37.77 25.63
CA PRO H 275 16.65 -37.67 24.19
C PRO H 275 17.89 -38.43 23.76
N LYS H 276 17.99 -38.65 22.47
CA LYS H 276 19.03 -39.42 21.85
C LYS H 276 19.64 -38.64 20.69
N TRP I 1 -33.42 -16.94 -8.84
CA TRP I 1 -33.13 -15.65 -8.23
C TRP I 1 -33.44 -14.49 -9.18
N ILE I 2 -33.47 -14.79 -10.47
CA ILE I 2 -33.75 -13.78 -11.49
C ILE I 2 -35.07 -13.05 -11.18
N GLU I 3 -35.97 -13.73 -10.49
CA GLU I 3 -37.24 -13.15 -10.14
C GLU I 3 -37.38 -12.99 -8.64
N ASN I 4 -36.38 -13.44 -7.88
CA ASN I 4 -36.14 -12.92 -6.55
C ASN I 4 -35.80 -11.45 -6.57
N ILE I 5 -35.29 -11.00 -7.72
CA ILE I 5 -34.66 -9.71 -7.79
C ILE I 5 -35.58 -8.56 -7.42
N PRO I 6 -36.84 -8.51 -7.84
CA PRO I 6 -37.64 -7.34 -7.49
C PRO I 6 -37.91 -7.26 -6.00
N LEU I 7 -37.89 -8.40 -5.34
CA LEU I 7 -38.04 -8.41 -3.90
C LEU I 7 -36.76 -7.98 -3.25
N ALA I 8 -35.64 -8.46 -3.76
CA ALA I 8 -34.36 -8.03 -3.26
C ALA I 8 -34.21 -6.55 -3.47
N GLU I 9 -34.67 -6.09 -4.62
CA GLU I 9 -34.74 -4.70 -4.95
C GLU I 9 -35.51 -3.95 -3.91
N GLU I 10 -36.65 -4.49 -3.53
CA GLU I 10 -37.43 -3.90 -2.47
C GLU I 10 -36.62 -3.84 -1.19
N GLU I 11 -35.90 -4.91 -0.91
CA GLU I 11 -35.12 -4.97 0.30
C GLU I 11 -33.97 -4.00 0.28
N HIS I 12 -33.57 -3.53 -0.88
CA HIS I 12 -32.69 -2.38 -0.91
C HIS I 12 -33.49 -1.12 -0.71
N ASN I 13 -34.66 -1.06 -1.33
CA ASN I 13 -35.53 0.09 -1.20
C ASN I 13 -35.97 0.24 0.22
N LYS I 14 -36.06 -0.87 0.92
CA LYS I 14 -36.30 -0.83 2.33
C LYS I 14 -35.01 -0.58 3.07
N TRP I 15 -34.15 -1.57 3.02
CA TRP I 15 -33.05 -1.72 3.94
C TRP I 15 -31.69 -1.37 3.36
N HIS I 16 -31.60 -1.02 2.08
CA HIS I 16 -30.49 -0.22 1.54
C HIS I 16 -29.09 -0.75 1.82
N GLN I 17 -28.72 -1.82 1.15
CA GLN I 17 -27.49 -2.52 1.45
C GLN I 17 -26.56 -2.60 0.26
N ASP I 18 -25.42 -3.25 0.48
CA ASP I 18 -24.40 -3.48 -0.51
C ASP I 18 -24.90 -4.41 -1.59
N ALA I 19 -24.31 -4.28 -2.78
CA ALA I 19 -24.61 -5.22 -3.84
C ALA I 19 -24.23 -6.64 -3.47
N VAL I 20 -23.32 -6.80 -2.53
CA VAL I 20 -22.77 -8.10 -2.24
C VAL I 20 -23.71 -8.90 -1.36
N SER I 21 -24.00 -8.37 -0.20
CA SER I 21 -24.84 -9.09 0.74
C SER I 21 -26.17 -9.37 0.10
N LEU I 22 -26.66 -8.40 -0.63
CA LEU I 22 -27.86 -8.57 -1.40
C LEU I 22 -27.66 -9.66 -2.45
N HIS I 23 -26.52 -9.59 -3.15
CA HIS I 23 -26.19 -10.56 -4.19
C HIS I 23 -26.22 -11.98 -3.67
N LEU I 24 -25.66 -12.17 -2.49
CA LEU I 24 -25.43 -13.49 -1.95
C LEU I 24 -26.64 -14.05 -1.28
N GLU I 25 -27.29 -13.24 -0.47
CA GLU I 25 -28.45 -13.68 0.28
C GLU I 25 -29.64 -13.92 -0.61
N PHE I 26 -29.77 -13.11 -1.62
CA PHE I 26 -30.71 -13.36 -2.69
C PHE I 26 -30.07 -14.19 -3.79
N GLY I 27 -28.75 -14.37 -3.74
CA GLY I 27 -28.12 -15.48 -4.43
C GLY I 27 -28.11 -15.30 -5.93
N ILE I 28 -27.99 -14.07 -6.39
CA ILE I 28 -28.22 -13.72 -7.79
C ILE I 28 -26.88 -13.61 -8.49
N PRO I 29 -26.83 -13.10 -9.70
CA PRO I 29 -25.59 -12.49 -10.18
C PRO I 29 -25.41 -11.12 -9.56
N ARG I 30 -24.17 -10.74 -9.26
CA ARG I 30 -23.97 -9.54 -8.45
C ARG I 30 -23.99 -8.27 -9.25
N THR I 31 -23.82 -8.35 -10.56
CA THR I 31 -23.38 -7.16 -11.26
C THR I 31 -24.52 -6.18 -11.43
N ALA I 32 -25.67 -6.71 -11.84
CA ALA I 32 -26.87 -5.90 -11.76
C ALA I 32 -27.22 -5.60 -10.31
N ALA I 33 -26.74 -6.42 -9.38
CA ALA I 33 -26.90 -6.08 -7.99
C ALA I 33 -26.15 -4.82 -7.65
N GLU I 34 -25.11 -4.51 -8.41
CA GLU I 34 -24.50 -3.20 -8.30
C GLU I 34 -25.32 -2.17 -9.03
N ASP I 35 -25.93 -2.58 -10.15
CA ASP I 35 -26.78 -1.67 -10.90
C ASP I 35 -27.98 -1.22 -10.09
N ILE I 36 -28.27 -1.94 -9.01
CA ILE I 36 -29.20 -1.45 -8.01
C ILE I 36 -28.81 -0.06 -7.59
N VAL I 37 -27.70 0.04 -6.89
CA VAL I 37 -27.41 1.30 -6.24
C VAL I 37 -26.96 2.30 -7.25
N GLN I 38 -26.52 1.82 -8.40
CA GLN I 38 -26.50 2.70 -9.54
C GLN I 38 -27.87 3.32 -9.73
N GLN I 39 -28.91 2.48 -9.67
CA GLN I 39 -30.26 2.94 -9.90
C GLN I 39 -30.96 3.34 -8.60
N CYS I 40 -30.35 3.08 -7.45
CA CYS I 40 -30.92 3.63 -6.23
C CYS I 40 -30.83 5.14 -6.29
N ASP I 41 -31.74 5.80 -5.62
CA ASP I 41 -31.54 7.20 -5.27
C ASP I 41 -30.77 7.30 -3.99
N VAL I 42 -31.17 6.51 -3.02
CA VAL I 42 -30.78 6.74 -1.65
C VAL I 42 -29.33 6.42 -1.47
N CYS I 43 -28.98 5.24 -1.88
CA CYS I 43 -27.64 4.75 -1.68
C CYS I 43 -26.72 5.34 -2.71
N GLN I 44 -27.29 5.71 -3.86
CA GLN I 44 -26.58 6.53 -4.82
C GLN I 44 -26.17 7.86 -4.21
N GLU I 45 -27.01 8.42 -3.34
CA GLU I 45 -26.75 9.76 -2.82
C GLU I 45 -25.49 9.82 -2.01
N ASN I 46 -25.43 9.06 -0.95
CA ASN I 46 -24.59 9.44 0.16
C ASN I 46 -23.22 8.79 0.11
N LYS I 47 -22.91 8.06 -0.95
CA LYS I 47 -21.60 7.46 -1.08
C LYS I 47 -20.53 8.50 -1.39
N MET I 48 -19.30 8.16 -1.08
CA MET I 48 -18.18 9.05 -1.22
C MET I 48 -17.48 8.87 -2.55
N PRO I 49 -16.78 9.88 -3.05
CA PRO I 49 -16.03 9.74 -4.31
C PRO I 49 -14.63 9.21 -4.17
N SER I 50 -14.52 7.91 -4.30
CA SER I 50 -13.21 7.30 -4.34
C SER I 50 -12.50 7.78 -5.57
N THR I 51 -11.45 8.56 -5.38
CA THR I 51 -10.74 9.16 -6.47
C THR I 51 -9.31 9.44 -6.12
N LEU I 52 -8.42 8.77 -6.86
CA LEU I 52 -6.99 8.85 -6.58
C LEU I 52 -6.29 10.17 -6.84
N ARG I 53 -6.61 10.75 -8.01
CA ARG I 53 -6.06 12.02 -8.56
C ARG I 53 -4.60 11.88 -9.03
N GLY I 54 -4.00 12.98 -9.45
CA GLY I 54 -2.61 12.95 -9.90
C GLY I 54 -1.95 14.32 -9.83
N SER I 55 -0.63 14.32 -9.74
CA SER I 55 0.09 15.58 -9.80
C SER I 55 0.93 15.61 -11.04
N ASN I 56 1.31 16.80 -11.44
CA ASN I 56 2.02 16.85 -12.66
C ASN I 56 3.52 16.89 -12.52
N LYS I 57 4.14 15.89 -13.15
CA LYS I 57 5.58 15.89 -13.37
C LYS I 57 5.77 17.10 -14.33
N ARG I 58 4.91 17.16 -15.37
CA ARG I 58 4.76 18.29 -16.22
C ARG I 58 5.97 18.73 -16.95
N GLY I 59 6.35 19.98 -16.85
CA GLY I 59 7.45 20.39 -17.70
C GLY I 59 8.76 20.88 -17.19
N ILE I 60 9.79 20.72 -18.02
CA ILE I 60 11.10 21.20 -17.67
C ILE I 60 10.84 22.70 -17.62
N ASP I 61 11.22 23.26 -16.48
CA ASP I 61 11.03 24.66 -16.06
C ASP I 61 9.58 24.92 -15.66
N HIS I 62 8.75 23.86 -15.65
CA HIS I 62 7.39 24.06 -15.16
C HIS I 62 7.38 24.04 -13.65
N TRP I 63 6.61 24.95 -13.07
CA TRP I 63 6.83 25.39 -11.72
C TRP I 63 5.57 25.43 -10.89
N GLN I 64 5.78 25.56 -9.58
CA GLN I 64 4.71 25.58 -8.60
C GLN I 64 5.14 26.35 -7.37
N VAL I 65 4.19 27.03 -6.74
CA VAL I 65 4.50 28.02 -5.71
C VAL I 65 3.38 28.11 -4.69
N ASP I 66 3.76 28.43 -3.45
CA ASP I 66 2.88 29.06 -2.48
C ASP I 66 3.72 29.83 -1.48
N TYR I 67 3.11 30.89 -0.95
CA TYR I 67 3.71 31.75 0.06
C TYR I 67 3.68 31.03 1.41
N THR I 68 4.54 31.45 2.34
CA THR I 68 4.59 30.81 3.64
C THR I 68 4.47 31.77 4.82
N HIS I 69 3.98 31.26 5.94
CA HIS I 69 3.81 32.02 7.17
C HIS I 69 4.50 31.22 8.25
N TYR I 70 5.83 31.24 8.20
CA TYR I 70 6.70 30.51 9.10
C TYR I 70 6.98 31.46 10.23
N GLU I 71 6.43 31.16 11.40
CA GLU I 71 6.77 31.90 12.59
C GLU I 71 6.39 33.37 12.36
N ASP I 72 5.24 33.55 11.73
CA ASP I 72 4.78 34.85 11.26
C ASP I 72 5.79 35.49 10.31
N LYS I 73 6.21 34.72 9.30
CA LYS I 73 7.10 35.26 8.28
C LYS I 73 6.60 34.79 6.93
N ILE I 74 6.18 35.72 6.09
CA ILE I 74 5.73 35.41 4.75
C ILE I 74 6.96 34.98 3.98
N ILE I 75 6.92 33.78 3.43
CA ILE I 75 8.02 33.24 2.64
C ILE I 75 7.44 32.63 1.40
N LEU I 76 7.79 33.19 0.26
CA LEU I 76 7.21 32.80 -1.00
C LEU I 76 8.19 31.89 -1.71
N VAL I 77 7.67 30.80 -2.23
CA VAL I 77 8.46 29.60 -2.41
C VAL I 77 8.34 29.12 -3.83
N TRP I 78 9.49 28.86 -4.42
CA TRP I 78 9.63 28.75 -5.84
C TRP I 78 10.09 27.37 -6.20
N VAL I 79 9.17 26.55 -6.71
CA VAL I 79 9.28 25.12 -6.55
C VAL I 79 8.89 24.44 -7.84
N GLU I 80 9.80 23.64 -8.36
CA GLU I 80 9.64 23.12 -9.71
C GLU I 80 8.74 21.92 -9.64
N THR I 81 8.10 21.66 -10.76
CA THR I 81 7.23 20.52 -10.87
C THR I 81 7.99 19.25 -11.25
N ASN I 82 8.55 19.19 -12.46
CA ASN I 82 9.21 18.01 -12.98
C ASN I 82 10.33 17.48 -12.10
N SER I 83 11.48 18.13 -12.03
CA SER I 83 12.54 17.64 -11.17
C SER I 83 12.58 18.33 -9.83
N GLY I 84 11.71 19.28 -9.59
CA GLY I 84 11.47 19.75 -8.25
C GLY I 84 12.64 20.35 -7.53
N LEU I 85 13.63 20.83 -8.24
CA LEU I 85 14.51 21.83 -7.67
C LEU I 85 13.67 23.03 -7.30
N ILE I 86 14.12 23.79 -6.32
CA ILE I 86 13.29 24.87 -5.77
C ILE I 86 14.08 26.15 -5.54
N TYR I 87 13.37 27.14 -5.01
CA TYR I 87 13.92 28.39 -4.49
C TYR I 87 12.84 28.89 -3.54
N ALA I 88 13.17 29.83 -2.68
CA ALA I 88 12.19 30.58 -1.94
C ALA I 88 12.82 31.87 -1.43
N GLU I 89 11.98 32.78 -0.98
CA GLU I 89 12.49 33.99 -0.36
C GLU I 89 11.48 34.50 0.64
N ARG I 90 12.01 35.07 1.72
CA ARG I 90 11.16 35.69 2.72
C ARG I 90 10.63 36.98 2.16
N VAL I 91 9.39 37.28 2.48
CA VAL I 91 8.70 38.43 1.95
C VAL I 91 8.00 39.12 3.09
N LYS I 92 7.80 40.43 2.93
CA LYS I 92 7.11 41.24 3.92
C LYS I 92 5.59 41.23 3.73
N GLY I 93 5.14 41.13 2.49
CA GLY I 93 3.72 41.06 2.20
C GLY I 93 3.47 40.23 0.95
N GLU I 94 2.26 39.68 0.88
CA GLU I 94 2.02 38.71 -0.17
C GLU I 94 1.67 39.36 -1.48
N THR I 95 1.71 40.69 -1.54
CA THR I 95 0.91 41.43 -2.49
C THR I 95 1.37 41.18 -3.92
N GLY I 96 0.42 41.33 -4.83
CA GLY I 96 0.67 41.15 -6.24
C GLY I 96 1.83 41.95 -6.77
N GLN I 97 1.96 43.21 -6.38
CA GLN I 97 3.11 43.98 -6.83
C GLN I 97 4.39 43.38 -6.29
N GLU I 98 4.41 43.15 -4.99
CA GLU I 98 5.57 42.58 -4.34
C GLU I 98 5.91 41.27 -4.99
N PHE I 99 4.92 40.40 -5.04
CA PHE I 99 4.96 39.14 -5.74
C PHE I 99 5.52 39.26 -7.14
N ARG I 100 5.02 40.23 -7.91
CA ARG I 100 5.47 40.44 -9.27
C ARG I 100 6.96 40.72 -9.30
N VAL I 101 7.43 41.47 -8.31
CA VAL I 101 8.85 41.75 -8.26
C VAL I 101 9.62 40.48 -7.92
N GLN I 102 9.08 39.71 -6.98
CA GLN I 102 9.76 38.50 -6.56
C GLN I 102 9.94 37.55 -7.72
N THR I 103 8.91 37.43 -8.51
CA THR I 103 8.98 36.52 -9.62
C THR I 103 9.84 37.07 -10.73
N MET I 104 9.91 38.39 -10.85
CA MET I 104 10.88 38.95 -11.77
C MET I 104 12.26 38.47 -11.40
N LYS I 105 12.55 38.44 -10.10
CA LYS I 105 13.88 38.04 -9.66
C LYS I 105 14.12 36.61 -10.01
N TRP I 106 13.18 35.78 -9.62
CA TRP I 106 13.42 34.36 -9.72
C TRP I 106 13.37 33.92 -11.16
N TYR I 107 12.42 34.47 -11.89
CA TYR I 107 12.34 34.23 -13.32
C TYR I 107 13.64 34.57 -13.97
N ALA I 108 14.24 35.66 -13.54
CA ALA I 108 15.50 36.05 -14.10
C ALA I 108 16.58 35.06 -13.74
N MET I 109 16.40 34.34 -12.63
CA MET I 109 17.42 33.34 -12.33
C MET I 109 17.40 32.20 -13.32
N PHE I 110 16.31 31.98 -14.05
CA PHE I 110 16.16 30.80 -14.88
C PHE I 110 15.45 31.14 -16.19
N ALA I 111 14.99 30.10 -16.87
CA ALA I 111 14.03 30.21 -17.97
C ALA I 111 12.83 29.36 -17.57
N PRO I 112 12.18 29.69 -16.48
CA PRO I 112 11.00 28.94 -16.09
C PRO I 112 9.86 29.21 -17.05
N LYS I 113 9.30 28.13 -17.54
CA LYS I 113 8.46 28.11 -18.73
C LYS I 113 6.97 28.15 -18.42
N SER I 114 6.57 27.87 -17.19
CA SER I 114 5.16 27.73 -16.88
C SER I 114 4.97 27.64 -15.38
N LEU I 115 3.70 27.60 -14.94
CA LEU I 115 3.40 27.59 -13.52
C LEU I 115 2.04 26.99 -13.19
N GLN I 116 2.00 26.36 -12.02
CA GLN I 116 0.79 26.07 -11.27
C GLN I 116 0.79 26.92 -10.01
N SER I 117 -0.28 27.67 -9.77
CA SER I 117 -0.31 28.38 -8.50
C SER I 117 -1.75 28.68 -8.14
N ASP I 118 -1.97 28.88 -6.85
CA ASP I 118 -3.33 28.85 -6.37
C ASP I 118 -4.02 30.18 -6.63
N ASN I 119 -5.17 30.27 -5.96
CA ASN I 119 -6.14 31.35 -6.05
C ASN I 119 -5.78 32.57 -5.24
N GLY I 120 -4.58 32.56 -4.66
CA GLY I 120 -4.11 33.70 -3.89
C GLY I 120 -4.12 34.86 -4.85
N PRO I 121 -4.59 36.00 -4.35
CA PRO I 121 -4.80 37.18 -5.18
C PRO I 121 -3.54 37.64 -5.89
N ALA I 122 -2.38 37.50 -5.27
CA ALA I 122 -1.19 38.03 -5.94
C ALA I 122 -0.83 37.19 -7.15
N PHE I 123 -1.00 35.88 -7.03
CA PHE I 123 -0.87 34.98 -8.16
C PHE I 123 -1.87 35.34 -9.23
N VAL I 124 -3.04 35.76 -8.79
CA VAL I 124 -4.19 35.87 -9.62
C VAL I 124 -4.26 37.23 -10.29
N ALA I 125 -3.43 38.19 -9.85
CA ALA I 125 -3.66 39.60 -10.10
C ALA I 125 -3.60 39.87 -11.58
N GLU I 126 -4.23 40.95 -11.97
CA GLU I 126 -4.37 41.22 -13.38
C GLU I 126 -3.00 41.36 -14.03
N SER I 127 -2.22 42.34 -13.59
CA SER I 127 -0.93 42.58 -14.23
C SER I 127 0.05 41.44 -13.97
N THR I 128 -0.20 40.65 -12.93
CA THR I 128 0.54 39.42 -12.73
C THR I 128 0.30 38.49 -13.89
N GLN I 129 -0.97 38.28 -14.19
CA GLN I 129 -1.34 37.44 -15.31
C GLN I 129 -0.80 38.04 -16.59
N LEU I 130 -0.92 39.35 -16.74
CA LEU I 130 -0.38 40.03 -17.89
C LEU I 130 1.11 39.95 -17.95
N LEU I 131 1.75 39.66 -16.82
CA LEU I 131 3.18 39.61 -16.77
C LEU I 131 3.67 38.27 -17.25
N MET I 132 2.98 37.22 -16.81
CA MET I 132 3.19 35.91 -17.40
C MET I 132 3.00 35.96 -18.90
N LYS I 133 1.93 36.63 -19.30
CA LYS I 133 1.64 36.79 -20.72
C LYS I 133 2.69 37.64 -21.39
N TYR I 134 3.11 38.70 -20.69
CA TYR I 134 4.09 39.64 -21.21
C TYR I 134 5.37 38.92 -21.56
N LEU I 135 5.67 37.90 -20.79
CA LEU I 135 6.86 37.10 -20.93
C LEU I 135 6.62 35.79 -21.66
N GLY I 136 5.38 35.51 -22.04
CA GLY I 136 5.12 34.29 -22.76
C GLY I 136 5.30 33.07 -21.87
N ILE I 137 4.53 33.02 -20.78
CA ILE I 137 4.67 31.99 -19.77
C ILE I 137 3.27 31.50 -19.43
N GLU I 138 3.17 30.23 -19.05
CA GLU I 138 1.91 29.60 -18.71
C GLU I 138 1.75 29.55 -17.21
N HIS I 139 0.88 30.39 -16.69
CA HIS I 139 0.36 30.23 -15.36
C HIS I 139 -0.68 29.15 -15.49
N THR I 140 -0.80 28.32 -14.47
CA THR I 140 -2.00 27.52 -14.32
C THR I 140 -2.48 27.61 -12.89
N THR I 141 -3.76 27.37 -12.74
CA THR I 141 -4.43 27.73 -11.52
C THR I 141 -4.56 26.50 -10.63
N GLY I 142 -3.85 26.54 -9.53
CA GLY I 142 -4.25 25.80 -8.34
C GLY I 142 -5.67 26.19 -8.02
N ILE I 143 -6.52 25.54 -7.77
CA ILE I 143 -7.96 25.45 -7.88
C ILE I 143 -8.48 25.53 -6.45
N PRO I 144 -9.77 25.75 -6.22
CA PRO I 144 -10.23 25.92 -4.85
C PRO I 144 -10.17 24.62 -4.11
N TRP I 145 -9.66 24.69 -2.91
CA TRP I 145 -9.69 23.58 -1.98
C TRP I 145 -8.98 22.36 -2.54
N ASN I 146 -7.98 22.61 -3.38
CA ASN I 146 -6.93 21.63 -3.68
C ASN I 146 -5.59 22.22 -3.33
N PRO I 147 -5.02 22.37 -1.91
CA PRO I 147 -3.56 22.44 -1.88
C PRO I 147 -2.89 21.35 -2.68
N GLN I 148 -3.63 20.33 -3.07
CA GLN I 148 -2.99 19.12 -3.53
C GLN I 148 -2.47 19.29 -4.93
N SER I 149 -3.06 20.19 -5.68
CA SER I 149 -2.45 20.60 -6.92
C SER I 149 -1.19 21.40 -6.63
N GLN I 150 -1.19 22.06 -5.48
CA GLN I 150 -0.10 22.81 -4.94
C GLN I 150 0.81 21.93 -4.06
N ALA I 151 0.75 20.63 -4.32
CA ALA I 151 1.32 19.57 -3.52
C ALA I 151 2.71 19.88 -3.03
N LEU I 152 3.61 19.98 -3.97
CA LEU I 152 5.02 19.96 -3.68
C LEU I 152 5.40 21.17 -2.87
N VAL I 153 4.76 22.30 -3.11
CA VAL I 153 5.19 23.46 -2.37
C VAL I 153 4.78 23.27 -0.91
N GLU I 154 3.62 22.63 -0.68
CA GLU I 154 3.25 22.41 0.72
C GLU I 154 4.13 21.33 1.34
N ARG I 155 4.48 20.33 0.54
CA ARG I 155 5.40 19.29 0.99
C ARG I 155 6.68 19.87 1.47
N THR I 156 7.16 20.79 0.70
CA THR I 156 8.45 21.33 0.92
C THR I 156 8.38 22.33 2.03
N HIS I 157 7.24 22.98 2.20
CA HIS I 157 7.03 23.77 3.40
C HIS I 157 7.25 22.91 4.64
N GLN I 158 6.81 21.65 4.58
CA GLN I 158 7.18 20.72 5.64
C GLN I 158 8.70 20.62 5.75
N THR I 159 9.34 20.20 4.66
CA THR I 159 10.74 19.81 4.71
C THR I 159 11.57 20.94 5.22
N LEU I 160 11.27 22.08 4.66
CA LEU I 160 11.98 23.30 4.92
C LEU I 160 11.89 23.67 6.36
N LYS I 161 10.66 23.71 6.89
CA LYS I 161 10.50 24.15 8.25
C LYS I 161 11.22 23.24 9.23
N ASN I 162 11.37 21.96 8.86
CA ASN I 162 12.21 21.10 9.68
C ASN I 162 13.64 21.59 9.64
N THR I 163 14.09 21.94 8.45
CA THR I 163 15.47 22.36 8.32
C THR I 163 15.70 23.71 8.98
N LEU I 164 14.71 24.59 8.90
CA LEU I 164 14.77 25.86 9.59
C LEU I 164 15.06 25.65 11.04
N GLU I 165 14.28 24.76 11.63
CA GLU I 165 14.35 24.51 13.06
C GLU I 165 15.74 24.03 13.46
N LYS I 166 16.44 23.38 12.54
CA LYS I 166 17.85 23.12 12.77
C LYS I 166 18.68 24.37 12.75
N LEU I 167 18.62 25.07 11.63
CA LEU I 167 19.73 25.90 11.20
C LEU I 167 19.72 27.28 11.76
N ILE I 168 18.52 27.84 11.91
CA ILE I 168 18.34 29.24 12.28
C ILE I 168 19.16 29.69 13.50
N PRO I 169 19.40 28.87 14.54
CA PRO I 169 20.29 29.36 15.60
C PRO I 169 21.71 29.52 15.13
N MET I 170 22.10 28.84 14.06
CA MET I 170 23.47 28.89 13.59
C MET I 170 23.82 30.21 12.94
N PHE I 171 22.86 31.11 12.77
CA PHE I 171 23.01 32.28 11.93
C PHE I 171 22.60 33.53 12.66
N ASN I 172 23.22 34.63 12.26
CA ASN I 172 22.62 35.93 12.50
C ASN I 172 21.22 35.95 11.90
N ALA I 173 21.11 35.60 10.64
CA ALA I 173 19.92 35.88 9.87
C ALA I 173 19.07 34.64 9.70
N PHE I 174 17.79 34.81 9.96
CA PHE I 174 16.76 33.88 9.53
C PHE I 174 16.85 33.61 8.04
N GLU I 175 17.21 34.63 7.27
CA GLU I 175 17.16 34.54 5.83
C GLU I 175 18.47 34.03 5.26
N SER I 176 19.52 34.06 6.06
CA SER I 176 20.72 33.32 5.75
C SER I 176 20.52 31.86 6.09
N ALA I 177 19.74 31.60 7.12
CA ALA I 177 19.33 30.24 7.39
C ALA I 177 18.39 29.76 6.30
N LEU I 178 17.55 30.66 5.80
CA LEU I 178 16.75 30.38 4.63
C LEU I 178 17.63 30.03 3.46
N ALA I 179 18.72 30.78 3.33
CA ALA I 179 19.69 30.42 2.32
C ALA I 179 20.25 29.04 2.60
N GLY I 180 20.43 28.71 3.87
CA GLY I 180 21.03 27.45 4.20
C GLY I 180 20.14 26.27 3.85
N THR I 181 18.87 26.37 4.20
CA THR I 181 17.93 25.35 3.79
C THR I 181 17.88 25.26 2.29
N LEU I 182 17.84 26.43 1.65
CA LEU I 182 17.72 26.52 0.20
C LEU I 182 18.84 25.77 -0.46
N ILE I 183 20.05 26.11 -0.01
CA ILE I 183 21.28 25.46 -0.39
C ILE I 183 21.11 23.98 -0.31
N THR I 184 20.68 23.55 0.84
CA THR I 184 20.84 22.15 1.14
C THR I 184 19.93 21.29 0.32
N LEU I 185 18.70 21.64 0.26
CA LEU I 185 17.78 20.74 -0.39
C LEU I 185 17.83 20.90 -1.90
N ASN I 186 18.15 22.09 -2.40
CA ASN I 186 18.44 22.24 -3.82
C ASN I 186 19.77 21.64 -4.21
N ILE I 187 20.63 21.38 -3.24
CA ILE I 187 21.92 20.75 -3.46
C ILE I 187 22.05 19.55 -2.60
N LYS I 188 22.26 19.79 -1.33
CA LYS I 188 22.90 18.88 -0.43
C LYS I 188 22.04 17.65 -0.22
N ARG I 189 20.74 17.81 -0.39
CA ARG I 189 19.88 16.65 -0.53
C ARG I 189 20.17 16.02 -1.86
N LYS I 190 20.64 14.79 -1.82
CA LYS I 190 21.09 14.07 -2.99
C LYS I 190 20.80 12.61 -2.73
N GLY I 191 20.31 11.92 -3.75
CA GLY I 191 19.66 10.65 -3.50
C GLY I 191 19.46 9.85 -4.75
N GLY I 192 19.04 8.60 -4.62
CA GLY I 192 19.11 7.73 -5.76
C GLY I 192 20.56 7.54 -6.08
N LEU I 193 20.94 8.09 -7.21
CA LEU I 193 22.31 8.11 -7.67
C LEU I 193 23.13 9.19 -6.99
N GLY I 194 22.57 9.87 -5.99
CA GLY I 194 23.33 10.79 -5.19
C GLY I 194 23.46 12.09 -5.90
N THR I 195 22.32 12.58 -6.35
CA THR I 195 22.25 13.80 -7.13
C THR I 195 21.18 14.72 -6.57
N SER I 196 21.49 16.00 -6.57
CA SER I 196 20.57 17.03 -6.17
C SER I 196 19.46 17.15 -7.18
N PRO I 197 18.49 18.02 -6.92
CA PRO I 197 17.66 18.49 -8.02
C PRO I 197 18.45 19.35 -8.96
N MET I 198 19.35 20.17 -8.40
CA MET I 198 20.13 21.14 -9.17
C MET I 198 20.83 20.48 -10.33
N ASP I 199 21.36 19.30 -10.05
CA ASP I 199 21.91 18.39 -11.03
C ASP I 199 20.97 18.25 -12.20
N ILE I 200 19.71 18.02 -11.88
CA ILE I 200 18.77 17.50 -12.83
C ILE I 200 18.20 18.62 -13.65
N PHE I 201 17.88 19.72 -12.99
CA PHE I 201 17.47 20.92 -13.68
C PHE I 201 18.49 21.26 -14.71
N ILE I 202 19.72 21.38 -14.24
CA ILE I 202 20.74 22.04 -15.01
C ILE I 202 21.16 21.14 -16.15
N PHE I 203 21.33 19.88 -15.80
CA PHE I 203 21.47 18.83 -16.77
C PHE I 203 20.43 18.93 -17.85
N ASN I 204 19.18 19.06 -17.45
CA ASN I 204 18.12 19.03 -18.41
C ASN I 204 18.11 20.29 -19.26
N LYS I 205 18.57 21.42 -18.69
CA LYS I 205 18.78 22.60 -19.49
C LYS I 205 19.79 22.31 -20.58
N GLU I 206 20.77 21.48 -20.26
CA GLU I 206 21.70 21.08 -21.31
C GLU I 206 21.00 20.16 -22.30
N GLN I 207 20.15 19.31 -21.72
CA GLN I 207 19.34 18.30 -22.41
C GLN I 207 18.28 18.89 -23.33
N GLN I 208 17.72 20.01 -22.89
CA GLN I 208 16.65 20.71 -23.60
C GLN I 208 17.16 21.69 -24.66
N ARG I 209 18.47 21.73 -24.89
CA ARG I 209 19.05 22.64 -25.87
C ARG I 209 18.41 22.39 -27.23
N ILE I 210 17.90 23.50 -27.75
CA ILE I 210 17.20 23.59 -29.03
C ILE I 210 18.02 23.28 -30.27
N GLN I 211 19.28 23.69 -30.28
CA GLN I 211 20.10 23.46 -31.45
C GLN I 211 20.23 21.98 -31.74
N GLN I 212 20.45 21.17 -30.70
CA GLN I 212 20.58 19.73 -30.91
C GLN I 212 19.29 19.14 -31.47
N GLN I 213 18.16 19.58 -30.94
CA GLN I 213 16.87 19.08 -31.40
C GLN I 213 16.63 19.44 -32.85
N SER I 214 17.01 20.66 -33.22
CA SER I 214 16.85 21.15 -34.59
C SER I 214 17.73 20.35 -35.53
N LYS I 215 18.94 20.05 -35.06
CA LYS I 215 19.92 19.30 -35.84
C LYS I 215 19.47 17.89 -36.17
N SER I 216 18.81 17.20 -35.25
CA SER I 216 18.44 15.83 -35.57
C SER I 216 17.46 15.71 -36.75
N LYS I 217 16.95 16.83 -37.29
CA LYS I 217 16.05 16.80 -38.44
C LYS I 217 16.64 16.06 -39.62
N GLN I 218 17.97 16.13 -39.79
CA GLN I 218 18.62 15.52 -40.94
C GLN I 218 18.40 14.02 -41.00
N GLU I 219 18.17 13.40 -39.84
CA GLU I 219 17.99 11.96 -39.79
C GLU I 219 16.73 11.55 -40.54
N LYS I 220 16.77 10.36 -41.11
CA LYS I 220 15.73 9.92 -42.02
C LYS I 220 14.39 9.78 -41.32
N ILE I 221 13.35 10.05 -42.09
CA ILE I 221 11.98 9.63 -41.80
C ILE I 221 11.60 8.53 -42.75
N ARG I 222 10.90 7.54 -42.23
CA ARG I 222 10.00 6.73 -43.02
C ARG I 222 8.61 6.93 -42.48
N PHE I 223 7.62 6.61 -43.30
CA PHE I 223 6.26 6.51 -42.80
C PHE I 223 5.96 5.03 -42.60
N CYS I 224 4.78 4.78 -42.06
CA CYS I 224 4.36 3.42 -41.85
C CYS I 224 2.85 3.38 -41.72
N TYR I 225 2.27 2.36 -42.30
CA TYR I 225 0.88 2.00 -42.07
C TYR I 225 0.75 1.22 -40.79
N TYR I 226 -0.11 1.60 -39.89
CA TYR I 226 -0.66 0.69 -38.90
C TYR I 226 -2.10 0.32 -39.19
N ARG I 227 -2.51 -0.78 -38.57
CA ARG I 227 -3.79 -1.40 -38.87
C ARG I 227 -4.21 -2.27 -37.71
N THR I 228 -5.50 -2.60 -37.69
CA THR I 228 -6.16 -3.14 -36.53
C THR I 228 -7.02 -4.35 -36.89
N ARG I 229 -7.01 -5.31 -35.98
CA ARG I 229 -7.54 -6.63 -36.20
C ARG I 229 -8.85 -6.82 -35.46
N LYS I 230 -9.90 -7.08 -36.22
CA LYS I 230 -11.24 -7.29 -35.71
C LYS I 230 -11.63 -8.73 -36.03
N ARG I 231 -11.77 -9.53 -34.98
CA ARG I 231 -11.93 -10.98 -35.08
C ARG I 231 -10.73 -11.62 -35.77
N GLY I 232 -9.54 -10.99 -35.64
CA GLY I 232 -8.28 -11.53 -36.16
C GLY I 232 -7.77 -10.91 -37.43
N HIS I 233 -8.50 -9.97 -38.00
CA HIS I 233 -8.35 -9.64 -39.39
C HIS I 233 -7.91 -8.18 -39.54
N PRO I 234 -6.67 -7.89 -39.89
CA PRO I 234 -6.16 -6.53 -39.68
C PRO I 234 -6.79 -5.57 -40.68
N GLY I 235 -7.00 -4.34 -40.23
CA GLY I 235 -7.63 -3.34 -41.06
C GLY I 235 -6.72 -2.92 -42.19
N GLU I 236 -7.18 -1.92 -42.92
CA GLU I 236 -6.31 -1.25 -43.85
C GLU I 236 -5.21 -0.56 -43.07
N TRP I 237 -4.13 -0.25 -43.75
CA TRP I 237 -3.10 0.57 -43.13
C TRP I 237 -3.67 1.95 -42.88
N GLN I 238 -3.61 2.38 -41.62
CA GLN I 238 -4.43 3.46 -41.13
C GLN I 238 -3.54 4.64 -40.86
N GLY I 239 -4.29 4.38 -42.31
CA GLY I 239 -3.51 5.50 -42.81
C GLY I 239 -2.05 5.13 -42.91
N PRO I 240 -1.24 6.10 -43.32
CA PRO I 240 0.21 5.92 -43.39
C PRO I 240 0.83 7.15 -42.77
N THR I 241 1.73 7.01 -41.80
CA THR I 241 2.33 8.23 -41.28
C THR I 241 3.72 7.87 -40.82
N GLN I 242 4.51 8.89 -40.50
CA GLN I 242 5.91 8.68 -40.16
C GLN I 242 6.21 7.81 -38.94
N VAL I 243 7.29 7.05 -39.04
CA VAL I 243 7.72 6.22 -37.94
C VAL I 243 8.47 7.28 -37.17
N LEU I 244 7.76 7.84 -36.19
CA LEU I 244 8.24 8.95 -35.39
C LEU I 244 9.58 8.59 -34.80
N TRP I 245 9.66 7.36 -34.30
CA TRP I 245 10.91 6.72 -33.94
C TRP I 245 10.61 5.24 -33.87
N GLY I 246 11.57 4.43 -34.28
CA GLY I 246 11.43 3.00 -34.13
C GLY I 246 12.08 2.48 -32.89
N GLY I 247 11.44 1.51 -32.25
CA GLY I 247 12.05 0.70 -31.25
C GLY I 247 12.33 -0.67 -31.78
N ASP I 248 12.64 -1.59 -30.88
CA ASP I 248 12.83 -2.99 -31.22
C ASP I 248 11.50 -3.69 -31.02
N GLY I 249 10.95 -4.22 -32.10
CA GLY I 249 9.66 -4.85 -32.05
C GLY I 249 8.47 -3.91 -32.06
N ALA I 250 8.70 -2.59 -31.97
CA ALA I 250 7.63 -1.62 -32.08
C ALA I 250 8.26 -0.24 -32.26
N ILE I 251 7.41 0.78 -32.29
CA ILE I 251 7.79 2.11 -32.77
C ILE I 251 7.08 3.20 -31.99
N VAL I 252 7.31 4.43 -32.45
CA VAL I 252 6.60 5.62 -32.01
C VAL I 252 5.77 6.09 -33.20
N VAL I 253 4.49 6.32 -32.96
CA VAL I 253 3.59 6.83 -33.98
C VAL I 253 2.50 7.64 -33.33
N LYS I 254 1.81 8.39 -34.16
CA LYS I 254 0.67 9.18 -33.76
C LYS I 254 -0.55 8.67 -34.49
N ASP I 255 -1.67 8.61 -33.76
CA ASP I 255 -2.97 8.59 -34.43
C ASP I 255 -3.44 10.02 -34.52
N ARG I 256 -3.53 10.48 -35.76
CA ARG I 256 -4.21 11.72 -36.05
C ARG I 256 -5.65 11.70 -35.55
N GLY I 257 -6.27 10.52 -35.57
CA GLY I 257 -7.55 10.31 -34.94
C GLY I 257 -7.62 10.78 -33.51
N THR I 258 -6.65 10.41 -32.67
CA THR I 258 -6.48 11.00 -31.37
C THR I 258 -5.57 12.21 -31.36
N ASP I 259 -4.76 12.39 -32.40
CA ASP I 259 -3.69 13.39 -32.39
C ASP I 259 -2.78 13.14 -31.19
N ARG I 260 -2.41 11.88 -31.00
CA ARG I 260 -1.71 11.48 -29.81
C ARG I 260 -0.73 10.36 -30.14
N TYR I 261 0.42 10.40 -29.48
CA TYR I 261 1.50 9.48 -29.79
C TYR I 261 1.11 8.08 -29.37
N LEU I 262 1.71 7.09 -30.03
CA LEU I 262 1.23 5.73 -29.99
C LEU I 262 2.30 4.74 -30.40
N VAL I 263 2.02 3.48 -30.12
CA VAL I 263 2.88 2.35 -30.42
C VAL I 263 2.22 1.51 -31.49
N ILE I 264 3.03 0.88 -32.33
CA ILE I 264 2.60 -0.28 -33.09
C ILE I 264 3.71 -1.31 -33.04
N ALA I 265 3.36 -2.52 -32.64
CA ALA I 265 4.29 -3.63 -32.76
C ALA I 265 4.68 -3.82 -34.22
N ASN I 266 5.96 -4.14 -34.45
CA ASN I 266 6.52 -4.07 -35.79
C ASN I 266 5.87 -5.05 -36.78
N LYS I 267 5.08 -6.00 -36.28
CA LYS I 267 4.33 -6.87 -37.18
C LYS I 267 3.15 -6.17 -37.82
N ASP I 268 2.46 -5.33 -37.06
CA ASP I 268 1.34 -4.55 -37.55
C ASP I 268 1.81 -3.25 -38.19
N VAL I 269 3.12 -3.13 -38.44
CA VAL I 269 3.71 -2.05 -39.20
C VAL I 269 3.86 -2.48 -40.65
N LYS I 270 3.63 -1.54 -41.54
CA LYS I 270 4.17 -1.54 -42.88
C LYS I 270 5.36 -0.60 -42.88
N PHE I 271 6.52 -1.09 -43.26
CA PHE I 271 7.65 -0.23 -43.57
C PHE I 271 7.49 0.25 -44.99
N ILE I 272 7.70 1.54 -45.19
CA ILE I 272 7.34 2.22 -46.42
C ILE I 272 8.64 2.63 -47.14
N PRO I 273 8.91 2.11 -48.34
CA PRO I 273 10.27 2.21 -48.90
C PRO I 273 10.65 3.64 -49.23
N PRO I 274 11.93 3.89 -49.47
CA PRO I 274 12.41 5.25 -49.59
C PRO I 274 12.02 5.86 -50.92
N PRO I 275 12.11 7.19 -51.06
CA PRO I 275 12.26 7.74 -52.40
C PRO I 275 13.62 7.37 -52.94
N LYS I 276 13.79 7.49 -54.24
CA LYS I 276 14.94 6.85 -54.85
C LYS I 276 15.08 7.23 -56.32
N GLU J 3 39.93 6.05 -20.56
CA GLU J 3 40.64 7.29 -20.27
C GLU J 3 41.22 7.93 -21.49
N ASN J 4 40.79 9.16 -21.77
CA ASN J 4 41.46 10.01 -22.75
C ASN J 4 42.46 10.96 -22.11
N ILE J 5 42.64 10.89 -20.80
CA ILE J 5 43.36 11.93 -20.06
C ILE J 5 44.84 11.87 -20.45
N PRO J 6 45.50 10.71 -20.50
CA PRO J 6 46.91 10.73 -20.92
C PRO J 6 47.11 11.05 -22.39
N LEU J 7 46.13 10.79 -23.25
CA LEU J 7 46.28 11.15 -24.66
C LEU J 7 46.13 12.64 -24.86
N ALA J 8 45.21 13.26 -24.10
CA ALA J 8 45.14 14.70 -24.07
C ALA J 8 46.45 15.29 -23.58
N GLU J 9 47.02 14.69 -22.54
CA GLU J 9 48.32 15.11 -22.03
C GLU J 9 49.41 14.96 -23.08
N GLU J 10 49.34 13.90 -23.88
CA GLU J 10 50.25 13.73 -25.00
C GLU J 10 50.14 14.90 -25.97
N GLU J 11 48.92 15.34 -26.24
CA GLU J 11 48.76 16.44 -27.19
C GLU J 11 49.22 17.76 -26.61
N HIS J 12 48.99 18.00 -25.32
CA HIS J 12 49.35 19.28 -24.74
C HIS J 12 50.86 19.41 -24.61
N ASN J 13 51.52 18.31 -24.25
CA ASN J 13 52.97 18.27 -24.20
C ASN J 13 53.58 18.65 -25.53
N LYS J 14 52.89 18.38 -26.62
CA LYS J 14 53.29 18.88 -27.93
C LYS J 14 52.93 20.34 -28.08
N TRP J 15 51.65 20.62 -28.15
CA TRP J 15 51.13 21.86 -28.71
C TRP J 15 51.01 23.03 -27.75
N HIS J 16 50.85 22.78 -26.45
CA HIS J 16 50.67 23.85 -25.47
C HIS J 16 49.46 24.73 -25.76
N GLN J 17 48.27 24.15 -25.64
CA GLN J 17 47.01 24.85 -25.78
C GLN J 17 46.54 25.38 -24.42
N ASP J 18 45.28 25.81 -24.37
CA ASP J 18 44.57 26.08 -23.12
C ASP J 18 43.90 24.82 -22.58
N ALA J 19 43.87 24.67 -21.24
CA ALA J 19 43.19 23.56 -20.59
C ALA J 19 41.73 23.46 -21.00
N VAL J 20 41.12 24.63 -21.26
CA VAL J 20 39.83 24.71 -21.95
C VAL J 20 39.81 23.75 -23.12
N SER J 21 40.63 24.03 -24.11
CA SER J 21 40.55 23.28 -25.35
C SER J 21 41.08 21.86 -25.18
N LEU J 22 41.81 21.59 -24.10
CA LEU J 22 42.19 20.21 -23.82
C LEU J 22 40.97 19.40 -23.43
N HIS J 23 40.23 19.89 -22.44
CA HIS J 23 38.95 19.33 -22.08
C HIS J 23 38.05 19.16 -23.29
N LEU J 24 37.87 20.25 -24.02
CA LEU J 24 36.94 20.26 -25.14
C LEU J 24 37.34 19.30 -26.22
N GLU J 25 38.59 19.34 -26.64
CA GLU J 25 39.10 18.44 -27.65
C GLU J 25 38.96 17.00 -27.26
N PHE J 26 39.44 16.63 -26.07
CA PHE J 26 39.53 15.25 -25.68
C PHE J 26 38.39 14.78 -24.81
N GLY J 27 37.49 15.67 -24.42
CA GLY J 27 36.40 15.26 -23.56
C GLY J 27 36.86 14.72 -22.22
N ILE J 28 37.98 15.24 -21.72
CA ILE J 28 38.56 14.81 -20.45
C ILE J 28 37.93 15.69 -19.38
N PRO J 29 38.34 15.61 -18.12
CA PRO J 29 37.90 16.62 -17.16
C PRO J 29 38.66 17.93 -17.32
N ARG J 30 38.04 19.02 -16.85
CA ARG J 30 38.70 20.33 -16.86
C ARG J 30 39.65 20.53 -15.70
N THR J 31 39.43 19.87 -14.57
CA THR J 31 40.42 19.91 -13.50
C THR J 31 41.57 18.98 -13.82
N ALA J 32 41.31 17.93 -14.60
CA ALA J 32 42.40 17.25 -15.25
C ALA J 32 43.16 18.23 -16.11
N ALA J 33 42.47 18.92 -17.01
CA ALA J 33 43.14 19.80 -17.97
C ALA J 33 43.90 20.92 -17.27
N GLU J 34 43.25 21.57 -16.29
CA GLU J 34 43.91 22.57 -15.47
C GLU J 34 45.09 21.98 -14.72
N ASP J 35 45.00 20.73 -14.27
CA ASP J 35 46.18 20.10 -13.70
C ASP J 35 47.27 19.98 -14.74
N ILE J 36 46.92 19.78 -16.03
CA ILE J 36 47.97 19.62 -17.04
C ILE J 36 48.70 20.94 -17.23
N VAL J 37 47.94 22.01 -17.47
CA VAL J 37 48.55 23.30 -17.75
C VAL J 37 49.31 23.79 -16.54
N GLN J 38 48.81 23.49 -15.34
CA GLN J 38 49.57 23.79 -14.14
C GLN J 38 50.77 22.85 -14.01
N GLN J 39 50.64 21.62 -14.51
CA GLN J 39 51.76 20.68 -14.54
C GLN J 39 52.57 20.76 -15.83
N CYS J 40 52.13 21.56 -16.81
CA CYS J 40 52.92 21.80 -18.01
C CYS J 40 53.84 22.99 -17.73
N ASP J 41 55.14 22.73 -17.68
CA ASP J 41 56.10 23.77 -17.32
C ASP J 41 56.14 24.88 -18.36
N VAL J 42 55.85 24.54 -19.62
CA VAL J 42 55.84 25.53 -20.70
C VAL J 42 54.79 26.59 -20.42
N CYS J 43 53.55 26.18 -20.24
CA CYS J 43 52.50 27.14 -19.94
C CYS J 43 52.73 27.80 -18.60
N GLN J 44 53.38 27.11 -17.67
CA GLN J 44 53.82 27.72 -16.43
C GLN J 44 55.03 28.59 -16.69
N ILE J 60 38.01 26.32 -12.26
CA ILE J 60 36.63 26.31 -12.70
C ILE J 60 35.77 26.43 -11.48
N ASP J 61 34.57 27.00 -11.67
CA ASP J 61 33.68 27.31 -10.57
C ASP J 61 34.48 28.24 -9.70
N HIS J 62 35.11 29.19 -10.38
CA HIS J 62 36.14 30.03 -9.85
C HIS J 62 35.76 31.43 -10.28
N TRP J 63 35.65 32.32 -9.32
CA TRP J 63 34.79 33.46 -9.47
C TRP J 63 35.53 34.74 -9.15
N GLN J 64 34.84 35.84 -9.36
CA GLN J 64 35.23 37.07 -8.76
C GLN J 64 34.01 37.95 -8.56
N VAL J 65 34.12 38.81 -7.58
CA VAL J 65 33.05 39.63 -7.06
C VAL J 65 33.42 41.08 -7.29
N ASP J 66 32.41 41.92 -7.36
CA ASP J 66 32.59 43.30 -6.96
C ASP J 66 31.28 43.77 -6.37
N TYR J 67 31.35 44.51 -5.27
CA TYR J 67 30.25 45.38 -4.95
C TYR J 67 30.23 46.44 -6.03
N THR J 68 29.08 47.04 -6.28
CA THR J 68 29.07 48.19 -7.14
C THR J 68 27.91 49.10 -6.83
N HIS J 69 28.15 50.37 -7.07
CA HIS J 69 27.22 51.43 -6.77
C HIS J 69 26.57 51.89 -8.07
N TYR J 70 25.25 51.89 -8.07
CA TYR J 70 24.50 52.46 -9.17
C TYR J 70 23.31 53.13 -8.52
N GLU J 71 23.11 54.40 -8.85
CA GLU J 71 21.93 55.13 -8.45
C GLU J 71 21.82 55.13 -6.93
N ASP J 72 22.98 55.18 -6.27
CA ASP J 72 23.09 55.01 -4.83
C ASP J 72 22.49 53.67 -4.41
N LYS J 73 22.82 52.63 -5.19
CA LYS J 73 22.44 51.28 -4.80
C LYS J 73 23.69 50.43 -4.88
N ILE J 74 24.16 50.04 -3.73
CA ILE J 74 25.21 49.06 -3.61
C ILE J 74 24.63 47.78 -4.16
N ILE J 75 25.37 47.16 -5.06
CA ILE J 75 24.98 45.90 -5.65
C ILE J 75 26.17 44.98 -5.50
N LEU J 76 25.91 43.77 -5.08
CA LEU J 76 26.93 42.74 -5.03
C LEU J 76 26.89 42.07 -6.38
N VAL J 77 28.04 41.64 -6.85
CA VAL J 77 28.18 41.04 -8.16
C VAL J 77 29.01 39.78 -7.97
N TRP J 78 28.85 38.85 -8.88
CA TRP J 78 29.52 37.57 -8.87
C TRP J 78 29.87 37.29 -10.28
N VAL J 79 31.12 36.94 -10.53
CA VAL J 79 31.60 36.80 -11.91
C VAL J 79 32.47 35.57 -12.04
N GLU J 80 32.03 34.62 -12.86
CA GLU J 80 32.78 33.39 -12.96
C GLU J 80 33.97 33.67 -13.84
N THR J 81 35.09 33.09 -13.49
CA THR J 81 36.34 33.53 -14.07
C THR J 81 36.58 32.98 -15.47
N ASN J 82 35.71 32.10 -15.95
CA ASN J 82 36.08 31.21 -17.03
C ASN J 82 34.99 31.11 -18.09
N SER J 83 33.83 30.59 -17.73
CA SER J 83 32.64 30.82 -18.51
C SER J 83 32.33 32.29 -18.68
N GLY J 84 32.70 33.10 -17.70
CA GLY J 84 32.32 34.49 -17.68
C GLY J 84 30.92 34.73 -17.20
N LEU J 85 30.19 33.69 -16.88
CA LEU J 85 28.86 33.85 -16.35
C LEU J 85 28.96 34.45 -14.97
N ILE J 86 27.88 35.10 -14.55
CA ILE J 86 27.91 36.04 -13.45
C ILE J 86 26.71 35.85 -12.54
N TYR J 87 26.65 36.68 -11.49
CA TYR J 87 25.40 37.02 -10.83
C TYR J 87 25.61 38.35 -10.12
N ALA J 88 24.54 39.08 -9.88
CA ALA J 88 24.60 40.24 -9.02
C ALA J 88 23.29 40.46 -8.29
N GLU J 89 23.39 41.17 -7.18
CA GLU J 89 22.24 41.41 -6.32
C GLU J 89 22.39 42.73 -5.60
N ARG J 90 21.26 43.40 -5.43
CA ARG J 90 21.25 44.68 -4.75
C ARG J 90 21.67 44.47 -3.30
N VAL J 91 22.28 45.50 -2.73
CA VAL J 91 22.85 45.44 -1.41
C VAL J 91 22.43 46.68 -0.64
N LYS J 92 22.10 46.47 0.62
CA LYS J 92 21.92 47.60 1.53
C LYS J 92 23.24 48.24 1.87
N GLY J 93 24.20 47.43 2.30
CA GLY J 93 25.50 47.92 2.69
C GLY J 93 26.53 46.85 2.45
N GLU J 94 27.78 47.27 2.34
CA GLU J 94 28.85 46.36 1.92
C GLU J 94 29.38 45.53 3.08
N THR J 95 28.69 45.56 4.22
CA THR J 95 29.07 44.88 5.43
C THR J 95 29.39 43.41 5.18
N GLY J 96 30.37 42.91 5.93
CA GLY J 96 30.66 41.50 5.98
C GLY J 96 29.46 40.62 6.20
N GLN J 97 28.58 40.97 7.13
CA GLN J 97 27.53 40.04 7.56
C GLN J 97 26.46 39.88 6.51
N GLU J 98 25.91 41.01 6.05
CA GLU J 98 24.99 41.00 4.93
C GLU J 98 25.58 40.20 3.80
N PHE J 99 26.84 40.48 3.49
CA PHE J 99 27.54 39.79 2.43
C PHE J 99 27.65 38.30 2.70
N ARG J 100 27.82 37.94 3.97
CA ARG J 100 27.85 36.53 4.33
C ARG J 100 26.52 35.89 3.97
N VAL J 101 25.43 36.63 4.16
CA VAL J 101 24.13 36.12 3.72
C VAL J 101 24.11 35.99 2.22
N GLN J 102 24.70 36.95 1.54
CA GLN J 102 24.60 37.00 0.10
C GLN J 102 25.35 35.85 -0.52
N THR J 103 26.45 35.47 0.10
CA THR J 103 27.19 34.33 -0.40
C THR J 103 26.57 33.03 0.06
N MET J 104 25.78 33.04 1.14
CA MET J 104 24.93 31.89 1.38
C MET J 104 24.04 31.68 0.18
N LYS J 105 23.30 32.72 -0.18
CA LYS J 105 22.34 32.61 -1.26
C LYS J 105 23.03 32.35 -2.57
N TRP J 106 24.24 32.85 -2.70
CA TRP J 106 24.89 32.74 -3.98
C TRP J 106 25.39 31.34 -4.17
N TYR J 107 26.02 30.82 -3.14
CA TYR J 107 26.32 29.40 -3.07
C TYR J 107 25.07 28.56 -3.17
N ALA J 108 23.93 29.13 -2.80
CA ALA J 108 22.68 28.44 -2.97
C ALA J 108 22.35 28.25 -4.42
N MET J 109 22.61 29.26 -5.22
CA MET J 109 22.22 29.14 -6.61
C MET J 109 23.13 28.19 -7.36
N PHE J 110 24.28 27.83 -6.78
CA PHE J 110 25.33 27.15 -7.52
C PHE J 110 26.07 26.15 -6.67
N ALA J 111 27.13 25.59 -7.26
CA ALA J 111 28.08 24.73 -6.58
C ALA J 111 29.47 25.30 -6.85
N PRO J 112 29.76 26.45 -6.29
CA PRO J 112 31.06 27.09 -6.54
C PRO J 112 32.20 26.42 -5.78
N LYS J 113 33.33 26.31 -6.47
CA LYS J 113 34.57 25.75 -5.96
C LYS J 113 35.48 26.76 -5.27
N SER J 114 35.63 27.94 -5.86
CA SER J 114 36.78 28.80 -5.63
C SER J 114 36.44 30.25 -6.00
N LEU J 115 37.32 31.17 -5.62
CA LEU J 115 37.03 32.59 -5.77
C LEU J 115 38.26 33.47 -5.92
N GLN J 116 38.07 34.60 -6.58
CA GLN J 116 38.92 35.76 -6.50
C GLN J 116 38.17 36.95 -5.92
N SER J 117 38.91 37.91 -5.37
CA SER J 117 38.35 39.24 -5.11
C SER J 117 39.50 40.15 -4.75
N ASP J 118 39.15 41.40 -4.44
CA ASP J 118 40.11 42.29 -3.83
C ASP J 118 40.13 42.04 -2.33
N ASN J 119 40.75 42.95 -1.61
CA ASN J 119 40.90 42.89 -0.18
C ASN J 119 39.75 43.54 0.57
N GLY J 120 38.62 43.79 -0.10
CA GLY J 120 37.50 44.48 0.48
C GLY J 120 37.10 43.91 1.83
N PRO J 121 36.71 44.77 2.78
CA PRO J 121 36.68 44.34 4.19
C PRO J 121 35.72 43.21 4.47
N ALA J 122 34.56 43.24 3.83
CA ALA J 122 33.61 42.15 3.96
C ALA J 122 34.22 40.84 3.49
N PHE J 123 35.04 40.91 2.44
CA PHE J 123 35.61 39.71 1.85
C PHE J 123 36.65 39.13 2.79
N VAL J 124 37.61 39.97 3.16
CA VAL J 124 38.74 39.52 3.93
C VAL J 124 38.36 39.11 5.34
N ALA J 125 37.20 39.54 5.83
CA ALA J 125 36.83 39.46 7.23
C ALA J 125 36.89 38.05 7.77
N GLU J 126 37.20 37.94 9.07
CA GLU J 126 37.60 36.66 9.63
C GLU J 126 36.48 35.64 9.55
N SER J 127 35.26 36.04 9.92
CA SER J 127 34.16 35.11 9.82
C SER J 127 33.80 34.86 8.37
N THR J 128 34.18 35.77 7.47
CA THR J 128 33.89 35.55 6.07
C THR J 128 34.85 34.55 5.49
N GLN J 129 36.14 34.78 5.65
CA GLN J 129 37.14 33.83 5.23
C GLN J 129 36.90 32.47 5.88
N LEU J 130 36.62 32.50 7.17
CA LEU J 130 36.12 31.34 7.88
C LEU J 130 34.98 30.69 7.15
N LEU J 131 34.06 31.50 6.69
CA LEU J 131 32.87 30.94 6.09
C LEU J 131 33.20 30.30 4.76
N MET J 132 34.19 30.82 4.08
CA MET J 132 34.69 30.15 2.89
C MET J 132 35.22 28.79 3.25
N LYS J 133 35.86 28.70 4.41
CA LYS J 133 36.42 27.45 4.87
C LYS J 133 35.31 26.53 5.35
N TYR J 134 34.27 27.13 5.93
CA TYR J 134 33.06 26.41 6.31
C TYR J 134 32.41 25.79 5.10
N LEU J 135 32.65 26.38 3.96
CA LEU J 135 32.15 25.89 2.70
C LEU J 135 33.20 25.18 1.89
N GLY J 136 34.44 25.14 2.38
CA GLY J 136 35.47 24.41 1.71
C GLY J 136 35.84 25.04 0.40
N ILE J 137 35.94 26.36 0.37
CA ILE J 137 36.09 27.13 -0.85
C ILE J 137 37.51 27.69 -0.87
N GLU J 138 38.04 27.91 -2.08
CA GLU J 138 39.26 28.68 -2.24
C GLU J 138 38.85 30.12 -2.43
N HIS J 139 39.11 30.92 -1.41
CA HIS J 139 38.94 32.35 -1.46
C HIS J 139 40.32 32.91 -1.73
N THR J 140 40.39 33.84 -2.67
CA THR J 140 41.60 34.61 -2.86
C THR J 140 41.26 36.09 -2.92
N THR J 141 41.67 36.79 -1.86
CA THR J 141 41.73 38.24 -1.85
C THR J 141 43.17 38.63 -2.14
N GLY J 142 43.29 39.72 -2.85
CA GLY J 142 44.55 40.26 -3.28
C GLY J 142 44.25 41.29 -4.31
N ILE J 143 45.24 42.12 -4.61
CA ILE J 143 45.01 43.17 -5.60
C ILE J 143 44.75 42.40 -6.89
N PRO J 144 43.52 42.34 -7.39
CA PRO J 144 43.23 41.34 -8.42
C PRO J 144 43.96 41.70 -9.70
N TRP J 145 44.87 40.83 -10.08
CA TRP J 145 45.99 41.19 -10.93
C TRP J 145 45.92 40.66 -12.35
N ASN J 146 44.95 39.85 -12.70
CA ASN J 146 45.01 39.09 -13.94
C ASN J 146 44.26 39.84 -15.03
N PRO J 147 44.92 40.32 -16.11
CA PRO J 147 44.17 41.03 -17.15
C PRO J 147 43.16 40.15 -17.87
N GLN J 148 43.33 38.83 -17.79
CA GLN J 148 42.30 37.89 -18.20
C GLN J 148 41.00 38.17 -17.46
N SER J 149 41.07 38.13 -16.14
CA SER J 149 39.90 38.38 -15.31
C SER J 149 39.48 39.83 -15.41
N GLN J 150 40.41 40.74 -15.12
CA GLN J 150 40.08 42.13 -14.83
C GLN J 150 39.43 42.82 -16.01
N ALA J 151 39.89 42.49 -17.21
CA ALA J 151 39.25 42.98 -18.42
C ALA J 151 37.80 42.55 -18.46
N LEU J 152 37.55 41.29 -18.16
CA LEU J 152 36.20 40.75 -18.25
C LEU J 152 35.29 41.34 -17.19
N VAL J 153 35.81 41.53 -15.99
CA VAL J 153 35.04 42.16 -14.93
C VAL J 153 34.67 43.57 -15.34
N GLU J 154 35.60 44.24 -16.02
CA GLU J 154 35.35 45.60 -16.45
C GLU J 154 34.26 45.64 -17.50
N ARG J 155 34.41 44.80 -18.53
CA ARG J 155 33.39 44.65 -19.56
C ARG J 155 32.05 44.33 -18.97
N THR J 156 32.08 43.52 -17.93
CA THR J 156 30.87 43.13 -17.25
C THR J 156 30.17 44.34 -16.68
N HIS J 157 30.86 45.10 -15.84
CA HIS J 157 30.20 46.23 -15.18
C HIS J 157 29.77 47.29 -16.18
N GLN J 158 30.54 47.47 -17.26
CA GLN J 158 30.19 48.48 -18.24
C GLN J 158 28.93 48.08 -18.99
N THR J 159 28.97 46.89 -19.59
CA THR J 159 27.84 46.28 -20.25
C THR J 159 26.63 46.27 -19.34
N LEU J 160 26.88 45.96 -18.09
CA LEU J 160 25.87 45.85 -17.07
C LEU J 160 25.11 47.15 -16.92
N LYS J 161 25.77 48.17 -16.37
CA LYS J 161 25.07 49.40 -16.02
C LYS J 161 24.55 50.10 -17.27
N ASN J 162 25.18 49.82 -18.42
CA ASN J 162 24.57 50.15 -19.69
C ASN J 162 23.19 49.52 -19.82
N THR J 163 23.11 48.24 -19.52
CA THR J 163 21.89 47.51 -19.70
C THR J 163 20.85 47.85 -18.65
N LEU J 164 21.31 48.21 -17.45
CA LEU J 164 20.43 48.87 -16.50
C LEU J 164 19.78 50.05 -17.17
N GLU J 165 20.62 50.91 -17.74
CA GLU J 165 20.16 52.17 -18.29
C GLU J 165 19.16 51.94 -19.41
N LYS J 166 19.26 50.81 -20.09
CA LYS J 166 18.14 50.42 -20.91
C LYS J 166 16.91 50.12 -20.09
N LEU J 167 17.01 49.16 -19.18
CA LEU J 167 15.85 48.43 -18.73
C LEU J 167 15.05 49.07 -17.62
N ILE J 168 15.73 49.72 -16.68
CA ILE J 168 15.10 50.22 -15.45
C ILE J 168 13.86 51.10 -15.62
N PRO J 169 13.69 51.90 -16.69
CA PRO J 169 12.40 52.61 -16.81
C PRO J 169 11.23 51.68 -16.96
N MET J 170 11.46 50.50 -17.51
CA MET J 170 10.38 49.66 -17.97
C MET J 170 9.72 48.87 -16.87
N PHE J 171 10.17 49.01 -15.62
CA PHE J 171 9.84 48.06 -14.58
C PHE J 171 9.43 48.75 -13.30
N ASN J 172 8.50 48.11 -12.59
CA ASN J 172 8.05 48.62 -11.32
C ASN J 172 9.19 48.66 -10.32
N ALA J 173 10.09 47.68 -10.40
CA ALA J 173 11.15 47.50 -9.42
C ALA J 173 12.52 47.67 -10.04
N PHE J 174 13.39 48.32 -9.29
CA PHE J 174 14.80 48.32 -9.61
C PHE J 174 15.34 46.92 -9.67
N GLU J 175 14.91 46.07 -8.74
CA GLU J 175 15.51 44.76 -8.60
C GLU J 175 14.91 43.80 -9.61
N SER J 176 13.73 44.11 -10.12
CA SER J 176 13.17 43.40 -11.24
C SER J 176 13.92 43.69 -12.52
N ALA J 177 14.26 44.93 -12.74
CA ALA J 177 15.03 45.28 -13.93
C ALA J 177 16.47 44.81 -13.78
N LEU J 178 16.98 44.83 -12.54
CA LEU J 178 18.24 44.20 -12.19
C LEU J 178 18.23 42.75 -12.64
N ALA J 179 17.15 42.09 -12.28
CA ALA J 179 16.85 40.77 -12.83
C ALA J 179 16.90 40.79 -14.34
N GLY J 180 16.31 41.81 -14.93
CA GLY J 180 16.31 41.95 -16.37
C GLY J 180 17.70 41.90 -16.97
N THR J 181 18.61 42.69 -16.43
CA THR J 181 19.95 42.71 -16.99
C THR J 181 20.62 41.38 -16.77
N LEU J 182 20.34 40.74 -15.62
CA LEU J 182 20.91 39.44 -15.34
C LEU J 182 20.48 38.45 -16.40
N ILE J 183 19.24 38.57 -16.86
CA ILE J 183 18.76 37.71 -17.94
C ILE J 183 19.53 38.02 -19.19
N THR J 184 19.56 39.30 -19.53
CA THR J 184 20.10 39.75 -20.80
C THR J 184 21.45 39.17 -21.03
N LEU J 185 22.29 39.29 -20.04
CA LEU J 185 23.66 38.91 -20.20
C LEU J 185 23.85 37.41 -20.01
N ASN J 186 23.09 36.79 -19.11
CA ASN J 186 23.36 35.40 -18.76
C ASN J 186 22.65 34.42 -19.67
N ILE J 187 21.63 34.90 -20.38
CA ILE J 187 20.68 34.07 -21.07
C ILE J 187 20.47 34.57 -22.47
N LYS J 188 19.88 35.74 -22.57
CA LYS J 188 19.48 36.23 -23.86
C LYS J 188 20.69 36.57 -24.69
N ARG J 189 21.71 37.14 -24.07
CA ARG J 189 22.98 37.38 -24.72
C ARG J 189 23.58 36.02 -25.00
N LYS J 190 23.99 35.82 -26.24
CA LYS J 190 24.52 34.56 -26.72
C LYS J 190 25.57 34.82 -27.77
N GLY J 191 26.33 33.79 -28.05
CA GLY J 191 27.40 33.92 -29.01
C GLY J 191 27.88 32.58 -29.47
N GLY J 192 28.64 32.58 -30.56
CA GLY J 192 28.99 31.34 -31.17
C GLY J 192 27.74 30.70 -31.70
N LEU J 193 27.45 29.52 -31.18
CA LEU J 193 26.38 28.65 -31.65
C LEU J 193 25.07 28.87 -30.92
N GLY J 194 24.90 30.02 -30.26
CA GLY J 194 23.72 30.33 -29.49
C GLY J 194 23.85 29.83 -28.07
N THR J 195 25.02 30.10 -27.53
CA THR J 195 25.38 29.76 -26.17
C THR J 195 25.44 31.02 -25.36
N SER J 196 24.64 31.10 -24.31
CA SER J 196 24.83 32.09 -23.29
C SER J 196 25.78 31.51 -22.26
N PRO J 197 26.39 32.36 -21.43
CA PRO J 197 27.33 31.85 -20.42
C PRO J 197 26.67 30.91 -19.45
N MET J 198 25.35 31.04 -19.30
CA MET J 198 24.57 30.01 -18.66
C MET J 198 24.85 28.66 -19.29
N ASP J 199 24.67 28.55 -20.60
CA ASP J 199 24.77 27.26 -21.27
C ASP J 199 26.15 26.69 -21.09
N ILE J 200 27.13 27.59 -21.17
CA ILE J 200 28.52 27.26 -20.94
C ILE J 200 28.69 26.64 -19.58
N PHE J 201 28.37 27.42 -18.55
CA PHE J 201 28.50 27.04 -17.16
C PHE J 201 27.90 25.69 -16.92
N ILE J 202 26.67 25.54 -17.40
CA ILE J 202 25.89 24.33 -17.21
C ILE J 202 26.63 23.13 -17.75
N PHE J 203 27.00 23.23 -19.02
CA PHE J 203 27.70 22.16 -19.69
C PHE J 203 29.00 21.83 -18.99
N ASN J 204 29.61 22.82 -18.38
CA ASN J 204 30.83 22.57 -17.65
C ASN J 204 30.52 21.78 -16.40
N LYS J 205 29.43 22.15 -15.72
CA LYS J 205 29.05 21.47 -14.49
C LYS J 205 28.78 20.02 -14.77
N GLU J 206 28.29 19.72 -15.97
CA GLU J 206 27.98 18.35 -16.30
C GLU J 206 29.19 17.44 -16.15
N GLN J 207 30.11 17.55 -17.10
CA GLN J 207 31.22 16.63 -17.14
C GLN J 207 32.15 16.85 -15.96
N GLN J 208 32.17 18.07 -15.41
CA GLN J 208 33.07 18.32 -14.30
C GLN J 208 32.56 17.63 -13.05
N ARG J 209 31.24 17.63 -12.87
CA ARG J 209 30.67 17.00 -11.70
C ARG J 209 30.45 15.52 -11.95
N ILE J 210 30.68 15.08 -13.17
CA ILE J 210 30.79 13.66 -13.45
C ILE J 210 32.19 13.16 -13.12
N GLN J 211 33.18 13.93 -13.50
CA GLN J 211 34.55 13.52 -13.23
C GLN J 211 34.86 13.68 -11.76
N GLN J 212 34.34 14.74 -11.13
CA GLN J 212 34.73 15.04 -9.76
C GLN J 212 34.22 13.97 -8.81
N GLN J 213 32.94 13.64 -8.96
CA GLN J 213 32.37 12.49 -8.27
C GLN J 213 33.12 11.22 -8.62
N SER J 214 33.47 11.06 -9.90
CA SER J 214 33.99 9.78 -10.36
C SER J 214 35.41 9.53 -9.88
N LYS J 215 36.10 10.57 -9.43
CA LYS J 215 37.55 10.57 -9.29
C LYS J 215 38.03 11.11 -7.95
N SER J 216 37.79 12.40 -7.66
CA SER J 216 38.47 13.05 -6.54
C SER J 216 38.01 12.50 -5.19
N LYS J 217 36.75 12.07 -5.12
CA LYS J 217 36.22 11.56 -3.87
C LYS J 217 36.89 10.25 -3.47
N GLN J 218 37.45 9.54 -4.44
CA GLN J 218 37.70 8.11 -4.28
C GLN J 218 38.96 7.85 -3.46
N GLU J 219 40.13 8.08 -4.06
CA GLU J 219 41.40 7.80 -3.40
C GLU J 219 42.38 8.89 -3.79
N LYS J 220 43.26 9.20 -2.85
CA LYS J 220 44.24 10.25 -3.02
C LYS J 220 45.58 9.73 -2.51
N ILE J 221 46.64 10.40 -2.97
CA ILE J 221 48.04 10.22 -2.57
C ILE J 221 48.40 8.74 -2.44
N ARG J 222 48.41 8.03 -3.57
CA ARG J 222 48.75 6.62 -3.64
C ARG J 222 49.88 6.46 -4.64
N PHE J 223 50.81 5.57 -4.34
CA PHE J 223 51.87 5.21 -5.27
C PHE J 223 51.62 3.83 -5.84
N CYS J 224 52.46 3.43 -6.80
CA CYS J 224 52.34 2.12 -7.41
C CYS J 224 53.64 1.75 -8.10
N TYR J 225 53.76 0.46 -8.43
CA TYR J 225 54.68 -0.01 -9.45
C TYR J 225 53.88 -0.37 -10.69
N TYR J 226 54.51 -0.17 -11.84
CA TYR J 226 53.85 -0.25 -13.12
C TYR J 226 54.79 -0.86 -14.13
N ARG J 227 54.20 -1.31 -15.23
CA ARG J 227 54.93 -1.94 -16.30
C ARG J 227 54.20 -1.67 -17.61
N THR J 228 54.90 -1.93 -18.71
CA THR J 228 54.38 -1.75 -20.05
C THR J 228 54.51 -3.04 -20.83
N ARG J 229 53.40 -3.42 -21.45
CA ARG J 229 53.31 -4.64 -22.25
C ARG J 229 53.81 -4.37 -23.66
N LYS J 230 54.74 -5.20 -24.11
CA LYS J 230 55.35 -5.08 -25.43
C LYS J 230 54.88 -6.25 -26.27
N ARG J 231 54.01 -5.97 -27.24
CA ARG J 231 53.25 -7.02 -27.93
C ARG J 231 52.54 -7.91 -26.92
N GLY J 232 51.98 -7.29 -25.87
CA GLY J 232 51.32 -8.02 -24.81
C GLY J 232 52.26 -8.75 -23.86
N HIS J 233 53.57 -8.48 -23.92
CA HIS J 233 54.55 -9.12 -23.05
C HIS J 233 54.87 -8.19 -21.89
N PRO J 234 54.52 -8.52 -20.64
CA PRO J 234 54.57 -7.52 -19.57
C PRO J 234 55.97 -7.03 -19.27
N GLY J 235 56.10 -5.71 -19.16
CA GLY J 235 57.36 -5.08 -18.89
C GLY J 235 57.82 -5.29 -17.47
N GLU J 236 59.04 -4.84 -17.21
CA GLU J 236 59.56 -4.83 -15.85
C GLU J 236 58.74 -3.86 -15.01
N TRP J 237 58.79 -4.07 -13.69
CA TRP J 237 58.07 -3.19 -12.79
C TRP J 237 58.89 -1.94 -12.52
N GLN J 238 58.21 -0.80 -12.59
CA GLN J 238 58.82 0.50 -12.78
C GLN J 238 58.24 1.45 -11.75
N GLY J 239 58.84 2.64 -11.66
CA GLY J 239 58.51 3.56 -10.60
C GLY J 239 59.43 3.26 -9.43
N PRO J 240 58.97 3.47 -8.17
CA PRO J 240 57.65 3.87 -7.66
C PRO J 240 57.24 5.25 -8.12
N THR J 241 55.99 5.37 -8.59
CA THR J 241 55.44 6.65 -9.00
C THR J 241 54.05 6.78 -8.42
N GLN J 242 53.52 8.00 -8.49
CA GLN J 242 52.21 8.28 -7.93
C GLN J 242 51.11 7.70 -8.81
N VAL J 243 49.98 7.39 -8.18
CA VAL J 243 48.75 7.07 -8.88
C VAL J 243 48.02 8.41 -9.01
N LEU J 244 48.05 8.98 -10.22
CA LEU J 244 47.58 10.35 -10.40
C LEU J 244 46.08 10.43 -10.58
N TRP J 245 45.52 9.67 -11.51
CA TRP J 245 44.09 9.47 -11.61
C TRP J 245 43.86 7.98 -11.81
N GLY J 246 43.30 7.35 -10.80
CA GLY J 246 42.81 6.00 -10.95
C GLY J 246 41.55 5.98 -11.78
N GLY J 247 41.53 5.18 -12.86
CA GLY J 247 40.39 5.05 -13.71
C GLY J 247 39.57 3.83 -13.37
N ASP J 248 38.63 3.52 -14.26
CA ASP J 248 37.84 2.29 -14.16
C ASP J 248 38.58 1.26 -14.97
N GLY J 249 39.17 0.27 -14.28
CA GLY J 249 40.04 -0.69 -14.91
C GLY J 249 41.36 -0.13 -15.42
N ALA J 250 41.69 1.11 -15.07
CA ALA J 250 42.86 1.80 -15.60
C ALA J 250 43.30 2.82 -14.58
N ILE J 251 44.50 3.37 -14.77
CA ILE J 251 44.97 4.50 -13.98
C ILE J 251 45.63 5.50 -14.91
N VAL J 252 46.10 6.60 -14.32
CA VAL J 252 46.90 7.60 -15.01
C VAL J 252 48.21 7.77 -14.26
N VAL J 253 49.31 7.76 -15.00
CA VAL J 253 50.65 7.85 -14.44
C VAL J 253 51.56 8.54 -15.43
N LYS J 254 52.52 9.29 -14.88
CA LYS J 254 53.61 9.85 -15.66
C LYS J 254 54.80 8.92 -15.58
N ASP J 255 55.24 8.45 -16.74
CA ASP J 255 56.55 7.82 -16.83
C ASP J 255 57.60 8.90 -16.64
N ARG J 256 58.47 8.73 -15.65
CA ARG J 256 59.35 9.81 -15.23
C ARG J 256 60.36 10.15 -16.31
N GLY J 257 60.83 9.14 -17.05
CA GLY J 257 61.79 9.35 -18.10
C GLY J 257 61.28 10.19 -19.26
N THR J 258 60.07 9.92 -19.75
CA THR J 258 59.50 10.65 -20.86
C THR J 258 58.95 12.01 -20.49
N ASP J 259 58.64 12.26 -19.23
CA ASP J 259 57.82 13.39 -18.82
C ASP J 259 56.51 13.40 -19.60
N ARG J 260 55.84 12.25 -19.57
CA ARG J 260 54.61 12.03 -20.31
C ARG J 260 53.70 11.10 -19.52
N TYR J 261 52.42 11.38 -19.59
CA TYR J 261 51.41 10.61 -18.89
C TYR J 261 51.04 9.36 -19.68
N LEU J 262 50.57 8.35 -18.96
CA LEU J 262 50.28 7.04 -19.53
C LEU J 262 49.07 6.40 -18.87
N VAL J 263 48.27 5.69 -19.66
CA VAL J 263 47.24 4.82 -19.13
C VAL J 263 47.91 3.49 -18.79
N ILE J 264 47.64 2.99 -17.58
CA ILE J 264 48.07 1.65 -17.17
C ILE J 264 46.86 0.90 -16.67
N ALA J 265 46.68 -0.32 -17.18
CA ALA J 265 45.61 -1.17 -16.67
C ALA J 265 45.96 -1.67 -15.28
N ASN J 266 44.92 -1.78 -14.44
CA ASN J 266 45.09 -2.13 -13.03
C ASN J 266 45.83 -3.45 -12.84
N LYS J 267 45.73 -4.36 -13.81
CA LYS J 267 46.49 -5.59 -13.79
C LYS J 267 47.98 -5.35 -13.97
N ASP J 268 48.37 -4.33 -14.73
CA ASP J 268 49.77 -3.91 -14.85
C ASP J 268 50.14 -2.91 -13.75
N VAL J 269 49.26 -2.71 -12.77
CA VAL J 269 49.55 -1.92 -11.58
C VAL J 269 49.83 -2.86 -10.43
N LYS J 270 50.86 -2.54 -9.65
CA LYS J 270 50.95 -2.93 -8.25
C LYS J 270 50.79 -1.65 -7.45
N PHE J 271 49.65 -1.49 -6.81
CA PHE J 271 49.46 -0.34 -5.94
C PHE J 271 50.34 -0.49 -4.71
N ILE J 272 51.10 0.55 -4.41
CA ILE J 272 52.01 0.56 -3.27
C ILE J 272 51.20 0.96 -2.03
N PRO J 273 50.97 0.04 -1.06
CA PRO J 273 50.13 0.47 0.06
C PRO J 273 50.82 1.47 0.98
N TRP K 1 11.75 31.63 -42.13
CA TRP K 1 11.57 31.69 -40.66
C TRP K 1 10.75 32.88 -40.30
N ILE K 2 9.56 32.95 -40.88
CA ILE K 2 8.73 34.14 -40.72
C ILE K 2 8.40 34.35 -39.26
N GLU K 3 7.96 33.31 -38.56
CA GLU K 3 7.26 33.47 -37.32
C GLU K 3 8.20 33.96 -36.24
N ASN K 4 9.42 33.48 -36.32
CA ASN K 4 10.48 33.85 -35.41
C ASN K 4 10.70 35.35 -35.41
N ILE K 5 10.52 36.00 -36.56
CA ILE K 5 11.07 37.33 -36.81
C ILE K 5 10.31 38.43 -36.06
N PRO K 6 8.96 38.58 -36.25
CA PRO K 6 8.18 39.55 -35.47
C PRO K 6 8.38 39.38 -33.98
N LEU K 7 8.33 38.10 -33.67
CA LEU K 7 8.51 37.61 -32.33
C LEU K 7 9.88 38.01 -31.78
N ALA K 8 10.86 38.12 -32.66
CA ALA K 8 12.22 38.39 -32.24
C ALA K 8 12.44 39.87 -32.00
N GLU K 9 11.89 40.75 -32.86
CA GLU K 9 11.99 42.16 -32.52
C GLU K 9 11.14 42.46 -31.31
N GLU K 10 10.02 41.77 -31.20
CA GLU K 10 9.18 41.89 -30.03
C GLU K 10 9.97 41.57 -28.78
N GLU K 11 10.70 40.47 -28.84
CA GLU K 11 11.58 40.12 -27.75
C GLU K 11 12.67 41.16 -27.58
N HIS K 12 13.15 41.73 -28.65
CA HIS K 12 14.34 42.58 -28.59
C HIS K 12 14.00 43.94 -28.02
N ASN K 13 12.82 44.45 -28.35
CA ASN K 13 12.31 45.68 -27.79
C ASN K 13 12.25 45.59 -26.29
N LYS K 14 11.96 44.40 -25.78
CA LYS K 14 12.15 44.15 -24.38
C LYS K 14 13.64 44.04 -24.07
N TRP K 15 14.33 43.14 -24.77
CA TRP K 15 15.57 42.57 -24.30
C TRP K 15 16.85 43.09 -24.93
N HIS K 16 16.79 43.73 -26.10
CA HIS K 16 17.85 44.56 -26.62
C HIS K 16 19.19 43.83 -26.72
N GLN K 17 19.15 42.65 -27.30
CA GLN K 17 20.30 41.76 -27.39
C GLN K 17 21.24 42.23 -28.50
N ASP K 18 22.19 41.37 -28.84
CA ASP K 18 22.84 41.43 -30.14
C ASP K 18 21.92 40.86 -31.19
N ALA K 19 22.06 41.34 -32.42
CA ALA K 19 21.46 40.67 -33.56
C ALA K 19 21.93 39.23 -33.68
N VAL K 20 23.14 38.96 -33.21
CA VAL K 20 23.66 37.60 -33.21
C VAL K 20 22.78 36.68 -32.39
N SER K 21 22.59 37.01 -31.12
CA SER K 21 21.83 36.14 -30.21
C SER K 21 20.42 35.91 -30.74
N LEU K 22 19.88 36.92 -31.42
CA LEU K 22 18.57 36.78 -32.00
C LEU K 22 18.62 35.81 -33.17
N HIS K 23 19.59 36.00 -34.05
CA HIS K 23 19.77 35.12 -35.18
C HIS K 23 19.89 33.67 -34.75
N LEU K 24 20.59 33.46 -33.65
CA LEU K 24 20.89 32.12 -33.20
C LEU K 24 19.71 31.48 -32.51
N GLU K 25 19.08 32.21 -31.60
CA GLU K 25 17.95 31.70 -30.84
C GLU K 25 16.72 31.54 -31.71
N PHE K 26 16.38 32.57 -32.44
CA PHE K 26 15.23 32.58 -33.29
C PHE K 26 15.49 31.92 -34.62
N GLY K 27 16.74 31.66 -34.96
CA GLY K 27 17.04 30.94 -36.18
C GLY K 27 16.67 31.69 -37.44
N ILE K 28 16.57 33.02 -37.34
CA ILE K 28 16.16 33.85 -38.45
C ILE K 28 17.38 34.13 -39.32
N PRO K 29 17.23 34.64 -40.53
CA PRO K 29 18.38 35.24 -41.22
C PRO K 29 18.96 36.36 -40.38
N ARG K 30 20.28 36.34 -40.23
CA ARG K 30 20.92 37.27 -39.31
C ARG K 30 20.75 38.71 -39.72
N THR K 31 20.76 39.01 -41.02
CA THR K 31 20.68 40.39 -41.43
C THR K 31 19.34 40.97 -41.11
N ALA K 32 18.32 40.12 -41.02
CA ALA K 32 17.08 40.51 -40.37
C ALA K 32 17.36 41.03 -38.97
N ALA K 33 18.17 40.30 -38.21
CA ALA K 33 18.42 40.68 -36.83
C ALA K 33 19.21 41.98 -36.78
N GLU K 34 20.12 42.14 -37.73
CA GLU K 34 20.83 43.39 -37.87
C GLU K 34 19.87 44.51 -38.17
N ASP K 35 18.88 44.23 -39.01
CA ASP K 35 17.89 45.23 -39.35
C ASP K 35 17.07 45.60 -38.12
N ILE K 36 16.85 44.64 -37.22
CA ILE K 36 16.19 44.97 -35.96
C ILE K 36 17.05 45.91 -35.16
N VAL K 37 18.31 45.53 -34.94
CA VAL K 37 19.15 46.26 -34.01
C VAL K 37 19.37 47.66 -34.52
N GLN K 38 19.49 47.81 -35.84
CA GLN K 38 19.51 49.13 -36.43
C GLN K 38 18.18 49.83 -36.24
N GLN K 39 17.09 49.08 -36.29
CA GLN K 39 15.76 49.62 -36.09
C GLN K 39 15.35 49.62 -34.64
N CYS K 40 16.15 48.99 -33.78
CA CYS K 40 16.01 49.17 -32.35
C CYS K 40 16.88 50.33 -31.95
N ASP K 41 16.25 51.43 -31.58
CA ASP K 41 17.00 52.62 -31.23
C ASP K 41 17.73 52.42 -29.91
N VAL K 42 17.21 51.57 -29.04
CA VAL K 42 17.83 51.33 -27.74
C VAL K 42 19.25 50.81 -27.93
N CYS K 43 19.45 49.94 -28.91
CA CYS K 43 20.79 49.42 -29.17
C CYS K 43 21.61 50.39 -30.01
N GLN K 44 20.95 51.24 -30.80
CA GLN K 44 21.67 52.25 -31.58
C GLN K 44 21.99 53.47 -30.74
N GLU K 45 21.10 53.82 -29.82
CA GLU K 45 21.32 54.92 -28.88
C GLU K 45 22.44 54.61 -27.90
N ASN K 46 22.80 53.34 -27.72
CA ASN K 46 23.92 52.95 -26.86
C ASN K 46 24.81 52.02 -27.68
N LYS K 47 25.98 52.50 -28.04
CA LYS K 47 26.93 51.71 -28.83
C LYS K 47 28.33 52.32 -28.70
N ILE K 60 29.15 39.76 -39.74
CA ILE K 60 29.84 38.57 -40.21
C ILE K 60 30.78 38.95 -41.33
N ASP K 61 31.91 38.24 -41.38
CA ASP K 61 32.95 38.44 -42.38
C ASP K 61 33.48 39.87 -42.28
N HIS K 62 33.45 40.42 -41.07
CA HIS K 62 33.95 41.75 -40.79
C HIS K 62 35.24 41.58 -40.01
N TRP K 63 36.28 42.25 -40.47
CA TRP K 63 37.64 41.91 -40.12
C TRP K 63 38.39 43.15 -39.65
N GLN K 64 39.57 42.91 -39.09
CA GLN K 64 40.52 43.97 -38.83
C GLN K 64 41.95 43.50 -39.05
N VAL K 65 42.70 44.23 -39.86
CA VAL K 65 44.05 43.79 -40.15
C VAL K 65 45.08 44.78 -39.64
N ASP K 66 45.95 44.29 -38.76
CA ASP K 66 46.99 45.13 -38.23
C ASP K 66 48.35 44.47 -38.42
N TYR K 67 49.23 45.19 -39.10
CA TYR K 67 50.59 44.72 -39.28
C TYR K 67 51.22 44.55 -37.91
N THR K 68 52.08 43.57 -37.76
CA THR K 68 52.83 43.43 -36.53
C THR K 68 54.20 42.84 -36.83
N HIS K 69 55.18 43.39 -36.14
CA HIS K 69 56.55 42.89 -36.18
C HIS K 69 56.72 41.88 -35.07
N TYR K 70 57.28 40.72 -35.42
CA TYR K 70 57.70 39.74 -34.42
C TYR K 70 59.14 39.41 -34.76
N GLU K 71 60.06 39.87 -33.91
CA GLU K 71 61.48 39.55 -34.02
C GLU K 71 61.99 39.90 -35.41
N ASP K 72 61.71 41.12 -35.86
CA ASP K 72 62.10 41.60 -37.19
C ASP K 72 61.47 40.75 -38.29
N LYS K 73 60.22 40.33 -38.06
CA LYS K 73 59.46 39.65 -39.10
C LYS K 73 58.08 40.27 -39.14
N ILE K 74 57.78 40.93 -40.25
CA ILE K 74 56.52 41.63 -40.41
C ILE K 74 55.44 40.61 -40.64
N ILE K 75 54.37 40.70 -39.86
CA ILE K 75 53.31 39.72 -39.85
C ILE K 75 52.00 40.48 -40.03
N LEU K 76 51.20 40.05 -40.99
CA LEU K 76 49.99 40.76 -41.41
C LEU K 76 48.79 40.03 -40.84
N VAL K 77 48.16 40.61 -39.82
CA VAL K 77 47.27 39.87 -38.94
C VAL K 77 45.85 40.34 -39.20
N TRP K 78 45.06 39.54 -39.91
CA TRP K 78 43.65 39.82 -40.08
C TRP K 78 42.90 39.28 -38.86
N VAL K 79 41.96 40.07 -38.35
CA VAL K 79 41.25 39.74 -37.12
C VAL K 79 39.75 39.82 -37.40
N GLU K 80 39.07 38.68 -37.42
CA GLU K 80 37.63 38.65 -37.66
C GLU K 80 36.93 39.05 -36.37
N THR K 81 36.21 40.16 -36.41
CA THR K 81 35.80 40.80 -35.17
C THR K 81 34.66 40.08 -34.44
N ASN K 82 34.03 39.08 -35.07
CA ASN K 82 32.95 38.32 -34.44
C ASN K 82 33.41 36.94 -33.98
N SER K 83 33.64 36.02 -34.91
CA SER K 83 34.13 34.68 -34.60
C SER K 83 35.41 34.66 -33.77
N GLY K 84 36.25 35.69 -33.88
CA GLY K 84 37.58 35.63 -33.32
C GLY K 84 38.56 34.86 -34.17
N LEU K 85 38.16 34.48 -35.39
CA LEU K 85 39.04 33.75 -36.27
C LEU K 85 40.02 34.71 -36.93
N ILE K 86 41.26 34.25 -37.11
CA ILE K 86 42.38 35.12 -37.43
C ILE K 86 43.18 34.50 -38.57
N TYR K 87 43.89 35.35 -39.31
CA TYR K 87 44.84 34.93 -40.34
C TYR K 87 46.16 35.65 -40.08
N ALA K 88 47.27 35.01 -40.43
CA ALA K 88 48.56 35.67 -40.48
C ALA K 88 49.44 34.99 -41.52
N GLU K 89 50.20 35.82 -42.24
CA GLU K 89 51.29 35.35 -43.06
C GLU K 89 52.43 36.35 -42.88
N ARG K 90 53.65 35.83 -42.89
CA ARG K 90 54.82 36.69 -42.80
C ARG K 90 54.89 37.49 -44.09
N VAL K 91 55.25 38.75 -43.97
CA VAL K 91 55.25 39.69 -45.07
C VAL K 91 56.64 40.29 -45.16
N LYS K 92 57.09 40.54 -46.40
CA LYS K 92 58.39 41.14 -46.62
C LYS K 92 58.42 42.57 -46.09
N GLY K 93 57.42 43.36 -46.45
CA GLY K 93 57.32 44.74 -46.01
C GLY K 93 55.89 45.18 -45.97
N GLU K 94 55.65 46.30 -45.31
CA GLU K 94 54.29 46.76 -45.04
C GLU K 94 53.67 47.52 -46.22
N THR K 95 54.32 47.45 -47.39
CA THR K 95 53.93 48.17 -48.59
C THR K 95 52.48 47.93 -48.96
N GLY K 96 51.89 48.94 -49.61
CA GLY K 96 50.63 48.77 -50.31
C GLY K 96 50.62 47.60 -51.25
N GLN K 97 51.57 47.53 -52.19
CA GLN K 97 51.55 46.54 -53.26
C GLN K 97 51.59 45.11 -52.71
N GLU K 98 52.54 44.85 -51.83
CA GLU K 98 52.62 43.52 -51.22
C GLU K 98 51.33 43.21 -50.49
N PHE K 99 50.75 44.21 -49.79
CA PHE K 99 49.48 43.98 -49.10
C PHE K 99 48.35 43.72 -50.08
N ARG K 100 48.39 44.34 -51.27
CA ARG K 100 47.38 44.06 -52.29
C ARG K 100 47.44 42.60 -52.69
N VAL K 101 48.66 42.06 -52.81
CA VAL K 101 48.80 40.64 -53.04
C VAL K 101 48.25 39.84 -51.86
N GLN K 102 48.57 40.29 -50.64
CA GLN K 102 48.14 39.57 -49.45
C GLN K 102 46.63 39.51 -49.34
N THR K 103 45.95 40.61 -49.67
CA THR K 103 44.50 40.68 -49.53
C THR K 103 43.78 40.10 -50.74
N MET K 104 44.46 39.96 -51.88
CA MET K 104 43.89 39.16 -52.97
C MET K 104 43.91 37.67 -52.63
N LYS K 105 45.07 37.17 -52.20
CA LYS K 105 45.15 35.81 -51.67
C LYS K 105 44.16 35.59 -50.55
N TRP K 106 44.13 36.51 -49.61
CA TRP K 106 43.36 36.35 -48.39
C TRP K 106 41.87 36.45 -48.66
N TYR K 107 41.47 37.37 -49.53
CA TYR K 107 40.11 37.39 -50.05
C TYR K 107 39.79 36.12 -50.81
N ALA K 108 40.81 35.47 -51.39
CA ALA K 108 40.57 34.19 -52.04
C ALA K 108 40.32 33.08 -51.02
N MET K 109 40.90 33.20 -49.83
CA MET K 109 40.62 32.22 -48.79
C MET K 109 39.25 32.41 -48.18
N PHE K 110 38.96 33.64 -47.78
CA PHE K 110 37.73 34.01 -47.11
C PHE K 110 36.72 34.58 -48.10
N ALA K 111 35.62 35.10 -47.58
CA ALA K 111 34.70 35.97 -48.30
C ALA K 111 34.44 37.17 -47.40
N PRO K 112 35.46 37.99 -47.15
CA PRO K 112 35.29 39.14 -46.25
C PRO K 112 34.30 40.13 -46.79
N LYS K 113 33.36 40.51 -45.92
CA LYS K 113 32.38 41.51 -46.26
C LYS K 113 32.91 42.93 -46.06
N SER K 114 33.60 43.15 -44.95
CA SER K 114 33.84 44.47 -44.43
C SER K 114 35.09 44.43 -43.58
N LEU K 115 35.61 45.60 -43.25
CA LEU K 115 36.92 45.70 -42.65
C LEU K 115 37.05 46.96 -41.81
N GLN K 116 37.88 46.87 -40.78
CA GLN K 116 38.42 48.01 -40.06
C GLN K 116 39.92 47.98 -40.22
N SER K 117 40.55 49.13 -40.04
CA SER K 117 42.01 49.21 -40.02
C SER K 117 42.41 50.63 -39.67
N ASP K 118 43.69 50.77 -39.35
CA ASP K 118 44.27 52.09 -39.17
C ASP K 118 44.42 52.77 -40.52
N ASN K 119 44.95 53.99 -40.49
CA ASN K 119 45.14 54.83 -41.67
C ASN K 119 46.48 54.60 -42.36
N GLY K 120 47.23 53.58 -41.95
CA GLY K 120 48.55 53.33 -42.50
C GLY K 120 48.52 53.21 -44.01
N PRO K 121 49.66 53.49 -44.67
CA PRO K 121 49.62 53.84 -46.10
C PRO K 121 49.07 52.75 -46.99
N ALA K 122 49.44 51.50 -46.71
CA ALA K 122 49.06 50.38 -47.57
C ALA K 122 47.55 50.25 -47.67
N PHE K 123 46.84 50.47 -46.58
CA PHE K 123 45.39 50.34 -46.59
C PHE K 123 44.74 51.54 -47.29
N VAL K 124 45.09 52.74 -46.84
CA VAL K 124 44.55 53.96 -47.43
C VAL K 124 45.05 54.19 -48.86
N ALA K 125 46.08 53.47 -49.30
CA ALA K 125 46.66 53.62 -50.63
C ALA K 125 45.60 53.48 -51.72
N GLU K 126 45.79 54.21 -52.83
CA GLU K 126 44.70 54.42 -53.77
C GLU K 126 44.28 53.14 -54.46
N SER K 127 45.24 52.43 -55.05
CA SER K 127 44.87 51.21 -55.75
C SER K 127 44.45 50.13 -54.77
N THR K 128 44.85 50.25 -53.50
CA THR K 128 44.34 49.32 -52.51
C THR K 128 42.84 49.54 -52.30
N GLN K 129 42.41 50.79 -52.15
CA GLN K 129 40.97 51.05 -52.00
C GLN K 129 40.21 50.71 -53.27
N LEU K 130 40.78 51.06 -54.43
CA LEU K 130 40.22 50.61 -55.70
C LEU K 130 40.11 49.09 -55.76
N LEU K 131 41.00 48.38 -55.07
CA LEU K 131 40.98 46.93 -55.10
C LEU K 131 39.95 46.38 -54.11
N MET K 132 39.85 46.99 -52.93
CA MET K 132 38.79 46.66 -51.98
C MET K 132 37.42 46.85 -52.61
N LYS K 133 37.29 47.90 -53.42
CA LYS K 133 36.05 48.11 -54.16
C LYS K 133 35.93 47.10 -55.30
N TYR K 134 37.04 46.81 -55.97
CA TYR K 134 37.03 45.90 -57.11
C TYR K 134 36.58 44.50 -56.70
N LEU K 135 36.87 44.13 -55.45
CA LEU K 135 36.41 42.88 -54.87
C LEU K 135 35.06 43.01 -54.17
N GLY K 136 34.58 44.23 -53.94
CA GLY K 136 33.30 44.44 -53.28
C GLY K 136 33.34 44.31 -51.78
N ILE K 137 34.35 44.88 -51.13
CA ILE K 137 34.48 44.88 -49.68
C ILE K 137 34.20 46.30 -49.21
N GLU K 138 33.65 46.44 -48.01
CA GLU K 138 33.55 47.73 -47.35
C GLU K 138 34.83 47.93 -46.55
N HIS K 139 35.68 48.83 -47.02
CA HIS K 139 36.94 49.14 -46.36
C HIS K 139 36.73 50.43 -45.57
N THR K 140 37.09 50.40 -44.29
CA THR K 140 37.03 51.56 -43.41
C THR K 140 38.37 51.74 -42.72
N THR K 141 39.06 52.82 -43.08
CA THR K 141 40.30 53.23 -42.43
C THR K 141 39.97 54.37 -41.47
N GLY K 142 40.70 54.38 -40.37
CA GLY K 142 40.51 55.37 -39.33
C GLY K 142 41.18 54.88 -38.07
N ILE K 143 41.29 55.79 -37.11
CA ILE K 143 41.84 55.40 -35.82
C ILE K 143 40.80 54.46 -35.23
N PRO K 144 41.05 53.14 -35.10
CA PRO K 144 39.96 52.27 -34.64
C PRO K 144 39.59 52.58 -33.21
N TRP K 145 38.32 52.91 -33.01
CA TRP K 145 37.81 53.42 -31.75
C TRP K 145 37.04 52.41 -30.92
N ASN K 146 36.82 51.19 -31.41
CA ASN K 146 35.84 50.31 -30.79
C ASN K 146 36.53 49.37 -29.79
N PRO K 147 36.16 49.38 -28.49
CA PRO K 147 36.78 48.43 -27.55
C PRO K 147 36.52 46.97 -27.90
N GLN K 148 35.39 46.69 -28.55
CA GLN K 148 35.01 45.34 -28.91
C GLN K 148 36.03 44.71 -29.83
N SER K 149 36.34 45.39 -30.92
CA SER K 149 37.34 44.87 -31.85
C SER K 149 38.74 44.97 -31.26
N GLN K 150 39.02 46.05 -30.53
CA GLN K 150 40.41 46.41 -30.26
C GLN K 150 41.00 45.61 -29.11
N ALA K 151 40.19 45.25 -28.12
CA ALA K 151 40.70 44.36 -27.08
C ALA K 151 40.97 42.99 -27.66
N LEU K 152 40.11 42.54 -28.58
CA LEU K 152 40.28 41.28 -29.27
C LEU K 152 41.53 41.28 -30.14
N VAL K 153 41.78 42.39 -30.83
CA VAL K 153 42.90 42.49 -31.75
C VAL K 153 44.20 42.62 -30.95
N GLU K 154 44.14 43.38 -29.87
CA GLU K 154 45.27 43.49 -28.96
C GLU K 154 45.66 42.12 -28.42
N ARG K 155 44.72 41.43 -27.78
CA ARG K 155 44.99 40.10 -27.25
C ARG K 155 45.34 39.13 -28.36
N THR K 156 44.80 39.35 -29.56
CA THR K 156 45.15 38.51 -30.70
C THR K 156 46.64 38.58 -30.96
N HIS K 157 47.19 39.79 -31.00
CA HIS K 157 48.61 39.91 -31.27
C HIS K 157 49.45 39.42 -30.10
N GLN K 158 49.03 39.74 -28.86
CA GLN K 158 49.77 39.29 -27.68
C GLN K 158 49.85 37.77 -27.63
N THR K 159 48.69 37.13 -27.61
CA THR K 159 48.60 35.67 -27.64
C THR K 159 49.33 35.10 -28.84
N LEU K 160 49.29 35.79 -29.97
CA LEU K 160 49.92 35.30 -31.18
C LEU K 160 51.43 35.22 -30.98
N LYS K 161 52.01 36.29 -30.45
CA LYS K 161 53.46 36.34 -30.30
C LYS K 161 53.90 35.39 -29.18
N ASN K 162 53.06 35.21 -28.17
CA ASN K 162 53.39 34.27 -27.11
C ASN K 162 53.36 32.84 -27.63
N THR K 163 52.38 32.52 -28.47
CA THR K 163 52.30 31.19 -29.06
C THR K 163 53.40 30.96 -30.08
N LEU K 164 53.82 32.01 -30.80
CA LEU K 164 55.04 31.90 -31.58
C LEU K 164 56.19 31.55 -30.65
N GLU K 165 56.28 32.23 -29.51
CA GLU K 165 57.37 31.96 -28.58
C GLU K 165 57.33 30.53 -28.07
N LYS K 166 56.16 29.90 -28.07
CA LYS K 166 56.09 28.48 -27.80
C LYS K 166 56.54 27.63 -28.99
N LEU K 167 56.00 27.88 -30.19
CA LEU K 167 56.10 26.98 -31.32
C LEU K 167 57.34 27.14 -32.20
N ILE K 168 57.82 28.36 -32.41
CA ILE K 168 58.92 28.62 -33.36
C ILE K 168 60.18 27.81 -33.04
N PRO K 169 60.52 27.46 -31.79
CA PRO K 169 61.62 26.50 -31.61
C PRO K 169 61.34 25.14 -32.21
N MET K 170 60.08 24.69 -32.24
CA MET K 170 59.75 23.35 -32.66
C MET K 170 59.92 23.13 -34.17
N PHE K 171 59.88 24.19 -34.97
CA PHE K 171 59.86 24.09 -36.42
C PHE K 171 61.09 24.73 -37.03
N ASN K 172 61.53 24.18 -38.16
CA ASN K 172 62.62 24.78 -38.92
C ASN K 172 62.23 26.17 -39.41
N ALA K 173 61.16 26.25 -40.19
CA ALA K 173 60.74 27.51 -40.80
C ALA K 173 59.93 28.33 -39.81
N PHE K 174 60.07 29.65 -39.90
CA PHE K 174 59.22 30.54 -39.12
C PHE K 174 57.83 30.64 -39.74
N GLU K 175 57.72 30.45 -41.05
CA GLU K 175 56.41 30.44 -41.68
C GLU K 175 55.61 29.23 -41.21
N SER K 176 56.27 28.07 -41.16
CA SER K 176 55.70 26.86 -40.60
C SER K 176 55.16 27.05 -39.18
N ALA K 177 55.91 27.74 -38.31
CA ALA K 177 55.47 27.91 -36.92
C ALA K 177 54.45 29.03 -36.78
N LEU K 178 54.51 30.02 -37.67
CA LEU K 178 53.43 30.99 -37.77
C LEU K 178 52.12 30.29 -38.07
N ALA K 179 52.13 29.41 -39.07
CA ALA K 179 51.00 28.53 -39.31
C ALA K 179 50.70 27.67 -38.08
N GLY K 180 51.75 27.31 -37.33
CA GLY K 180 51.55 26.67 -36.04
C GLY K 180 50.63 27.44 -35.11
N THR K 181 50.93 28.73 -34.89
CA THR K 181 50.08 29.55 -34.05
C THR K 181 48.67 29.68 -34.61
N LEU K 182 48.54 29.78 -35.94
CA LEU K 182 47.22 29.78 -36.54
C LEU K 182 46.47 28.51 -36.22
N ILE K 183 47.16 27.38 -36.26
CA ILE K 183 46.54 26.10 -35.95
C ILE K 183 46.08 26.07 -34.52
N THR K 184 46.97 26.47 -33.60
CA THR K 184 46.63 26.41 -32.18
C THR K 184 45.43 27.28 -31.86
N LEU K 185 45.41 28.50 -32.40
CA LEU K 185 44.39 29.47 -32.04
C LEU K 185 43.09 29.29 -32.82
N ASN K 186 43.15 28.95 -34.10
CA ASN K 186 41.97 28.80 -34.94
C ASN K 186 41.32 27.44 -34.80
N ILE K 187 42.13 26.41 -34.59
CA ILE K 187 41.70 25.02 -34.66
C ILE K 187 41.75 24.37 -33.29
N LYS K 188 42.95 24.11 -32.79
CA LYS K 188 43.12 23.37 -31.55
C LYS K 188 42.48 24.11 -30.40
N ARG K 189 42.61 25.42 -30.35
CA ARG K 189 41.93 26.22 -29.35
C ARG K 189 40.44 26.05 -29.60
N LYS K 190 39.68 26.01 -28.51
CA LYS K 190 38.24 25.87 -28.53
C LYS K 190 37.66 26.69 -27.40
N GLY K 191 36.35 26.87 -27.47
CA GLY K 191 35.65 27.65 -26.46
C GLY K 191 34.25 27.17 -26.27
N GLY K 192 33.67 27.44 -25.11
CA GLY K 192 32.31 27.06 -24.86
C GLY K 192 32.15 25.56 -24.81
N LEU K 193 31.34 25.05 -25.73
CA LEU K 193 30.99 23.65 -25.82
C LEU K 193 31.93 22.85 -26.72
N GLY K 194 33.10 23.40 -27.06
CA GLY K 194 34.01 22.79 -28.02
C GLY K 194 34.16 23.53 -29.32
N THR K 195 33.85 24.82 -29.27
CA THR K 195 33.84 25.67 -30.45
C THR K 195 35.21 26.29 -30.66
N SER K 196 35.86 25.94 -31.76
CA SER K 196 37.00 26.69 -32.23
C SER K 196 36.50 27.85 -33.08
N PRO K 197 37.21 28.99 -33.08
CA PRO K 197 36.72 30.14 -33.87
C PRO K 197 36.60 29.86 -35.34
N MET K 198 37.42 28.93 -35.82
CA MET K 198 37.23 28.38 -37.15
C MET K 198 35.83 27.84 -37.31
N ASP K 199 35.41 26.97 -36.40
CA ASP K 199 34.09 26.36 -36.48
C ASP K 199 33.01 27.42 -36.36
N ILE K 200 33.29 28.46 -35.58
CA ILE K 200 32.35 29.57 -35.44
C ILE K 200 32.14 30.22 -36.79
N PHE K 201 33.23 30.60 -37.42
CA PHE K 201 33.19 31.24 -38.71
C PHE K 201 32.50 30.36 -39.74
N ILE K 202 32.86 29.09 -39.76
CA ILE K 202 32.29 28.14 -40.70
C ILE K 202 30.79 28.09 -40.52
N PHE K 203 30.34 28.17 -39.27
CA PHE K 203 28.92 28.19 -39.03
C PHE K 203 28.31 29.49 -39.53
N ASN K 204 29.07 30.58 -39.40
CA ASN K 204 28.57 31.86 -39.87
C ASN K 204 28.37 31.83 -41.37
N LYS K 205 29.25 31.12 -42.07
CA LYS K 205 29.17 31.06 -43.52
C LYS K 205 28.09 30.10 -43.97
N GLU K 206 27.98 28.96 -43.32
CA GLU K 206 26.95 28.01 -43.74
C GLU K 206 25.57 28.57 -43.44
N GLN K 207 25.43 29.28 -42.34
CA GLN K 207 24.17 29.97 -42.07
C GLN K 207 24.01 31.16 -42.98
N GLN K 208 25.11 31.68 -43.53
CA GLN K 208 25.00 32.69 -44.57
C GLN K 208 24.60 32.06 -45.90
N ARG K 209 24.72 30.74 -46.02
CA ARG K 209 24.37 30.10 -47.27
C ARG K 209 22.89 30.22 -47.54
N ILE K 210 22.06 29.79 -46.60
CA ILE K 210 20.65 29.59 -46.90
C ILE K 210 19.93 30.92 -46.91
N GLN K 211 20.36 31.84 -46.05
CA GLN K 211 19.98 33.23 -46.23
C GLN K 211 20.42 33.69 -47.61
N GLN K 212 21.66 33.38 -47.97
CA GLN K 212 22.27 33.83 -49.23
C GLN K 212 21.48 33.35 -50.44
N GLN K 213 20.85 32.18 -50.31
CA GLN K 213 20.04 31.62 -51.37
C GLN K 213 18.66 32.24 -51.38
N SER K 214 18.24 32.82 -50.25
CA SER K 214 17.14 33.77 -50.23
C SER K 214 17.58 35.16 -50.65
N LYS K 215 18.85 35.52 -50.46
CA LYS K 215 19.29 36.90 -50.71
C LYS K 215 19.13 37.29 -52.18
N SER K 216 19.10 36.33 -53.09
CA SER K 216 18.98 36.67 -54.51
C SER K 216 17.66 37.39 -54.77
N LYS K 217 16.60 36.97 -54.09
CA LYS K 217 15.31 37.66 -54.18
C LYS K 217 15.25 38.87 -53.25
N GLN K 218 15.95 38.81 -52.12
CA GLN K 218 15.86 39.89 -51.15
C GLN K 218 16.60 41.14 -51.62
N GLU K 219 17.61 40.95 -52.47
CA GLU K 219 18.39 42.09 -52.97
C GLU K 219 17.54 43.02 -53.82
N LYS K 220 16.82 42.49 -54.79
CA LYS K 220 15.79 43.27 -55.44
C LYS K 220 14.72 43.64 -54.42
N ILE K 221 14.26 44.88 -54.47
CA ILE K 221 13.21 45.35 -53.57
C ILE K 221 11.87 45.15 -54.27
N ARG K 222 10.97 44.46 -53.59
CA ARG K 222 9.56 44.43 -53.91
C ARG K 222 8.87 45.26 -52.86
N PHE K 223 7.71 45.78 -53.20
CA PHE K 223 6.77 46.32 -52.24
C PHE K 223 5.54 45.46 -52.27
N CYS K 224 4.74 45.59 -51.21
CA CYS K 224 3.53 44.80 -51.12
C CYS K 224 2.51 45.57 -50.31
N TYR K 225 1.25 45.22 -50.57
CA TYR K 225 0.15 45.51 -49.68
C TYR K 225 -0.14 44.26 -48.86
N TYR K 226 -0.49 44.46 -47.60
CA TYR K 226 -0.63 43.36 -46.65
C TYR K 226 -1.83 43.63 -45.76
N ARG K 227 -2.53 42.55 -45.43
CA ARG K 227 -3.67 42.61 -44.53
C ARG K 227 -3.49 41.56 -43.45
N THR K 228 -4.34 41.62 -42.45
CA THR K 228 -4.36 40.66 -41.36
C THR K 228 -5.81 40.31 -41.03
N ARG K 229 -5.95 39.26 -40.23
CA ARG K 229 -7.25 38.73 -39.83
C ARG K 229 -7.42 38.85 -38.32
N LYS K 230 -8.67 38.99 -37.91
CA LYS K 230 -9.05 38.99 -36.51
C LYS K 230 -10.26 38.09 -36.38
N ARG K 231 -10.10 37.01 -35.62
CA ARG K 231 -11.05 35.90 -35.63
C ARG K 231 -11.26 35.41 -37.06
N GLY K 232 -10.17 35.38 -37.83
CA GLY K 232 -10.21 34.99 -39.22
C GLY K 232 -10.84 36.00 -40.15
N HIS K 233 -11.20 37.18 -39.65
CA HIS K 233 -11.88 38.17 -40.48
C HIS K 233 -10.86 39.14 -41.05
N PRO K 234 -10.64 39.15 -42.37
CA PRO K 234 -9.53 39.95 -42.88
C PRO K 234 -9.80 41.44 -42.75
N GLY K 235 -8.84 42.13 -42.15
CA GLY K 235 -8.80 43.57 -42.21
C GLY K 235 -8.47 44.03 -43.62
N GLU K 236 -8.59 45.34 -43.81
CA GLU K 236 -8.29 45.91 -45.11
C GLU K 236 -6.80 45.80 -45.40
N TRP K 237 -6.45 45.94 -46.66
CA TRP K 237 -5.05 45.95 -47.03
C TRP K 237 -4.34 47.15 -46.43
N GLN K 238 -3.11 46.91 -46.04
CA GLN K 238 -2.20 47.89 -45.46
C GLN K 238 -0.96 47.87 -46.34
N GLY K 239 -0.11 48.87 -46.19
CA GLY K 239 0.98 49.10 -47.10
C GLY K 239 0.66 50.31 -47.95
N PRO K 240 1.48 50.60 -48.97
CA PRO K 240 2.55 49.76 -49.54
C PRO K 240 3.76 49.69 -48.64
N THR K 241 4.40 48.52 -48.58
CA THR K 241 5.67 48.42 -47.88
C THR K 241 6.47 47.29 -48.49
N GLN K 242 7.77 47.30 -48.19
CA GLN K 242 8.66 46.28 -48.71
C GLN K 242 8.28 44.91 -48.17
N VAL K 243 8.59 43.88 -48.95
CA VAL K 243 8.59 42.51 -48.45
C VAL K 243 9.93 42.34 -47.76
N LEU K 244 9.91 42.23 -46.44
CA LEU K 244 11.17 42.26 -45.71
C LEU K 244 11.86 40.94 -45.73
N TRP K 245 11.14 39.87 -45.42
CA TRP K 245 11.69 38.53 -45.54
C TRP K 245 10.67 37.63 -46.18
N GLY K 246 10.97 37.21 -47.40
CA GLY K 246 10.14 36.25 -48.09
C GLY K 246 10.25 34.89 -47.46
N GLY K 247 9.10 34.32 -47.09
CA GLY K 247 9.02 32.98 -46.59
C GLY K 247 8.40 32.04 -47.61
N ASP K 248 8.25 30.79 -47.19
CA ASP K 248 7.56 29.78 -48.01
C ASP K 248 6.09 29.86 -47.66
N GLY K 249 5.28 30.30 -48.60
CA GLY K 249 3.87 30.53 -48.37
C GLY K 249 3.56 31.77 -47.55
N ALA K 250 4.54 32.63 -47.32
CA ALA K 250 4.35 33.79 -46.44
C ALA K 250 5.57 34.68 -46.56
N ILE K 251 5.56 35.77 -45.79
CA ILE K 251 6.65 36.73 -45.76
C ILE K 251 6.79 37.24 -44.33
N VAL K 252 7.59 38.30 -44.20
CA VAL K 252 7.54 39.20 -43.05
C VAL K 252 7.56 40.63 -43.59
N VAL K 253 6.87 41.53 -42.88
CA VAL K 253 6.89 42.96 -43.15
C VAL K 253 6.79 43.71 -41.84
N LYS K 254 7.18 44.98 -41.88
CA LYS K 254 7.17 45.82 -40.69
C LYS K 254 5.82 46.50 -40.58
N ASP K 255 5.26 46.48 -39.39
CA ASP K 255 4.19 47.40 -39.08
C ASP K 255 4.78 48.79 -38.98
N ARG K 256 4.34 49.68 -39.85
CA ARG K 256 4.80 51.06 -39.71
C ARG K 256 4.22 51.69 -38.45
N GLY K 257 3.06 51.21 -38.00
CA GLY K 257 2.47 51.65 -36.76
C GLY K 257 3.27 51.32 -35.52
N THR K 258 3.59 50.05 -35.29
CA THR K 258 4.21 49.60 -34.06
C THR K 258 5.73 49.48 -34.10
N ASP K 259 6.38 49.73 -35.24
CA ASP K 259 7.82 49.46 -35.43
C ASP K 259 8.10 47.98 -35.16
N ARG K 260 7.37 47.10 -35.84
CA ARG K 260 7.48 45.68 -35.63
C ARG K 260 7.38 44.93 -36.94
N TYR K 261 8.37 44.07 -37.17
CA TYR K 261 8.27 43.03 -38.19
C TYR K 261 6.99 42.25 -37.97
N LEU K 262 6.36 41.83 -39.07
CA LEU K 262 5.09 41.14 -39.03
C LEU K 262 5.04 40.06 -40.09
N VAL K 263 4.77 38.84 -39.67
CA VAL K 263 4.50 37.74 -40.58
C VAL K 263 3.22 38.06 -41.34
N ILE K 264 3.20 37.76 -42.64
CA ILE K 264 1.98 37.83 -43.43
C ILE K 264 1.98 36.63 -44.37
N ALA K 265 0.86 35.90 -44.39
CA ALA K 265 0.71 34.81 -45.34
C ALA K 265 0.31 35.34 -46.71
N ASN K 266 0.75 34.63 -47.75
CA ASN K 266 0.76 35.17 -49.12
C ASN K 266 -0.63 35.55 -49.62
N LYS K 267 -1.67 34.86 -49.16
CA LYS K 267 -3.02 35.27 -49.53
C LYS K 267 -3.37 36.64 -48.96
N ASP K 268 -2.91 36.93 -47.74
CA ASP K 268 -3.04 38.25 -47.13
C ASP K 268 -1.84 39.14 -47.46
N VAL K 269 -1.03 38.75 -48.45
CA VAL K 269 -0.09 39.64 -49.14
C VAL K 269 -0.66 39.96 -50.51
N LYS K 270 -0.37 41.18 -50.99
CA LYS K 270 -0.33 41.48 -52.42
C LYS K 270 1.04 42.07 -52.71
N PHE K 271 1.86 41.34 -53.46
CA PHE K 271 3.08 41.97 -53.97
C PHE K 271 2.72 43.10 -54.92
N ILE K 272 3.44 44.21 -54.77
CA ILE K 272 3.27 45.38 -55.62
C ILE K 272 4.38 45.31 -56.68
N PRO K 273 4.06 44.98 -57.95
CA PRO K 273 5.10 45.00 -58.97
C PRO K 273 5.47 46.41 -59.42
N ILE L 60 35.08 13.66 -47.28
CA ILE L 60 35.05 14.88 -46.49
C ILE L 60 36.42 15.14 -45.91
N ASP L 61 36.95 16.32 -46.21
CA ASP L 61 38.29 16.72 -45.78
C ASP L 61 39.34 15.76 -46.32
N HIS L 62 39.06 15.22 -47.51
CA HIS L 62 39.95 14.32 -48.20
C HIS L 62 40.43 15.04 -49.44
N TRP L 63 41.72 15.26 -49.51
CA TRP L 63 42.33 16.16 -50.47
C TRP L 63 43.32 15.40 -51.31
N GLN L 64 43.75 16.04 -52.39
CA GLN L 64 44.85 15.53 -53.19
C GLN L 64 45.75 16.67 -53.64
N VAL L 65 47.05 16.42 -53.57
CA VAL L 65 48.08 17.36 -53.97
C VAL L 65 48.61 16.92 -55.33
N ASP L 66 48.93 17.89 -56.18
CA ASP L 66 49.87 17.68 -57.26
C ASP L 66 50.62 18.97 -57.50
N TYR L 67 51.93 18.85 -57.73
CA TYR L 67 52.70 19.97 -58.23
C TYR L 67 52.38 20.14 -59.70
N THR L 68 52.16 21.39 -60.11
CA THR L 68 51.88 21.70 -61.51
C THR L 68 52.68 22.92 -61.90
N HIS L 69 53.08 22.95 -63.16
CA HIS L 69 53.98 23.96 -63.69
C HIS L 69 53.25 24.81 -64.73
N TYR L 70 52.96 26.06 -64.34
CA TYR L 70 52.30 27.04 -65.21
C TYR L 70 53.32 28.14 -65.47
N GLU L 71 53.88 28.15 -66.67
CA GLU L 71 54.79 29.19 -67.12
C GLU L 71 55.95 29.36 -66.14
N ASP L 72 56.72 28.29 -65.93
CA ASP L 72 57.91 28.30 -65.07
C ASP L 72 57.59 28.78 -63.65
N LYS L 73 56.37 28.49 -63.19
CA LYS L 73 55.96 28.81 -61.83
C LYS L 73 55.37 27.55 -61.24
N ILE L 74 56.03 27.00 -60.26
CA ILE L 74 55.58 25.79 -59.59
C ILE L 74 54.39 26.18 -58.74
N ILE L 75 53.32 25.39 -58.83
CA ILE L 75 52.07 25.67 -58.16
C ILE L 75 51.65 24.41 -57.42
N LEU L 76 51.56 24.50 -56.10
CA LEU L 76 51.14 23.40 -55.24
C LEU L 76 49.62 23.38 -55.20
N VAL L 77 49.02 22.30 -55.69
CA VAL L 77 47.60 22.28 -56.02
C VAL L 77 46.93 21.30 -55.07
N TRP L 78 46.24 21.82 -54.06
CA TRP L 78 45.43 20.98 -53.18
C TRP L 78 44.04 20.92 -53.76
N VAL L 79 43.48 19.71 -53.80
CA VAL L 79 42.19 19.47 -54.46
C VAL L 79 41.37 18.55 -53.57
N GLU L 80 40.17 19.00 -53.19
CA GLU L 80 39.32 18.24 -52.30
C GLU L 80 38.47 17.28 -53.12
N THR L 81 38.49 16.00 -52.74
CA THR L 81 37.88 14.96 -53.55
C THR L 81 36.36 15.08 -53.63
N ASN L 82 35.70 15.37 -52.52
CA ASN L 82 34.25 15.39 -52.47
C ASN L 82 33.64 16.65 -53.10
N SER L 83 33.81 17.82 -52.48
CA SER L 83 33.29 19.07 -53.00
C SER L 83 33.92 19.51 -54.31
N GLY L 84 35.18 19.12 -54.56
CA GLY L 84 35.93 19.73 -55.63
C GLY L 84 36.48 21.09 -55.30
N LEU L 85 36.35 21.55 -54.07
CA LEU L 85 37.01 22.78 -53.66
C LEU L 85 38.52 22.57 -53.73
N ILE L 86 39.25 23.65 -53.96
CA ILE L 86 40.66 23.61 -54.29
C ILE L 86 41.40 24.70 -53.53
N TYR L 87 42.72 24.62 -53.55
CA TYR L 87 43.61 25.65 -53.01
C TYR L 87 44.87 25.62 -53.86
N ALA L 88 45.52 26.76 -53.99
CA ALA L 88 46.78 26.85 -54.71
C ALA L 88 47.61 27.99 -54.15
N GLU L 89 48.93 27.82 -54.24
CA GLU L 89 49.85 28.90 -53.90
C GLU L 89 51.11 28.70 -54.73
N ARG L 90 51.72 29.81 -55.14
CA ARG L 90 52.93 29.76 -55.94
C ARG L 90 54.06 29.20 -55.10
N VAL L 91 55.00 28.51 -55.75
CA VAL L 91 56.01 27.71 -55.07
C VAL L 91 57.37 28.03 -55.67
N LYS L 92 58.36 28.18 -54.79
CA LYS L 92 59.74 28.33 -55.26
C LYS L 92 60.26 27.02 -55.81
N GLY L 93 60.10 25.93 -55.05
CA GLY L 93 60.62 24.65 -55.46
C GLY L 93 59.85 23.52 -54.82
N GLU L 94 60.10 22.32 -55.35
CA GLU L 94 59.40 21.11 -54.91
C GLU L 94 60.10 20.46 -53.73
N THR L 95 61.08 21.14 -53.14
CA THR L 95 61.78 20.63 -51.95
C THR L 95 60.80 20.37 -50.82
N GLY L 96 61.17 19.41 -49.97
CA GLY L 96 60.33 19.04 -48.85
C GLY L 96 60.02 20.16 -47.90
N GLN L 97 61.02 20.94 -47.49
CA GLN L 97 60.84 21.95 -46.45
C GLN L 97 59.79 22.98 -46.83
N GLU L 98 59.84 23.47 -48.06
CA GLU L 98 58.85 24.44 -48.50
C GLU L 98 57.45 23.85 -48.44
N PHE L 99 57.30 22.59 -48.86
CA PHE L 99 55.99 21.94 -48.74
C PHE L 99 55.58 21.73 -47.29
N ARG L 100 56.54 21.53 -46.40
CA ARG L 100 56.20 21.45 -44.98
C ARG L 100 55.59 22.76 -44.51
N VAL L 101 56.18 23.88 -44.92
CA VAL L 101 55.59 25.19 -44.62
C VAL L 101 54.20 25.28 -45.22
N GLN L 102 54.05 24.85 -46.48
CA GLN L 102 52.78 25.03 -47.18
C GLN L 102 51.68 24.18 -46.56
N THR L 103 52.01 22.98 -46.08
CA THR L 103 51.00 22.13 -45.46
C THR L 103 50.76 22.52 -44.01
N MET L 104 51.69 23.21 -43.37
CA MET L 104 51.37 23.83 -42.09
C MET L 104 50.35 24.94 -42.29
N LYS L 105 50.66 25.89 -43.18
CA LYS L 105 49.73 26.98 -43.46
C LYS L 105 48.40 26.44 -43.97
N TRP L 106 48.47 25.44 -44.83
CA TRP L 106 47.27 24.87 -45.42
C TRP L 106 46.46 24.12 -44.37
N TYR L 107 47.15 23.49 -43.41
CA TYR L 107 46.47 22.85 -42.29
C TYR L 107 45.92 23.88 -41.31
N ALA L 108 46.48 25.08 -41.29
CA ALA L 108 45.90 26.17 -40.53
C ALA L 108 44.63 26.68 -41.18
N MET L 109 44.63 26.75 -42.52
CA MET L 109 43.50 27.27 -43.26
C MET L 109 42.46 26.20 -43.51
N PHE L 110 42.90 25.00 -43.85
CA PHE L 110 42.04 23.85 -44.06
C PHE L 110 42.26 22.85 -42.96
N ALA L 111 41.22 22.05 -42.72
CA ALA L 111 41.19 21.08 -41.62
C ALA L 111 41.11 19.70 -42.27
N PRO L 112 42.19 19.24 -42.86
CA PRO L 112 42.18 17.92 -43.48
C PRO L 112 42.07 16.80 -42.47
N LYS L 113 41.32 15.78 -42.84
CA LYS L 113 41.49 14.46 -42.26
C LYS L 113 42.59 13.67 -42.95
N SER L 114 42.62 13.74 -44.28
CA SER L 114 43.20 12.68 -45.09
C SER L 114 43.65 13.27 -46.41
N LEU L 115 44.52 12.53 -47.10
CA LEU L 115 45.19 13.04 -48.28
C LEU L 115 45.59 11.90 -49.22
N GLN L 116 45.59 12.22 -50.51
CA GLN L 116 46.27 11.43 -51.53
C GLN L 116 47.34 12.28 -52.17
N SER L 117 48.34 11.63 -52.76
CA SER L 117 49.35 12.32 -53.54
C SER L 117 50.14 11.26 -54.28
N ASP L 118 51.09 11.73 -55.11
CA ASP L 118 52.06 10.83 -55.69
C ASP L 118 53.18 10.58 -54.67
N ASN L 119 54.22 9.90 -55.13
CA ASN L 119 55.35 9.53 -54.28
C ASN L 119 56.44 10.60 -54.27
N GLY L 120 56.16 11.78 -54.84
CA GLY L 120 57.16 12.78 -55.10
C GLY L 120 57.95 13.23 -53.89
N PRO L 121 59.02 14.00 -54.13
CA PRO L 121 60.05 14.19 -53.07
C PRO L 121 59.54 14.74 -51.76
N ALA L 122 58.71 15.78 -51.81
CA ALA L 122 58.27 16.43 -50.59
C ALA L 122 57.39 15.52 -49.76
N PHE L 123 56.53 14.76 -50.42
CA PHE L 123 55.49 14.04 -49.71
C PHE L 123 56.05 12.85 -48.96
N VAL L 124 56.76 11.99 -49.68
CA VAL L 124 57.35 10.80 -49.10
C VAL L 124 58.59 11.12 -48.25
N ALA L 125 59.07 12.37 -48.27
CA ALA L 125 60.15 12.80 -47.39
C ALA L 125 59.80 12.51 -45.94
N GLU L 126 60.82 12.15 -45.16
CA GLU L 126 60.57 11.60 -43.83
C GLU L 126 59.92 12.63 -42.93
N SER L 127 60.52 13.80 -42.78
CA SER L 127 59.97 14.77 -41.84
C SER L 127 58.65 15.36 -42.35
N THR L 128 58.38 15.23 -43.65
CA THR L 128 57.06 15.57 -44.15
C THR L 128 56.02 14.62 -43.55
N GLN L 129 56.22 13.32 -43.75
CA GLN L 129 55.28 12.32 -43.24
C GLN L 129 55.19 12.38 -41.71
N LEU L 130 56.33 12.50 -41.03
CA LEU L 130 56.33 12.76 -39.59
C LEU L 130 55.53 13.99 -39.24
N LEU L 131 55.55 15.00 -40.11
CA LEU L 131 54.79 16.22 -39.85
C LEU L 131 53.31 16.00 -40.14
N MET L 132 52.98 15.11 -41.08
CA MET L 132 51.59 14.71 -41.28
C MET L 132 51.06 14.00 -40.05
N LYS L 133 51.93 13.29 -39.35
CA LYS L 133 51.53 12.64 -38.10
C LYS L 133 51.51 13.63 -36.94
N TYR L 134 52.44 14.58 -36.93
CA TYR L 134 52.45 15.60 -35.89
C TYR L 134 51.22 16.48 -36.00
N LEU L 135 50.74 16.70 -37.23
CA LEU L 135 49.45 17.33 -37.47
C LEU L 135 48.30 16.35 -37.43
N GLY L 136 48.59 15.06 -37.49
CA GLY L 136 47.59 14.04 -37.26
C GLY L 136 46.72 13.83 -38.48
N ILE L 137 47.35 13.89 -39.65
CA ILE L 137 46.69 13.60 -40.92
C ILE L 137 47.15 12.22 -41.34
N GLU L 138 46.26 11.48 -42.00
CA GLU L 138 46.61 10.20 -42.59
C GLU L 138 47.06 10.49 -44.01
N HIS L 139 48.36 10.31 -44.24
CA HIS L 139 49.02 10.68 -45.49
C HIS L 139 49.19 9.42 -46.34
N THR L 140 48.54 9.39 -47.49
CA THR L 140 48.66 8.30 -48.44
C THR L 140 49.47 8.75 -49.65
N THR L 141 50.71 8.28 -49.73
CA THR L 141 51.56 8.46 -50.90
C THR L 141 51.49 7.20 -51.75
N GLY L 142 51.41 7.40 -53.05
CA GLY L 142 51.33 6.30 -53.98
C GLY L 142 50.94 6.79 -55.34
N ILE L 143 51.13 5.93 -56.34
CA ILE L 143 50.82 6.28 -57.72
C ILE L 143 49.31 6.49 -57.75
N PRO L 144 48.79 7.70 -58.00
CA PRO L 144 47.34 7.87 -57.87
C PRO L 144 46.61 7.05 -58.93
N TRP L 145 45.83 6.10 -58.45
CA TRP L 145 45.17 5.10 -59.29
C TRP L 145 43.69 5.30 -59.48
N ASN L 146 43.07 6.24 -58.79
CA ASN L 146 41.62 6.24 -58.67
C ASN L 146 41.04 7.06 -59.81
N PRO L 147 40.19 6.50 -60.72
CA PRO L 147 39.74 7.26 -61.88
C PRO L 147 38.97 8.54 -61.56
N GLN L 148 38.11 8.47 -60.55
CA GLN L 148 37.30 9.62 -60.18
C GLN L 148 38.15 10.76 -59.65
N SER L 149 39.12 10.47 -58.79
CA SER L 149 39.98 11.53 -58.26
C SER L 149 40.86 12.10 -59.35
N GLN L 150 41.30 11.27 -60.29
CA GLN L 150 42.17 11.75 -61.36
C GLN L 150 41.39 12.52 -62.40
N ALA L 151 40.09 12.25 -62.55
CA ALA L 151 39.28 13.07 -63.44
C ALA L 151 39.17 14.49 -62.89
N LEU L 152 38.73 14.61 -61.64
CA LEU L 152 38.63 15.89 -60.94
C LEU L 152 39.97 16.62 -60.90
N VAL L 153 41.04 15.93 -60.51
CA VAL L 153 42.36 16.55 -60.41
C VAL L 153 42.85 16.99 -61.78
N GLU L 154 42.61 16.16 -62.80
CA GLU L 154 43.09 16.46 -64.14
C GLU L 154 42.40 17.69 -64.71
N ARG L 155 41.06 17.66 -64.81
CA ARG L 155 40.33 18.82 -65.29
C ARG L 155 40.53 20.02 -64.39
N THR L 156 40.79 19.79 -63.11
CA THR L 156 41.09 20.87 -62.19
C THR L 156 42.38 21.57 -62.60
N HIS L 157 43.39 20.80 -63.02
CA HIS L 157 44.62 21.42 -63.50
C HIS L 157 44.43 22.08 -64.86
N GLN L 158 43.66 21.44 -65.74
CA GLN L 158 43.42 22.01 -67.06
C GLN L 158 42.69 23.33 -66.95
N THR L 159 41.57 23.32 -66.22
CA THR L 159 40.82 24.55 -65.99
C THR L 159 41.61 25.54 -65.15
N LEU L 160 42.53 25.05 -64.32
CA LEU L 160 43.38 25.94 -63.53
C LEU L 160 44.24 26.79 -64.44
N LYS L 161 45.02 26.16 -65.32
CA LYS L 161 45.88 26.93 -66.21
C LYS L 161 45.03 27.69 -67.24
N ASN L 162 43.84 27.18 -67.53
CA ASN L 162 42.88 27.90 -68.36
C ASN L 162 42.55 29.26 -67.77
N THR L 163 42.07 29.29 -66.52
CA THR L 163 41.62 30.54 -65.93
C THR L 163 42.78 31.38 -65.39
N LEU L 164 43.92 30.77 -65.10
CA LEU L 164 45.12 31.58 -64.88
C LEU L 164 45.43 32.35 -66.14
N GLU L 165 45.42 31.64 -67.28
CA GLU L 165 45.64 32.29 -68.57
C GLU L 165 44.57 33.34 -68.86
N LYS L 166 43.38 33.20 -68.27
CA LYS L 166 42.40 34.29 -68.35
C LYS L 166 42.78 35.49 -67.51
N LEU L 167 43.04 35.30 -66.22
CA LEU L 167 43.12 36.41 -65.25
C LEU L 167 44.47 37.09 -65.17
N ILE L 168 45.58 36.38 -65.39
CA ILE L 168 46.91 36.95 -65.15
C ILE L 168 47.18 38.23 -65.92
N PRO L 169 46.64 38.48 -67.12
CA PRO L 169 46.78 39.84 -67.68
C PRO L 169 46.18 40.92 -66.83
N MET L 170 45.12 40.60 -66.08
CA MET L 170 44.31 41.60 -65.40
C MET L 170 44.90 42.07 -64.09
N PHE L 171 46.06 41.54 -63.68
CA PHE L 171 46.59 41.78 -62.34
C PHE L 171 48.08 42.04 -62.41
N ASN L 172 48.53 42.95 -61.53
CA ASN L 172 49.94 43.27 -61.44
C ASN L 172 50.73 42.06 -60.99
N ALA L 173 50.34 41.47 -59.87
CA ALA L 173 51.01 40.30 -59.31
C ALA L 173 50.33 39.03 -59.79
N PHE L 174 51.15 38.06 -60.22
CA PHE L 174 50.63 36.73 -60.54
C PHE L 174 50.07 36.04 -59.30
N GLU L 175 50.52 36.44 -58.10
CA GLU L 175 49.94 35.91 -56.88
C GLU L 175 48.51 36.38 -56.70
N SER L 176 48.28 37.68 -56.91
CA SER L 176 46.93 38.22 -56.97
C SER L 176 46.09 37.56 -58.05
N ALA L 177 46.71 37.19 -59.17
CA ALA L 177 45.96 36.56 -60.26
C ALA L 177 45.56 35.14 -59.92
N LEU L 178 46.51 34.34 -59.45
CA LEU L 178 46.26 32.99 -58.97
C LEU L 178 45.22 33.00 -57.85
N ALA L 179 45.35 33.96 -56.93
CA ALA L 179 44.29 34.21 -55.96
C ALA L 179 42.96 34.49 -56.67
N GLY L 180 43.04 35.20 -57.80
CA GLY L 180 41.86 35.41 -58.62
C GLY L 180 41.22 34.12 -59.08
N THR L 181 42.01 33.21 -59.64
CA THR L 181 41.50 31.92 -60.08
C THR L 181 40.88 31.14 -58.94
N LEU L 182 41.52 31.18 -57.77
CA LEU L 182 40.95 30.52 -56.60
C LEU L 182 39.59 31.10 -56.26
N ILE L 183 39.44 32.41 -56.41
CA ILE L 183 38.15 33.03 -56.16
C ILE L 183 37.12 32.52 -57.16
N THR L 184 37.49 32.48 -58.44
CA THR L 184 36.58 32.04 -59.48
C THR L 184 36.07 30.63 -59.24
N LEU L 185 36.97 29.70 -58.97
CA LEU L 185 36.58 28.30 -58.85
C LEU L 185 36.02 27.94 -57.49
N ASN L 186 36.61 28.43 -56.40
CA ASN L 186 36.13 28.13 -55.07
C ASN L 186 34.78 28.78 -54.78
N ILE L 187 34.56 29.97 -55.33
CA ILE L 187 33.48 30.85 -54.87
C ILE L 187 32.55 31.20 -56.02
N LYS L 188 33.05 31.89 -57.05
CA LYS L 188 32.19 32.32 -58.14
C LYS L 188 31.61 31.14 -58.90
N ARG L 189 32.38 30.08 -59.09
CA ARG L 189 31.93 28.91 -59.81
C ARG L 189 30.76 28.30 -59.06
N LYS L 190 29.66 28.07 -59.77
CA LYS L 190 28.45 27.50 -59.20
C LYS L 190 27.84 26.51 -60.17
N GLY L 191 27.43 25.37 -59.63
CA GLY L 191 26.85 24.30 -60.40
C GLY L 191 25.80 23.59 -59.59
N GLY L 192 25.06 22.68 -60.21
CA GLY L 192 23.89 22.14 -59.54
C GLY L 192 22.83 23.19 -59.37
N LEU L 193 22.45 23.47 -58.13
CA LEU L 193 21.41 24.43 -57.80
C LEU L 193 21.95 25.84 -57.61
N GLY L 194 23.20 26.11 -58.00
CA GLY L 194 23.83 27.40 -57.73
C GLY L 194 24.72 27.44 -56.51
N THR L 195 25.31 26.30 -56.14
CA THR L 195 26.26 26.21 -55.04
C THR L 195 27.68 26.08 -55.56
N SER L 196 28.62 26.68 -54.83
CA SER L 196 30.03 26.68 -55.20
C SER L 196 30.77 25.63 -54.39
N PRO L 197 32.04 25.40 -54.69
CA PRO L 197 32.78 24.41 -53.89
C PRO L 197 32.99 24.81 -52.47
N MET L 198 33.20 26.11 -52.22
CA MET L 198 33.35 26.58 -50.85
C MET L 198 32.06 26.38 -50.07
N ASP L 199 30.93 26.47 -50.76
CA ASP L 199 29.64 26.25 -50.11
C ASP L 199 29.46 24.78 -49.74
N ILE L 200 29.83 23.88 -50.66
CA ILE L 200 29.73 22.45 -50.38
C ILE L 200 30.68 22.08 -49.25
N PHE L 201 31.88 22.66 -49.29
CA PHE L 201 32.87 22.36 -48.28
C PHE L 201 32.39 22.79 -46.91
N ILE L 202 32.06 24.08 -46.78
CA ILE L 202 31.53 24.63 -45.52
C ILE L 202 30.30 23.85 -45.08
N PHE L 203 29.50 23.41 -46.04
CA PHE L 203 28.35 22.58 -45.73
C PHE L 203 28.77 21.26 -45.11
N ASN L 204 29.83 20.66 -45.63
CA ASN L 204 30.21 19.32 -45.19
C ASN L 204 30.93 19.37 -43.86
N LYS L 205 31.81 20.37 -43.70
CA LYS L 205 32.40 20.66 -42.40
C LYS L 205 31.32 20.84 -41.36
N GLU L 206 30.30 21.64 -41.68
CA GLU L 206 29.15 21.78 -40.80
C GLU L 206 28.52 20.42 -40.51
N GLN L 207 28.25 19.64 -41.57
CA GLN L 207 27.51 18.39 -41.43
C GLN L 207 28.24 17.39 -40.55
N GLN L 208 29.57 17.42 -40.58
CA GLN L 208 30.32 16.55 -39.69
C GLN L 208 30.06 16.90 -38.24
N ARG L 209 30.21 18.18 -37.91
CA ARG L 209 29.95 18.65 -36.56
C ARG L 209 28.53 18.34 -36.15
N ILE L 210 27.60 18.45 -37.09
CA ILE L 210 26.21 18.10 -36.83
C ILE L 210 26.11 16.64 -36.46
N GLN L 211 26.81 15.78 -37.19
CA GLN L 211 26.82 14.37 -36.89
C GLN L 211 27.36 14.14 -35.48
N GLN L 212 28.43 14.83 -35.14
CA GLN L 212 29.07 14.64 -33.83
C GLN L 212 28.17 15.09 -32.70
N GLN L 213 27.45 16.20 -32.89
CA GLN L 213 26.55 16.67 -31.85
C GLN L 213 25.39 15.73 -31.69
N SER L 214 24.81 15.30 -32.81
CA SER L 214 23.74 14.32 -32.77
C SER L 214 24.19 13.05 -32.07
N LYS L 215 25.44 12.65 -32.27
CA LYS L 215 25.98 11.50 -31.54
C LYS L 215 26.01 11.77 -30.06
N SER L 216 26.53 12.92 -29.66
CA SER L 216 26.67 13.18 -28.24
C SER L 216 25.32 13.26 -27.54
N LYS L 217 24.26 13.63 -28.27
CA LYS L 217 22.92 13.57 -27.70
C LYS L 217 22.34 12.15 -27.74
N GLN L 218 22.82 11.32 -28.68
CA GLN L 218 22.47 9.91 -28.65
C GLN L 218 23.12 9.20 -27.48
N GLU L 219 24.40 9.48 -27.25
CA GLU L 219 25.22 8.70 -26.32
C GLU L 219 24.71 8.80 -24.89
N LYS L 220 23.89 9.80 -24.57
CA LYS L 220 23.34 9.88 -23.24
C LYS L 220 22.49 8.67 -22.92
N ILE L 221 21.30 8.61 -23.49
CA ILE L 221 20.33 7.59 -23.13
C ILE L 221 20.03 7.68 -21.65
N ARG L 222 19.25 9.01 -21.02
CA ARG L 222 18.81 9.20 -19.64
C ARG L 222 17.35 8.75 -19.52
N PHE L 223 17.06 7.92 -18.52
CA PHE L 223 15.71 7.41 -18.29
C PHE L 223 15.22 7.96 -16.94
N CYS L 224 13.97 8.41 -16.93
CA CYS L 224 13.30 8.91 -15.73
C CYS L 224 12.55 7.79 -14.99
N TYR L 225 11.75 8.18 -13.98
CA TYR L 225 10.91 7.27 -13.17
C TYR L 225 9.47 7.48 -13.62
N TYR L 226 8.71 6.40 -13.84
CA TYR L 226 7.40 6.61 -14.41
C TYR L 226 6.33 6.05 -13.50
N ARG L 227 5.09 6.24 -13.92
CA ARG L 227 3.93 5.81 -13.17
C ARG L 227 2.76 5.77 -14.13
N THR L 228 1.79 4.89 -13.93
CA THR L 228 0.69 4.84 -14.87
C THR L 228 -0.69 4.80 -14.20
N ARG L 229 -1.47 3.77 -14.52
CA ARG L 229 -2.79 3.57 -13.95
C ARG L 229 -2.68 3.31 -12.45
N LYS L 230 -1.64 2.55 -12.08
CA LYS L 230 -1.35 2.19 -10.70
C LYS L 230 -2.57 1.52 -10.09
N ARG L 231 -3.01 2.00 -8.94
CA ARG L 231 -4.17 1.40 -8.31
C ARG L 231 -5.38 2.03 -9.00
N GLY L 232 -5.32 3.36 -9.12
CA GLY L 232 -6.29 4.17 -9.82
C GLY L 232 -5.52 5.38 -10.32
N HIS L 233 -5.63 5.72 -11.60
CA HIS L 233 -4.91 6.87 -12.13
C HIS L 233 -3.42 6.63 -11.94
N PRO L 234 -2.71 7.59 -11.36
CA PRO L 234 -1.29 7.39 -11.11
C PRO L 234 -1.05 6.44 -9.95
N GLY L 235 -0.29 5.42 -10.24
CA GLY L 235 0.22 4.58 -9.22
C GLY L 235 1.43 5.16 -8.58
N GLU L 236 2.09 4.35 -7.81
CA GLU L 236 3.38 4.74 -7.29
C GLU L 236 4.40 4.61 -8.40
N TRP L 237 5.52 5.30 -8.24
CA TRP L 237 6.46 5.47 -9.32
C TRP L 237 7.08 4.17 -9.72
N GLN L 238 7.61 4.15 -10.93
CA GLN L 238 7.98 2.92 -11.60
C GLN L 238 9.20 3.18 -12.46
N GLY L 239 9.82 2.09 -12.84
CA GLY L 239 11.12 2.17 -13.43
C GLY L 239 11.98 2.29 -12.21
N PRO L 240 13.19 2.81 -12.37
CA PRO L 240 13.91 3.43 -13.46
C PRO L 240 14.04 2.62 -14.71
N THR L 241 13.72 3.26 -15.83
CA THR L 241 13.73 2.64 -17.15
C THR L 241 14.65 3.35 -18.14
N GLN L 242 14.48 3.01 -19.41
CA GLN L 242 15.24 3.60 -20.50
C GLN L 242 14.42 4.72 -21.18
N VAL L 243 15.09 5.87 -21.33
CA VAL L 243 14.56 7.05 -22.00
C VAL L 243 14.94 6.71 -23.43
N LEU L 244 13.90 6.42 -24.20
CA LEU L 244 14.00 5.86 -25.53
C LEU L 244 13.82 6.92 -26.59
N TRP L 245 12.65 7.54 -26.61
CA TRP L 245 12.35 8.56 -27.58
C TRP L 245 11.67 9.74 -26.94
N GLY L 246 12.31 10.88 -27.03
CA GLY L 246 11.67 12.12 -26.64
C GLY L 246 10.62 12.63 -27.60
N GLY L 247 9.40 12.80 -27.09
CA GLY L 247 8.34 13.47 -27.76
C GLY L 247 7.94 14.76 -27.08
N ASP L 248 6.71 15.15 -27.34
CA ASP L 248 6.05 16.23 -26.66
C ASP L 248 4.98 15.63 -25.75
N GLY L 249 5.20 15.75 -24.46
CA GLY L 249 4.21 15.40 -23.47
C GLY L 249 4.20 13.96 -23.06
N ALA L 250 4.87 13.09 -23.80
CA ALA L 250 5.03 11.71 -23.38
C ALA L 250 6.02 11.05 -24.32
N ILE L 251 6.40 9.84 -23.97
CA ILE L 251 7.37 9.03 -24.71
C ILE L 251 7.16 7.55 -24.41
N VAL L 252 7.77 6.68 -25.21
CA VAL L 252 7.61 5.23 -25.03
C VAL L 252 8.81 4.55 -24.39
N VAL L 253 8.54 3.80 -23.32
CA VAL L 253 9.54 3.04 -22.58
C VAL L 253 9.02 1.62 -22.39
N LYS L 254 9.91 0.63 -22.29
CA LYS L 254 9.44 -0.73 -22.15
C LYS L 254 9.05 -0.94 -20.71
N ASP L 255 8.03 -1.74 -20.50
CA ASP L 255 7.73 -2.25 -19.18
C ASP L 255 8.59 -3.46 -18.94
N ARG L 256 9.46 -3.39 -17.95
CA ARG L 256 10.27 -4.55 -17.63
C ARG L 256 9.40 -5.70 -17.17
N GLY L 257 8.33 -5.39 -16.45
CA GLY L 257 7.36 -6.38 -16.05
C GLY L 257 6.74 -7.14 -17.20
N THR L 258 6.13 -6.44 -18.16
CA THR L 258 5.49 -7.07 -19.29
C THR L 258 6.34 -7.07 -20.54
N ASP L 259 7.57 -6.56 -20.47
CA ASP L 259 8.48 -6.58 -21.60
C ASP L 259 7.91 -5.74 -22.75
N ARG L 260 7.14 -4.73 -22.39
CA ARG L 260 6.20 -4.13 -23.33
C ARG L 260 6.39 -2.64 -23.40
N TYR L 261 6.41 -2.15 -24.64
CA TYR L 261 6.50 -0.73 -24.86
C TYR L 261 5.18 -0.03 -24.68
N LEU L 262 5.26 1.17 -24.12
CA LEU L 262 4.13 1.86 -23.54
C LEU L 262 4.30 3.35 -23.69
N VAL L 263 3.47 4.11 -22.98
CA VAL L 263 3.63 5.55 -22.88
C VAL L 263 3.48 5.99 -21.43
N ILE L 264 4.18 7.05 -21.09
CA ILE L 264 4.10 7.73 -19.81
C ILE L 264 4.03 9.21 -20.15
N ALA L 265 2.94 9.87 -19.76
CA ALA L 265 2.85 11.32 -19.81
C ALA L 265 4.06 11.92 -19.19
N ASN L 266 4.58 12.96 -19.82
CA ASN L 266 5.76 13.61 -19.28
C ASN L 266 5.49 14.25 -17.94
N LYS L 267 4.22 14.40 -17.58
CA LYS L 267 3.87 14.72 -16.22
C LYS L 267 3.82 13.50 -15.31
N ASP L 268 3.84 12.29 -15.88
CA ASP L 268 4.12 11.05 -15.15
C ASP L 268 5.59 10.63 -15.23
N VAL L 269 6.49 11.50 -15.70
CA VAL L 269 7.90 11.18 -15.87
C VAL L 269 8.76 11.89 -14.83
N LYS L 270 9.87 11.25 -14.45
CA LYS L 270 10.99 11.95 -13.83
C LYS L 270 12.30 11.52 -14.47
N PHE L 271 12.94 12.41 -15.23
CA PHE L 271 14.09 12.07 -16.09
C PHE L 271 15.38 11.94 -15.30
N ILE L 272 16.23 10.99 -15.69
CA ILE L 272 17.44 10.68 -14.92
C ILE L 272 18.59 10.31 -15.85
N PRO L 273 19.79 10.79 -15.54
CA PRO L 273 21.02 10.12 -16.02
C PRO L 273 21.34 8.85 -15.27
N PRO L 274 21.55 7.76 -16.00
CA PRO L 274 21.87 6.46 -15.37
C PRO L 274 22.88 6.61 -14.25
N PRO L 275 24.12 6.92 -14.61
CA PRO L 275 25.19 7.09 -13.61
C PRO L 275 25.51 8.55 -13.37
N TRP M 1 -32.14 -0.09 -16.70
CA TRP M 1 -31.67 -1.45 -16.46
C TRP M 1 -32.80 -2.14 -15.74
N ILE M 2 -32.81 -1.98 -14.44
CA ILE M 2 -33.61 -2.84 -13.59
C ILE M 2 -35.09 -2.47 -13.71
N GLU M 3 -35.40 -1.36 -14.38
CA GLU M 3 -36.73 -1.15 -14.93
C GLU M 3 -36.87 -1.80 -16.30
N ASN M 4 -35.81 -1.75 -17.11
CA ASN M 4 -35.87 -2.42 -18.40
C ASN M 4 -35.92 -3.90 -18.20
N ILE M 5 -35.12 -4.38 -17.26
CA ILE M 5 -34.81 -5.80 -17.20
C ILE M 5 -36.08 -6.63 -16.94
N PRO M 6 -36.97 -6.26 -16.02
CA PRO M 6 -38.22 -7.00 -15.89
C PRO M 6 -39.07 -6.94 -17.12
N LEU M 7 -39.11 -5.77 -17.75
CA LEU M 7 -40.00 -5.58 -18.86
C LEU M 7 -39.57 -6.44 -20.04
N ALA M 8 -38.27 -6.60 -20.18
CA ALA M 8 -37.77 -7.49 -21.21
C ALA M 8 -38.06 -8.93 -20.84
N GLU M 9 -38.05 -9.23 -19.55
CA GLU M 9 -38.43 -10.58 -19.12
C GLU M 9 -39.89 -10.84 -19.46
N GLU M 10 -40.72 -9.80 -19.36
CA GLU M 10 -42.10 -9.89 -19.78
C GLU M 10 -42.17 -10.11 -21.28
N GLU M 11 -41.32 -9.44 -22.02
CA GLU M 11 -41.50 -9.34 -23.45
C GLU M 11 -40.93 -10.56 -24.17
N HIS M 12 -39.96 -11.23 -23.55
CA HIS M 12 -39.39 -12.41 -24.20
C HIS M 12 -40.37 -13.55 -24.19
N ASN M 13 -41.17 -13.63 -23.15
CA ASN M 13 -42.23 -14.62 -23.11
C ASN M 13 -43.20 -14.40 -24.24
N LYS M 14 -43.39 -13.15 -24.61
CA LYS M 14 -44.13 -12.87 -25.83
C LYS M 14 -43.26 -13.25 -27.02
N TRP M 15 -42.16 -12.56 -27.18
CA TRP M 15 -41.48 -12.51 -28.47
C TRP M 15 -40.25 -13.38 -28.62
N HIS M 16 -39.73 -13.98 -27.55
CA HIS M 16 -38.77 -15.08 -27.63
C HIS M 16 -37.57 -14.91 -28.55
N GLN M 17 -36.86 -13.81 -28.42
CA GLN M 17 -35.70 -13.54 -29.26
C GLN M 17 -34.46 -14.17 -28.64
N ASP M 18 -33.30 -13.78 -29.15
CA ASP M 18 -32.04 -14.05 -28.47
C ASP M 18 -31.94 -13.23 -27.19
N ALA M 19 -31.28 -13.80 -26.19
CA ALA M 19 -30.75 -13.03 -25.08
C ALA M 19 -29.89 -11.88 -25.59
N VAL M 20 -29.14 -12.15 -26.66
CA VAL M 20 -28.40 -11.13 -27.37
C VAL M 20 -29.33 -10.00 -27.74
N SER M 21 -30.48 -10.33 -28.32
CA SER M 21 -31.30 -9.32 -28.93
C SER M 21 -31.90 -8.40 -27.89
N LEU M 22 -32.09 -8.91 -26.68
CA LEU M 22 -32.68 -8.11 -25.62
C LEU M 22 -31.63 -7.30 -24.89
N HIS M 23 -30.46 -7.90 -24.70
CA HIS M 23 -29.29 -7.14 -24.29
C HIS M 23 -29.11 -5.94 -25.18
N LEU M 24 -29.27 -6.16 -26.47
CA LEU M 24 -29.04 -5.14 -27.45
C LEU M 24 -30.29 -4.31 -27.69
N GLU M 25 -31.44 -4.79 -27.24
CA GLU M 25 -32.67 -4.00 -27.29
C GLU M 25 -32.73 -3.01 -26.16
N PHE M 26 -32.83 -3.55 -24.97
CA PHE M 26 -33.11 -2.84 -23.75
C PHE M 26 -31.86 -2.33 -23.06
N GLY M 27 -30.69 -2.80 -23.49
CA GLY M 27 -29.49 -2.43 -22.78
C GLY M 27 -29.48 -3.00 -21.39
N ILE M 28 -29.67 -4.30 -21.28
CA ILE M 28 -29.70 -5.00 -20.01
C ILE M 28 -28.38 -5.73 -19.86
N PRO M 29 -28.18 -6.46 -18.78
CA PRO M 29 -27.11 -7.45 -18.78
C PRO M 29 -27.44 -8.59 -19.74
N ARG M 30 -26.46 -8.96 -20.56
CA ARG M 30 -26.65 -10.10 -21.45
C ARG M 30 -26.78 -11.38 -20.68
N THR M 31 -26.00 -11.58 -19.65
CA THR M 31 -25.99 -12.85 -18.98
C THR M 31 -27.29 -13.09 -18.25
N ALA M 32 -27.91 -12.02 -17.79
CA ALA M 32 -29.25 -12.12 -17.25
C ALA M 32 -30.24 -12.44 -18.35
N ALA M 33 -30.02 -11.87 -19.53
CA ALA M 33 -30.88 -12.18 -20.66
C ALA M 33 -30.78 -13.65 -21.00
N GLU M 34 -29.57 -14.15 -21.06
CA GLU M 34 -29.28 -15.55 -21.22
C GLU M 34 -29.94 -16.37 -20.14
N ASP M 35 -29.95 -15.88 -18.91
CA ASP M 35 -30.62 -16.58 -17.83
C ASP M 35 -32.10 -16.67 -18.13
N ILE M 36 -32.66 -15.66 -18.78
CA ILE M 36 -34.07 -15.75 -19.12
C ILE M 36 -34.28 -16.79 -20.19
N VAL M 37 -33.46 -16.77 -21.23
CA VAL M 37 -33.69 -17.68 -22.34
C VAL M 37 -33.54 -19.12 -21.89
N GLN M 38 -32.59 -19.37 -21.00
CA GLN M 38 -32.52 -20.68 -20.36
C GLN M 38 -33.73 -20.93 -19.50
N GLN M 39 -34.04 -19.97 -18.61
CA GLN M 39 -35.21 -20.03 -17.77
C GLN M 39 -36.50 -19.78 -18.55
N CYS M 40 -36.40 -19.44 -19.84
CA CYS M 40 -37.53 -19.46 -20.73
C CYS M 40 -37.56 -20.85 -21.32
N ASP M 41 -38.57 -21.64 -20.92
CA ASP M 41 -38.71 -23.00 -21.42
C ASP M 41 -38.99 -23.00 -22.92
N VAL M 42 -39.47 -21.87 -23.44
CA VAL M 42 -40.05 -21.82 -24.77
C VAL M 42 -38.95 -21.89 -25.82
N CYS M 43 -37.89 -21.10 -25.62
CA CYS M 43 -36.70 -21.25 -26.46
C CYS M 43 -35.95 -22.53 -26.14
N GLN M 44 -36.21 -23.12 -24.99
CA GLN M 44 -35.67 -24.41 -24.64
C GLN M 44 -36.61 -25.48 -25.14
N ILE M 60 -27.31 -8.40 -52.90
CA ILE M 60 -28.36 -7.60 -52.29
C ILE M 60 -29.62 -7.77 -53.11
N ASP M 61 -30.74 -7.79 -52.41
CA ASP M 61 -32.05 -8.07 -52.99
C ASP M 61 -32.02 -9.39 -53.72
N HIS M 62 -31.28 -10.34 -53.16
CA HIS M 62 -31.09 -11.67 -53.69
C HIS M 62 -31.67 -12.63 -52.68
N TRP M 63 -32.55 -13.50 -53.13
CA TRP M 63 -33.51 -14.15 -52.28
C TRP M 63 -33.54 -15.64 -52.54
N GLN M 64 -34.19 -16.36 -51.65
CA GLN M 64 -34.58 -17.73 -51.90
C GLN M 64 -35.98 -17.97 -51.40
N VAL M 65 -36.73 -18.78 -52.15
CA VAL M 65 -38.05 -19.24 -51.78
C VAL M 65 -37.99 -20.72 -51.42
N ASP M 66 -38.78 -21.12 -50.43
CA ASP M 66 -39.10 -22.52 -50.21
C ASP M 66 -40.51 -22.59 -49.67
N TYR M 67 -41.23 -23.65 -50.05
CA TYR M 67 -42.44 -24.04 -49.34
C TYR M 67 -42.10 -24.91 -48.15
N THR M 68 -42.96 -24.89 -47.17
CA THR M 68 -42.88 -25.81 -46.07
C THR M 68 -44.25 -25.88 -45.41
N HIS M 69 -44.48 -26.98 -44.70
CA HIS M 69 -45.76 -27.28 -44.11
C HIS M 69 -45.66 -27.22 -42.60
N TYR M 70 -46.56 -26.45 -41.99
CA TYR M 70 -46.64 -26.36 -40.54
C TYR M 70 -48.11 -26.64 -40.22
N GLU M 71 -48.37 -27.81 -39.66
CA GLU M 71 -49.70 -28.24 -39.26
C GLU M 71 -50.68 -28.12 -40.42
N ASP M 72 -50.31 -28.68 -41.57
CA ASP M 72 -51.14 -28.70 -42.77
C ASP M 72 -51.50 -27.29 -43.23
N LYS M 73 -50.58 -26.36 -42.97
CA LYS M 73 -50.72 -24.99 -43.48
C LYS M 73 -49.53 -24.78 -44.38
N ILE M 74 -49.77 -24.73 -45.67
CA ILE M 74 -48.72 -24.48 -46.64
C ILE M 74 -48.31 -23.05 -46.44
N ILE M 75 -47.02 -22.80 -46.54
CA ILE M 75 -46.45 -21.49 -46.27
C ILE M 75 -45.44 -21.19 -47.37
N LEU M 76 -45.44 -19.95 -47.84
CA LEU M 76 -44.44 -19.45 -48.78
C LEU M 76 -43.39 -18.72 -47.97
N VAL M 77 -42.12 -19.06 -48.17
CA VAL M 77 -41.04 -18.60 -47.31
C VAL M 77 -40.02 -17.90 -48.19
N TRP M 78 -39.96 -16.57 -48.12
CA TRP M 78 -38.89 -15.81 -48.75
C TRP M 78 -37.80 -15.58 -47.73
N VAL M 79 -36.55 -15.61 -48.21
CA VAL M 79 -35.40 -15.48 -47.33
C VAL M 79 -34.35 -14.66 -48.03
N GLU M 80 -33.83 -13.67 -47.33
CA GLU M 80 -32.94 -12.69 -47.94
C GLU M 80 -31.53 -13.24 -47.82
N THR M 81 -30.90 -13.50 -48.95
CA THR M 81 -29.67 -14.28 -49.00
C THR M 81 -28.47 -13.60 -48.34
N ASN M 82 -28.59 -12.32 -47.99
CA ASN M 82 -27.50 -11.54 -47.43
C ASN M 82 -27.82 -11.05 -46.02
N SER M 83 -28.81 -10.19 -45.87
CA SER M 83 -29.27 -9.76 -44.56
C SER M 83 -29.84 -10.89 -43.72
N GLY M 84 -30.33 -11.95 -44.36
CA GLY M 84 -31.07 -12.98 -43.66
C GLY M 84 -32.49 -12.59 -43.35
N LEU M 85 -32.97 -11.48 -43.88
CA LEU M 85 -34.35 -11.09 -43.66
C LEU M 85 -35.24 -12.08 -44.38
N ILE M 86 -36.48 -12.16 -43.94
CA ILE M 86 -37.44 -13.11 -44.48
C ILE M 86 -38.76 -12.40 -44.70
N TYR M 87 -39.48 -12.79 -45.74
CA TYR M 87 -40.92 -12.62 -45.82
C TYR M 87 -41.49 -14.02 -45.83
N ALA M 88 -42.68 -14.16 -45.28
CA ALA M 88 -43.45 -15.36 -45.51
C ALA M 88 -44.93 -15.07 -45.28
N GLU M 89 -45.78 -15.97 -45.78
CA GLU M 89 -47.22 -15.85 -45.59
C GLU M 89 -47.83 -17.24 -45.65
N ARG M 90 -48.97 -17.42 -44.98
CA ARG M 90 -49.69 -18.67 -45.07
C ARG M 90 -50.20 -18.82 -46.50
N VAL M 91 -50.30 -20.07 -46.95
CA VAL M 91 -50.60 -20.38 -48.33
C VAL M 91 -51.67 -21.47 -48.35
N LYS M 92 -52.62 -21.32 -49.28
CA LYS M 92 -53.65 -22.34 -49.47
C LYS M 92 -53.11 -23.51 -50.25
N GLY M 93 -52.30 -23.25 -51.28
CA GLY M 93 -51.80 -24.30 -52.14
C GLY M 93 -50.53 -23.87 -52.82
N GLU M 94 -49.81 -24.87 -53.32
CA GLU M 94 -48.52 -24.69 -53.97
C GLU M 94 -48.69 -24.38 -55.46
N THR M 95 -49.91 -24.02 -55.87
CA THR M 95 -50.24 -23.72 -57.25
C THR M 95 -49.35 -22.63 -57.80
N GLY M 96 -49.18 -22.66 -59.12
CA GLY M 96 -48.62 -21.52 -59.81
C GLY M 96 -49.32 -20.21 -59.50
N GLN M 97 -50.64 -20.14 -59.74
CA GLN M 97 -51.38 -18.87 -59.71
C GLN M 97 -51.37 -18.21 -58.33
N GLU M 98 -51.63 -19.01 -57.29
CA GLU M 98 -51.61 -18.46 -55.94
C GLU M 98 -50.27 -17.82 -55.65
N PHE M 99 -49.19 -18.55 -55.89
CA PHE M 99 -47.85 -17.99 -55.72
C PHE M 99 -47.60 -16.80 -56.62
N ARG M 100 -48.23 -16.76 -57.80
CA ARG M 100 -48.06 -15.60 -58.66
C ARG M 100 -48.59 -14.36 -57.96
N VAL M 101 -49.76 -14.48 -57.34
CA VAL M 101 -50.27 -13.30 -56.64
C VAL M 101 -49.47 -13.06 -55.36
N GLN M 102 -48.95 -14.13 -54.76
CA GLN M 102 -48.10 -13.97 -53.56
C GLN M 102 -46.90 -13.12 -53.87
N THR M 103 -46.19 -13.44 -54.96
CA THR M 103 -44.96 -12.74 -55.27
C THR M 103 -45.22 -11.44 -56.02
N MET M 104 -46.42 -11.26 -56.56
CA MET M 104 -46.86 -9.92 -56.94
C MET M 104 -46.93 -9.04 -55.71
N LYS M 105 -47.53 -9.55 -54.66
CA LYS M 105 -47.56 -8.81 -53.41
C LYS M 105 -46.18 -8.67 -52.82
N TRP M 106 -45.33 -9.68 -53.00
CA TRP M 106 -44.01 -9.65 -52.41
C TRP M 106 -43.14 -8.63 -53.11
N TYR M 107 -43.15 -8.67 -54.44
CA TYR M 107 -42.54 -7.62 -55.24
C TYR M 107 -43.21 -6.26 -54.98
N ALA M 108 -44.43 -6.26 -54.48
CA ALA M 108 -45.00 -5.00 -54.02
C ALA M 108 -44.31 -4.50 -52.76
N MET M 109 -44.15 -5.39 -51.78
CA MET M 109 -43.60 -5.00 -50.50
C MET M 109 -42.07 -4.99 -50.53
N PHE M 110 -41.47 -5.65 -51.51
CA PHE M 110 -40.03 -5.74 -51.64
C PHE M 110 -39.60 -5.38 -53.05
N ALA M 111 -38.33 -5.02 -53.15
CA ALA M 111 -37.73 -4.53 -54.39
C ALA M 111 -36.65 -5.51 -54.83
N PRO M 112 -37.05 -6.68 -55.33
CA PRO M 112 -36.04 -7.69 -55.69
C PRO M 112 -35.25 -7.36 -56.94
N LYS M 113 -33.97 -7.71 -56.88
CA LYS M 113 -33.12 -7.97 -58.03
C LYS M 113 -33.32 -9.35 -58.61
N SER M 114 -33.28 -10.35 -57.73
CA SER M 114 -32.85 -11.69 -58.10
C SER M 114 -33.41 -12.67 -57.09
N LEU M 115 -33.34 -13.95 -57.43
CA LEU M 115 -33.97 -14.98 -56.61
C LEU M 115 -33.26 -16.31 -56.80
N GLN M 116 -33.32 -17.14 -55.78
CA GLN M 116 -33.03 -18.56 -55.84
C GLN M 116 -34.31 -19.33 -55.57
N SER M 117 -34.38 -20.55 -56.07
CA SER M 117 -35.45 -21.45 -55.69
C SER M 117 -35.11 -22.84 -56.22
N ASP M 118 -35.97 -23.79 -55.89
CA ASP M 118 -35.86 -25.10 -56.46
C ASP M 118 -36.67 -25.18 -57.76
N ASN M 119 -36.80 -26.39 -58.27
CA ASN M 119 -37.41 -26.66 -59.57
C ASN M 119 -38.92 -26.91 -59.49
N GLY M 120 -39.54 -26.59 -58.34
CA GLY M 120 -40.94 -26.89 -58.13
C GLY M 120 -41.85 -26.29 -59.19
N PRO M 121 -43.05 -26.85 -59.35
CA PRO M 121 -43.87 -26.47 -60.51
C PRO M 121 -44.27 -25.01 -60.58
N ALA M 122 -44.72 -24.44 -59.46
CA ALA M 122 -45.16 -23.04 -59.46
C ALA M 122 -44.03 -22.11 -59.88
N PHE M 123 -42.80 -22.44 -59.50
CA PHE M 123 -41.64 -21.69 -59.96
C PHE M 123 -41.35 -21.96 -61.42
N VAL M 124 -41.15 -23.23 -61.76
CA VAL M 124 -40.84 -23.63 -63.12
C VAL M 124 -42.04 -23.53 -64.05
N ALA M 125 -43.24 -23.27 -63.52
CA ALA M 125 -44.39 -22.89 -64.33
C ALA M 125 -44.01 -21.67 -65.15
N GLU M 126 -44.55 -21.56 -66.36
CA GLU M 126 -44.06 -20.55 -67.27
C GLU M 126 -44.46 -19.17 -66.83
N SER M 127 -45.76 -18.93 -66.61
CA SER M 127 -46.24 -17.57 -66.40
C SER M 127 -45.70 -16.98 -65.10
N THR M 128 -45.29 -17.84 -64.17
CA THR M 128 -44.42 -17.41 -63.09
C THR M 128 -43.20 -16.70 -63.65
N GLN M 129 -42.39 -17.42 -64.41
CA GLN M 129 -41.15 -16.90 -64.96
C GLN M 129 -41.40 -15.73 -65.91
N LEU M 130 -42.45 -15.79 -66.73
CA LEU M 130 -42.83 -14.67 -67.57
C LEU M 130 -43.17 -13.46 -66.73
N LEU M 131 -43.74 -13.69 -65.55
CA LEU M 131 -44.02 -12.58 -64.66
C LEU M 131 -42.74 -12.09 -63.97
N MET M 132 -41.75 -12.96 -63.82
CA MET M 132 -40.45 -12.49 -63.37
C MET M 132 -39.79 -11.62 -64.43
N LYS M 133 -40.15 -11.85 -65.70
CA LYS M 133 -39.66 -11.04 -66.81
C LYS M 133 -40.46 -9.75 -66.95
N TYR M 134 -41.78 -9.85 -66.81
CA TYR M 134 -42.64 -8.67 -66.78
C TYR M 134 -42.21 -7.74 -65.65
N LEU M 135 -41.79 -8.31 -64.52
CA LEU M 135 -41.26 -7.58 -63.39
C LEU M 135 -39.74 -7.47 -63.42
N GLY M 136 -39.07 -8.21 -64.28
CA GLY M 136 -37.65 -8.03 -64.51
C GLY M 136 -36.77 -8.68 -63.47
N ILE M 137 -37.29 -9.62 -62.70
CA ILE M 137 -36.47 -10.37 -61.76
C ILE M 137 -35.86 -11.52 -62.55
N GLU M 138 -34.62 -11.86 -62.20
CA GLU M 138 -33.94 -12.98 -62.83
C GLU M 138 -34.27 -14.19 -62.00
N HIS M 139 -35.09 -15.06 -62.55
CA HIS M 139 -35.56 -16.24 -61.87
C HIS M 139 -34.56 -17.35 -62.08
N THR M 140 -34.21 -18.03 -61.00
CA THR M 140 -33.27 -19.13 -61.03
C THR M 140 -33.85 -20.32 -60.31
N THR M 141 -34.13 -21.37 -61.07
CA THR M 141 -34.53 -22.66 -60.53
C THR M 141 -33.45 -23.68 -60.87
N GLY M 142 -33.38 -24.70 -60.04
CA GLY M 142 -32.35 -25.69 -60.06
C GLY M 142 -32.29 -26.36 -58.73
N ILE M 143 -31.53 -27.44 -58.64
CA ILE M 143 -31.41 -28.10 -57.34
C ILE M 143 -30.61 -27.13 -56.47
N PRO M 144 -31.19 -26.52 -55.43
CA PRO M 144 -30.40 -25.54 -54.68
C PRO M 144 -29.28 -26.25 -53.94
N TRP M 145 -28.06 -25.86 -54.27
CA TRP M 145 -26.87 -26.66 -53.99
C TRP M 145 -26.00 -26.12 -52.86
N ASN M 146 -26.27 -24.94 -52.33
CA ASN M 146 -25.21 -24.17 -51.71
C ASN M 146 -25.30 -24.29 -50.19
N PRO M 147 -24.23 -24.71 -49.47
CA PRO M 147 -24.32 -24.78 -48.01
C PRO M 147 -24.57 -23.42 -47.38
N GLN M 148 -23.93 -22.40 -47.96
CA GLN M 148 -24.10 -21.02 -47.53
C GLN M 148 -25.56 -20.61 -47.56
N SER M 149 -26.25 -20.93 -48.66
CA SER M 149 -27.69 -20.70 -48.71
C SER M 149 -28.42 -21.74 -47.87
N GLN M 150 -28.19 -23.01 -48.16
CA GLN M 150 -29.13 -24.04 -47.72
C GLN M 150 -29.05 -24.27 -46.22
N ALA M 151 -27.95 -23.87 -45.58
CA ALA M 151 -27.92 -23.90 -44.13
C ALA M 151 -28.79 -22.80 -43.55
N LEU M 152 -28.74 -21.62 -44.14
CA LEU M 152 -29.63 -20.53 -43.74
C LEU M 152 -31.08 -20.94 -43.97
N VAL M 153 -31.35 -21.62 -45.09
CA VAL M 153 -32.66 -22.21 -45.36
C VAL M 153 -33.03 -23.14 -44.23
N GLU M 154 -32.10 -23.99 -43.86
CA GLU M 154 -32.36 -25.07 -42.94
C GLU M 154 -32.72 -24.54 -41.57
N ARG M 155 -31.84 -23.69 -41.01
CA ARG M 155 -32.10 -23.08 -39.72
C ARG M 155 -33.33 -22.21 -39.78
N THR M 156 -33.61 -21.63 -40.93
CA THR M 156 -34.82 -20.83 -41.06
C THR M 156 -36.04 -21.68 -40.84
N HIS M 157 -36.06 -22.87 -41.42
CA HIS M 157 -37.24 -23.72 -41.25
C HIS M 157 -37.32 -24.28 -39.83
N GLN M 158 -36.21 -24.80 -39.32
CA GLN M 158 -36.22 -25.42 -38.00
C GLN M 158 -36.57 -24.40 -36.94
N THR M 159 -35.86 -23.28 -36.95
CA THR M 159 -36.13 -22.24 -35.97
C THR M 159 -37.47 -21.60 -36.23
N LEU M 160 -37.94 -21.61 -37.48
CA LEU M 160 -39.28 -21.09 -37.77
C LEU M 160 -40.31 -21.88 -37.02
N LYS M 161 -40.38 -23.17 -37.27
CA LYS M 161 -41.48 -23.96 -36.75
C LYS M 161 -41.31 -24.15 -35.26
N ASN M 162 -40.07 -24.12 -34.79
CA ASN M 162 -39.81 -23.87 -33.37
C ASN M 162 -40.57 -22.65 -32.91
N THR M 163 -40.44 -21.54 -33.65
CA THR M 163 -40.94 -20.24 -33.20
C THR M 163 -42.45 -20.11 -33.32
N LEU M 164 -43.04 -20.62 -34.40
CA LEU M 164 -44.48 -20.75 -34.41
C LEU M 164 -44.93 -21.55 -33.22
N GLU M 165 -44.29 -22.70 -33.01
CA GLU M 165 -44.68 -23.56 -31.90
C GLU M 165 -44.51 -22.88 -30.55
N LYS M 166 -43.64 -21.88 -30.47
CA LYS M 166 -43.67 -20.98 -29.33
C LYS M 166 -44.96 -20.17 -29.33
N LEU M 167 -45.21 -19.42 -30.41
CA LEU M 167 -46.10 -18.26 -30.39
C LEU M 167 -47.56 -18.58 -30.61
N ILE M 168 -47.87 -19.45 -31.56
CA ILE M 168 -49.23 -19.66 -32.08
C ILE M 168 -50.28 -19.90 -31.01
N PRO M 169 -50.00 -20.56 -29.87
CA PRO M 169 -51.08 -20.72 -28.89
C PRO M 169 -51.46 -19.40 -28.24
N MET M 170 -50.59 -18.40 -28.25
CA MET M 170 -50.94 -17.07 -27.79
C MET M 170 -51.99 -16.40 -28.65
N PHE M 171 -52.23 -16.91 -29.86
CA PHE M 171 -52.93 -16.17 -30.90
C PHE M 171 -54.15 -16.93 -31.37
N ASN M 172 -55.26 -16.20 -31.44
CA ASN M 172 -56.48 -16.75 -32.03
C ASN M 172 -56.27 -17.07 -33.50
N ALA M 173 -55.90 -16.07 -34.29
CA ALA M 173 -55.64 -16.25 -35.71
C ALA M 173 -54.19 -16.67 -35.91
N PHE M 174 -53.98 -17.57 -36.86
CA PHE M 174 -52.63 -18.07 -37.11
C PHE M 174 -51.82 -17.08 -37.93
N GLU M 175 -52.48 -16.27 -38.76
CA GLU M 175 -51.77 -15.30 -39.58
C GLU M 175 -51.14 -14.24 -38.69
N SER M 176 -51.86 -13.86 -37.63
CA SER M 176 -51.31 -13.02 -36.58
C SER M 176 -50.03 -13.59 -36.00
N ALA M 177 -50.07 -14.84 -35.54
CA ALA M 177 -48.90 -15.45 -34.92
C ALA M 177 -47.74 -15.54 -35.89
N LEU M 178 -48.06 -15.85 -37.14
CA LEU M 178 -47.04 -15.96 -38.17
C LEU M 178 -46.36 -14.62 -38.40
N ALA M 179 -47.18 -13.58 -38.53
CA ALA M 179 -46.66 -12.21 -38.56
C ALA M 179 -45.76 -11.95 -37.36
N GLY M 180 -46.16 -12.47 -36.19
CA GLY M 180 -45.33 -12.36 -35.02
C GLY M 180 -43.98 -13.04 -35.19
N THR M 181 -43.96 -14.26 -35.74
CA THR M 181 -42.69 -14.94 -36.00
C THR M 181 -41.80 -14.11 -36.90
N LEU M 182 -42.39 -13.55 -37.95
CA LEU M 182 -41.65 -12.66 -38.83
C LEU M 182 -41.09 -11.50 -38.05
N ILE M 183 -41.86 -11.01 -37.10
CA ILE M 183 -41.42 -9.86 -36.32
C ILE M 183 -40.26 -10.25 -35.41
N THR M 184 -40.37 -11.42 -34.78
CA THR M 184 -39.30 -11.92 -33.95
C THR M 184 -38.00 -11.96 -34.70
N LEU M 185 -38.03 -12.48 -35.91
CA LEU M 185 -36.82 -12.72 -36.66
C LEU M 185 -36.29 -11.50 -37.39
N ASN M 186 -37.16 -10.83 -38.13
CA ASN M 186 -36.88 -9.66 -38.94
C ASN M 186 -36.53 -8.47 -38.11
N ILE M 187 -37.33 -8.28 -37.09
CA ILE M 187 -37.42 -7.02 -36.38
C ILE M 187 -36.81 -7.14 -35.00
N LYS M 188 -37.36 -8.02 -34.18
CA LYS M 188 -36.94 -8.07 -32.80
C LYS M 188 -35.59 -8.72 -32.63
N ARG M 189 -35.36 -9.86 -33.27
CA ARG M 189 -34.09 -10.55 -33.12
C ARG M 189 -33.02 -9.70 -33.78
N LYS M 190 -31.86 -9.69 -33.17
CA LYS M 190 -30.72 -8.91 -33.63
C LYS M 190 -29.57 -9.84 -33.94
N GLY M 191 -28.60 -9.32 -34.67
CA GLY M 191 -27.37 -10.02 -34.95
C GLY M 191 -26.26 -9.02 -35.08
N GLY M 192 -25.02 -9.48 -34.99
CA GLY M 192 -23.90 -8.57 -35.07
C GLY M 192 -23.87 -7.60 -33.92
N LEU M 193 -23.95 -6.31 -34.25
CA LEU M 193 -23.82 -5.23 -33.28
C LEU M 193 -25.14 -4.86 -32.62
N GLY M 194 -26.17 -5.69 -32.77
CA GLY M 194 -27.53 -5.30 -32.48
C GLY M 194 -28.36 -5.10 -33.73
N THR M 195 -27.87 -5.67 -34.83
CA THR M 195 -28.42 -5.44 -36.14
C THR M 195 -29.32 -6.59 -36.52
N SER M 196 -30.60 -6.32 -36.59
CA SER M 196 -31.55 -7.31 -37.03
C SER M 196 -31.40 -7.55 -38.52
N PRO M 197 -32.13 -8.50 -39.08
CA PRO M 197 -32.06 -8.67 -40.54
C PRO M 197 -32.56 -7.47 -41.29
N MET M 198 -33.64 -6.89 -40.82
CA MET M 198 -34.21 -5.73 -41.50
C MET M 198 -33.27 -4.55 -41.44
N ASP M 199 -32.42 -4.50 -40.43
CA ASP M 199 -31.43 -3.43 -40.32
C ASP M 199 -30.46 -3.51 -41.49
N ILE M 200 -29.86 -4.68 -41.64
CA ILE M 200 -28.89 -4.96 -42.69
C ILE M 200 -29.52 -4.70 -44.04
N PHE M 201 -30.75 -5.18 -44.16
CA PHE M 201 -31.56 -5.08 -45.35
C PHE M 201 -31.73 -3.63 -45.79
N ILE M 202 -32.36 -2.82 -44.94
CA ILE M 202 -32.66 -1.42 -45.28
C ILE M 202 -31.38 -0.67 -45.56
N PHE M 203 -30.30 -1.02 -44.85
CA PHE M 203 -29.01 -0.41 -45.13
C PHE M 203 -28.61 -0.67 -46.56
N ASN M 204 -28.71 -1.92 -46.97
CA ASN M 204 -28.30 -2.28 -48.32
C ASN M 204 -29.15 -1.55 -49.34
N LYS M 205 -30.45 -1.44 -49.06
CA LYS M 205 -31.37 -0.75 -49.95
C LYS M 205 -30.93 0.66 -50.19
N GLU M 206 -30.76 1.42 -49.12
CA GLU M 206 -30.40 2.81 -49.27
C GLU M 206 -29.02 2.96 -49.87
N GLN M 207 -28.17 1.95 -49.70
CA GLN M 207 -26.82 2.01 -50.25
C GLN M 207 -26.83 1.86 -51.77
N GLN M 208 -27.74 1.03 -52.29
CA GLN M 208 -27.89 0.88 -53.73
C GLN M 208 -28.09 2.21 -54.41
N ARG M 209 -29.12 2.93 -53.96
CA ARG M 209 -29.56 4.12 -54.65
C ARG M 209 -28.50 5.18 -54.62
N ILE M 210 -27.75 5.27 -53.53
CA ILE M 210 -26.71 6.27 -53.44
C ILE M 210 -25.51 5.86 -54.28
N GLN M 211 -25.32 4.56 -54.46
CA GLN M 211 -24.40 4.11 -55.49
C GLN M 211 -24.81 4.66 -56.85
N GLN M 212 -26.11 4.59 -57.13
CA GLN M 212 -26.60 5.02 -58.43
C GLN M 212 -26.48 6.53 -58.60
N GLN M 213 -26.91 7.27 -57.58
CA GLN M 213 -26.78 8.72 -57.59
C GLN M 213 -25.34 9.14 -57.77
N SER M 214 -24.44 8.47 -57.06
CA SER M 214 -23.03 8.75 -57.20
C SER M 214 -22.57 8.59 -58.63
N LYS M 215 -22.97 7.50 -59.28
CA LYS M 215 -22.66 7.32 -60.69
C LYS M 215 -23.24 8.45 -61.52
N SER M 216 -24.43 8.90 -61.18
CA SER M 216 -25.07 9.98 -61.92
C SER M 216 -24.23 11.24 -61.86
N LYS M 217 -23.68 11.53 -60.68
CA LYS M 217 -22.79 12.69 -60.57
C LYS M 217 -21.45 12.40 -61.23
N GLN M 218 -21.12 11.12 -61.45
CA GLN M 218 -19.89 10.77 -62.15
C GLN M 218 -20.01 10.93 -63.67
N GLU M 219 -21.23 10.95 -64.18
CA GLU M 219 -21.51 11.11 -65.60
C GLU M 219 -21.15 12.44 -66.34
N LYS M 220 -21.31 13.59 -65.68
CA LYS M 220 -21.13 14.91 -66.35
C LYS M 220 -19.82 15.39 -67.00
N ILE M 221 -18.66 15.22 -66.35
CA ILE M 221 -17.38 15.64 -66.97
C ILE M 221 -17.29 17.08 -67.54
N ARG M 222 -17.62 18.09 -66.74
CA ARG M 222 -17.61 19.50 -67.19
C ARG M 222 -16.26 20.16 -67.58
N PHE M 223 -16.33 21.10 -68.52
CA PHE M 223 -15.20 21.85 -69.04
C PHE M 223 -15.42 23.32 -68.75
N CYS M 224 -14.35 24.09 -68.86
CA CYS M 224 -14.39 25.47 -68.42
C CYS M 224 -13.30 26.28 -69.10
N TYR M 225 -13.53 27.58 -69.14
CA TYR M 225 -12.50 28.54 -69.51
C TYR M 225 -11.62 28.90 -68.32
N TYR M 226 -10.44 29.42 -68.62
CA TYR M 226 -9.50 29.80 -67.58
C TYR M 226 -8.53 30.83 -68.11
N ARG M 227 -7.72 31.36 -67.22
CA ARG M 227 -6.69 32.34 -67.55
C ARG M 227 -5.67 32.40 -66.42
N THR M 228 -4.54 33.04 -66.72
CA THR M 228 -3.39 33.09 -65.84
C THR M 228 -2.91 34.52 -65.68
N ARG M 229 -2.05 34.72 -64.69
CA ARG M 229 -1.56 36.03 -64.30
C ARG M 229 -0.10 36.19 -64.68
N LYS M 230 0.29 37.44 -64.93
CA LYS M 230 1.69 37.80 -65.12
C LYS M 230 1.96 39.09 -64.35
N ARG M 231 2.81 38.97 -63.31
CA ARG M 231 2.98 40.04 -62.31
C ARG M 231 1.64 40.51 -61.75
N GLY M 232 0.70 39.58 -61.62
CA GLY M 232 -0.66 39.90 -61.26
C GLY M 232 -1.55 40.27 -62.43
N HIS M 233 -0.97 40.67 -63.56
CA HIS M 233 -1.78 41.17 -64.67
C HIS M 233 -2.36 40.00 -65.43
N PRO M 234 -3.61 40.10 -65.92
CA PRO M 234 -4.34 38.88 -66.28
C PRO M 234 -3.88 38.34 -67.62
N GLY M 235 -4.12 37.05 -67.81
CA GLY M 235 -4.15 36.46 -69.13
C GLY M 235 -5.57 36.52 -69.66
N GLU M 236 -5.67 36.42 -70.97
CA GLU M 236 -6.99 36.30 -71.58
C GLU M 236 -7.52 34.88 -71.37
N TRP M 237 -8.82 34.71 -71.58
CA TRP M 237 -9.45 33.43 -71.31
C TRP M 237 -8.91 32.35 -72.24
N GLN M 238 -8.82 31.14 -71.69
CA GLN M 238 -8.17 30.00 -72.31
C GLN M 238 -9.07 28.80 -72.14
N GLY M 239 -9.00 27.87 -73.09
CA GLY M 239 -9.89 26.73 -73.13
C GLY M 239 -10.99 26.95 -74.14
N PRO M 240 -12.08 26.15 -74.09
CA PRO M 240 -12.53 25.25 -73.02
C PRO M 240 -11.67 24.03 -72.85
N THR M 241 -11.64 23.54 -71.61
CA THR M 241 -10.93 22.33 -71.28
C THR M 241 -11.65 21.70 -70.10
N GLN M 242 -11.53 20.37 -70.01
CA GLN M 242 -12.31 19.61 -69.04
C GLN M 242 -11.99 20.02 -67.61
N VAL M 243 -12.99 19.87 -66.75
CA VAL M 243 -12.82 20.07 -65.32
C VAL M 243 -12.44 18.70 -64.77
N LEU M 244 -11.16 18.56 -64.47
CA LEU M 244 -10.62 17.24 -64.19
C LEU M 244 -10.79 16.87 -62.73
N TRP M 245 -10.45 17.78 -61.85
CA TRP M 245 -10.67 17.61 -60.43
C TRP M 245 -10.91 18.98 -59.82
N GLY M 246 -11.99 19.09 -59.06
CA GLY M 246 -12.20 20.31 -58.33
C GLY M 246 -11.46 20.25 -57.02
N GLY M 247 -10.86 21.38 -56.64
CA GLY M 247 -10.34 21.59 -55.34
C GLY M 247 -11.15 22.61 -54.58
N ASP M 248 -10.57 23.09 -53.48
CA ASP M 248 -11.18 24.14 -52.68
C ASP M 248 -10.63 25.47 -53.19
N GLY M 249 -11.49 26.26 -53.82
CA GLY M 249 -11.09 27.51 -54.42
C GLY M 249 -10.39 27.38 -55.75
N ALA M 250 -10.12 26.16 -56.20
CA ALA M 250 -9.42 25.96 -57.47
C ALA M 250 -9.74 24.58 -57.98
N ILE M 251 -9.35 24.33 -59.23
CA ILE M 251 -9.68 23.12 -59.97
C ILE M 251 -8.40 22.50 -60.52
N VAL M 252 -8.58 21.48 -61.36
CA VAL M 252 -7.54 20.96 -62.22
C VAL M 252 -8.01 21.08 -63.65
N VAL M 253 -7.09 21.42 -64.54
CA VAL M 253 -7.29 21.40 -65.98
C VAL M 253 -5.99 20.98 -66.61
N LYS M 254 -6.09 20.30 -67.74
CA LYS M 254 -4.93 20.07 -68.58
C LYS M 254 -4.71 21.33 -69.40
N ASP M 255 -3.52 21.90 -69.30
CA ASP M 255 -3.10 22.84 -70.31
C ASP M 255 -2.82 22.06 -71.58
N ARG M 256 -3.53 22.40 -72.64
CA ARG M 256 -3.31 21.70 -73.89
C ARG M 256 -2.07 22.22 -74.59
N GLY M 257 -1.76 23.50 -74.40
CA GLY M 257 -0.54 24.08 -74.91
C GLY M 257 0.72 23.38 -74.46
N THR M 258 0.89 23.19 -73.15
CA THR M 258 2.05 22.49 -72.60
C THR M 258 1.82 21.01 -72.36
N ASP M 259 0.58 20.52 -72.45
CA ASP M 259 0.23 19.17 -72.00
C ASP M 259 0.68 18.95 -70.56
N ARG M 260 0.38 19.93 -69.72
CA ARG M 260 0.69 19.92 -68.30
C ARG M 260 -0.52 20.43 -67.55
N TYR M 261 -0.87 19.75 -66.47
CA TYR M 261 -2.08 20.11 -65.76
C TYR M 261 -1.86 21.36 -64.93
N LEU M 262 -2.94 22.09 -64.65
CA LEU M 262 -2.88 23.37 -63.98
C LEU M 262 -3.88 23.48 -62.84
N VAL M 263 -3.37 23.95 -61.70
CA VAL M 263 -4.18 24.37 -60.57
C VAL M 263 -4.66 25.78 -60.89
N ILE M 264 -5.97 25.99 -60.97
CA ILE M 264 -6.56 27.24 -61.44
C ILE M 264 -7.57 27.72 -60.42
N ALA M 265 -7.43 28.97 -60.00
CA ALA M 265 -8.39 29.61 -59.11
C ALA M 265 -9.77 29.64 -59.72
N ASN M 266 -10.77 29.29 -58.90
CA ASN M 266 -12.16 29.30 -59.34
C ASN M 266 -12.60 30.66 -59.86
N LYS M 267 -12.18 31.73 -59.20
CA LYS M 267 -12.46 33.08 -59.71
C LYS M 267 -11.86 33.31 -61.08
N ASP M 268 -10.77 32.62 -61.39
CA ASP M 268 -10.10 32.71 -62.68
C ASP M 268 -10.69 31.74 -63.70
N VAL M 269 -11.82 31.11 -63.37
CA VAL M 269 -12.48 30.12 -64.22
C VAL M 269 -13.84 30.67 -64.64
N LYS M 270 -14.31 30.23 -65.81
CA LYS M 270 -15.73 30.23 -66.14
C LYS M 270 -16.12 28.80 -66.43
N PHE M 271 -16.90 28.21 -65.54
CA PHE M 271 -17.46 26.89 -65.80
C PHE M 271 -18.60 26.99 -66.80
N ILE M 272 -18.76 25.95 -67.60
CA ILE M 272 -19.49 26.04 -68.85
C ILE M 272 -20.61 25.01 -68.88
N ASN N 4 -21.68 20.19 -32.27
CA ASN N 4 -22.63 20.65 -33.26
C ASN N 4 -24.02 20.80 -32.71
N ILE N 5 -24.34 20.05 -31.65
CA ILE N 5 -25.67 20.15 -31.06
C ILE N 5 -25.88 21.53 -30.44
N PRO N 6 -24.94 22.10 -29.66
CA PRO N 6 -25.11 23.50 -29.27
C PRO N 6 -25.09 24.45 -30.44
N LEU N 7 -24.28 24.17 -31.46
CA LEU N 7 -24.21 25.07 -32.60
C LEU N 7 -25.46 24.94 -33.46
N ALA N 8 -25.96 23.72 -33.60
CA ALA N 8 -27.18 23.52 -34.35
C ALA N 8 -28.34 24.20 -33.65
N GLU N 9 -28.34 24.13 -32.32
CA GLU N 9 -29.33 24.86 -31.56
C GLU N 9 -29.16 26.36 -31.74
N GLU N 10 -27.91 26.82 -31.86
CA GLU N 10 -27.67 28.24 -32.10
C GLU N 10 -28.20 28.63 -33.46
N GLU N 11 -28.05 27.75 -34.44
CA GLU N 11 -28.64 27.97 -35.74
C GLU N 11 -30.16 27.99 -35.65
N HIS N 12 -30.72 27.20 -34.76
CA HIS N 12 -32.17 27.14 -34.63
C HIS N 12 -32.73 28.42 -34.04
N ASN N 13 -32.23 28.80 -32.87
CA ASN N 13 -32.74 29.99 -32.20
C ASN N 13 -32.57 31.22 -33.06
N LYS N 14 -31.49 31.28 -33.84
CA LYS N 14 -31.42 32.24 -34.93
C LYS N 14 -32.57 32.06 -35.90
N TRP N 15 -32.49 31.03 -36.71
CA TRP N 15 -33.31 30.84 -37.89
C TRP N 15 -34.63 30.15 -37.64
N HIS N 16 -34.70 29.20 -36.72
CA HIS N 16 -35.89 28.40 -36.45
C HIS N 16 -36.27 27.53 -37.61
N GLN N 17 -35.48 26.49 -37.83
CA GLN N 17 -35.70 25.47 -38.85
C GLN N 17 -36.62 24.36 -38.33
N ASP N 18 -36.88 23.38 -39.21
CA ASP N 18 -37.44 22.08 -38.83
C ASP N 18 -36.44 21.28 -38.02
N ALA N 19 -36.94 20.29 -37.27
CA ALA N 19 -36.05 19.30 -36.68
C ALA N 19 -35.28 18.56 -37.75
N VAL N 20 -35.97 18.24 -38.85
CA VAL N 20 -35.34 17.54 -39.96
C VAL N 20 -34.19 18.36 -40.51
N SER N 21 -34.42 19.66 -40.69
CA SER N 21 -33.44 20.48 -41.38
C SER N 21 -32.19 20.71 -40.53
N LEU N 22 -32.36 20.98 -39.23
CA LEU N 22 -31.19 21.10 -38.36
C LEU N 22 -30.43 19.79 -38.31
N HIS N 23 -31.16 18.68 -38.20
CA HIS N 23 -30.54 17.36 -38.17
C HIS N 23 -29.67 17.11 -39.38
N LEU N 24 -30.29 17.20 -40.57
CA LEU N 24 -29.60 16.91 -41.81
C LEU N 24 -28.48 17.89 -42.06
N GLU N 25 -28.71 19.15 -41.71
CA GLU N 25 -27.71 20.20 -41.84
C GLU N 25 -26.48 19.93 -41.00
N PHE N 26 -26.63 19.76 -39.69
CA PHE N 26 -25.50 19.57 -38.79
C PHE N 26 -25.21 18.11 -38.48
N GLY N 27 -26.02 17.17 -38.98
CA GLY N 27 -25.73 15.76 -38.83
C GLY N 27 -25.73 15.26 -37.40
N ILE N 28 -26.27 16.03 -36.46
CA ILE N 28 -26.43 15.59 -35.09
C ILE N 28 -27.61 14.62 -35.12
N PRO N 29 -27.83 13.82 -34.09
CA PRO N 29 -29.00 12.92 -34.12
C PRO N 29 -30.30 13.72 -34.20
N ARG N 30 -31.26 13.18 -34.93
CA ARG N 30 -32.46 13.94 -35.24
C ARG N 30 -33.34 14.16 -34.03
N THR N 31 -33.33 13.26 -33.06
CA THR N 31 -34.08 13.53 -31.84
C THR N 31 -33.46 14.70 -31.08
N ALA N 32 -32.17 14.94 -31.26
CA ALA N 32 -31.57 16.14 -30.71
C ALA N 32 -32.11 17.38 -31.42
N ALA N 33 -32.36 17.26 -32.72
CA ALA N 33 -32.90 18.39 -33.47
C ALA N 33 -34.35 18.63 -33.11
N GLU N 34 -35.11 17.54 -32.99
CA GLU N 34 -36.44 17.59 -32.40
C GLU N 34 -36.41 18.28 -31.05
N ASP N 35 -35.57 17.81 -30.12
CA ASP N 35 -35.45 18.42 -28.80
C ASP N 35 -35.10 19.90 -28.87
N ILE N 36 -34.28 20.29 -29.86
CA ILE N 36 -34.00 21.71 -30.07
C ILE N 36 -35.28 22.45 -30.40
N VAL N 37 -36.05 21.94 -31.36
CA VAL N 37 -37.30 22.59 -31.73
C VAL N 37 -38.24 22.61 -30.54
N GLN N 38 -38.22 21.53 -29.76
CA GLN N 38 -39.15 21.34 -28.65
C GLN N 38 -38.71 22.15 -27.44
N GLN N 39 -37.41 22.24 -27.22
CA GLN N 39 -36.85 23.12 -26.21
C GLN N 39 -36.76 24.57 -26.68
N CYS N 40 -37.07 24.83 -27.95
CA CYS N 40 -37.20 26.18 -28.46
C CYS N 40 -38.65 26.61 -28.32
N ASP N 41 -38.89 27.60 -27.45
CA ASP N 41 -40.24 28.09 -27.24
C ASP N 41 -40.81 28.68 -28.51
N VAL N 42 -39.94 29.22 -29.37
CA VAL N 42 -40.37 29.99 -30.54
C VAL N 42 -41.14 29.11 -31.50
N CYS N 43 -40.66 27.89 -31.74
CA CYS N 43 -41.35 26.96 -32.62
C CYS N 43 -42.49 26.24 -31.91
N GLN N 44 -42.40 26.06 -30.59
CA GLN N 44 -43.48 25.41 -29.86
C GLN N 44 -44.62 26.37 -29.57
N GLU N 45 -44.34 27.67 -29.53
CA GLU N 45 -45.41 28.65 -29.51
C GLU N 45 -46.26 28.62 -30.77
N ASN N 46 -45.66 28.29 -31.91
CA ASN N 46 -46.29 28.49 -33.23
C ASN N 46 -46.03 27.27 -34.10
N LYS N 47 -47.11 26.62 -34.51
CA LYS N 47 -47.03 25.38 -35.28
C LYS N 47 -48.11 25.36 -36.36
N LYS N 57 -47.82 17.15 -33.44
CA LYS N 57 -46.45 16.66 -33.37
C LYS N 57 -46.35 15.27 -33.97
N ARG N 58 -45.40 15.06 -34.88
CA ARG N 58 -45.19 13.78 -35.54
C ARG N 58 -43.72 13.50 -35.70
N GLY N 59 -43.29 12.32 -35.26
CA GLY N 59 -42.01 11.80 -35.65
C GLY N 59 -42.05 11.25 -37.05
N ILE N 60 -40.99 10.51 -37.41
CA ILE N 60 -40.90 9.94 -38.75
C ILE N 60 -42.02 8.95 -38.99
N ASP N 61 -42.07 7.88 -38.20
CA ASP N 61 -43.03 6.83 -38.47
C ASP N 61 -44.30 7.24 -37.78
N HIS N 62 -45.23 7.69 -38.60
CA HIS N 62 -46.57 7.94 -38.12
C HIS N 62 -47.49 7.61 -39.27
N TRP N 63 -48.50 6.83 -38.96
CA TRP N 63 -49.36 6.23 -39.95
C TRP N 63 -50.76 6.77 -39.74
N GLN N 64 -51.54 6.73 -40.81
CA GLN N 64 -52.96 6.92 -40.67
C GLN N 64 -53.69 5.94 -41.57
N VAL N 65 -54.79 5.44 -41.05
CA VAL N 65 -55.59 4.41 -41.67
C VAL N 65 -56.91 5.02 -42.08
N ASP N 66 -57.42 4.58 -43.23
CA ASP N 66 -58.84 4.65 -43.49
C ASP N 66 -59.21 3.43 -44.30
N TYR N 67 -60.28 2.74 -43.87
CA TYR N 67 -60.95 1.78 -44.72
C TYR N 67 -61.38 2.49 -45.97
N THR N 68 -61.34 1.78 -47.09
CA THR N 68 -61.84 2.33 -48.34
C THR N 68 -62.53 1.23 -49.15
N HIS N 69 -63.75 1.55 -49.58
CA HIS N 69 -64.55 0.68 -50.42
C HIS N 69 -64.30 1.02 -51.87
N TYR N 70 -63.94 0.00 -52.64
CA TYR N 70 -63.80 0.14 -54.08
C TYR N 70 -64.42 -1.12 -54.69
N GLU N 71 -65.47 -0.92 -55.47
CA GLU N 71 -66.09 -2.00 -56.21
C GLU N 71 -66.63 -3.04 -55.24
N ASP N 72 -67.16 -2.57 -54.12
CA ASP N 72 -67.59 -3.43 -53.02
C ASP N 72 -66.45 -4.33 -52.55
N LYS N 73 -65.26 -3.74 -52.45
CA LYS N 73 -64.11 -4.44 -51.88
C LYS N 73 -63.55 -3.56 -50.79
N ILE N 74 -63.70 -3.99 -49.55
CA ILE N 74 -63.19 -3.24 -48.42
C ILE N 74 -61.69 -3.36 -48.49
N ILE N 75 -61.00 -2.24 -48.32
CA ILE N 75 -59.55 -2.20 -48.37
C ILE N 75 -59.09 -1.42 -47.16
N LEU N 76 -58.10 -1.97 -46.44
CA LEU N 76 -57.56 -1.34 -45.25
C LEU N 76 -56.30 -0.62 -45.67
N VAL N 77 -56.39 0.69 -45.77
CA VAL N 77 -55.29 1.51 -46.26
C VAL N 77 -54.50 1.89 -45.04
N TRP N 78 -53.21 1.96 -45.21
CA TRP N 78 -52.35 2.65 -44.29
C TRP N 78 -51.69 3.77 -45.05
N VAL N 79 -51.49 4.89 -44.36
CA VAL N 79 -50.79 6.02 -44.96
C VAL N 79 -49.79 6.57 -43.96
N GLU N 80 -48.51 6.44 -44.29
CA GLU N 80 -47.49 7.10 -43.51
C GLU N 80 -47.57 8.59 -43.80
N THR N 81 -47.50 9.38 -42.75
CA THR N 81 -47.78 10.79 -42.87
C THR N 81 -46.64 11.59 -43.46
N ASN N 82 -45.41 11.33 -43.03
CA ASN N 82 -44.27 12.13 -43.45
C ASN N 82 -43.78 11.78 -44.85
N SER N 83 -43.26 10.57 -45.06
CA SER N 83 -42.89 10.08 -46.38
C SER N 83 -44.04 10.04 -47.37
N GLY N 84 -45.27 9.96 -46.89
CA GLY N 84 -46.37 9.65 -47.77
C GLY N 84 -46.35 8.22 -48.28
N LEU N 85 -45.57 7.35 -47.67
CA LEU N 85 -45.57 5.95 -48.04
C LEU N 85 -46.83 5.30 -47.50
N ILE N 86 -47.35 4.35 -48.27
CA ILE N 86 -48.69 3.82 -48.06
C ILE N 86 -48.65 2.31 -48.19
N TYR N 87 -49.52 1.64 -47.46
CA TYR N 87 -49.85 0.23 -47.67
C TYR N 87 -51.36 0.18 -47.80
N ALA N 88 -51.84 -0.83 -48.52
CA ALA N 88 -53.25 -1.16 -48.42
C ALA N 88 -53.45 -2.61 -48.82
N GLU N 89 -54.53 -3.19 -48.32
CA GLU N 89 -54.85 -4.58 -48.59
C GLU N 89 -56.36 -4.75 -48.56
N ARG N 90 -56.87 -5.57 -49.47
CA ARG N 90 -58.30 -5.79 -49.56
C ARG N 90 -58.75 -6.54 -48.33
N VAL N 91 -60.01 -6.37 -47.97
CA VAL N 91 -60.54 -6.75 -46.68
C VAL N 91 -61.90 -7.40 -46.89
N LYS N 92 -62.19 -8.40 -46.06
CA LYS N 92 -63.51 -9.00 -46.08
C LYS N 92 -64.52 -8.14 -45.33
N GLY N 93 -64.17 -7.68 -44.14
CA GLY N 93 -65.05 -6.85 -43.34
C GLY N 93 -64.23 -5.93 -42.46
N GLU N 94 -64.91 -4.90 -41.97
CA GLU N 94 -64.26 -3.81 -41.23
C GLU N 94 -64.04 -4.15 -39.76
N THR N 95 -64.20 -5.42 -39.40
CA THR N 95 -64.29 -5.87 -38.02
C THR N 95 -63.02 -5.56 -37.25
N GLY N 96 -63.15 -5.56 -35.93
CA GLY N 96 -61.99 -5.58 -35.06
C GLY N 96 -61.01 -6.68 -35.38
N GLN N 97 -61.46 -7.92 -35.42
CA GLN N 97 -60.52 -9.05 -35.43
C GLN N 97 -59.80 -9.20 -36.75
N GLU N 98 -60.52 -9.13 -37.86
CA GLU N 98 -59.87 -9.18 -39.15
C GLU N 98 -58.84 -8.06 -39.27
N PHE N 99 -59.23 -6.87 -38.84
CA PHE N 99 -58.32 -5.73 -38.81
C PHE N 99 -57.12 -6.01 -37.93
N ARG N 100 -57.34 -6.73 -36.82
CA ARG N 100 -56.22 -7.12 -35.96
C ARG N 100 -55.26 -8.02 -36.72
N VAL N 101 -55.78 -8.99 -37.49
CA VAL N 101 -54.92 -9.87 -38.27
C VAL N 101 -54.11 -9.07 -39.27
N GLN N 102 -54.79 -8.15 -39.96
CA GLN N 102 -54.14 -7.32 -40.96
C GLN N 102 -53.02 -6.50 -40.38
N THR N 103 -53.27 -5.86 -39.25
CA THR N 103 -52.23 -5.00 -38.71
C THR N 103 -51.12 -5.81 -38.07
N MET N 104 -51.38 -7.06 -37.67
CA MET N 104 -50.28 -7.92 -37.24
C MET N 104 -49.33 -8.18 -38.39
N LYS N 105 -49.89 -8.62 -39.52
CA LYS N 105 -49.11 -8.78 -40.74
C LYS N 105 -48.36 -7.52 -41.07
N TRP N 106 -49.09 -6.40 -41.09
CA TRP N 106 -48.56 -5.09 -41.43
C TRP N 106 -47.38 -4.73 -40.54
N TYR N 107 -47.54 -4.90 -39.24
CA TYR N 107 -46.46 -4.61 -38.30
C TYR N 107 -45.30 -5.59 -38.49
N ALA N 108 -45.55 -6.75 -39.10
CA ALA N 108 -44.43 -7.53 -39.60
C ALA N 108 -43.82 -6.90 -40.84
N MET N 109 -44.64 -6.24 -41.65
CA MET N 109 -44.15 -5.51 -42.81
C MET N 109 -43.64 -4.14 -42.41
N PHE N 110 -44.05 -3.63 -41.26
CA PHE N 110 -43.79 -2.26 -40.88
C PHE N 110 -43.34 -2.10 -39.45
N ALA N 111 -42.36 -1.23 -39.28
CA ALA N 111 -42.08 -0.65 -37.99
C ALA N 111 -42.72 0.74 -37.95
N PRO N 112 -43.88 0.86 -37.31
CA PRO N 112 -44.55 2.16 -37.22
C PRO N 112 -44.52 2.70 -35.80
N LYS N 113 -43.93 3.88 -35.61
CA LYS N 113 -43.83 4.49 -34.29
C LYS N 113 -45.17 4.89 -33.68
N SER N 114 -46.06 5.45 -34.50
CA SER N 114 -47.36 5.89 -34.02
C SER N 114 -48.45 5.81 -35.09
N LEU N 115 -49.70 5.76 -34.65
CA LEU N 115 -50.83 5.71 -35.56
C LEU N 115 -51.78 6.85 -35.28
N GLN N 116 -52.45 7.29 -36.33
CA GLN N 116 -53.69 8.05 -36.22
C GLN N 116 -54.77 7.28 -36.94
N SER N 117 -56.01 7.50 -36.52
CA SER N 117 -57.14 7.05 -37.29
C SER N 117 -58.36 7.81 -36.79
N ASP N 118 -59.51 7.50 -37.37
CA ASP N 118 -60.75 8.00 -36.82
C ASP N 118 -61.30 7.00 -35.81
N ASN N 119 -62.54 7.22 -35.41
CA ASN N 119 -63.18 6.50 -34.33
C ASN N 119 -63.89 5.23 -34.78
N GLY N 120 -63.64 4.74 -36.00
CA GLY N 120 -64.28 3.57 -36.51
C GLY N 120 -64.12 2.35 -35.62
N PRO N 121 -64.99 1.34 -35.80
CA PRO N 121 -65.15 0.32 -34.74
C PRO N 121 -63.91 -0.50 -34.44
N ALA N 122 -63.25 -1.02 -35.46
CA ALA N 122 -62.08 -1.85 -35.26
C ALA N 122 -60.98 -1.07 -34.57
N PHE N 123 -60.86 0.20 -34.91
CA PHE N 123 -59.89 1.07 -34.29
C PHE N 123 -60.21 1.22 -32.83
N VAL N 124 -61.45 1.57 -32.55
CA VAL N 124 -61.94 1.76 -31.19
C VAL N 124 -62.27 0.44 -30.52
N ALA N 125 -62.23 -0.68 -31.25
CA ALA N 125 -62.43 -1.98 -30.63
C ALA N 125 -61.37 -2.22 -29.57
N GLU N 126 -61.78 -2.87 -28.47
CA GLU N 126 -60.97 -2.88 -27.26
C GLU N 126 -59.68 -3.66 -27.45
N SER N 127 -59.77 -4.89 -27.94
CA SER N 127 -58.58 -5.72 -28.03
C SER N 127 -57.64 -5.21 -29.11
N THR N 128 -58.13 -4.32 -29.97
CA THR N 128 -57.28 -3.73 -30.97
C THR N 128 -56.38 -2.69 -30.35
N GLN N 129 -56.94 -1.84 -29.51
CA GLN N 129 -56.12 -0.90 -28.75
C GLN N 129 -55.21 -1.64 -27.79
N LEU N 130 -55.72 -2.71 -27.16
CA LEU N 130 -54.86 -3.57 -26.36
C LEU N 130 -53.76 -4.17 -27.19
N LEU N 131 -54.03 -4.38 -28.48
CA LEU N 131 -53.02 -4.94 -29.36
C LEU N 131 -52.05 -3.86 -29.81
N MET N 132 -52.50 -2.61 -29.89
CA MET N 132 -51.56 -1.51 -30.03
C MET N 132 -50.64 -1.46 -28.83
N LYS N 133 -51.16 -1.86 -27.67
CA LYS N 133 -50.36 -1.87 -26.46
C LYS N 133 -49.46 -3.10 -26.40
N TYR N 134 -49.97 -4.23 -26.87
CA TYR N 134 -49.13 -5.41 -27.02
C TYR N 134 -47.98 -5.11 -27.95
N LEU N 135 -48.29 -4.35 -28.98
CA LEU N 135 -47.34 -3.89 -29.98
C LEU N 135 -46.77 -2.53 -29.65
N GLY N 136 -47.32 -1.85 -28.64
CA GLY N 136 -46.68 -0.69 -28.07
C GLY N 136 -46.72 0.50 -28.99
N ILE N 137 -47.67 0.55 -29.90
CA ILE N 137 -47.74 1.60 -30.88
C ILE N 137 -48.66 2.67 -30.33
N GLU N 138 -48.34 3.92 -30.62
CA GLU N 138 -49.19 5.03 -30.22
C GLU N 138 -50.36 5.02 -31.18
N HIS N 139 -51.55 4.82 -30.62
CA HIS N 139 -52.80 4.84 -31.36
C HIS N 139 -53.52 6.12 -30.98
N THR N 140 -53.97 6.86 -31.98
CA THR N 140 -54.82 8.01 -31.75
C THR N 140 -56.06 7.91 -32.62
N THR N 141 -57.20 7.71 -31.98
CA THR N 141 -58.50 7.78 -32.62
C THR N 141 -59.16 9.09 -32.21
N GLY N 142 -59.94 9.61 -33.13
CA GLY N 142 -60.59 10.89 -32.98
C GLY N 142 -60.77 11.48 -34.35
N ILE N 143 -61.47 12.60 -34.41
CA ILE N 143 -61.72 13.24 -35.71
C ILE N 143 -60.36 13.69 -36.24
N PRO N 144 -59.80 13.08 -37.29
CA PRO N 144 -58.50 13.58 -37.74
C PRO N 144 -58.64 14.98 -38.32
N TRP N 145 -57.92 15.90 -37.69
CA TRP N 145 -58.11 17.32 -37.88
C TRP N 145 -57.05 18.00 -38.73
N ASN N 146 -56.01 17.30 -39.14
CA ASN N 146 -54.78 17.99 -39.49
C ASN N 146 -54.74 18.27 -41.00
N PRO N 147 -54.60 19.54 -41.46
CA PRO N 147 -54.55 19.80 -42.91
C PRO N 147 -53.35 19.16 -43.57
N GLN N 148 -52.24 19.06 -42.83
CA GLN N 148 -51.10 18.25 -43.23
C GLN N 148 -51.58 16.85 -43.57
N SER N 149 -52.32 16.24 -42.66
CA SER N 149 -52.74 14.86 -42.83
C SER N 149 -53.82 14.75 -43.89
N GLN N 150 -54.93 15.46 -43.70
CA GLN N 150 -56.16 15.11 -44.40
C GLN N 150 -56.07 15.36 -45.90
N ALA N 151 -55.24 16.31 -46.30
CA ALA N 151 -55.01 16.50 -47.72
C ALA N 151 -54.26 15.31 -48.29
N LEU N 152 -53.22 14.86 -47.58
CA LEU N 152 -52.45 13.71 -48.01
C LEU N 152 -53.32 12.46 -48.06
N VAL N 153 -54.08 12.21 -47.00
CA VAL N 153 -54.90 11.00 -46.92
C VAL N 153 -55.96 11.02 -48.00
N GLU N 154 -56.58 12.18 -48.19
CA GLU N 154 -57.67 12.29 -49.15
C GLU N 154 -57.16 12.07 -50.57
N ARG N 155 -56.13 12.83 -50.95
CA ARG N 155 -55.50 12.63 -52.25
C ARG N 155 -54.96 11.22 -52.42
N THR N 156 -54.55 10.60 -51.32
CA THR N 156 -54.04 9.24 -51.37
C THR N 156 -55.13 8.27 -51.76
N HIS N 157 -56.34 8.45 -51.21
CA HIS N 157 -57.42 7.53 -51.55
C HIS N 157 -58.01 7.84 -52.91
N GLN N 158 -58.05 9.12 -53.28
CA GLN N 158 -58.48 9.49 -54.63
C GLN N 158 -57.56 8.88 -55.66
N THR N 159 -56.27 9.11 -55.50
CA THR N 159 -55.26 8.57 -56.39
C THR N 159 -55.26 7.05 -56.33
N LEU N 160 -55.61 6.49 -55.17
CA LEU N 160 -55.71 5.04 -55.04
C LEU N 160 -56.78 4.51 -55.99
N LYS N 161 -58.00 5.03 -55.86
CA LYS N 161 -59.10 4.56 -56.70
C LYS N 161 -58.82 4.85 -58.16
N ASN N 162 -58.14 5.97 -58.42
CA ASN N 162 -57.68 6.32 -59.75
C ASN N 162 -56.83 5.19 -60.34
N THR N 163 -55.80 4.78 -59.63
CA THR N 163 -54.85 3.81 -60.17
C THR N 163 -55.36 2.39 -60.12
N LEU N 164 -56.18 2.06 -59.14
CA LEU N 164 -56.94 0.82 -59.19
C LEU N 164 -57.70 0.75 -60.49
N GLU N 165 -58.41 1.82 -60.82
CA GLU N 165 -59.20 1.85 -62.04
C GLU N 165 -58.31 1.73 -63.27
N LYS N 166 -57.10 2.24 -63.20
CA LYS N 166 -56.17 2.00 -64.30
C LYS N 166 -55.80 0.53 -64.43
N LEU N 167 -55.31 -0.07 -63.34
CA LEU N 167 -54.58 -1.33 -63.41
C LEU N 167 -55.44 -2.59 -63.36
N ILE N 168 -56.54 -2.61 -62.60
CA ILE N 168 -57.34 -3.83 -62.42
C ILE N 168 -57.78 -4.52 -63.71
N PRO N 169 -58.03 -3.83 -64.84
CA PRO N 169 -58.26 -4.58 -66.08
C PRO N 169 -57.07 -5.41 -66.49
N MET N 170 -55.86 -4.98 -66.13
CA MET N 170 -54.63 -5.59 -66.61
C MET N 170 -54.24 -6.86 -65.85
N PHE N 171 -55.05 -7.28 -64.87
CA PHE N 171 -54.68 -8.33 -63.95
C PHE N 171 -55.85 -9.27 -63.72
N ASN N 172 -55.54 -10.56 -63.63
CA ASN N 172 -56.52 -11.54 -63.19
C ASN N 172 -56.97 -11.24 -61.76
N ALA N 173 -56.02 -11.25 -60.83
CA ALA N 173 -56.34 -11.01 -59.43
C ALA N 173 -56.41 -9.52 -59.15
N PHE N 174 -57.55 -9.09 -58.60
CA PHE N 174 -57.67 -7.74 -58.06
C PHE N 174 -56.63 -7.50 -56.97
N GLU N 175 -56.23 -8.55 -56.26
CA GLU N 175 -55.20 -8.41 -55.23
C GLU N 175 -53.85 -8.10 -55.83
N SER N 176 -53.46 -8.83 -56.87
CA SER N 176 -52.22 -8.52 -57.56
C SER N 176 -52.29 -7.17 -58.25
N ALA N 177 -53.49 -6.72 -58.64
CA ALA N 177 -53.64 -5.37 -59.17
C ALA N 177 -53.42 -4.33 -58.08
N LEU N 178 -53.94 -4.61 -56.89
CA LEU N 178 -53.73 -3.73 -55.74
C LEU N 178 -52.26 -3.65 -55.38
N ALA N 179 -51.59 -4.81 -55.35
CA ALA N 179 -50.13 -4.85 -55.29
C ALA N 179 -49.52 -4.02 -56.42
N GLY N 180 -50.17 -4.04 -57.58
CA GLY N 180 -49.73 -3.20 -58.68
C GLY N 180 -49.73 -1.73 -58.33
N THR N 181 -50.84 -1.23 -57.78
CA THR N 181 -50.90 0.16 -57.40
C THR N 181 -49.88 0.51 -56.33
N LEU N 182 -49.68 -0.39 -55.35
CA LEU N 182 -48.65 -0.13 -54.34
C LEU N 182 -47.28 -0.05 -54.97
N ILE N 183 -47.04 -0.82 -56.03
CA ILE N 183 -45.76 -0.75 -56.73
C ILE N 183 -45.62 0.61 -57.39
N THR N 184 -46.66 1.01 -58.14
CA THR N 184 -46.64 2.28 -58.84
C THR N 184 -46.35 3.43 -57.90
N LEU N 185 -47.08 3.50 -56.80
CA LEU N 185 -47.04 4.66 -55.93
C LEU N 185 -45.86 4.65 -54.96
N ASN N 186 -45.57 3.51 -54.35
CA ASN N 186 -44.51 3.42 -53.34
C ASN N 186 -43.14 3.27 -53.96
N ILE N 187 -43.04 2.63 -55.12
CA ILE N 187 -41.78 2.36 -55.78
C ILE N 187 -41.62 3.22 -57.03
N LYS N 188 -42.46 2.98 -58.03
CA LYS N 188 -42.23 3.57 -59.33
C LYS N 188 -42.42 5.07 -59.31
N ARG N 189 -43.46 5.53 -58.64
CA ARG N 189 -43.79 6.94 -58.58
C ARG N 189 -42.67 7.61 -57.80
N LYS N 190 -42.27 8.79 -58.25
CA LYS N 190 -41.15 9.53 -57.70
C LYS N 190 -41.47 11.01 -57.67
N GLY N 191 -40.62 11.74 -56.96
CA GLY N 191 -40.73 13.18 -56.88
C GLY N 191 -39.41 13.82 -56.54
N GLY N 192 -39.24 15.09 -56.89
CA GLY N 192 -37.99 15.76 -56.60
C GLY N 192 -36.86 15.16 -57.40
N LEU N 193 -35.87 14.63 -56.69
CA LEU N 193 -34.67 14.06 -57.27
C LEU N 193 -34.83 12.60 -57.66
N GLY N 194 -36.06 12.09 -57.70
CA GLY N 194 -36.34 10.69 -57.96
C GLY N 194 -36.80 9.93 -56.73
N THR N 195 -37.34 10.63 -55.74
CA THR N 195 -37.71 10.05 -54.47
C THR N 195 -39.08 9.41 -54.56
N SER N 196 -39.15 8.09 -54.40
CA SER N 196 -40.41 7.45 -54.12
C SER N 196 -40.65 7.50 -52.62
N PRO N 197 -41.88 7.27 -52.16
CA PRO N 197 -42.09 7.23 -50.72
C PRO N 197 -41.32 6.12 -50.05
N MET N 198 -41.09 5.03 -50.79
CA MET N 198 -40.36 3.92 -50.22
C MET N 198 -38.93 4.31 -49.92
N ASP N 199 -38.32 5.05 -50.82
CA ASP N 199 -36.91 5.36 -50.66
C ASP N 199 -36.72 6.42 -49.59
N ILE N 200 -37.61 7.41 -49.57
CA ILE N 200 -37.70 8.35 -48.46
C ILE N 200 -37.79 7.58 -47.17
N PHE N 201 -38.71 6.63 -47.13
CA PHE N 201 -39.01 5.90 -45.92
C PHE N 201 -37.79 5.14 -45.43
N ILE N 202 -37.27 4.27 -46.30
CA ILE N 202 -36.09 3.44 -46.02
C ILE N 202 -34.95 4.31 -45.52
N PHE N 203 -34.77 5.47 -46.15
CA PHE N 203 -33.76 6.40 -45.70
C PHE N 203 -34.03 6.84 -44.28
N ASN N 204 -35.28 7.16 -43.99
CA ASN N 204 -35.59 7.76 -42.71
C ASN N 204 -35.40 6.76 -41.60
N LYS N 205 -35.88 5.54 -41.85
CA LYS N 205 -35.62 4.42 -40.98
C LYS N 205 -34.14 4.22 -40.78
N GLU N 206 -33.38 4.39 -41.86
CA GLU N 206 -31.96 4.13 -41.80
C GLU N 206 -31.28 5.12 -40.87
N GLN N 207 -31.50 6.40 -41.10
CA GLN N 207 -30.87 7.42 -40.29
C GLN N 207 -31.39 7.40 -38.87
N GLN N 208 -32.60 6.91 -38.66
CA GLN N 208 -33.17 6.86 -37.33
C GLN N 208 -32.52 5.77 -36.51
N ARG N 209 -32.48 4.57 -37.11
CA ARG N 209 -31.72 3.45 -36.60
C ARG N 209 -30.32 3.89 -36.24
N ILE N 210 -29.71 4.59 -37.17
CA ILE N 210 -28.32 4.98 -37.04
C ILE N 210 -28.19 6.08 -35.99
N GLN N 211 -29.28 6.81 -35.76
CA GLN N 211 -29.31 7.67 -34.58
C GLN N 211 -29.18 6.84 -33.33
N GLN N 212 -29.90 5.71 -33.29
CA GLN N 212 -29.76 4.81 -32.14
C GLN N 212 -28.33 4.31 -32.03
N GLN N 213 -27.73 3.95 -33.16
CA GLN N 213 -26.38 3.39 -33.14
C GLN N 213 -25.37 4.41 -32.65
N SER N 214 -25.45 5.60 -33.21
CA SER N 214 -24.63 6.73 -32.80
C SER N 214 -24.70 6.93 -31.30
N LYS N 215 -25.92 7.12 -30.80
CA LYS N 215 -26.12 7.53 -29.42
C LYS N 215 -25.68 6.44 -28.47
N SER N 216 -25.93 5.19 -28.85
CA SER N 216 -25.63 4.07 -27.98
C SER N 216 -24.15 3.80 -27.96
N LYS N 217 -23.55 3.72 -29.13
CA LYS N 217 -22.18 3.26 -29.23
C LYS N 217 -21.24 4.28 -28.65
N GLN N 218 -21.43 5.55 -28.98
CA GLN N 218 -20.36 6.50 -28.70
C GLN N 218 -20.32 6.83 -27.23
N GLU N 219 -21.28 7.60 -26.78
CA GLU N 219 -21.14 8.31 -25.52
C GLU N 219 -21.39 7.35 -24.39
N LYS N 220 -20.38 7.23 -23.54
CA LYS N 220 -20.63 6.87 -22.17
C LYS N 220 -20.43 8.14 -21.38
N ILE N 221 -21.57 8.70 -20.98
CA ILE N 221 -21.58 9.87 -20.13
C ILE N 221 -21.30 9.42 -18.72
N ARG N 222 -20.94 10.34 -17.86
CA ARG N 222 -21.19 10.22 -16.44
C ARG N 222 -21.82 11.51 -15.96
N PHE N 223 -22.51 11.43 -14.84
CA PHE N 223 -23.06 12.59 -14.15
C PHE N 223 -22.53 12.63 -12.72
N CYS N 224 -22.71 13.79 -12.06
CA CYS N 224 -22.32 13.87 -10.67
C CYS N 224 -23.05 14.98 -9.92
N TYR N 225 -23.14 14.79 -8.61
CA TYR N 225 -23.27 15.88 -7.66
C TYR N 225 -21.92 16.52 -7.44
N TYR N 226 -21.96 17.71 -6.85
CA TYR N 226 -20.78 18.53 -6.74
C TYR N 226 -20.96 19.49 -5.58
N ARG N 227 -19.85 20.12 -5.21
CA ARG N 227 -19.87 21.08 -4.14
C ARG N 227 -18.63 21.95 -4.24
N THR N 228 -18.57 22.95 -3.38
CA THR N 228 -17.58 24.02 -3.47
C THR N 228 -17.22 24.55 -2.10
N ARG N 229 -16.05 25.18 -2.06
CA ARG N 229 -15.37 25.48 -0.82
C ARG N 229 -15.30 26.96 -0.54
N LYS N 230 -15.75 27.30 0.66
CA LYS N 230 -15.92 28.67 1.09
C LYS N 230 -15.17 28.80 2.39
N ARG N 231 -14.07 29.53 2.38
CA ARG N 231 -13.08 29.43 3.42
C ARG N 231 -12.66 27.98 3.61
N GLY N 232 -12.64 27.24 2.49
CA GLY N 232 -12.44 25.82 2.50
C GLY N 232 -13.71 25.02 2.74
N HIS N 233 -14.73 25.62 3.31
CA HIS N 233 -15.85 24.85 3.78
C HIS N 233 -16.64 24.34 2.59
N PRO N 234 -16.74 23.01 2.39
CA PRO N 234 -17.34 22.50 1.17
C PRO N 234 -18.82 22.82 1.10
N GLY N 235 -19.31 22.90 -0.13
CA GLY N 235 -20.71 23.11 -0.39
C GLY N 235 -21.51 21.87 -0.06
N GLU N 236 -22.82 22.01 -0.21
CA GLU N 236 -23.68 20.84 -0.24
C GLU N 236 -23.57 20.16 -1.59
N TRP N 237 -24.02 18.92 -1.64
CA TRP N 237 -24.09 18.24 -2.91
C TRP N 237 -25.22 18.79 -3.75
N GLN N 238 -24.90 19.07 -5.00
CA GLN N 238 -25.62 20.03 -5.81
C GLN N 238 -25.87 19.50 -7.19
N GLY N 239 -26.74 20.18 -7.90
CA GLY N 239 -27.22 19.68 -9.17
C GLY N 239 -28.06 18.44 -8.85
N PRO N 240 -27.66 17.26 -9.33
CA PRO N 240 -26.49 16.89 -10.10
C PRO N 240 -26.60 17.21 -11.55
N THR N 241 -25.47 17.15 -12.22
CA THR N 241 -25.37 17.47 -13.63
C THR N 241 -24.31 16.59 -14.27
N GLN N 242 -23.89 16.96 -15.47
CA GLN N 242 -23.18 16.06 -16.35
C GLN N 242 -21.69 16.25 -16.42
N VAL N 243 -21.00 15.13 -16.57
CA VAL N 243 -19.59 15.16 -16.92
C VAL N 243 -19.49 15.67 -18.33
N LEU N 244 -18.78 16.77 -18.47
CA LEU N 244 -18.53 17.34 -19.76
C LEU N 244 -17.23 16.84 -20.33
N TRP N 245 -16.14 17.25 -19.72
CA TRP N 245 -14.82 16.76 -20.06
C TRP N 245 -14.31 16.01 -18.85
N GLY N 246 -13.92 14.76 -19.07
CA GLY N 246 -13.34 13.94 -18.03
C GLY N 246 -11.85 14.18 -17.95
N GLY N 247 -11.35 14.21 -16.72
CA GLY N 247 -9.94 14.11 -16.47
C GLY N 247 -9.73 13.33 -15.19
N ASP N 248 -8.51 12.88 -15.03
CA ASP N 248 -8.24 12.02 -13.91
C ASP N 248 -8.22 12.93 -12.69
N GLY N 249 -9.11 12.66 -11.76
CA GLY N 249 -9.21 13.39 -10.54
C GLY N 249 -10.01 14.66 -10.63
N ALA N 250 -10.38 15.10 -11.82
CA ALA N 250 -11.27 16.24 -11.96
C ALA N 250 -11.54 16.44 -13.44
N ILE N 251 -12.51 17.30 -13.71
CA ILE N 251 -13.29 17.24 -14.93
C ILE N 251 -13.65 18.64 -15.37
N VAL N 252 -14.55 18.71 -16.34
CA VAL N 252 -15.32 19.91 -16.58
C VAL N 252 -16.79 19.60 -16.40
N VAL N 253 -17.50 20.57 -15.85
CA VAL N 253 -18.94 20.54 -15.65
C VAL N 253 -19.44 21.95 -15.80
N LYS N 254 -20.74 22.06 -15.96
CA LYS N 254 -21.40 23.34 -16.02
C LYS N 254 -22.09 23.61 -14.70
N ASP N 255 -22.00 24.85 -14.27
CA ASP N 255 -22.84 25.38 -13.22
C ASP N 255 -24.19 25.71 -13.82
N ARG N 256 -25.24 25.06 -13.35
CA ARG N 256 -26.54 25.37 -13.88
C ARG N 256 -26.98 26.77 -13.49
N GLY N 257 -26.75 27.13 -12.24
CA GLY N 257 -27.07 28.45 -11.73
C GLY N 257 -26.44 29.59 -12.51
N THR N 258 -25.13 29.53 -12.75
CA THR N 258 -24.44 30.54 -13.54
C THR N 258 -24.28 30.15 -15.00
N ASP N 259 -24.74 28.96 -15.40
CA ASP N 259 -24.66 28.52 -16.79
C ASP N 259 -23.21 28.42 -17.24
N ARG N 260 -22.31 28.19 -16.29
CA ARG N 260 -20.90 28.42 -16.48
C ARG N 260 -20.11 27.16 -16.19
N TYR N 261 -19.07 26.95 -16.98
CA TYR N 261 -18.25 25.78 -16.78
C TYR N 261 -17.42 25.86 -15.52
N LEU N 262 -17.15 24.71 -14.92
CA LEU N 262 -16.35 24.68 -13.70
C LEU N 262 -15.49 23.43 -13.60
N VAL N 263 -14.40 23.54 -12.85
CA VAL N 263 -13.50 22.41 -12.63
C VAL N 263 -13.70 22.02 -11.18
N ILE N 264 -14.03 20.76 -10.94
CA ILE N 264 -14.29 20.31 -9.57
C ILE N 264 -13.43 19.15 -9.07
N ALA N 265 -12.88 19.34 -7.88
CA ALA N 265 -12.09 18.33 -7.22
C ALA N 265 -12.93 17.10 -6.96
N ASN N 266 -12.42 15.99 -7.51
CA ASN N 266 -13.04 14.67 -7.43
C ASN N 266 -13.60 14.33 -6.08
N LYS N 267 -12.86 14.68 -5.03
CA LYS N 267 -13.29 14.59 -3.66
C LYS N 267 -14.64 15.23 -3.44
N ASP N 268 -14.87 16.33 -4.11
CA ASP N 268 -16.12 17.06 -4.10
C ASP N 268 -16.98 16.71 -5.31
N VAL N 269 -16.67 15.60 -5.99
CA VAL N 269 -17.45 15.10 -7.12
C VAL N 269 -18.09 13.79 -6.75
N LYS N 270 -19.39 13.82 -6.55
CA LYS N 270 -20.13 12.61 -6.22
C LYS N 270 -20.66 12.04 -7.53
N PHE N 271 -20.07 10.93 -7.97
CA PHE N 271 -20.35 10.40 -9.29
C PHE N 271 -21.71 9.75 -9.39
N ILE N 272 -22.25 9.75 -10.59
CA ILE N 272 -23.60 9.25 -10.83
C ILE N 272 -23.55 8.53 -12.18
N PRO N 273 -24.31 7.47 -12.38
CA PRO N 273 -24.50 6.99 -13.72
C PRO N 273 -25.33 7.96 -14.53
N PRO N 274 -25.19 7.98 -15.85
CA PRO N 274 -25.80 9.03 -16.67
C PRO N 274 -27.32 9.06 -16.61
N PRO N 275 -28.02 7.93 -16.78
CA PRO N 275 -29.44 8.05 -17.16
C PRO N 275 -30.32 8.69 -16.12
N LYS N 276 -29.84 8.78 -14.88
CA LYS N 276 -30.59 9.36 -13.78
C LYS N 276 -31.91 8.58 -13.68
N GLU N 277 -33.05 9.22 -13.48
CA GLU N 277 -34.30 8.49 -13.37
C GLU N 277 -34.72 7.93 -14.73
N ILE N 278 -34.21 8.51 -15.81
CA ILE N 278 -34.64 8.13 -17.14
C ILE N 278 -33.87 6.88 -17.56
N ASN O 4 -34.30 5.27 -74.22
CA ASN O 4 -34.84 5.09 -72.89
C ASN O 4 -36.30 5.52 -72.79
N ILE O 5 -36.65 6.53 -73.58
CA ILE O 5 -38.06 6.89 -73.77
C ILE O 5 -38.87 5.69 -74.23
N PRO O 6 -38.39 4.83 -75.15
CA PRO O 6 -39.18 3.63 -75.53
C PRO O 6 -39.51 2.72 -74.36
N LEU O 7 -38.50 2.37 -73.58
CA LEU O 7 -38.69 1.48 -72.45
C LEU O 7 -39.50 2.18 -71.38
N ALA O 8 -39.48 3.51 -71.37
CA ALA O 8 -40.30 4.27 -70.45
C ALA O 8 -41.77 4.23 -70.83
N GLU O 9 -42.10 4.17 -72.13
CA GLU O 9 -43.51 4.04 -72.48
C GLU O 9 -43.99 2.60 -72.37
N GLU O 10 -43.12 1.62 -72.64
CA GLU O 10 -43.50 0.24 -72.32
C GLU O 10 -43.76 0.12 -70.84
N GLU O 11 -42.87 0.69 -70.04
CA GLU O 11 -43.04 0.69 -68.59
C GLU O 11 -44.25 1.50 -68.17
N HIS O 12 -44.64 2.49 -68.97
CA HIS O 12 -45.78 3.32 -68.60
C HIS O 12 -47.09 2.65 -68.93
N ASN O 13 -47.21 2.12 -70.13
CA ASN O 13 -48.38 1.32 -70.50
C ASN O 13 -48.58 0.17 -69.55
N LYS O 14 -47.49 -0.46 -69.12
CA LYS O 14 -47.57 -1.39 -68.01
C LYS O 14 -48.07 -0.71 -66.74
N TRP O 15 -47.21 0.10 -66.14
CA TRP O 15 -47.37 0.58 -64.77
C TRP O 15 -47.92 1.98 -64.61
N HIS O 16 -47.97 2.79 -65.66
CA HIS O 16 -48.62 4.10 -65.64
C HIS O 16 -48.04 5.03 -64.58
N GLN O 17 -46.78 5.43 -64.75
CA GLN O 17 -46.12 6.33 -63.83
C GLN O 17 -46.46 7.78 -64.15
N ASP O 18 -45.92 8.68 -63.34
CA ASP O 18 -45.90 10.10 -63.68
C ASP O 18 -44.77 10.38 -64.65
N ALA O 19 -44.95 11.45 -65.43
CA ALA O 19 -43.89 11.91 -66.31
C ALA O 19 -42.69 12.38 -65.50
N VAL O 20 -42.94 12.89 -64.30
CA VAL O 20 -41.85 13.18 -63.38
C VAL O 20 -41.12 11.89 -63.05
N SER O 21 -41.87 10.80 -62.87
CA SER O 21 -41.28 9.56 -62.41
C SER O 21 -40.59 8.83 -63.55
N LEU O 22 -41.07 9.02 -64.79
CA LEU O 22 -40.40 8.42 -65.94
C LEU O 22 -39.19 9.23 -66.35
N HIS O 23 -39.34 10.55 -66.32
CA HIS O 23 -38.22 11.47 -66.43
C HIS O 23 -37.11 11.11 -65.45
N LEU O 24 -37.45 10.99 -64.17
CA LEU O 24 -36.46 10.75 -63.14
C LEU O 24 -35.96 9.31 -63.15
N GLU O 25 -36.81 8.37 -63.54
CA GLU O 25 -36.42 6.98 -63.63
C GLU O 25 -35.46 6.73 -64.77
N PHE O 26 -35.81 7.20 -65.96
CA PHE O 26 -35.06 6.92 -67.17
C PHE O 26 -34.14 8.05 -67.61
N GLY O 27 -34.17 9.19 -66.91
CA GLY O 27 -33.33 10.32 -67.30
C GLY O 27 -33.69 10.93 -68.63
N ILE O 28 -34.88 10.62 -69.16
CA ILE O 28 -35.37 11.20 -70.41
C ILE O 28 -35.71 12.65 -70.11
N PRO O 29 -35.78 13.55 -71.09
CA PRO O 29 -36.23 14.91 -70.77
C PRO O 29 -37.67 14.88 -70.28
N ARG O 30 -37.98 15.77 -69.35
CA ARG O 30 -39.30 15.78 -68.74
C ARG O 30 -40.38 16.08 -69.75
N THR O 31 -40.06 16.83 -70.80
CA THR O 31 -40.99 17.02 -71.91
C THR O 31 -41.37 15.70 -72.55
N ALA O 32 -40.37 14.85 -72.82
CA ALA O 32 -40.64 13.55 -73.42
C ALA O 32 -41.49 12.67 -72.52
N ALA O 33 -41.22 12.70 -71.21
CA ALA O 33 -42.02 11.93 -70.28
C ALA O 33 -43.46 12.42 -70.24
N GLU O 34 -43.64 13.74 -70.25
CA GLU O 34 -44.96 14.33 -70.39
C GLU O 34 -45.65 13.85 -71.65
N ASP O 35 -44.90 13.65 -72.73
CA ASP O 35 -45.48 13.12 -73.95
C ASP O 35 -45.85 11.65 -73.81
N ILE O 36 -45.12 10.91 -72.98
CA ILE O 36 -45.54 9.53 -72.69
C ILE O 36 -46.88 9.52 -71.99
N VAL O 37 -47.00 10.29 -70.91
CA VAL O 37 -48.21 10.20 -70.09
C VAL O 37 -49.40 10.75 -70.85
N GLN O 38 -49.25 11.96 -71.40
CA GLN O 38 -50.37 12.64 -72.01
C GLN O 38 -50.88 11.92 -73.26
N GLN O 39 -50.07 11.06 -73.84
CA GLN O 39 -50.48 10.19 -74.93
C GLN O 39 -51.04 8.86 -74.46
N CYS O 40 -50.86 8.52 -73.19
CA CYS O 40 -51.41 7.27 -72.66
C CYS O 40 -52.86 7.49 -72.27
N ASP O 41 -53.73 6.69 -72.87
CA ASP O 41 -55.17 6.88 -72.66
C ASP O 41 -55.58 6.42 -71.28
N VAL O 42 -54.86 5.44 -70.72
CA VAL O 42 -55.09 5.04 -69.34
C VAL O 42 -54.93 6.22 -68.40
N CYS O 43 -53.92 7.05 -68.66
CA CYS O 43 -53.62 8.17 -67.78
C CYS O 43 -54.50 9.38 -68.10
N GLN O 44 -54.91 9.56 -69.36
CA GLN O 44 -55.80 10.67 -69.69
C GLN O 44 -57.26 10.30 -69.47
N GLU O 45 -57.57 9.01 -69.37
CA GLU O 45 -58.87 8.60 -68.86
C GLU O 45 -58.96 8.71 -67.34
N ASN O 46 -57.84 8.52 -66.63
CA ASN O 46 -57.80 8.50 -65.17
C ASN O 46 -56.93 9.67 -64.70
N LYS O 47 -57.59 10.72 -64.17
CA LYS O 47 -56.91 11.87 -63.60
C LYS O 47 -57.67 12.36 -62.38
N MET O 48 -56.94 12.56 -61.29
CA MET O 48 -57.54 13.02 -60.04
C MET O 48 -58.12 14.42 -60.18
N ILE O 60 -43.91 23.02 -64.65
CA ILE O 60 -42.60 23.45 -64.18
C ILE O 60 -42.53 24.96 -64.27
N ASP O 61 -41.85 25.57 -63.30
CA ASP O 61 -41.73 27.02 -63.19
C ASP O 61 -43.13 27.63 -63.08
N HIS O 62 -44.02 26.93 -62.38
CA HIS O 62 -45.42 27.29 -62.27
C HIS O 62 -45.68 27.73 -60.84
N TRP O 63 -46.41 28.83 -60.71
CA TRP O 63 -46.41 29.62 -59.49
C TRP O 63 -47.84 30.05 -59.16
N GLN O 64 -47.99 30.57 -57.95
CA GLN O 64 -49.18 31.31 -57.59
C GLN O 64 -48.80 32.52 -56.74
N VAL O 65 -49.65 33.55 -56.78
CA VAL O 65 -49.51 34.75 -55.96
C VAL O 65 -50.81 34.97 -55.20
N ASP O 66 -50.67 35.45 -53.97
CA ASP O 66 -51.71 36.19 -53.28
C ASP O 66 -51.03 37.21 -52.39
N TYR O 67 -51.59 38.42 -52.36
CA TYR O 67 -51.15 39.40 -51.38
C TYR O 67 -51.50 38.91 -50.00
N THR O 68 -50.78 39.41 -49.02
CA THR O 68 -51.13 39.19 -47.65
C THR O 68 -50.57 40.32 -46.81
N HIS O 69 -51.29 40.62 -45.74
CA HIS O 69 -50.88 41.60 -44.75
C HIS O 69 -50.33 40.86 -43.56
N TYR O 70 -49.11 41.24 -43.15
CA TYR O 70 -48.52 40.75 -41.90
C TYR O 70 -48.15 41.98 -41.08
N GLU O 71 -48.88 42.18 -39.99
CA GLU O 71 -48.75 43.33 -39.10
C GLU O 71 -48.72 44.63 -39.91
N ASP O 72 -49.80 44.91 -40.63
CA ASP O 72 -49.97 46.17 -41.36
C ASP O 72 -48.87 46.37 -42.39
N LYS O 73 -48.36 45.26 -42.94
CA LYS O 73 -47.35 45.31 -43.98
C LYS O 73 -47.78 44.33 -45.05
N ILE O 74 -48.08 44.83 -46.23
CA ILE O 74 -48.49 43.98 -47.33
C ILE O 74 -47.23 43.25 -47.75
N ILE O 75 -47.39 41.97 -48.07
CA ILE O 75 -46.29 41.16 -48.56
C ILE O 75 -46.81 40.45 -49.81
N LEU O 76 -46.12 40.65 -50.92
CA LEU O 76 -46.45 39.98 -52.18
C LEU O 76 -45.78 38.62 -52.13
N VAL O 77 -46.58 37.56 -52.17
CA VAL O 77 -46.14 36.22 -51.80
C VAL O 77 -46.17 35.36 -53.05
N TRP O 78 -44.99 35.04 -53.59
CA TRP O 78 -44.88 34.12 -54.71
C TRP O 78 -44.59 32.74 -54.15
N VAL O 79 -45.29 31.74 -54.68
CA VAL O 79 -45.18 30.35 -54.23
C VAL O 79 -45.14 29.46 -55.46
N GLU O 80 -44.08 28.68 -55.60
CA GLU O 80 -43.94 27.80 -56.74
C GLU O 80 -44.67 26.50 -56.47
N THR O 81 -45.58 26.14 -57.37
CA THR O 81 -46.54 25.08 -57.08
C THR O 81 -45.92 23.70 -56.95
N ASN O 82 -44.78 23.46 -57.60
CA ASN O 82 -44.12 22.17 -57.57
C ASN O 82 -43.11 22.04 -56.42
N SER O 83 -41.97 22.72 -56.50
CA SER O 83 -40.93 22.66 -55.49
C SER O 83 -41.36 23.11 -54.10
N GLY O 84 -42.45 23.89 -53.99
CA GLY O 84 -42.75 24.56 -52.74
C GLY O 84 -41.84 25.71 -52.42
N LEU O 85 -41.16 26.24 -53.44
CA LEU O 85 -40.15 27.28 -53.23
C LEU O 85 -40.81 28.65 -53.31
N ILE O 86 -40.45 29.52 -52.37
CA ILE O 86 -41.19 30.76 -52.13
C ILE O 86 -40.28 31.96 -52.35
N TYR O 87 -40.90 33.12 -52.55
CA TYR O 87 -40.25 34.41 -52.64
C TYR O 87 -41.18 35.41 -51.96
N ALA O 88 -40.63 36.49 -51.44
CA ALA O 88 -41.45 37.58 -50.92
C ALA O 88 -40.67 38.88 -50.87
N GLU O 89 -41.40 39.98 -50.83
CA GLU O 89 -40.86 41.30 -50.60
C GLU O 89 -41.94 42.16 -49.97
N ARG O 90 -41.53 43.10 -49.12
CA ARG O 90 -42.49 44.00 -48.49
C ARG O 90 -43.12 44.86 -49.57
N VAL O 91 -44.36 45.28 -49.34
CA VAL O 91 -45.20 45.91 -50.34
C VAL O 91 -45.81 47.16 -49.73
N LYS O 92 -45.76 48.25 -50.50
CA LYS O 92 -46.37 49.50 -50.06
C LYS O 92 -47.87 49.49 -50.28
N GLY O 93 -48.32 48.84 -51.35
CA GLY O 93 -49.73 48.79 -51.66
C GLY O 93 -50.00 47.63 -52.60
N GLU O 94 -51.27 47.21 -52.63
CA GLU O 94 -51.69 46.12 -53.52
C GLU O 94 -51.97 46.60 -54.93
N THR O 95 -51.65 47.86 -55.23
CA THR O 95 -51.88 48.47 -56.52
C THR O 95 -51.18 47.70 -57.64
N GLY O 96 -51.75 47.83 -58.85
CA GLY O 96 -51.24 47.11 -59.99
C GLY O 96 -49.85 47.49 -60.44
N GLN O 97 -49.55 48.78 -60.55
CA GLN O 97 -48.24 49.23 -61.02
C GLN O 97 -47.11 48.68 -60.16
N GLU O 98 -47.29 48.71 -58.84
CA GLU O 98 -46.31 48.10 -57.95
C GLU O 98 -46.12 46.63 -58.28
N PHE O 99 -47.22 45.91 -58.55
CA PHE O 99 -47.11 44.49 -58.89
C PHE O 99 -46.39 44.28 -60.21
N ARG O 100 -46.62 45.15 -61.19
CA ARG O 100 -45.87 45.06 -62.45
C ARG O 100 -44.38 45.19 -62.20
N VAL O 101 -43.99 46.12 -61.33
CA VAL O 101 -42.59 46.24 -60.97
C VAL O 101 -42.11 44.98 -60.25
N GLN O 102 -42.96 44.40 -59.40
CA GLN O 102 -42.54 43.24 -58.63
C GLN O 102 -42.39 42.01 -59.49
N THR O 103 -43.20 41.88 -60.56
CA THR O 103 -43.07 40.74 -61.46
C THR O 103 -42.01 41.00 -62.53
N MET O 104 -41.60 42.25 -62.73
CA MET O 104 -40.39 42.51 -63.49
C MET O 104 -39.16 42.09 -62.70
N LYS O 105 -39.03 42.60 -61.47
CA LYS O 105 -37.97 42.15 -60.58
C LYS O 105 -38.00 40.66 -60.39
N TRP O 106 -39.18 40.09 -60.23
CA TRP O 106 -39.29 38.69 -59.89
C TRP O 106 -39.09 37.80 -61.11
N TYR O 107 -39.60 38.23 -62.27
CA TYR O 107 -39.25 37.57 -63.53
C TYR O 107 -37.77 37.68 -63.82
N ALA O 108 -37.09 38.66 -63.21
CA ALA O 108 -35.63 38.64 -63.17
C ALA O 108 -35.10 37.56 -62.25
N MET O 109 -35.61 37.49 -61.02
CA MET O 109 -34.99 36.58 -60.06
C MET O 109 -35.36 35.12 -60.33
N PHE O 110 -36.30 34.85 -61.25
CA PHE O 110 -36.67 33.50 -61.63
C PHE O 110 -36.97 33.47 -63.12
N ALA O 111 -37.34 32.27 -63.60
CA ALA O 111 -37.64 32.03 -65.01
C ALA O 111 -39.04 31.43 -65.11
N PRO O 112 -40.07 32.19 -64.73
CA PRO O 112 -41.41 31.61 -64.65
C PRO O 112 -41.98 31.24 -66.01
N LYS O 113 -42.57 30.05 -66.06
CA LYS O 113 -43.34 29.56 -67.19
C LYS O 113 -44.78 30.05 -67.16
N SER O 114 -45.41 29.99 -65.99
CA SER O 114 -46.87 30.10 -65.89
C SER O 114 -47.21 30.56 -64.48
N LEU O 115 -48.47 31.00 -64.31
CA LEU O 115 -48.92 31.55 -63.04
C LEU O 115 -50.38 31.18 -62.79
N GLN O 116 -50.72 31.09 -61.51
CA GLN O 116 -52.10 31.14 -61.02
C GLN O 116 -52.22 32.33 -60.08
N SER O 117 -53.45 32.76 -59.82
CA SER O 117 -53.70 33.78 -58.82
C SER O 117 -55.20 33.98 -58.72
N ASP O 118 -55.60 34.82 -57.77
CA ASP O 118 -56.98 35.28 -57.72
C ASP O 118 -57.20 36.37 -58.77
N ASN O 119 -58.41 36.92 -58.76
CA ASN O 119 -58.84 37.97 -59.67
C ASN O 119 -58.58 39.37 -59.14
N GLY O 120 -57.77 39.53 -58.09
CA GLY O 120 -57.54 40.80 -57.44
C GLY O 120 -57.05 41.89 -58.39
N PRO O 121 -57.15 43.16 -57.97
CA PRO O 121 -57.01 44.27 -58.94
C PRO O 121 -55.68 44.33 -59.67
N ALA O 122 -54.59 44.07 -58.97
CA ALA O 122 -53.27 44.17 -59.58
C ALA O 122 -53.10 43.17 -60.71
N PHE O 123 -53.56 41.95 -60.49
CA PHE O 123 -53.22 40.86 -61.40
C PHE O 123 -54.07 40.94 -62.66
N VAL O 124 -55.38 41.13 -62.50
CA VAL O 124 -56.32 41.24 -63.60
C VAL O 124 -56.13 42.52 -64.40
N ALA O 125 -55.41 43.51 -63.85
CA ALA O 125 -55.23 44.81 -64.49
C ALA O 125 -54.64 44.64 -65.89
N GLU O 126 -55.01 45.54 -66.81
CA GLU O 126 -54.78 45.29 -68.23
C GLU O 126 -53.30 45.24 -68.54
N SER O 127 -52.55 46.28 -68.16
CA SER O 127 -51.14 46.30 -68.50
C SER O 127 -50.34 45.31 -67.65
N THR O 128 -50.93 44.82 -66.55
CA THR O 128 -50.35 43.68 -65.86
C THR O 128 -50.49 42.42 -66.72
N GLN O 129 -51.70 42.16 -67.23
CA GLN O 129 -51.91 41.06 -68.16
C GLN O 129 -51.03 41.18 -69.39
N LEU O 130 -50.91 42.40 -69.93
CA LEU O 130 -50.04 42.64 -71.08
C LEU O 130 -48.57 42.57 -70.69
N LEU O 131 -48.25 42.69 -69.41
CA LEU O 131 -46.89 42.40 -68.96
C LEU O 131 -46.67 40.90 -68.86
N MET O 132 -47.73 40.14 -68.56
CA MET O 132 -47.63 38.69 -68.60
C MET O 132 -47.49 38.20 -70.03
N LYS O 133 -48.06 38.92 -70.98
CA LYS O 133 -47.89 38.58 -72.39
C LYS O 133 -46.57 39.09 -72.93
N TYR O 134 -46.21 40.33 -72.57
CA TYR O 134 -44.93 40.91 -72.94
C TYR O 134 -43.78 40.03 -72.48
N LEU O 135 -43.66 39.84 -71.16
CA LEU O 135 -42.77 38.84 -70.62
C LEU O 135 -43.13 37.44 -71.10
N GLY O 136 -44.41 37.19 -71.37
CA GLY O 136 -44.84 35.96 -72.03
C GLY O 136 -45.26 34.85 -71.08
N ILE O 137 -45.53 35.18 -69.83
CA ILE O 137 -45.95 34.19 -68.85
C ILE O 137 -47.42 33.90 -69.11
N GLU O 138 -47.82 32.65 -68.91
CA GLU O 138 -49.22 32.27 -68.95
C GLU O 138 -49.84 32.66 -67.62
N HIS O 139 -50.87 33.51 -67.66
CA HIS O 139 -51.51 34.05 -66.47
C HIS O 139 -52.95 33.56 -66.44
N THR O 140 -53.25 32.71 -65.48
CA THR O 140 -54.60 32.24 -65.25
C THR O 140 -55.20 32.98 -64.07
N THR O 141 -56.13 33.88 -64.38
CA THR O 141 -56.87 34.62 -63.39
C THR O 141 -58.20 33.94 -63.13
N GLY O 142 -58.54 33.81 -61.86
CA GLY O 142 -59.77 33.15 -61.47
C GLY O 142 -59.71 32.77 -60.01
N ILE O 143 -60.85 32.32 -59.51
CA ILE O 143 -60.96 31.80 -58.16
C ILE O 143 -60.07 30.56 -58.13
N PRO O 144 -58.97 30.49 -57.38
CA PRO O 144 -58.21 29.24 -57.36
C PRO O 144 -59.03 28.12 -56.74
N TRP O 145 -59.22 27.06 -57.51
CA TRP O 145 -60.07 25.94 -57.12
C TRP O 145 -59.31 24.73 -56.63
N ASN O 146 -57.99 24.73 -56.67
CA ASN O 146 -57.26 23.47 -56.65
C ASN O 146 -56.81 23.12 -55.23
N PRO O 147 -57.14 21.93 -54.69
CA PRO O 147 -56.57 21.55 -53.39
C PRO O 147 -55.06 21.38 -53.43
N GLN O 148 -54.53 21.11 -54.62
CA GLN O 148 -53.09 20.98 -54.82
C GLN O 148 -52.35 22.24 -54.37
N SER O 149 -52.70 23.38 -54.98
CA SER O 149 -52.01 24.62 -54.66
C SER O 149 -52.45 25.17 -53.30
N GLN O 150 -53.76 25.19 -53.05
CA GLN O 150 -54.29 26.03 -51.98
C GLN O 150 -53.88 25.54 -50.60
N ALA O 151 -53.70 24.24 -50.44
CA ALA O 151 -53.16 23.74 -49.18
C ALA O 151 -51.77 24.27 -48.97
N LEU O 152 -50.92 24.17 -50.00
CA LEU O 152 -49.54 24.61 -49.92
C LEU O 152 -49.44 26.12 -49.71
N VAL O 153 -50.28 26.88 -50.40
CA VAL O 153 -50.22 28.34 -50.32
C VAL O 153 -50.77 28.82 -48.99
N GLU O 154 -51.83 28.17 -48.53
CA GLU O 154 -52.40 28.48 -47.23
C GLU O 154 -51.38 28.25 -46.14
N ARG O 155 -50.83 27.04 -46.08
CA ARG O 155 -49.80 26.72 -45.11
C ARG O 155 -48.59 27.60 -45.29
N THR O 156 -48.34 28.06 -46.51
CA THR O 156 -47.23 28.96 -46.75
C THR O 156 -47.46 30.27 -46.02
N HIS O 157 -48.68 30.81 -46.09
CA HIS O 157 -48.96 32.02 -45.34
C HIS O 157 -48.93 31.75 -43.84
N GLN O 158 -49.37 30.56 -43.42
CA GLN O 158 -49.37 30.22 -42.01
C GLN O 158 -47.98 30.23 -41.44
N THR O 159 -47.11 29.38 -41.97
CA THR O 159 -45.78 29.26 -41.40
C THR O 159 -44.91 30.43 -41.81
N LEU O 160 -45.29 31.16 -42.85
CA LEU O 160 -44.59 32.40 -43.16
C LEU O 160 -44.83 33.41 -42.07
N LYS O 161 -46.10 33.66 -41.74
CA LYS O 161 -46.41 34.66 -40.74
C LYS O 161 -45.93 34.20 -39.38
N ASN O 162 -45.91 32.88 -39.18
CA ASN O 162 -45.18 32.32 -38.06
C ASN O 162 -43.73 32.77 -38.06
N THR O 163 -42.94 32.28 -39.01
CA THR O 163 -41.51 32.51 -38.99
C THR O 163 -41.16 33.99 -39.07
N LEU O 164 -42.03 34.80 -39.64
CA LEU O 164 -41.93 36.24 -39.43
C LEU O 164 -42.06 36.56 -37.96
N GLU O 165 -43.09 36.03 -37.31
CA GLU O 165 -43.29 36.28 -35.88
C GLU O 165 -42.12 35.76 -35.05
N LYS O 166 -41.43 34.76 -35.55
CA LYS O 166 -40.23 34.28 -34.90
C LYS O 166 -39.06 35.24 -35.09
N LEU O 167 -38.80 35.64 -36.34
CA LEU O 167 -37.58 36.32 -36.75
C LEU O 167 -37.58 37.83 -36.55
N ILE O 168 -38.69 38.50 -36.79
CA ILE O 168 -38.76 39.96 -36.80
C ILE O 168 -38.26 40.62 -35.52
N PRO O 169 -38.38 40.03 -34.31
CA PRO O 169 -37.70 40.67 -33.16
C PRO O 169 -36.20 40.75 -33.32
N MET O 170 -35.58 39.78 -33.98
CA MET O 170 -34.13 39.74 -34.09
C MET O 170 -33.57 40.86 -34.94
N PHE O 171 -34.33 41.38 -35.90
CA PHE O 171 -33.78 42.13 -37.02
C PHE O 171 -34.24 43.57 -36.98
N ASN O 172 -33.33 44.46 -37.36
CA ASN O 172 -33.64 45.88 -37.40
C ASN O 172 -34.73 46.15 -38.42
N ALA O 173 -34.48 45.82 -39.68
CA ALA O 173 -35.44 46.03 -40.75
C ALA O 173 -36.44 44.90 -40.79
N PHE O 174 -37.62 45.19 -41.33
CA PHE O 174 -38.62 44.15 -41.56
C PHE O 174 -38.32 43.39 -42.84
N GLU O 175 -37.65 44.04 -43.81
CA GLU O 175 -37.26 43.33 -45.02
C GLU O 175 -36.11 42.37 -44.73
N SER O 176 -35.28 42.71 -43.75
CA SER O 176 -34.25 41.80 -43.26
C SER O 176 -34.84 40.53 -42.65
N ALA O 177 -35.89 40.64 -41.82
CA ALA O 177 -36.49 39.47 -41.21
C ALA O 177 -37.34 38.71 -42.21
N LEU O 178 -38.05 39.43 -43.06
CA LEU O 178 -38.77 38.86 -44.19
C LEU O 178 -37.85 37.99 -45.04
N ALA O 179 -36.73 38.58 -45.46
CA ALA O 179 -35.65 37.82 -46.06
C ALA O 179 -35.26 36.64 -45.19
N GLY O 180 -35.25 36.85 -43.87
CA GLY O 180 -35.01 35.76 -42.94
C GLY O 180 -35.92 34.56 -43.14
N THR O 181 -37.23 34.80 -43.18
CA THR O 181 -38.18 33.72 -43.44
C THR O 181 -37.92 33.05 -44.78
N LEU O 182 -37.69 33.85 -45.82
CA LEU O 182 -37.40 33.30 -47.13
C LEU O 182 -36.16 32.44 -47.10
N ILE O 183 -35.19 32.82 -46.27
CA ILE O 183 -33.98 32.03 -46.12
C ILE O 183 -34.30 30.70 -45.47
N THR O 184 -35.07 30.73 -44.38
CA THR O 184 -35.36 29.50 -43.67
C THR O 184 -36.12 28.51 -44.55
N LEU O 185 -37.11 28.99 -45.29
CA LEU O 185 -37.99 28.10 -46.02
C LEU O 185 -37.43 27.70 -47.37
N ASN O 186 -36.84 28.63 -48.12
CA ASN O 186 -36.22 28.30 -49.38
C ASN O 186 -34.98 27.45 -49.20
N ILE O 187 -34.18 27.78 -48.20
CA ILE O 187 -32.79 27.35 -48.12
C ILE O 187 -32.56 26.43 -46.93
N LYS O 188 -32.75 26.95 -45.71
CA LYS O 188 -32.45 26.14 -44.54
C LYS O 188 -33.41 24.97 -44.41
N ARG O 189 -34.69 25.19 -44.69
CA ARG O 189 -35.70 24.15 -44.51
C ARG O 189 -35.41 23.06 -45.53
N LYS O 190 -35.65 21.83 -45.14
CA LYS O 190 -35.47 20.69 -46.02
C LYS O 190 -36.53 19.64 -45.73
N GLY O 191 -36.69 18.75 -46.69
CA GLY O 191 -37.58 17.63 -46.54
C GLY O 191 -37.16 16.52 -47.48
N GLY O 192 -37.82 15.38 -47.40
CA GLY O 192 -37.39 14.24 -48.17
C GLY O 192 -36.04 13.79 -47.65
N LEU O 193 -35.05 13.79 -48.54
CA LEU O 193 -33.69 13.36 -48.25
C LEU O 193 -32.81 14.49 -47.77
N GLY O 194 -33.39 15.59 -47.31
CA GLY O 194 -32.69 16.85 -47.18
C GLY O 194 -32.81 17.71 -48.42
N THR O 195 -34.03 17.77 -48.91
CA THR O 195 -34.41 18.57 -50.07
C THR O 195 -35.11 19.82 -49.57
N SER O 196 -34.44 20.96 -49.72
CA SER O 196 -35.12 22.22 -49.62
C SER O 196 -35.92 22.40 -50.89
N PRO O 197 -36.83 23.38 -50.94
CA PRO O 197 -37.49 23.67 -52.22
C PRO O 197 -36.50 24.11 -53.27
N MET O 198 -35.49 24.85 -52.85
CA MET O 198 -34.51 25.38 -53.78
C MET O 198 -33.67 24.27 -54.37
N ASP O 199 -33.48 23.18 -53.62
CA ASP O 199 -32.84 21.99 -54.16
C ASP O 199 -33.64 21.47 -55.34
N ILE O 200 -34.95 21.35 -55.14
CA ILE O 200 -35.86 20.85 -56.16
C ILE O 200 -35.77 21.71 -57.39
N PHE O 201 -35.80 23.02 -57.19
CA PHE O 201 -35.84 23.92 -58.33
C PHE O 201 -34.53 23.90 -59.10
N ILE O 202 -33.40 24.04 -58.40
CA ILE O 202 -32.10 24.07 -59.07
C ILE O 202 -31.88 22.79 -59.85
N PHE O 203 -32.35 21.67 -59.30
CA PHE O 203 -32.24 20.44 -60.06
C PHE O 203 -33.05 20.53 -61.34
N ASN O 204 -34.29 20.99 -61.22
CA ASN O 204 -35.19 20.93 -62.35
C ASN O 204 -34.72 21.84 -63.47
N LYS O 205 -34.08 22.95 -63.10
CA LYS O 205 -33.55 23.86 -64.09
C LYS O 205 -32.27 23.33 -64.72
N GLU O 206 -31.36 22.80 -63.90
CA GLU O 206 -30.12 22.30 -64.47
C GLU O 206 -30.37 21.06 -65.34
N GLN O 207 -31.39 20.28 -65.01
CA GLN O 207 -31.83 19.22 -65.92
C GLN O 207 -32.51 19.80 -67.13
N GLN O 208 -33.13 20.97 -66.99
CA GLN O 208 -33.71 21.64 -68.14
C GLN O 208 -32.64 22.16 -69.09
N ARG O 209 -31.43 22.39 -68.58
CA ARG O 209 -30.40 22.98 -69.42
C ARG O 209 -29.97 22.02 -70.53
N ILE O 210 -29.82 20.75 -70.19
CA ILE O 210 -29.16 19.82 -71.09
C ILE O 210 -30.11 19.40 -72.20
N GLN O 211 -31.35 19.08 -71.84
CA GLN O 211 -32.38 18.95 -72.85
C GLN O 211 -32.54 20.26 -73.59
N GLN O 212 -32.39 21.38 -72.87
CA GLN O 212 -32.53 22.70 -73.46
C GLN O 212 -31.53 22.94 -74.58
N GLN O 213 -30.36 22.30 -74.50
CA GLN O 213 -29.43 22.33 -75.62
C GLN O 213 -29.93 21.48 -76.78
N SER O 214 -30.78 20.49 -76.49
CA SER O 214 -31.53 19.79 -77.51
C SER O 214 -32.80 20.51 -77.93
N LYS O 215 -33.43 21.26 -77.01
CA LYS O 215 -34.79 21.76 -77.27
C LYS O 215 -34.82 22.77 -78.40
N SER O 216 -33.72 23.48 -78.67
CA SER O 216 -33.72 24.39 -79.80
C SER O 216 -33.87 23.62 -81.11
N LYS O 217 -33.40 22.38 -81.13
CA LYS O 217 -33.62 21.50 -82.28
C LYS O 217 -35.02 20.88 -82.25
N GLN O 218 -35.57 20.68 -81.05
CA GLN O 218 -36.86 20.00 -80.93
C GLN O 218 -38.01 20.95 -81.23
N GLU O 219 -37.85 22.25 -80.92
CA GLU O 219 -38.88 23.24 -81.20
C GLU O 219 -39.18 23.34 -82.68
N ILE P 60 -17.13 30.06 -56.98
CA ILE P 60 -18.58 30.00 -56.99
C ILE P 60 -19.09 30.50 -55.69
N ASP P 61 -20.16 31.29 -55.78
CA ASP P 61 -20.70 32.03 -54.65
C ASP P 61 -19.64 32.96 -54.06
N HIS P 62 -18.70 33.37 -54.89
CA HIS P 62 -17.70 34.36 -54.55
C HIS P 62 -18.13 35.59 -55.29
N TRP P 63 -18.65 36.55 -54.54
CA TRP P 63 -19.34 37.69 -55.10
C TRP P 63 -18.52 38.92 -54.80
N GLN P 64 -18.74 39.94 -55.61
CA GLN P 64 -18.15 41.24 -55.37
C GLN P 64 -19.20 42.32 -55.53
N VAL P 65 -19.09 43.34 -54.70
CA VAL P 65 -20.00 44.47 -54.68
C VAL P 65 -19.25 45.71 -55.12
N ASP P 66 -19.91 46.53 -55.93
CA ASP P 66 -19.64 47.94 -55.95
C ASP P 66 -20.98 48.65 -56.10
N TYR P 67 -21.25 49.58 -55.19
CA TYR P 67 -22.29 50.57 -55.41
C TYR P 67 -22.00 51.26 -56.74
N THR P 68 -23.04 51.47 -57.53
CA THR P 68 -22.92 52.30 -58.71
C THR P 68 -24.12 53.20 -58.83
N HIS P 69 -23.85 54.41 -59.29
CA HIS P 69 -24.86 55.43 -59.50
C HIS P 69 -25.20 55.46 -60.98
N TYR P 70 -26.48 55.27 -61.27
CA TYR P 70 -27.00 55.44 -62.63
C TYR P 70 -28.13 56.46 -62.51
N GLU P 71 -27.90 57.65 -63.06
CA GLU P 71 -28.93 58.67 -63.14
C GLU P 71 -29.37 59.05 -61.73
N ASP P 72 -28.41 59.21 -60.83
CA ASP P 72 -28.67 59.57 -59.44
C ASP P 72 -29.53 58.51 -58.76
N LYS P 73 -29.28 57.24 -59.11
CA LYS P 73 -29.93 56.12 -58.44
C LYS P 73 -28.84 55.16 -58.03
N ILE P 74 -28.65 55.00 -56.72
CA ILE P 74 -27.61 54.13 -56.20
C ILE P 74 -28.05 52.71 -56.49
N ILE P 75 -27.16 51.95 -57.12
CA ILE P 75 -27.45 50.59 -57.54
C ILE P 75 -26.37 49.71 -56.93
N LEU P 76 -26.78 48.78 -56.08
CA LEU P 76 -25.86 47.93 -55.34
C LEU P 76 -25.65 46.67 -56.17
N VAL P 77 -24.47 46.56 -56.78
CA VAL P 77 -24.27 45.65 -57.91
C VAL P 77 -23.48 44.46 -57.41
N TRP P 78 -24.15 43.33 -57.28
CA TRP P 78 -23.51 42.09 -56.91
C TRP P 78 -22.96 41.44 -58.17
N VAL P 79 -21.73 40.93 -58.09
CA VAL P 79 -21.08 40.30 -59.23
C VAL P 79 -20.40 39.04 -58.75
N GLU P 80 -20.85 37.89 -59.27
CA GLU P 80 -20.24 36.61 -58.93
C GLU P 80 -18.98 36.44 -59.76
N THR P 81 -17.87 36.08 -59.11
CA THR P 81 -16.56 36.17 -59.77
C THR P 81 -16.31 35.11 -60.82
N ASN P 82 -17.24 34.17 -61.02
CA ASN P 82 -16.94 32.91 -61.68
C ASN P 82 -17.92 32.60 -62.79
N SER P 83 -19.20 32.41 -62.46
CA SER P 83 -20.28 32.42 -63.42
C SER P 83 -20.47 33.78 -64.07
N GLY P 84 -20.12 34.85 -63.38
CA GLY P 84 -20.47 36.19 -63.82
C GLY P 84 -21.90 36.58 -63.51
N LEU P 85 -22.61 35.77 -62.73
CA LEU P 85 -23.98 36.12 -62.40
C LEU P 85 -23.98 37.35 -61.50
N ILE P 86 -25.05 38.13 -61.60
CA ILE P 86 -25.16 39.40 -60.88
C ILE P 86 -26.52 39.51 -60.21
N TYR P 87 -26.60 40.40 -59.23
CA TYR P 87 -27.85 40.95 -58.74
C TYR P 87 -27.64 42.45 -58.65
N ALA P 88 -28.71 43.21 -58.83
CA ALA P 88 -28.69 44.65 -58.69
C ALA P 88 -30.06 45.11 -58.24
N GLU P 89 -30.09 46.18 -57.47
CA GLU P 89 -31.33 46.77 -57.01
C GLU P 89 -31.09 48.25 -56.78
N ARG P 90 -32.10 49.05 -57.04
CA ARG P 90 -31.99 50.47 -56.75
C ARG P 90 -31.94 50.62 -55.24
N VAL P 91 -31.09 51.53 -54.80
CA VAL P 91 -30.78 51.69 -53.41
C VAL P 91 -30.94 53.15 -53.04
N LYS P 92 -31.41 53.37 -51.83
CA LYS P 92 -31.70 54.72 -51.35
C LYS P 92 -30.43 55.41 -50.89
N GLY P 93 -29.51 54.67 -50.29
CA GLY P 93 -28.26 55.24 -49.84
C GLY P 93 -27.19 54.17 -49.70
N GLU P 94 -25.95 54.65 -49.59
CA GLU P 94 -24.80 53.77 -49.39
C GLU P 94 -24.64 53.39 -47.92
N THR P 95 -25.62 53.73 -47.09
CA THR P 95 -25.63 53.39 -45.67
C THR P 95 -25.39 51.91 -45.43
N GLY P 96 -24.57 51.64 -44.40
CA GLY P 96 -24.45 50.31 -43.86
C GLY P 96 -25.75 49.64 -43.52
N GLN P 97 -26.68 50.36 -42.90
CA GLN P 97 -27.94 49.73 -42.50
C GLN P 97 -28.73 49.26 -43.71
N GLU P 98 -28.90 50.14 -44.70
CA GLU P 98 -29.59 49.74 -45.91
C GLU P 98 -28.86 48.57 -46.57
N PHE P 99 -27.53 48.59 -46.52
CA PHE P 99 -26.76 47.49 -47.05
C PHE P 99 -27.02 46.19 -46.30
N ARG P 100 -27.16 46.27 -44.97
CA ARG P 100 -27.51 45.10 -44.18
C ARG P 100 -28.86 44.54 -44.61
N VAL P 101 -29.81 45.41 -44.90
CA VAL P 101 -31.11 44.96 -45.38
C VAL P 101 -30.96 44.29 -46.75
N GLN P 102 -30.19 44.93 -47.65
CA GLN P 102 -30.04 44.41 -49.00
C GLN P 102 -29.36 43.07 -49.02
N THR P 103 -28.36 42.88 -48.15
CA THR P 103 -27.67 41.61 -48.10
C THR P 103 -28.46 40.54 -47.36
N MET P 104 -29.38 40.93 -46.47
CA MET P 104 -30.32 39.95 -45.95
C MET P 104 -31.23 39.44 -47.05
N LYS P 105 -31.87 40.38 -47.76
CA LYS P 105 -32.67 40.06 -48.94
C LYS P 105 -31.92 39.17 -49.91
N TRP P 106 -30.69 39.54 -50.22
CA TRP P 106 -29.95 38.88 -51.27
C TRP P 106 -29.42 37.53 -50.80
N TYR P 107 -29.13 37.41 -49.51
CA TYR P 107 -28.82 36.11 -48.92
C TYR P 107 -30.06 35.24 -48.84
N ALA P 108 -31.24 35.82 -48.98
CA ALA P 108 -32.42 35.03 -49.30
C ALA P 108 -32.43 34.64 -50.76
N MET P 109 -32.04 35.55 -51.64
CA MET P 109 -32.12 35.25 -53.07
C MET P 109 -31.00 34.34 -53.51
N PHE P 110 -29.91 34.26 -52.74
CA PHE P 110 -28.80 33.37 -53.08
C PHE P 110 -28.20 32.80 -51.81
N ALA P 111 -27.20 31.94 -52.02
CA ALA P 111 -26.49 31.28 -50.93
C ALA P 111 -25.01 31.65 -51.02
N PRO P 112 -24.67 32.90 -50.72
CA PRO P 112 -23.26 33.29 -50.74
C PRO P 112 -22.45 32.61 -49.66
N LYS P 113 -21.31 32.06 -50.09
CA LYS P 113 -20.26 31.54 -49.24
C LYS P 113 -19.32 32.63 -48.76
N SER P 114 -19.08 33.62 -49.61
CA SER P 114 -17.94 34.50 -49.48
C SER P 114 -18.25 35.80 -50.21
N LEU P 115 -17.42 36.81 -49.94
CA LEU P 115 -17.64 38.11 -50.56
C LEU P 115 -16.34 38.86 -50.76
N GLN P 116 -16.32 39.66 -51.82
CA GLN P 116 -15.39 40.76 -52.01
C GLN P 116 -16.16 42.08 -51.98
N SER P 117 -15.44 43.15 -51.66
CA SER P 117 -15.89 44.48 -52.03
C SER P 117 -14.73 45.40 -51.80
N ASP P 118 -14.93 46.68 -52.09
CA ASP P 118 -13.94 47.65 -51.69
C ASP P 118 -14.06 47.89 -50.19
N ASN P 119 -13.37 48.91 -49.72
CA ASN P 119 -13.31 49.21 -48.30
C ASN P 119 -14.47 50.10 -47.85
N GLY P 120 -15.49 50.28 -48.70
CA GLY P 120 -16.51 51.29 -48.51
C GLY P 120 -17.23 51.21 -47.17
N PRO P 121 -17.88 52.32 -46.77
CA PRO P 121 -18.35 52.42 -45.36
C PRO P 121 -19.38 51.38 -44.96
N ALA P 122 -20.36 51.12 -45.82
CA ALA P 122 -21.37 50.11 -45.53
C ALA P 122 -20.73 48.75 -45.33
N PHE P 123 -19.74 48.44 -46.15
CA PHE P 123 -19.17 47.10 -46.19
C PHE P 123 -18.34 46.83 -44.95
N VAL P 124 -17.36 47.70 -44.69
CA VAL P 124 -16.44 47.51 -43.59
C VAL P 124 -17.09 47.83 -42.24
N ALA P 125 -18.34 48.33 -42.23
CA ALA P 125 -19.09 48.63 -41.01
C ALA P 125 -19.11 47.45 -40.05
N GLU P 126 -19.09 47.73 -38.75
CA GLU P 126 -18.95 46.67 -37.75
C GLU P 126 -20.11 45.71 -37.81
N SER P 127 -21.34 46.20 -37.65
CA SER P 127 -22.47 45.29 -37.61
C SER P 127 -22.77 44.73 -39.00
N THR P 128 -22.24 45.35 -40.06
CA THR P 128 -22.22 44.69 -41.36
C THR P 128 -21.31 43.47 -41.31
N GLN P 129 -20.11 43.63 -40.76
CA GLN P 129 -19.20 42.50 -40.61
C GLN P 129 -19.81 41.42 -39.72
N LEU P 130 -20.39 41.82 -38.60
CA LEU P 130 -21.11 40.90 -37.73
C LEU P 130 -22.29 40.27 -38.44
N LEU P 131 -22.85 40.98 -39.42
CA LEU P 131 -23.93 40.39 -40.19
C LEU P 131 -23.40 39.33 -41.14
N MET P 132 -22.28 39.60 -41.80
CA MET P 132 -21.65 38.61 -42.65
C MET P 132 -21.25 37.37 -41.87
N LYS P 133 -20.80 37.57 -40.62
CA LYS P 133 -20.54 36.46 -39.73
C LYS P 133 -21.82 35.75 -39.35
N TYR P 134 -22.83 36.51 -38.93
CA TYR P 134 -24.12 36.00 -38.51
C TYR P 134 -24.75 35.12 -39.57
N LEU P 135 -24.54 35.46 -40.83
CA LEU P 135 -25.00 34.70 -41.98
C LEU P 135 -23.99 33.66 -42.44
N GLY P 136 -22.77 33.70 -41.92
CA GLY P 136 -21.80 32.69 -42.24
C GLY P 136 -21.28 32.92 -43.64
N ILE P 137 -20.89 34.16 -43.92
CA ILE P 137 -20.28 34.54 -45.19
C ILE P 137 -18.93 35.13 -44.87
N GLU P 138 -17.95 34.88 -45.74
CA GLU P 138 -16.61 35.42 -45.59
C GLU P 138 -16.53 36.72 -46.38
N HIS P 139 -16.34 37.81 -45.65
CA HIS P 139 -16.27 39.14 -46.23
C HIS P 139 -14.81 39.53 -46.34
N THR P 140 -14.41 39.90 -47.55
CA THR P 140 -13.07 40.35 -47.83
C THR P 140 -13.10 41.77 -48.35
N THR P 141 -12.52 42.67 -47.58
CA THR P 141 -12.53 44.10 -47.85
C THR P 141 -11.12 44.53 -48.24
N GLY P 142 -11.02 45.34 -49.27
CA GLY P 142 -9.69 45.68 -49.75
C GLY P 142 -9.69 46.83 -50.71
N ILE P 143 -8.49 47.39 -50.90
CA ILE P 143 -8.23 48.19 -52.09
C ILE P 143 -8.50 47.20 -53.21
N PRO P 144 -9.48 47.40 -54.09
CA PRO P 144 -9.70 46.38 -55.12
C PRO P 144 -8.51 46.32 -56.06
N TRP P 145 -7.72 45.26 -55.94
CA TRP P 145 -6.49 45.14 -56.73
C TRP P 145 -6.36 44.03 -57.78
N ASN P 146 -7.46 43.37 -58.14
CA ASN P 146 -7.34 42.29 -59.10
C ASN P 146 -8.02 42.48 -60.45
N PRO P 147 -7.24 42.30 -61.51
CA PRO P 147 -7.76 42.38 -62.89
C PRO P 147 -8.57 41.16 -63.31
N GLN P 148 -8.36 40.03 -62.65
CA GLN P 148 -9.21 38.87 -62.88
C GLN P 148 -10.67 39.17 -62.54
N SER P 149 -10.94 39.58 -61.29
CA SER P 149 -12.30 39.91 -60.90
C SER P 149 -12.69 41.33 -61.30
N GLN P 150 -11.72 42.26 -61.38
CA GLN P 150 -12.07 43.66 -61.66
C GLN P 150 -12.30 43.90 -63.14
N ALA P 151 -11.74 43.06 -64.01
CA ALA P 151 -12.15 43.11 -65.41
C ALA P 151 -13.63 42.78 -65.52
N LEU P 152 -14.03 41.69 -64.87
CA LEU P 152 -15.42 41.25 -64.81
C LEU P 152 -16.33 42.32 -64.20
N VAL P 153 -15.91 42.93 -63.10
CA VAL P 153 -16.76 43.91 -62.40
C VAL P 153 -16.83 45.20 -63.21
N GLU P 154 -15.71 45.60 -63.80
CA GLU P 154 -15.67 46.81 -64.63
C GLU P 154 -16.62 46.67 -65.82
N ARG P 155 -16.43 45.61 -66.60
CA ARG P 155 -17.31 45.36 -67.74
C ARG P 155 -18.74 45.14 -67.30
N THR P 156 -18.93 44.57 -66.11
CA THR P 156 -20.27 44.38 -65.56
C THR P 156 -20.97 45.71 -65.38
N HIS P 157 -20.30 46.68 -64.75
CA HIS P 157 -20.95 47.97 -64.54
C HIS P 157 -21.14 48.73 -65.85
N GLN P 158 -20.19 48.60 -66.77
CA GLN P 158 -20.32 49.28 -68.06
C GLN P 158 -21.50 48.75 -68.86
N THR P 159 -21.55 47.43 -69.07
CA THR P 159 -22.68 46.82 -69.75
C THR P 159 -23.98 47.03 -68.96
N LEU P 160 -23.88 47.13 -67.64
CA LEU P 160 -25.06 47.35 -66.81
C LEU P 160 -25.69 48.69 -67.12
N LYS P 161 -24.89 49.76 -67.07
CA LYS P 161 -25.41 51.09 -67.38
C LYS P 161 -25.83 51.18 -68.83
N ASN P 162 -25.10 50.50 -69.72
CA ASN P 162 -25.48 50.41 -71.12
C ASN P 162 -26.90 49.89 -71.28
N THR P 163 -27.18 48.72 -70.72
CA THR P 163 -28.49 48.12 -70.83
C THR P 163 -29.56 48.87 -70.05
N LEU P 164 -29.22 49.51 -68.94
CA LEU P 164 -30.16 50.41 -68.29
C LEU P 164 -30.60 51.49 -69.26
N GLU P 165 -29.63 52.12 -69.92
CA GLU P 165 -29.96 53.15 -70.89
C GLU P 165 -30.76 52.59 -72.05
N LYS P 166 -30.60 51.30 -72.36
CA LYS P 166 -31.45 50.70 -73.36
C LYS P 166 -32.89 50.54 -72.88
N LEU P 167 -33.09 49.98 -71.70
CA LEU P 167 -34.40 49.51 -71.24
C LEU P 167 -35.25 50.54 -70.52
N ILE P 168 -34.67 51.50 -69.78
CA ILE P 168 -35.48 52.47 -69.02
C ILE P 168 -36.49 53.23 -69.87
N PRO P 169 -36.26 53.55 -71.15
CA PRO P 169 -37.37 54.12 -71.93
C PRO P 169 -38.53 53.16 -72.09
N MET P 170 -38.25 51.86 -72.10
CA MET P 170 -39.24 50.85 -72.42
C MET P 170 -40.17 50.50 -71.26
N PHE P 171 -39.91 51.03 -70.07
CA PHE P 171 -40.65 50.64 -68.87
C PHE P 171 -40.96 51.86 -68.02
N ASN P 172 -42.10 51.80 -67.33
CA ASN P 172 -42.50 52.87 -66.45
C ASN P 172 -41.50 53.03 -65.30
N ALA P 173 -41.28 51.98 -64.54
CA ALA P 173 -40.45 52.02 -63.34
C ALA P 173 -38.99 51.76 -63.67
N PHE P 174 -38.09 52.42 -62.93
CA PHE P 174 -36.67 52.12 -63.07
C PHE P 174 -36.32 50.80 -62.39
N GLU P 175 -37.12 50.38 -61.41
CA GLU P 175 -36.90 49.06 -60.83
C GLU P 175 -37.32 47.97 -61.80
N SER P 176 -38.39 48.24 -62.56
CA SER P 176 -38.76 47.37 -63.66
C SER P 176 -37.67 47.30 -64.71
N ALA P 177 -37.04 48.43 -65.01
CA ALA P 177 -36.07 48.46 -66.10
C ALA P 177 -34.73 47.88 -65.67
N LEU P 178 -34.29 48.21 -64.46
CA LEU P 178 -33.12 47.57 -63.86
C LEU P 178 -33.33 46.07 -63.76
N ALA P 179 -34.53 45.66 -63.34
CA ALA P 179 -34.91 44.25 -63.41
C ALA P 179 -34.79 43.74 -64.83
N GLY P 180 -35.15 44.57 -65.80
CA GLY P 180 -34.99 44.21 -67.19
C GLY P 180 -33.54 43.93 -67.54
N THR P 181 -32.63 44.82 -67.11
CA THR P 181 -31.21 44.62 -67.35
C THR P 181 -30.72 43.30 -66.74
N LEU P 182 -31.14 43.00 -65.51
CA LEU P 182 -30.78 41.71 -64.92
C LEU P 182 -31.35 40.55 -65.72
N ILE P 183 -32.49 40.76 -66.39
CA ILE P 183 -33.07 39.69 -67.19
C ILE P 183 -32.25 39.46 -68.44
N THR P 184 -31.94 40.54 -69.15
CA THR P 184 -31.11 40.48 -70.35
C THR P 184 -29.79 39.80 -70.06
N LEU P 185 -29.13 40.20 -68.97
CA LEU P 185 -27.78 39.79 -68.67
C LEU P 185 -27.69 38.42 -68.01
N ASN P 186 -28.56 38.11 -67.05
CA ASN P 186 -28.53 36.82 -66.37
C ASN P 186 -29.29 35.73 -67.12
N ILE P 187 -30.46 36.03 -67.64
CA ILE P 187 -31.30 35.07 -68.34
C ILE P 187 -31.00 35.05 -69.84
N LYS P 188 -31.34 36.13 -70.53
CA LYS P 188 -31.38 36.10 -71.99
C LYS P 188 -30.01 36.05 -72.61
N ARG P 189 -29.05 36.73 -72.01
CA ARG P 189 -27.67 36.67 -72.48
C ARG P 189 -27.19 35.24 -72.34
N LYS P 190 -26.59 34.71 -73.38
CA LYS P 190 -26.13 33.32 -73.45
C LYS P 190 -24.78 33.25 -74.13
N GLY P 191 -24.11 32.12 -73.95
CA GLY P 191 -22.75 31.96 -74.44
C GLY P 191 -22.37 30.52 -74.66
N GLY P 192 -21.30 30.27 -75.40
CA GLY P 192 -20.84 28.90 -75.60
C GLY P 192 -21.83 28.10 -76.42
N LEU P 193 -22.37 27.05 -75.79
CA LEU P 193 -23.44 26.26 -76.36
C LEU P 193 -24.82 26.90 -76.17
N GLY P 194 -24.88 28.13 -75.66
CA GLY P 194 -26.16 28.78 -75.39
C GLY P 194 -26.69 28.63 -73.99
N THR P 195 -25.80 28.55 -73.01
CA THR P 195 -26.17 28.57 -71.59
C THR P 195 -26.06 30.00 -71.09
N SER P 196 -27.01 30.42 -70.24
CA SER P 196 -27.00 31.76 -69.70
C SER P 196 -26.07 31.82 -68.49
N PRO P 197 -25.62 33.01 -68.10
CA PRO P 197 -24.83 33.09 -66.85
C PRO P 197 -25.62 32.65 -65.65
N MET P 198 -26.93 32.88 -65.67
CA MET P 198 -27.80 32.29 -64.68
C MET P 198 -27.80 30.78 -64.81
N ASP P 199 -27.77 30.26 -66.03
CA ASP P 199 -27.67 28.82 -66.18
C ASP P 199 -26.34 28.32 -65.66
N ILE P 200 -25.27 29.08 -65.89
CA ILE P 200 -23.97 28.69 -65.38
C ILE P 200 -23.95 28.70 -63.86
N PHE P 201 -24.69 29.61 -63.25
CA PHE P 201 -24.76 29.62 -61.79
C PHE P 201 -25.53 28.41 -61.28
N ILE P 202 -26.73 28.19 -61.84
CA ILE P 202 -27.58 27.06 -61.49
C ILE P 202 -26.81 25.75 -61.60
N PHE P 203 -26.24 25.57 -62.76
CA PHE P 203 -25.26 24.55 -63.09
C PHE P 203 -24.23 24.36 -61.99
N ASN P 204 -23.47 25.42 -61.69
CA ASN P 204 -22.45 25.37 -60.64
C ASN P 204 -23.02 24.89 -59.33
N LYS P 205 -24.08 25.55 -58.86
CA LYS P 205 -24.75 25.18 -57.61
C LYS P 205 -25.22 23.74 -57.63
N GLU P 206 -25.61 23.27 -58.80
CA GLU P 206 -26.20 21.94 -58.89
C GLU P 206 -25.14 20.88 -58.76
N GLN P 207 -23.92 21.17 -59.19
CA GLN P 207 -22.84 20.21 -59.04
C GLN P 207 -22.01 20.45 -57.78
N GLN P 208 -22.52 21.30 -56.91
CA GLN P 208 -21.88 21.57 -55.61
C GLN P 208 -22.38 20.58 -54.53
N ARG P 209 -23.18 19.60 -54.95
CA ARG P 209 -23.80 18.61 -54.06
C ARG P 209 -22.85 17.67 -53.29
N ILE P 210 -23.30 17.37 -52.09
CA ILE P 210 -22.64 16.51 -51.10
C ILE P 210 -22.74 15.05 -51.48
N GLN P 211 -23.76 14.67 -52.22
CA GLN P 211 -23.80 13.30 -52.72
C GLN P 211 -22.68 13.06 -53.72
N GLN P 212 -22.13 14.12 -54.29
CA GLN P 212 -20.85 14.01 -54.99
C GLN P 212 -19.73 13.70 -54.02
N GLN P 213 -19.78 14.30 -52.82
CA GLN P 213 -18.72 14.10 -51.84
C GLN P 213 -18.70 12.65 -51.34
N SER P 214 -19.87 12.04 -51.21
CA SER P 214 -19.97 10.66 -50.73
C SER P 214 -19.17 9.69 -51.60
N LYS P 215 -19.34 9.79 -52.91
CA LYS P 215 -18.63 8.88 -53.81
C LYS P 215 -17.13 9.03 -53.70
N SER P 216 -16.66 10.27 -53.59
CA SER P 216 -15.23 10.49 -53.44
C SER P 216 -14.72 9.90 -52.14
N LYS P 217 -15.55 9.90 -51.10
CA LYS P 217 -15.16 9.20 -49.88
C LYS P 217 -15.03 7.71 -50.11
N GLN P 218 -15.85 7.16 -51.01
CA GLN P 218 -15.84 5.70 -51.19
C GLN P 218 -14.55 5.20 -51.83
N GLU P 219 -13.83 6.07 -52.56
CA GLU P 219 -12.70 5.62 -53.35
C GLU P 219 -11.46 5.34 -52.51
N LYS P 220 -10.54 4.58 -53.09
CA LYS P 220 -9.18 4.55 -52.59
C LYS P 220 -8.47 5.86 -52.89
N ILE P 221 -7.55 6.25 -52.00
CA ILE P 221 -6.45 7.15 -52.34
C ILE P 221 -5.18 6.33 -52.26
N ARG P 222 -4.26 6.60 -53.17
CA ARG P 222 -2.94 6.04 -53.14
C ARG P 222 -2.00 7.19 -52.84
N PHE P 223 -0.85 6.86 -52.29
CA PHE P 223 0.13 7.85 -51.88
C PHE P 223 1.37 7.71 -52.72
N CYS P 224 2.15 8.78 -52.74
CA CYS P 224 3.33 8.82 -53.56
C CYS P 224 4.31 9.85 -53.03
N TYR P 225 5.57 9.60 -53.32
CA TYR P 225 6.61 10.60 -53.23
C TYR P 225 6.51 11.53 -54.41
N TYR P 226 7.18 12.67 -54.28
CA TYR P 226 7.24 13.58 -55.40
C TYR P 226 8.42 14.52 -55.31
N ARG P 227 8.88 14.94 -56.49
CA ARG P 227 9.96 15.89 -56.64
C ARG P 227 9.56 16.94 -57.67
N THR P 228 10.34 18.00 -57.75
CA THR P 228 10.11 19.09 -58.70
C THR P 228 11.43 19.54 -59.30
N ARG P 229 11.34 20.08 -60.51
CA ARG P 229 12.51 20.38 -61.32
C ARG P 229 12.82 21.86 -61.33
N LYS P 230 14.11 22.15 -61.37
CA LYS P 230 14.61 23.51 -61.52
C LYS P 230 15.61 23.48 -62.66
N ARG P 231 15.27 24.16 -63.76
CA ARG P 231 16.04 24.10 -64.99
C ARG P 231 16.14 22.65 -65.49
N GLY P 232 15.09 21.88 -65.20
CA GLY P 232 15.07 20.45 -65.44
C GLY P 232 15.77 19.62 -64.38
N HIS P 233 16.58 20.23 -63.51
CA HIS P 233 17.31 19.45 -62.54
C HIS P 233 16.32 18.91 -61.51
N PRO P 234 16.14 17.58 -61.39
CA PRO P 234 15.11 17.08 -60.47
C PRO P 234 15.43 17.43 -59.04
N GLY P 235 14.46 18.04 -58.37
CA GLY P 235 14.57 18.34 -56.96
C GLY P 235 14.51 17.07 -56.16
N GLU P 236 14.74 17.22 -54.87
CA GLU P 236 14.65 16.07 -53.99
C GLU P 236 13.20 15.62 -53.91
N TRP P 237 13.04 14.32 -53.68
CA TRP P 237 11.71 13.78 -53.48
C TRP P 237 11.10 14.37 -52.24
N GLN P 238 9.77 14.39 -52.21
CA GLN P 238 9.00 15.04 -51.17
C GLN P 238 7.81 14.17 -50.84
N GLY P 239 7.15 14.53 -49.75
CA GLY P 239 6.07 13.74 -49.23
C GLY P 239 6.62 12.60 -48.35
N PRO P 240 5.99 11.41 -48.36
CA PRO P 240 4.90 10.91 -49.21
C PRO P 240 3.64 11.66 -48.92
N THR P 241 2.73 11.70 -49.89
CA THR P 241 1.57 12.58 -49.82
C THR P 241 0.37 11.83 -50.37
N GLN P 242 -0.74 12.56 -50.44
CA GLN P 242 -1.92 12.04 -51.11
C GLN P 242 -1.76 12.17 -52.60
N VAL P 243 -2.17 11.13 -53.32
CA VAL P 243 -2.53 11.36 -54.70
C VAL P 243 -3.85 12.10 -54.58
N LEU P 244 -3.82 13.40 -54.85
CA LEU P 244 -5.02 14.20 -54.65
C LEU P 244 -5.97 14.00 -55.80
N TRP P 245 -5.43 13.80 -57.00
CA TRP P 245 -6.21 13.22 -58.06
C TRP P 245 -5.26 12.55 -59.04
N GLY P 246 -5.65 11.37 -59.51
CA GLY P 246 -4.93 10.71 -60.58
C GLY P 246 -5.17 11.38 -61.91
N GLY P 247 -4.10 11.83 -62.57
CA GLY P 247 -4.15 12.33 -63.91
C GLY P 247 -3.52 11.40 -64.92
N ASP P 248 -3.31 11.91 -66.12
CA ASP P 248 -2.67 11.18 -67.20
C ASP P 248 -1.31 11.84 -67.42
N GLY P 249 -0.25 11.10 -67.10
CA GLY P 249 1.08 11.64 -67.09
C GLY P 249 1.46 12.34 -65.81
N ALA P 250 0.50 12.70 -64.98
CA ALA P 250 0.77 13.35 -63.71
C ALA P 250 -0.41 13.10 -62.79
N ILE P 251 -0.42 13.81 -61.67
CA ILE P 251 -1.43 13.68 -60.64
C ILE P 251 -1.60 15.05 -60.00
N VAL P 252 -2.24 15.09 -58.83
CA VAL P 252 -2.32 16.29 -58.01
C VAL P 252 -1.72 15.98 -56.65
N VAL P 253 -1.00 16.95 -56.10
CA VAL P 253 -0.45 16.90 -54.76
C VAL P 253 -0.40 18.31 -54.22
N LYS P 254 -0.62 18.43 -52.92
CA LYS P 254 -0.39 19.67 -52.21
C LYS P 254 1.06 19.69 -51.76
N ASP P 255 1.67 20.86 -51.79
CA ASP P 255 2.89 21.06 -51.03
C ASP P 255 2.50 21.32 -49.59
N ARG P 256 2.93 20.43 -48.71
CA ARG P 256 2.74 20.67 -47.29
C ARG P 256 3.48 21.92 -46.84
N GLY P 257 4.61 22.22 -47.46
CA GLY P 257 5.37 23.40 -47.14
C GLY P 257 4.69 24.70 -47.48
N THR P 258 4.28 24.90 -48.73
CA THR P 258 3.60 26.10 -49.16
C THR P 258 2.09 25.99 -49.13
N ASP P 259 1.53 24.83 -48.79
CA ASP P 259 0.09 24.67 -48.66
C ASP P 259 -0.62 24.96 -49.98
N ARG P 260 -0.18 24.31 -51.04
CA ARG P 260 -0.62 24.62 -52.37
C ARG P 260 -0.74 23.35 -53.20
N TYR P 261 -1.89 23.18 -53.85
CA TYR P 261 -2.07 22.10 -54.81
C TYR P 261 -1.02 22.18 -55.88
N LEU P 262 -0.60 21.03 -56.36
CA LEU P 262 0.47 20.96 -57.34
C LEU P 262 0.34 19.70 -58.17
N VAL P 263 0.90 19.74 -59.37
CA VAL P 263 0.95 18.59 -60.27
C VAL P 263 2.39 18.13 -60.37
N ILE P 264 2.59 16.81 -60.46
CA ILE P 264 3.90 16.21 -60.54
C ILE P 264 3.83 15.13 -61.62
N ALA P 265 4.68 15.25 -62.63
CA ALA P 265 4.72 14.25 -63.68
C ALA P 265 5.11 12.90 -63.10
N ASN P 266 4.49 11.85 -63.64
CA ASN P 266 4.54 10.52 -63.02
C ASN P 266 5.96 9.99 -62.89
N LYS P 267 6.87 10.47 -63.73
CA LYS P 267 8.29 10.18 -63.55
C LYS P 267 8.86 10.88 -62.31
N ASP P 268 8.42 12.10 -62.02
CA ASP P 268 8.75 12.80 -60.79
C ASP P 268 7.85 12.34 -59.64
N VAL P 269 7.01 11.34 -59.88
CA VAL P 269 6.25 10.64 -58.85
C VAL P 269 6.87 9.27 -58.66
N LYS P 270 6.78 8.76 -57.44
CA LYS P 270 6.81 7.33 -57.18
C LYS P 270 5.57 6.96 -56.40
N PHE P 271 4.65 6.25 -57.04
CA PHE P 271 3.50 5.76 -56.34
C PHE P 271 3.91 4.75 -55.28
N ILE P 272 3.12 4.68 -54.22
CA ILE P 272 3.44 3.87 -53.06
C ILE P 272 2.50 2.67 -53.02
N PRO P 273 2.98 1.44 -52.94
CA PRO P 273 2.07 0.29 -53.01
C PRO P 273 1.17 0.23 -51.80
N PRO P 274 0.10 -0.56 -51.86
CA PRO P 274 -0.83 -0.62 -50.73
C PRO P 274 -0.22 -1.41 -49.59
N PRO P 275 -0.81 -1.34 -48.39
CA PRO P 275 -0.61 -2.41 -47.43
C PRO P 275 -1.05 -3.73 -48.07
N LYS P 276 -0.16 -4.70 -48.01
CA LYS P 276 -0.28 -5.92 -48.78
C LYS P 276 -0.70 -7.08 -47.89
#